data_4FZB
#
_entry.id   4FZB
#
_cell.length_a   69.975
_cell.length_b   120.585
_cell.length_c   128.249
_cell.angle_alpha   111.65
_cell.angle_beta   91.13
_cell.angle_gamma   90.18
#
_symmetry.space_group_name_H-M   'P 1'
#
loop_
_entity.id
_entity.type
_entity.pdbx_description
1 polymer 'Probable thymidylate synthase'
2 non-polymer 'FLAVIN-ADENINE DINUCLEOTIDE'
3 non-polymer 2-hydroxy-3-(4-methoxybenzyl)naphthalene-1,4-dione
4 non-polymer 'DIMETHYL SULFOXIDE'
5 water water
#
_entity_poly.entity_id   1
_entity_poly.type   'polypeptide(L)'
_entity_poly.pdbx_seq_one_letter_code
;MASMTGSAKLISVTKPVVEGVNTAEELIAYAARVSNPENQINNKTASGLLKYCIRHKHWSIFETAFMTLELKTSRGIAAQ
VLRHRSFHFQEFSQRYASVMETPPPHQARFQDHKNRQNSLDTVPEDDQTWWATEQEKLYAQSMELYNKALEKGIAKECAR
FILPLSTPTTIYMSGTIRDWIHYIELRTSNGTQREHIDLANACKEIFIKEFPSIAKALDWVHHHHHH
;
_entity_poly.pdbx_strand_id   A,B,C,D,E,F,G,H,I,J,K,L,M,N,O,P
#
loop_
_chem_comp.id
_chem_comp.type
_chem_comp.name
_chem_comp.formula
0VJ non-polymer 2-hydroxy-3-(4-methoxybenzyl)naphthalene-1,4-dione 'C18 H14 O4'
DMS non-polymer 'DIMETHYL SULFOXIDE' 'C2 H6 O S'
FAD non-polymer 'FLAVIN-ADENINE DINUCLEOTIDE' 'C27 H33 N9 O15 P2'
#
# COMPACT_ATOMS: atom_id res chain seq x y z
N THR A 5 -3.93 39.52 44.80
CA THR A 5 -4.48 38.37 44.06
C THR A 5 -4.10 38.41 42.55
N GLY A 6 -4.02 37.21 41.95
CA GLY A 6 -3.66 37.04 40.54
C GLY A 6 -4.81 37.25 39.59
N SER A 7 -4.60 38.05 38.53
CA SER A 7 -5.61 38.39 37.53
C SER A 7 -5.08 38.41 36.08
N ALA A 8 -6.01 38.36 35.10
CA ALA A 8 -5.78 38.34 33.66
C ALA A 8 -6.80 39.20 32.90
N LYS A 9 -6.34 39.85 31.82
CA LYS A 9 -7.06 40.78 30.92
C LYS A 9 -6.77 40.36 29.46
N LEU A 10 -7.80 40.32 28.59
CA LEU A 10 -7.58 39.94 27.19
C LEU A 10 -6.96 41.12 26.47
N ILE A 11 -5.89 40.87 25.70
CA ILE A 11 -5.12 41.91 25.00
C ILE A 11 -5.28 41.85 23.49
N SER A 12 -5.31 40.65 22.92
CA SER A 12 -5.47 40.47 21.49
C SER A 12 -5.83 39.05 21.21
N VAL A 13 -6.54 38.87 20.09
CA VAL A 13 -6.98 37.57 19.59
C VAL A 13 -7.02 37.61 18.07
N THR A 14 -6.92 36.41 17.45
CA THR A 14 -7.03 36.16 16.02
C THR A 14 -8.44 36.60 15.58
N LYS A 15 -8.51 37.23 14.41
CA LYS A 15 -9.75 37.66 13.78
C LYS A 15 -9.63 37.35 12.29
N PRO A 16 -10.42 36.36 11.83
CA PRO A 16 -10.34 35.96 10.43
C PRO A 16 -10.97 36.97 9.46
N VAL A 17 -10.40 37.01 8.24
CA VAL A 17 -10.87 37.88 7.17
C VAL A 17 -11.65 37.12 6.07
N VAL A 18 -11.80 35.80 6.25
CA VAL A 18 -12.57 34.99 5.32
C VAL A 18 -14.06 35.29 5.55
N GLU A 19 -14.76 35.73 4.50
CA GLU A 19 -16.19 36.09 4.54
C GLU A 19 -17.06 35.06 5.25
N GLY A 20 -17.88 35.54 6.18
CA GLY A 20 -18.81 34.72 6.96
C GLY A 20 -18.28 34.33 8.33
N VAL A 21 -16.97 34.04 8.40
CA VAL A 21 -16.22 33.64 9.59
C VAL A 21 -15.74 34.94 10.26
N ASN A 22 -16.17 35.19 11.52
CA ASN A 22 -15.88 36.45 12.24
C ASN A 22 -14.90 36.37 13.41
N THR A 23 -15.08 35.37 14.27
CA THR A 23 -14.27 35.15 15.47
C THR A 23 -13.21 34.07 15.17
N ALA A 24 -12.21 33.96 16.05
CA ALA A 24 -11.16 32.95 15.95
C ALA A 24 -11.72 31.54 16.12
N GLU A 25 -12.68 31.35 17.05
CA GLU A 25 -13.30 30.07 17.27
C GLU A 25 -13.97 29.55 16.00
N GLU A 26 -14.79 30.41 15.34
CA GLU A 26 -15.52 30.15 14.09
C GLU A 26 -14.54 29.64 13.05
N LEU A 27 -13.35 30.27 12.99
CA LEU A 27 -12.25 29.89 12.10
C LEU A 27 -11.74 28.49 12.37
N ILE A 28 -11.59 28.09 13.66
CA ILE A 28 -11.11 26.76 14.07
C ILE A 28 -12.09 25.67 13.53
N ALA A 29 -13.41 25.90 13.71
CA ALA A 29 -14.51 25.06 13.22
C ALA A 29 -14.46 25.01 11.68
N TYR A 30 -14.29 26.18 11.05
CA TYR A 30 -14.16 26.30 9.60
C TYR A 30 -13.01 25.46 9.10
N ALA A 31 -11.81 25.67 9.69
CA ALA A 31 -10.58 24.95 9.37
C ALA A 31 -10.73 23.41 9.49
N ALA A 32 -11.50 22.93 10.49
CA ALA A 32 -11.76 21.51 10.70
C ALA A 32 -12.74 20.97 9.66
N ARG A 33 -13.66 21.83 9.19
CA ARG A 33 -14.61 21.41 8.15
C ARG A 33 -13.99 21.40 6.75
N VAL A 34 -13.37 22.50 6.31
CA VAL A 34 -12.73 22.62 5.00
C VAL A 34 -11.62 21.62 4.73
N SER A 35 -10.90 21.18 5.78
CA SER A 35 -9.81 20.23 5.56
C SER A 35 -10.35 18.81 5.47
N ASN A 36 -11.51 18.55 6.11
CA ASN A 36 -12.17 17.24 6.12
C ASN A 36 -13.61 17.33 5.52
N PRO A 37 -13.78 17.68 4.21
CA PRO A 37 -15.14 17.85 3.67
C PRO A 37 -15.99 16.57 3.54
N GLU A 38 -15.36 15.45 3.21
CA GLU A 38 -16.09 14.20 3.02
C GLU A 38 -16.27 13.46 4.35
N ASN A 39 -16.03 14.15 5.49
CA ASN A 39 -16.12 13.56 6.82
C ASN A 39 -17.46 13.80 7.52
N GLN A 40 -18.13 12.71 7.95
CA GLN A 40 -19.44 12.71 8.63
C GLN A 40 -19.51 13.60 9.89
N ILE A 41 -18.34 13.83 10.55
CA ILE A 41 -18.17 14.66 11.75
C ILE A 41 -18.51 16.15 11.49
N ASN A 42 -18.57 16.55 10.22
CA ASN A 42 -18.88 17.94 9.88
C ASN A 42 -20.34 18.24 10.15
N ASN A 43 -21.19 17.19 10.13
CA ASN A 43 -22.62 17.30 10.41
C ASN A 43 -22.90 17.75 11.83
N LYS A 44 -22.12 17.25 12.80
CA LYS A 44 -22.35 17.62 14.20
C LYS A 44 -22.16 19.09 14.56
N THR A 45 -22.63 19.46 15.76
CA THR A 45 -22.57 20.80 16.35
C THR A 45 -21.12 21.32 16.43
N ALA A 46 -20.96 22.65 16.64
CA ALA A 46 -19.65 23.29 16.73
C ALA A 46 -18.78 22.63 17.79
N SER A 47 -19.38 22.38 18.97
CA SER A 47 -18.74 21.75 20.12
C SER A 47 -18.49 20.29 19.88
N GLY A 48 -19.37 19.64 19.14
CA GLY A 48 -19.26 18.22 18.84
C GLY A 48 -18.02 17.88 18.02
N LEU A 49 -17.75 18.72 16.99
CA LEU A 49 -16.65 18.67 16.04
C LEU A 49 -15.30 18.84 16.78
N LEU A 50 -15.19 19.93 17.54
CA LEU A 50 -14.00 20.29 18.27
C LEU A 50 -13.64 19.31 19.39
N LYS A 51 -14.66 18.71 20.08
CA LYS A 51 -14.51 17.72 21.14
C LYS A 51 -13.95 16.48 20.51
N TYR A 52 -14.34 16.26 19.23
CA TYR A 52 -13.94 15.11 18.44
C TYR A 52 -12.50 15.33 18.00
N CYS A 53 -12.20 16.53 17.48
CA CYS A 53 -10.86 16.85 17.00
C CYS A 53 -9.82 16.84 18.13
N ILE A 54 -10.24 17.24 19.36
CA ILE A 54 -9.45 17.21 20.58
C ILE A 54 -9.17 15.74 20.96
N ARG A 55 -10.19 14.87 20.95
CA ARG A 55 -10.02 13.45 21.34
C ARG A 55 -9.04 12.71 20.46
N HIS A 56 -9.09 12.99 19.15
CA HIS A 56 -8.32 12.34 18.11
C HIS A 56 -6.98 13.00 17.83
N LYS A 57 -6.68 14.09 18.56
CA LYS A 57 -5.39 14.82 18.56
C LYS A 57 -5.08 15.51 17.24
N HIS A 58 -6.11 16.11 16.67
CA HIS A 58 -6.03 16.90 15.44
C HIS A 58 -5.77 18.33 15.94
N TRP A 59 -4.57 18.56 16.48
CA TRP A 59 -4.23 19.86 17.10
C TRP A 59 -4.10 21.03 16.19
N SER A 60 -3.66 20.82 14.95
CA SER A 60 -3.44 21.93 14.01
C SER A 60 -4.57 22.94 13.79
N ILE A 61 -5.83 22.52 13.87
CA ILE A 61 -6.96 23.44 13.72
C ILE A 61 -6.99 24.48 14.85
N PHE A 62 -6.41 24.10 16.00
CA PHE A 62 -6.29 24.92 17.20
C PHE A 62 -5.06 25.83 17.14
N GLU A 63 -4.21 25.60 16.10
CA GLU A 63 -2.98 26.35 15.84
C GLU A 63 -3.13 27.51 14.81
N THR A 64 -4.37 27.67 14.24
CA THR A 64 -4.80 28.72 13.28
C THR A 64 -5.29 29.98 14.07
N ALA A 65 -5.44 29.83 15.39
CA ALA A 65 -5.86 30.90 16.28
C ALA A 65 -4.81 31.07 17.38
N PHE A 66 -4.63 32.33 17.82
CA PHE A 66 -3.65 32.79 18.80
C PHE A 66 -4.32 33.79 19.72
N MET A 67 -3.81 33.91 20.95
CA MET A 67 -4.38 34.80 21.95
C MET A 67 -3.32 35.33 22.94
N THR A 68 -3.33 36.66 23.15
CA THR A 68 -2.51 37.36 24.13
C THR A 68 -3.40 37.73 25.34
N LEU A 69 -2.89 37.45 26.55
CA LEU A 69 -3.50 37.73 27.84
C LEU A 69 -2.47 38.44 28.68
N GLU A 70 -2.90 39.50 29.40
CA GLU A 70 -1.99 40.22 30.31
C GLU A 70 -2.19 39.61 31.70
N LEU A 71 -1.13 39.03 32.30
CA LEU A 71 -1.19 38.40 33.61
C LEU A 71 -0.54 39.29 34.65
N LYS A 72 -1.26 39.54 35.76
CA LYS A 72 -0.87 40.36 36.90
C LYS A 72 -0.63 39.32 37.94
N THR A 73 0.65 39.08 38.27
CA THR A 73 1.11 38.06 39.22
C THR A 73 2.40 38.50 39.95
N SER A 74 3.13 37.52 40.52
CA SER A 74 4.40 37.68 41.26
C SER A 74 5.54 37.01 40.50
N ARG A 75 6.80 37.40 40.76
CA ARG A 75 7.96 36.78 40.10
C ARG A 75 8.14 35.26 40.34
N GLY A 76 7.61 34.79 41.47
CA GLY A 76 7.63 33.39 41.87
C GLY A 76 6.68 32.51 41.09
N ILE A 77 5.49 33.02 40.73
CA ILE A 77 4.52 32.25 39.96
C ILE A 77 4.90 32.35 38.47
N ALA A 78 5.50 33.49 38.08
CA ALA A 78 6.00 33.77 36.74
C ALA A 78 7.18 32.81 36.46
N ALA A 79 7.91 32.38 37.52
CA ALA A 79 9.01 31.40 37.51
C ALA A 79 8.49 30.11 36.88
N GLN A 80 7.24 29.76 37.24
CA GLN A 80 6.51 28.64 36.68
C GLN A 80 6.04 29.04 35.27
N VAL A 81 5.15 30.05 35.14
CA VAL A 81 4.56 30.54 33.88
C VAL A 81 5.51 30.45 32.65
N LEU A 82 6.69 31.13 32.76
CA LEU A 82 7.74 31.22 31.75
C LEU A 82 8.29 29.85 31.29
N ARG A 83 8.02 28.80 32.07
CA ARG A 83 8.46 27.43 31.77
C ARG A 83 7.65 26.70 30.70
N HIS A 84 6.46 27.22 30.35
CA HIS A 84 5.60 26.72 29.28
C HIS A 84 6.12 27.35 28.00
N ARG A 85 7.24 26.77 27.53
CA ARG A 85 8.08 27.18 26.40
C ARG A 85 7.39 27.40 25.05
N SER A 86 6.16 26.89 24.86
CA SER A 86 5.39 27.07 23.61
C SER A 86 4.83 28.50 23.52
N PHE A 87 4.69 29.20 24.67
CA PHE A 87 4.18 30.58 24.68
C PHE A 87 5.29 31.58 24.43
N HIS A 88 4.91 32.79 24.01
CA HIS A 88 5.79 33.92 23.77
C HIS A 88 5.44 34.95 24.82
N PHE A 89 6.43 35.53 25.46
CA PHE A 89 6.16 36.47 26.54
C PHE A 89 6.67 37.92 26.30
N GLN A 90 6.03 38.89 26.94
CA GLN A 90 6.45 40.27 26.88
C GLN A 90 6.40 40.87 28.29
N GLU A 91 7.59 41.07 28.87
CA GLU A 91 7.74 41.65 30.21
C GLU A 91 8.36 43.05 30.07
N PHE A 92 8.35 43.83 31.18
CA PHE A 92 8.95 45.16 31.24
C PHE A 92 10.46 45.08 31.20
N SER A 93 11.11 46.12 30.61
CA SER A 93 12.56 46.23 30.49
C SER A 93 13.23 46.20 31.83
N GLN A 94 14.37 45.50 31.92
CA GLN A 94 15.14 45.43 33.17
C GLN A 94 15.82 46.77 33.43
N ARG A 95 16.32 47.41 32.36
CA ARG A 95 17.03 48.69 32.44
C ARG A 95 16.12 49.93 32.58
N TYR A 96 15.11 50.07 31.72
CA TYR A 96 14.23 51.25 31.66
C TYR A 96 12.94 51.24 32.49
N ALA A 97 12.75 50.24 33.37
CA ALA A 97 11.53 50.19 34.18
C ALA A 97 11.72 49.90 35.67
N SER A 98 11.00 50.69 36.50
CA SER A 98 11.00 50.64 37.97
C SER A 98 9.71 50.04 38.52
N VAL A 99 9.79 49.52 39.76
CA VAL A 99 8.69 48.90 40.49
C VAL A 99 7.87 49.98 41.19
N GLU A 125 -2.50 30.29 61.70
CA GLU A 125 -3.38 31.09 62.54
C GLU A 125 -2.62 32.35 63.05
N ASP A 126 -1.77 32.17 64.06
CA ASP A 126 -0.93 33.22 64.67
C ASP A 126 0.49 33.22 64.02
N ASP A 127 0.88 32.10 63.39
CA ASP A 127 2.13 31.93 62.64
C ASP A 127 1.91 32.60 61.28
N GLN A 128 0.65 32.57 60.81
CA GLN A 128 0.17 33.17 59.56
C GLN A 128 0.27 34.68 59.68
N THR A 129 -0.10 35.23 60.87
CA THR A 129 -0.04 36.65 61.19
C THR A 129 1.43 37.06 61.23
N TRP A 130 2.26 36.23 61.90
CA TRP A 130 3.70 36.39 62.03
C TRP A 130 4.36 36.43 60.63
N TRP A 131 3.96 35.50 59.74
CA TRP A 131 4.47 35.39 58.37
C TRP A 131 4.17 36.64 57.54
N ALA A 132 2.96 37.21 57.68
CA ALA A 132 2.55 38.42 56.98
C ALA A 132 3.30 39.66 57.50
N THR A 133 3.29 39.88 58.85
CA THR A 133 3.95 41.01 59.51
C THR A 133 5.43 41.01 59.16
N GLU A 134 6.08 39.85 59.28
CA GLU A 134 7.50 39.71 58.98
C GLU A 134 7.82 39.82 57.49
N GLN A 135 6.83 39.54 56.61
CA GLN A 135 6.99 39.70 55.16
C GLN A 135 6.97 41.20 54.83
N GLU A 136 5.90 41.92 55.27
CA GLU A 136 5.70 43.36 55.08
C GLU A 136 6.92 44.15 55.57
N LYS A 137 7.44 43.79 56.76
CA LYS A 137 8.60 44.40 57.41
C LYS A 137 9.84 44.29 56.50
N LEU A 138 10.07 43.07 55.97
CA LEU A 138 11.17 42.75 55.07
C LEU A 138 10.99 43.45 53.72
N TYR A 139 9.76 43.38 53.18
CA TYR A 139 9.41 43.95 51.90
C TYR A 139 9.56 45.49 51.87
N ALA A 140 9.22 46.16 53.00
CA ALA A 140 9.37 47.61 53.16
C ALA A 140 10.84 47.98 53.12
N GLN A 141 11.68 47.14 53.76
CA GLN A 141 13.13 47.37 53.81
C GLN A 141 13.78 47.30 52.44
N SER A 142 13.56 46.19 51.69
CA SER A 142 14.08 46.01 50.34
C SER A 142 13.60 47.15 49.46
N MET A 143 12.29 47.48 49.47
CA MET A 143 11.76 48.60 48.68
C MET A 143 12.43 49.93 49.00
N GLU A 144 12.72 50.19 50.29
CA GLU A 144 13.43 51.38 50.74
C GLU A 144 14.82 51.45 50.11
N LEU A 145 15.65 50.39 50.33
CA LEU A 145 17.01 50.24 49.79
C LEU A 145 17.00 50.32 48.25
N TYR A 146 15.96 49.74 47.62
CA TYR A 146 15.75 49.73 46.17
C TYR A 146 15.68 51.18 45.69
N ASN A 147 14.85 52.00 46.38
CA ASN A 147 14.67 53.42 46.12
C ASN A 147 15.94 54.22 46.47
N LYS A 148 16.62 53.86 47.60
CA LYS A 148 17.89 54.46 48.02
C LYS A 148 18.97 54.28 46.92
N ALA A 149 19.05 53.07 46.33
CA ALA A 149 19.96 52.71 45.26
C ALA A 149 19.68 53.53 44.01
N LEU A 150 18.40 53.71 43.64
CA LEU A 150 18.03 54.47 42.46
C LEU A 150 18.47 55.92 42.50
N GLU A 151 18.13 56.64 43.61
CA GLU A 151 18.49 58.05 43.90
C GLU A 151 20.01 58.25 43.87
N LYS A 152 20.77 57.22 44.29
CA LYS A 152 22.23 57.25 44.28
C LYS A 152 22.79 57.14 42.83
N GLY A 153 21.95 56.70 41.87
CA GLY A 153 22.35 56.56 40.46
C GLY A 153 22.67 55.15 40.01
N ILE A 154 22.39 54.15 40.86
CA ILE A 154 22.59 52.74 40.53
C ILE A 154 21.57 52.40 39.41
N ALA A 155 22.02 51.65 38.38
CA ALA A 155 21.19 51.23 37.25
C ALA A 155 20.10 50.27 37.73
N LYS A 156 18.87 50.40 37.17
CA LYS A 156 17.69 49.59 37.53
C LYS A 156 17.94 48.08 37.49
N GLU A 157 18.68 47.58 36.46
CA GLU A 157 19.05 46.15 36.31
C GLU A 157 19.86 45.66 37.50
N CYS A 158 20.70 46.54 38.08
CA CYS A 158 21.52 46.23 39.25
C CYS A 158 20.66 46.32 40.52
N ALA A 159 19.76 47.30 40.57
CA ALA A 159 18.87 47.55 41.71
C ALA A 159 17.83 46.45 41.90
N ARG A 160 17.28 45.90 40.79
CA ARG A 160 16.28 44.80 40.81
C ARG A 160 16.73 43.60 41.67
N PHE A 161 18.03 43.25 41.60
CA PHE A 161 18.69 42.13 42.30
C PHE A 161 18.37 41.89 43.77
N ILE A 162 17.81 42.87 44.46
CA ILE A 162 17.47 42.82 45.89
C ILE A 162 16.02 42.51 46.16
N LEU A 163 15.20 42.63 45.12
CA LEU A 163 13.74 42.45 45.17
C LEU A 163 13.35 40.99 45.41
N PRO A 164 12.35 40.75 46.26
CA PRO A 164 11.94 39.37 46.55
C PRO A 164 11.19 38.71 45.38
N LEU A 165 11.04 37.36 45.44
CA LEU A 165 10.32 36.57 44.43
C LEU A 165 8.84 36.94 44.34
N SER A 166 8.36 37.78 45.28
CA SER A 166 6.97 38.20 45.37
C SER A 166 6.74 39.64 44.88
N THR A 167 7.75 40.24 44.24
CA THR A 167 7.64 41.56 43.61
C THR A 167 6.54 41.43 42.55
N PRO A 168 5.53 42.32 42.53
CA PRO A 168 4.44 42.15 41.56
C PRO A 168 4.93 42.37 40.14
N THR A 169 4.44 41.51 39.24
CA THR A 169 4.78 41.54 37.83
C THR A 169 3.53 41.47 36.96
N THR A 170 3.67 42.08 35.79
CA THR A 170 2.69 42.08 34.71
C THR A 170 3.42 41.61 33.42
N ILE A 171 2.88 40.56 32.77
CA ILE A 171 3.48 39.97 31.57
C ILE A 171 2.42 39.69 30.51
N TYR A 172 2.78 39.80 29.22
CA TYR A 172 1.89 39.36 28.15
C TYR A 172 2.30 37.92 27.83
N MET A 173 1.34 36.97 27.84
CA MET A 173 1.51 35.54 27.56
C MET A 173 0.80 35.32 26.21
N SER A 174 1.57 34.94 25.18
CA SER A 174 1.03 34.80 23.84
C SER A 174 1.24 33.39 23.31
N GLY A 175 0.16 32.80 22.80
CA GLY A 175 0.19 31.45 22.23
C GLY A 175 -1.08 31.02 21.57
N THR A 176 -1.00 29.92 20.82
CA THR A 176 -2.08 29.23 20.09
C THR A 176 -3.12 28.65 21.06
N ILE A 177 -4.35 28.48 20.58
CA ILE A 177 -5.47 27.96 21.35
C ILE A 177 -5.22 26.56 21.94
N ARG A 178 -4.44 25.71 21.20
CA ARG A 178 -3.98 24.39 21.57
C ARG A 178 -3.15 24.56 22.85
N ASP A 179 -2.22 25.54 22.82
CA ASP A 179 -1.33 25.85 23.95
C ASP A 179 -2.12 26.27 25.19
N TRP A 180 -3.04 27.22 25.05
CA TRP A 180 -3.87 27.67 26.16
C TRP A 180 -4.69 26.54 26.81
N ILE A 181 -5.30 25.69 25.98
CA ILE A 181 -6.10 24.52 26.43
C ILE A 181 -5.29 23.72 27.41
N HIS A 182 -4.02 23.45 27.09
CA HIS A 182 -3.11 22.62 27.86
C HIS A 182 -2.50 23.31 29.03
N TYR A 183 -2.30 24.64 28.97
CA TYR A 183 -1.76 25.37 30.10
C TYR A 183 -2.85 25.38 31.17
N ILE A 184 -4.06 25.84 30.80
CA ILE A 184 -5.21 25.88 31.69
C ILE A 184 -5.51 24.49 32.31
N GLU A 185 -5.56 23.43 31.49
CA GLU A 185 -5.79 22.07 31.98
C GLU A 185 -4.71 21.64 33.00
N LEU A 186 -3.45 22.00 32.77
CA LEU A 186 -2.37 21.66 33.68
C LEU A 186 -2.48 22.46 34.98
N ARG A 187 -2.39 23.79 34.88
CA ARG A 187 -2.37 24.74 35.99
C ARG A 187 -3.65 24.87 36.85
N THR A 188 -4.77 24.25 36.44
CA THR A 188 -6.00 24.26 37.25
C THR A 188 -6.21 22.91 37.95
N SER A 189 -5.37 21.91 37.64
CA SER A 189 -5.42 20.60 38.26
C SER A 189 -4.99 20.67 39.74
N ASN A 190 -5.31 19.63 40.51
CA ASN A 190 -4.93 19.59 41.92
C ASN A 190 -3.45 19.32 42.05
N GLY A 191 -2.84 19.99 43.02
CA GLY A 191 -1.42 19.87 43.29
C GLY A 191 -0.68 21.15 42.95
N THR A 192 -1.24 21.90 41.99
CA THR A 192 -0.73 23.18 41.51
C THR A 192 -0.74 24.20 42.66
N GLN A 193 0.31 25.06 42.72
CA GLN A 193 0.41 26.09 43.74
C GLN A 193 -0.80 27.00 43.63
N ARG A 194 -1.54 27.16 44.74
CA ARG A 194 -2.76 27.96 44.83
C ARG A 194 -2.70 29.25 44.04
N GLU A 195 -1.65 30.06 44.22
CA GLU A 195 -1.50 31.35 43.52
C GLU A 195 -1.47 31.22 41.97
N HIS A 196 -0.98 30.08 41.43
CA HIS A 196 -0.99 29.80 39.99
C HIS A 196 -2.38 29.36 39.56
N ILE A 197 -3.08 28.55 40.41
CA ILE A 197 -4.44 28.08 40.14
C ILE A 197 -5.28 29.32 39.84
N ASP A 198 -5.24 30.33 40.75
CA ASP A 198 -5.94 31.62 40.63
C ASP A 198 -5.64 32.33 39.31
N LEU A 199 -4.36 32.33 38.91
CA LEU A 199 -3.94 32.92 37.63
C LEU A 199 -4.62 32.16 36.46
N ALA A 200 -4.40 30.82 36.43
CA ALA A 200 -4.95 29.92 35.44
C ALA A 200 -6.48 30.03 35.35
N ASN A 201 -7.19 30.12 36.50
CA ASN A 201 -8.64 30.31 36.55
C ASN A 201 -9.10 31.63 35.93
N ALA A 202 -8.26 32.69 36.02
CA ALA A 202 -8.54 34.00 35.44
C ALA A 202 -8.21 33.99 33.94
N CYS A 203 -7.48 32.98 33.51
CA CYS A 203 -7.17 32.80 32.11
C CYS A 203 -8.30 31.99 31.51
N LYS A 204 -8.80 31.00 32.27
CA LYS A 204 -9.93 30.11 31.94
C LYS A 204 -11.21 30.92 31.64
N GLU A 205 -11.52 31.93 32.47
CA GLU A 205 -12.67 32.82 32.29
C GLU A 205 -12.62 33.58 30.97
N ILE A 206 -11.42 34.05 30.58
CA ILE A 206 -11.26 34.75 29.30
C ILE A 206 -11.45 33.73 28.17
N PHE A 207 -10.76 32.59 28.28
CA PHE A 207 -10.86 31.51 27.32
C PHE A 207 -12.31 31.06 27.11
N ILE A 208 -13.10 30.89 28.21
CA ILE A 208 -14.51 30.49 28.13
C ILE A 208 -15.33 31.58 27.41
N LYS A 209 -14.98 32.87 27.60
CA LYS A 209 -15.67 33.94 26.91
C LYS A 209 -15.35 33.92 25.38
N GLU A 210 -14.07 33.92 24.97
CA GLU A 210 -13.67 33.89 23.55
C GLU A 210 -13.89 32.57 22.81
N PHE A 211 -13.94 31.43 23.55
CA PHE A 211 -14.06 30.08 22.98
C PHE A 211 -15.10 29.23 23.73
N PRO A 212 -16.39 29.58 23.64
CA PRO A 212 -17.41 28.83 24.42
C PRO A 212 -17.73 27.43 23.91
N SER A 213 -17.59 27.22 22.59
CA SER A 213 -17.82 25.93 21.95
C SER A 213 -16.70 24.91 22.33
N ILE A 214 -15.46 25.41 22.59
CA ILE A 214 -14.31 24.58 23.03
C ILE A 214 -14.44 24.33 24.57
N ALA A 215 -14.95 25.34 25.33
CA ALA A 215 -15.22 25.20 26.76
C ALA A 215 -16.30 24.13 26.98
N LYS A 216 -17.39 24.15 26.12
CA LYS A 216 -18.46 23.15 26.16
C LYS A 216 -17.91 21.75 25.77
N ALA A 217 -17.09 21.73 24.72
CA ALA A 217 -16.41 20.53 24.23
C ALA A 217 -15.53 19.90 25.32
N LEU A 218 -14.77 20.73 26.11
CA LEU A 218 -13.85 20.25 27.18
C LEU A 218 -14.49 20.08 28.57
N ASP A 219 -15.78 20.51 28.71
CA ASP A 219 -16.63 20.46 29.91
C ASP A 219 -16.14 21.41 31.03
N TRP A 220 -15.77 22.66 30.65
CA TRP A 220 -15.28 23.68 31.59
C TRP A 220 -16.38 24.52 32.24
N THR B 5 1.80 28.67 -11.04
CA THR B 5 2.35 29.85 -10.34
C THR B 5 1.74 30.02 -8.94
N GLY B 6 2.60 29.92 -7.92
CA GLY B 6 2.26 30.01 -6.51
C GLY B 6 1.72 31.34 -6.05
N SER B 7 0.60 31.31 -5.30
CA SER B 7 -0.10 32.48 -4.75
C SER B 7 -0.42 32.35 -3.24
N ALA B 8 -0.76 33.50 -2.63
CA ALA B 8 -1.10 33.63 -1.21
C ALA B 8 -2.24 34.60 -0.96
N LYS B 9 -3.03 34.29 0.05
CA LYS B 9 -4.23 35.03 0.44
C LYS B 9 -4.28 35.08 1.98
N LEU B 10 -4.44 36.29 2.56
CA LEU B 10 -4.55 36.49 4.00
C LEU B 10 -5.81 35.80 4.57
N ILE B 11 -5.61 34.89 5.52
CA ILE B 11 -6.74 34.21 6.15
C ILE B 11 -7.09 34.94 7.42
N SER B 12 -6.14 35.08 8.33
CA SER B 12 -6.45 35.75 9.58
C SER B 12 -5.22 36.38 10.17
N VAL B 13 -5.46 37.45 10.94
CA VAL B 13 -4.43 38.19 11.65
C VAL B 13 -4.94 38.53 13.09
N THR B 14 -4.01 38.91 13.96
CA THR B 14 -4.22 39.34 15.33
C THR B 14 -4.91 40.70 15.30
N LYS B 15 -5.86 40.89 16.22
CA LYS B 15 -6.52 42.19 16.37
C LYS B 15 -6.64 42.48 17.86
N PRO B 16 -5.97 43.55 18.32
CA PRO B 16 -6.01 43.89 19.73
C PRO B 16 -7.37 44.37 20.20
N VAL B 17 -7.67 44.18 21.49
CA VAL B 17 -8.94 44.58 22.12
C VAL B 17 -8.81 45.84 23.00
N VAL B 18 -7.56 46.20 23.36
CA VAL B 18 -7.18 47.34 24.18
C VAL B 18 -7.39 48.68 23.45
N GLU B 19 -7.87 49.68 24.20
CA GLU B 19 -8.13 51.03 23.67
C GLU B 19 -6.90 51.77 23.19
N GLY B 20 -7.00 52.35 21.99
CA GLY B 20 -5.93 53.10 21.33
C GLY B 20 -5.03 52.25 20.44
N VAL B 21 -5.23 50.92 20.51
CA VAL B 21 -4.51 49.88 19.79
C VAL B 21 -5.54 49.15 18.92
N ASN B 22 -5.48 49.37 17.59
CA ASN B 22 -6.46 48.80 16.65
C ASN B 22 -5.96 47.70 15.75
N THR B 23 -4.77 47.84 15.16
CA THR B 23 -4.18 46.84 14.27
C THR B 23 -3.17 45.99 15.03
N ALA B 24 -2.69 44.88 14.43
CA ALA B 24 -1.63 44.08 15.05
C ALA B 24 -0.29 44.86 15.09
N GLU B 25 0.01 45.66 14.02
CA GLU B 25 1.26 46.48 14.00
C GLU B 25 1.31 47.50 15.15
N GLU B 26 0.14 48.07 15.48
CA GLU B 26 -0.03 49.01 16.58
C GLU B 26 0.29 48.31 17.90
N LEU B 27 -0.13 47.03 18.06
CA LEU B 27 0.17 46.27 19.28
C LEU B 27 1.67 46.04 19.47
N ILE B 28 2.37 45.74 18.36
CA ILE B 28 3.83 45.58 18.33
C ILE B 28 4.44 46.92 18.73
N ALA B 29 4.14 47.99 17.96
CA ALA B 29 4.59 49.36 18.23
C ALA B 29 4.29 49.75 19.69
N TYR B 30 3.10 49.36 20.20
CA TYR B 30 2.68 49.64 21.58
C TYR B 30 3.61 48.92 22.56
N ALA B 31 3.80 47.60 22.37
CA ALA B 31 4.66 46.75 23.20
C ALA B 31 6.11 47.26 23.20
N ALA B 32 6.62 47.71 22.03
CA ALA B 32 7.96 48.25 21.84
C ALA B 32 8.20 49.56 22.59
N ARG B 33 7.13 50.37 22.79
CA ARG B 33 7.21 51.64 23.49
C ARG B 33 6.97 51.48 24.99
N VAL B 34 5.97 50.65 25.40
CA VAL B 34 5.66 50.40 26.82
C VAL B 34 6.81 49.69 27.55
N SER B 35 7.63 48.94 26.78
CA SER B 35 8.81 48.19 27.23
C SER B 35 9.81 49.13 27.89
N ASN B 36 10.20 50.17 27.14
CA ASN B 36 11.21 51.18 27.48
C ASN B 36 10.61 52.61 27.84
N PRO B 37 9.94 52.85 29.00
CA PRO B 37 9.38 54.20 29.26
C PRO B 37 10.46 55.25 29.49
N GLU B 38 11.51 54.87 30.24
CA GLU B 38 12.64 55.74 30.55
C GLU B 38 13.56 55.90 29.33
N ASN B 39 13.39 55.02 28.32
CA ASN B 39 14.18 55.05 27.09
C ASN B 39 13.81 56.21 26.18
N GLN B 40 14.85 56.80 25.57
CA GLN B 40 14.81 57.94 24.65
C GLN B 40 14.46 57.46 23.23
N ILE B 41 14.85 56.19 22.89
CA ILE B 41 14.58 55.52 21.60
C ILE B 41 13.06 55.36 21.37
N ASN B 42 12.26 55.44 22.46
CA ASN B 42 10.79 55.45 22.49
C ASN B 42 10.24 56.63 21.66
N ASN B 43 11.12 57.63 21.40
CA ASN B 43 10.88 58.83 20.60
C ASN B 43 11.67 58.76 19.27
N LYS B 44 11.25 57.77 18.47
CA LYS B 44 11.65 57.46 17.09
C LYS B 44 10.31 57.19 16.40
N THR B 45 10.27 57.08 15.05
CA THR B 45 8.99 56.78 14.37
C THR B 45 8.58 55.34 14.66
N ALA B 46 7.31 55.01 14.39
CA ALA B 46 6.76 53.65 14.52
C ALA B 46 7.75 52.65 13.85
N SER B 47 8.20 52.96 12.62
CA SER B 47 9.17 52.19 11.85
C SER B 47 10.61 52.28 12.38
N GLY B 48 11.01 53.45 12.88
CA GLY B 48 12.34 53.67 13.43
C GLY B 48 12.57 52.84 14.67
N LEU B 49 11.57 52.88 15.59
CA LEU B 49 11.50 52.13 16.85
C LEU B 49 11.60 50.62 16.53
N LEU B 50 10.81 50.13 15.56
CA LEU B 50 10.82 48.73 15.16
C LEU B 50 12.11 48.32 14.48
N LYS B 51 12.73 49.22 13.70
CA LYS B 51 14.02 49.00 13.04
C LYS B 51 15.11 48.78 14.10
N TYR B 52 14.96 49.46 15.25
CA TYR B 52 15.90 49.39 16.36
C TYR B 52 15.74 48.08 17.08
N CYS B 53 14.48 47.69 17.31
CA CYS B 53 14.12 46.43 17.97
C CYS B 53 14.60 45.22 17.18
N ILE B 54 14.41 45.22 15.83
CA ILE B 54 14.91 44.19 14.92
C ILE B 54 16.47 44.11 15.07
N ARG B 55 17.15 45.27 14.97
CA ARG B 55 18.60 45.40 15.08
C ARG B 55 19.13 44.83 16.40
N HIS B 56 18.50 45.20 17.48
CA HIS B 56 18.92 44.82 18.81
C HIS B 56 18.41 43.45 19.29
N LYS B 57 17.74 42.73 18.39
CA LYS B 57 17.22 41.38 18.57
C LYS B 57 16.21 41.23 19.73
N HIS B 58 15.38 42.28 19.89
CA HIS B 58 14.27 42.37 20.84
C HIS B 58 13.06 41.84 20.04
N TRP B 59 13.09 40.54 19.80
CA TRP B 59 12.14 39.77 19.02
C TRP B 59 10.80 39.58 19.61
N SER B 60 10.70 39.36 20.94
CA SER B 60 9.43 39.11 21.63
C SER B 60 8.25 40.04 21.31
N ILE B 61 8.52 41.31 20.92
CA ILE B 61 7.43 42.22 20.55
C ILE B 61 6.75 41.70 19.29
N PHE B 62 7.55 41.15 18.34
CA PHE B 62 7.12 40.59 17.07
C PHE B 62 6.44 39.23 17.24
N GLU B 63 6.33 38.77 18.51
CA GLU B 63 5.68 37.51 18.86
C GLU B 63 4.33 37.76 19.57
N THR B 64 3.91 39.05 19.68
CA THR B 64 2.61 39.44 20.28
C THR B 64 1.51 39.41 19.19
N ALA B 65 1.97 39.46 17.93
CA ALA B 65 1.17 39.42 16.72
C ALA B 65 1.27 38.05 16.04
N PHE B 66 0.21 37.59 15.39
CA PHE B 66 0.19 36.27 14.71
C PHE B 66 -0.65 36.37 13.46
N MET B 67 -0.19 35.72 12.40
CA MET B 67 -0.85 35.80 11.09
C MET B 67 -0.95 34.43 10.40
N THR B 68 -2.10 34.19 9.75
CA THR B 68 -2.33 33.01 8.92
C THR B 68 -2.39 33.50 7.44
N LEU B 69 -1.86 32.70 6.51
CA LEU B 69 -1.90 32.95 5.06
C LEU B 69 -2.27 31.62 4.40
N GLU B 70 -3.10 31.65 3.34
CA GLU B 70 -3.48 30.45 2.57
C GLU B 70 -2.53 30.42 1.40
N LEU B 71 -1.70 29.39 1.31
CA LEU B 71 -0.72 29.26 0.25
C LEU B 71 -1.25 28.28 -0.77
N LYS B 72 -1.21 28.69 -2.05
CA LYS B 72 -1.61 27.91 -3.20
C LYS B 72 -0.30 27.56 -3.88
N THR B 73 0.22 26.39 -3.57
CA THR B 73 1.51 26.01 -4.11
C THR B 73 1.47 24.57 -4.57
N SER B 74 2.64 23.91 -4.72
CA SER B 74 2.72 22.52 -5.15
C SER B 74 3.28 21.69 -4.00
N ARG B 75 3.22 20.37 -4.10
CA ARG B 75 3.77 19.50 -3.07
C ARG B 75 5.30 19.54 -3.00
N GLY B 76 5.95 19.74 -4.14
CA GLY B 76 7.40 19.84 -4.24
C GLY B 76 7.94 21.09 -3.58
N ILE B 77 7.17 22.18 -3.62
CA ILE B 77 7.57 23.42 -2.93
C ILE B 77 7.21 23.31 -1.44
N ALA B 78 6.09 22.58 -1.12
CA ALA B 78 5.60 22.33 0.24
C ALA B 78 6.61 21.53 1.05
N ALA B 79 7.52 20.82 0.36
CA ALA B 79 8.58 20.01 0.97
C ALA B 79 9.67 20.89 1.57
N GLN B 80 9.68 22.20 1.19
CA GLN B 80 10.59 23.25 1.72
C GLN B 80 9.78 23.99 2.77
N VAL B 81 8.57 24.44 2.40
CA VAL B 81 7.63 25.17 3.22
C VAL B 81 7.45 24.52 4.59
N LEU B 82 7.05 23.23 4.60
CA LEU B 82 6.77 22.44 5.80
C LEU B 82 7.96 22.32 6.77
N ARG B 83 9.15 22.72 6.30
CA ARG B 83 10.41 22.67 7.08
C ARG B 83 10.62 23.86 8.01
N HIS B 84 9.84 24.91 7.83
CA HIS B 84 9.89 26.07 8.70
C HIS B 84 9.01 25.73 9.90
N ARG B 85 9.52 24.90 10.80
CA ARG B 85 8.85 24.34 11.99
C ARG B 85 8.38 25.31 13.08
N SER B 86 8.67 26.61 12.96
CA SER B 86 8.20 27.59 13.95
C SER B 86 6.77 27.94 13.56
N PHE B 87 6.41 27.53 12.33
CA PHE B 87 5.07 27.70 11.79
C PHE B 87 4.18 26.49 12.12
N HIS B 88 2.89 26.76 12.17
CA HIS B 88 1.78 25.82 12.35
C HIS B 88 1.13 25.77 10.96
N PHE B 89 0.73 24.57 10.50
CA PHE B 89 0.13 24.37 9.18
C PHE B 89 -1.16 23.61 9.26
N GLN B 90 -2.05 23.90 8.33
CA GLN B 90 -3.30 23.17 8.20
C GLN B 90 -3.43 22.82 6.74
N GLU B 91 -3.62 21.52 6.48
CA GLU B 91 -3.76 20.94 5.14
C GLU B 91 -5.01 20.03 5.08
N PHE B 92 -5.51 19.82 3.84
CA PHE B 92 -6.65 18.94 3.57
C PHE B 92 -6.31 17.54 4.07
N SER B 93 -7.33 16.85 4.65
CA SER B 93 -7.18 15.50 5.18
C SER B 93 -6.62 14.56 4.11
N GLN B 94 -5.72 13.68 4.50
CA GLN B 94 -5.15 12.71 3.60
C GLN B 94 -6.17 11.60 3.39
N ARG B 95 -7.24 11.63 4.20
CA ARG B 95 -8.33 10.68 4.27
C ARG B 95 -9.62 11.13 3.57
N TYR B 96 -10.08 12.36 3.86
CA TYR B 96 -11.38 12.91 3.43
C TYR B 96 -11.37 14.01 2.37
N ALA B 97 -10.26 14.17 1.61
CA ALA B 97 -10.19 15.19 0.55
C ALA B 97 -9.44 14.72 -0.68
N SER B 98 -10.07 14.91 -1.85
CA SER B 98 -9.55 14.49 -3.15
C SER B 98 -9.16 15.65 -4.07
N VAL B 99 -8.04 15.46 -4.80
CA VAL B 99 -7.44 16.44 -5.72
C VAL B 99 -8.33 16.69 -6.94
N GLN B 128 12.53 22.27 -23.05
CA GLN B 128 11.51 23.10 -22.39
C GLN B 128 10.13 22.67 -22.85
N THR B 129 9.91 22.65 -24.19
CA THR B 129 8.67 22.20 -24.83
C THR B 129 8.55 20.68 -24.61
N TRP B 130 9.69 19.94 -24.68
CA TRP B 130 9.75 18.49 -24.43
C TRP B 130 9.35 18.21 -22.98
N TRP B 131 9.95 18.97 -22.03
CA TRP B 131 9.69 18.84 -20.61
C TRP B 131 8.21 19.06 -20.33
N ALA B 132 7.66 20.24 -20.71
CA ALA B 132 6.25 20.58 -20.55
C ALA B 132 5.32 19.53 -21.16
N THR B 133 5.65 19.03 -22.38
CA THR B 133 4.89 18.00 -23.11
C THR B 133 4.88 16.67 -22.35
N GLU B 134 6.06 16.09 -22.12
CA GLU B 134 6.23 14.79 -21.44
C GLU B 134 5.70 14.79 -19.99
N GLN B 135 5.69 15.99 -19.35
CA GLN B 135 5.17 16.23 -17.99
C GLN B 135 3.65 16.09 -17.96
N GLU B 136 2.95 16.75 -18.91
CA GLU B 136 1.50 16.70 -19.06
C GLU B 136 1.07 15.26 -19.29
N LYS B 137 1.74 14.59 -20.25
CA LYS B 137 1.56 13.19 -20.65
C LYS B 137 1.62 12.22 -19.45
N LEU B 138 2.53 12.50 -18.51
CA LEU B 138 2.67 11.69 -17.31
C LEU B 138 1.56 12.08 -16.32
N TYR B 139 1.41 13.38 -16.03
CA TYR B 139 0.43 13.94 -15.09
C TYR B 139 -0.99 13.56 -15.43
N ALA B 140 -1.35 13.60 -16.72
CA ALA B 140 -2.71 13.24 -17.12
C ALA B 140 -2.95 11.74 -16.90
N GLN B 141 -1.93 10.91 -17.17
CA GLN B 141 -2.00 9.46 -16.95
C GLN B 141 -2.12 9.12 -15.47
N SER B 142 -1.46 9.91 -14.59
CA SER B 142 -1.48 9.82 -13.13
C SER B 142 -2.92 9.98 -12.62
N MET B 143 -3.67 10.96 -13.18
CA MET B 143 -5.07 11.24 -12.85
C MET B 143 -6.00 10.12 -13.31
N GLU B 144 -5.76 9.56 -14.53
CA GLU B 144 -6.56 8.43 -15.02
C GLU B 144 -6.49 7.30 -13.97
N LEU B 145 -5.27 6.93 -13.54
CA LEU B 145 -5.08 5.90 -12.53
C LEU B 145 -5.68 6.31 -11.14
N TYR B 146 -5.55 7.61 -10.76
CA TYR B 146 -6.06 8.16 -9.50
C TYR B 146 -7.56 8.04 -9.49
N ASN B 147 -8.24 8.67 -10.46
CA ASN B 147 -9.69 8.63 -10.62
C ASN B 147 -10.21 7.19 -10.69
N LYS B 148 -9.50 6.27 -11.39
CA LYS B 148 -9.93 4.86 -11.46
C LYS B 148 -9.92 4.22 -10.09
N ALA B 149 -8.85 4.46 -9.29
CA ALA B 149 -8.68 3.92 -7.93
C ALA B 149 -9.84 4.33 -7.01
N LEU B 150 -10.27 5.60 -7.07
CA LEU B 150 -11.41 6.11 -6.31
C LEU B 150 -12.72 5.60 -6.86
N GLU B 151 -12.82 5.43 -8.19
CA GLU B 151 -13.99 4.82 -8.79
C GLU B 151 -14.09 3.39 -8.21
N LYS B 152 -12.94 2.66 -8.13
CA LYS B 152 -12.81 1.29 -7.61
C LYS B 152 -13.01 1.17 -6.09
N GLY B 153 -13.17 2.30 -5.43
CA GLY B 153 -13.38 2.38 -3.98
C GLY B 153 -12.13 2.32 -3.12
N ILE B 154 -10.93 2.53 -3.71
CA ILE B 154 -9.67 2.52 -2.94
C ILE B 154 -9.66 3.74 -2.03
N ALA B 155 -9.10 3.61 -0.80
CA ALA B 155 -9.02 4.69 0.18
C ALA B 155 -8.13 5.82 -0.37
N LYS B 156 -8.53 7.10 -0.16
CA LYS B 156 -7.78 8.27 -0.64
C LYS B 156 -6.32 8.28 -0.21
N GLU B 157 -6.05 7.97 1.07
CA GLU B 157 -4.68 7.93 1.62
C GLU B 157 -3.77 7.04 0.80
N CYS B 158 -4.34 5.97 0.15
CA CYS B 158 -3.64 5.02 -0.70
C CYS B 158 -3.47 5.60 -2.10
N ALA B 159 -4.55 6.20 -2.65
CA ALA B 159 -4.56 6.80 -3.99
C ALA B 159 -3.61 8.02 -4.11
N ARG B 160 -3.16 8.56 -2.97
CA ARG B 160 -2.21 9.68 -2.94
C ARG B 160 -0.83 9.20 -3.35
N PHE B 161 -0.48 7.94 -3.05
CA PHE B 161 0.83 7.39 -3.35
C PHE B 161 1.30 7.41 -4.81
N ILE B 162 0.35 7.51 -5.75
CA ILE B 162 0.64 7.61 -7.19
C ILE B 162 0.82 9.08 -7.64
N LEU B 163 0.41 10.02 -6.76
CA LEU B 163 0.43 11.45 -7.04
C LEU B 163 1.84 12.08 -7.09
N PRO B 164 2.16 12.92 -8.11
CA PRO B 164 3.52 13.50 -8.18
C PRO B 164 3.71 14.79 -7.37
N LEU B 165 5.01 15.15 -7.10
CA LEU B 165 5.36 16.37 -6.36
C LEU B 165 4.76 17.64 -6.95
N SER B 166 4.51 17.62 -8.28
CA SER B 166 3.91 18.73 -9.02
C SER B 166 2.42 18.97 -8.62
N THR B 167 1.75 17.94 -8.01
CA THR B 167 0.34 18.04 -7.56
C THR B 167 0.09 19.32 -6.76
N PRO B 168 -0.94 20.09 -7.16
CA PRO B 168 -1.21 21.35 -6.48
C PRO B 168 -1.68 21.12 -5.06
N THR B 169 -1.37 22.08 -4.18
CA THR B 169 -1.74 22.01 -2.78
C THR B 169 -2.11 23.39 -2.20
N THR B 170 -3.28 23.47 -1.56
CA THR B 170 -3.64 24.71 -0.86
C THR B 170 -3.50 24.43 0.64
N ILE B 171 -2.57 25.13 1.31
CA ILE B 171 -2.30 24.95 2.75
C ILE B 171 -2.47 26.27 3.55
N TYR B 172 -2.70 26.16 4.88
CA TYR B 172 -2.78 27.32 5.78
C TYR B 172 -1.43 27.33 6.50
N MET B 173 -0.80 28.51 6.55
CA MET B 173 0.50 28.70 7.18
C MET B 173 0.27 29.73 8.24
N SER B 174 0.48 29.35 9.50
CA SER B 174 0.27 30.25 10.64
C SER B 174 1.58 30.37 11.41
N GLY B 175 1.92 31.58 11.79
CA GLY B 175 3.13 31.87 12.53
C GLY B 175 3.11 33.28 13.07
N THR B 176 4.03 33.57 14.03
CA THR B 176 4.15 34.88 14.63
C THR B 176 4.80 35.79 13.61
N ILE B 177 4.63 37.10 13.76
CA ILE B 177 5.22 38.07 12.85
C ILE B 177 6.75 37.92 12.78
N ARG B 178 7.41 37.55 13.90
CA ARG B 178 8.86 37.30 13.95
C ARG B 178 9.22 36.24 12.90
N ASP B 179 8.55 35.05 12.99
CA ASP B 179 8.74 33.91 12.09
C ASP B 179 8.44 34.25 10.63
N TRP B 180 7.49 35.16 10.38
CA TRP B 180 7.10 35.61 9.04
C TRP B 180 8.22 36.49 8.43
N ILE B 181 8.83 37.39 9.24
CA ILE B 181 9.95 38.26 8.81
C ILE B 181 11.09 37.39 8.27
N HIS B 182 11.47 36.38 9.05
CA HIS B 182 12.55 35.48 8.73
C HIS B 182 12.30 34.49 7.64
N TYR B 183 11.03 34.07 7.46
CA TYR B 183 10.71 33.15 6.38
C TYR B 183 10.77 33.93 5.06
N ILE B 184 10.14 35.13 5.01
CA ILE B 184 10.11 35.95 3.79
C ILE B 184 11.52 36.41 3.41
N GLU B 185 12.31 36.88 4.39
CA GLU B 185 13.68 37.30 4.15
C GLU B 185 14.51 36.17 3.53
N LEU B 186 14.31 34.95 3.99
CA LEU B 186 15.07 33.82 3.48
C LEU B 186 14.61 33.37 2.10
N ARG B 187 13.30 33.15 1.91
CA ARG B 187 12.69 32.61 0.68
C ARG B 187 12.52 33.57 -0.52
N THR B 188 12.99 34.83 -0.40
CA THR B 188 12.97 35.86 -1.46
C THR B 188 14.41 36.18 -1.91
N SER B 189 15.40 35.75 -1.09
CA SER B 189 16.83 35.94 -1.34
C SER B 189 17.30 35.01 -2.46
N ASN B 190 18.18 35.51 -3.36
CA ASN B 190 18.70 34.75 -4.50
C ASN B 190 19.26 33.40 -4.08
N GLY B 191 19.04 32.40 -4.92
CA GLY B 191 19.51 31.04 -4.65
C GLY B 191 18.39 30.05 -4.43
N THR B 192 17.30 30.49 -3.76
CA THR B 192 16.12 29.67 -3.51
C THR B 192 15.37 29.38 -4.83
N GLN B 193 14.61 28.27 -4.87
CA GLN B 193 13.86 27.88 -6.05
C GLN B 193 12.82 28.92 -6.39
N ARG B 194 12.80 29.38 -7.69
CA ARG B 194 11.89 30.41 -8.26
C ARG B 194 10.45 30.24 -7.83
N GLU B 195 9.96 29.00 -7.91
CA GLU B 195 8.58 28.64 -7.53
C GLU B 195 8.31 29.01 -6.06
N HIS B 196 9.32 28.81 -5.17
CA HIS B 196 9.29 29.19 -3.76
C HIS B 196 9.43 30.70 -3.61
N ILE B 197 10.29 31.35 -4.42
CA ILE B 197 10.46 32.83 -4.47
C ILE B 197 9.09 33.49 -4.77
N ASP B 198 8.36 32.99 -5.78
CA ASP B 198 7.05 33.52 -6.13
C ASP B 198 6.12 33.43 -4.94
N LEU B 199 6.10 32.24 -4.26
CA LEU B 199 5.26 31.97 -3.07
C LEU B 199 5.59 32.94 -1.94
N ALA B 200 6.87 33.08 -1.61
CA ALA B 200 7.34 33.98 -0.58
C ALA B 200 7.03 35.43 -0.96
N ASN B 201 7.19 35.82 -2.26
CA ASN B 201 6.89 37.19 -2.74
C ASN B 201 5.42 37.54 -2.59
N ALA B 202 4.56 36.53 -2.79
CA ALA B 202 3.12 36.66 -2.62
C ALA B 202 2.81 36.84 -1.13
N CYS B 203 3.70 36.33 -0.22
CA CYS B 203 3.54 36.45 1.22
C CYS B 203 4.03 37.81 1.68
N LYS B 204 5.14 38.27 1.08
CA LYS B 204 5.76 39.58 1.29
C LYS B 204 4.74 40.71 1.09
N GLU B 205 3.93 40.64 0.01
CA GLU B 205 2.93 41.65 -0.35
C GLU B 205 1.84 41.81 0.72
N ILE B 206 1.35 40.68 1.26
CA ILE B 206 0.33 40.67 2.30
C ILE B 206 0.92 41.30 3.57
N PHE B 207 2.15 40.90 3.91
CA PHE B 207 2.90 41.40 5.06
C PHE B 207 3.00 42.94 4.96
N ILE B 208 3.46 43.46 3.80
CA ILE B 208 3.61 44.89 3.47
C ILE B 208 2.31 45.66 3.67
N LYS B 209 1.16 45.04 3.35
CA LYS B 209 -0.18 45.61 3.51
C LYS B 209 -0.60 45.67 4.98
N GLU B 210 -0.25 44.62 5.76
CA GLU B 210 -0.62 44.55 7.18
C GLU B 210 0.38 45.21 8.11
N PHE B 211 1.65 45.18 7.73
CA PHE B 211 2.73 45.75 8.54
C PHE B 211 3.60 46.73 7.73
N PRO B 212 3.07 47.93 7.39
CA PRO B 212 3.87 48.87 6.57
C PRO B 212 5.13 49.32 7.27
N SER B 213 5.01 49.66 8.57
CA SER B 213 6.12 50.15 9.38
C SER B 213 7.23 49.11 9.55
N ILE B 214 6.85 47.80 9.67
CA ILE B 214 7.80 46.68 9.74
C ILE B 214 8.46 46.47 8.36
N ALA B 215 7.65 46.48 7.29
CA ALA B 215 8.11 46.42 5.89
C ALA B 215 9.11 47.56 5.59
N LYS B 216 8.87 48.76 6.16
CA LYS B 216 9.71 49.94 6.00
C LYS B 216 10.98 49.84 6.82
N ALA B 217 10.89 49.29 8.05
CA ALA B 217 12.03 49.11 8.96
C ALA B 217 12.97 48.04 8.43
N LEU B 218 12.42 47.11 7.61
CA LEU B 218 13.16 46.01 6.98
C LEU B 218 13.61 46.40 5.58
N ASP B 219 13.17 47.59 5.09
CA ASP B 219 13.47 48.15 3.77
C ASP B 219 13.01 47.23 2.65
N TRP B 220 11.67 47.03 2.58
CA TRP B 220 11.03 46.14 1.61
C TRP B 220 10.29 46.88 0.52
N ALA C 2 38.77 40.71 38.21
CA ALA C 2 37.39 40.55 37.76
C ALA C 2 36.66 39.44 38.48
N SER C 3 35.44 39.75 38.91
CA SER C 3 34.54 38.83 39.58
C SER C 3 33.93 37.82 38.58
N MET C 4 33.74 36.55 39.00
CA MET C 4 33.10 35.55 38.14
C MET C 4 31.70 35.21 38.58
N THR C 5 30.75 36.00 38.08
CA THR C 5 29.35 35.90 38.45
C THR C 5 28.53 35.04 37.48
N GLY C 6 29.22 34.09 36.85
CA GLY C 6 28.68 33.15 35.88
C GLY C 6 29.57 31.93 35.72
N SER C 7 28.95 30.75 35.86
CA SER C 7 29.59 29.44 35.75
C SER C 7 28.70 28.50 34.93
N ALA C 8 29.35 27.62 34.16
CA ALA C 8 28.71 26.59 33.37
C ALA C 8 29.55 25.30 33.36
N LYS C 9 28.90 24.16 33.27
CA LYS C 9 29.59 22.89 33.27
C LYS C 9 28.85 21.99 32.29
N LEU C 10 29.57 21.21 31.48
CA LEU C 10 28.93 20.25 30.54
C LEU C 10 28.25 19.09 31.30
N ILE C 11 27.03 18.73 30.86
CA ILE C 11 26.27 17.66 31.50
C ILE C 11 26.17 16.43 30.58
N SER C 12 25.79 16.69 29.33
CA SER C 12 25.68 15.70 28.27
C SER C 12 25.76 16.43 26.95
N VAL C 13 26.02 15.69 25.89
CA VAL C 13 26.10 16.12 24.50
C VAL C 13 25.81 14.86 23.68
N THR C 14 25.34 15.05 22.44
CA THR C 14 25.04 13.99 21.49
C THR C 14 26.29 13.12 21.19
N LYS C 15 26.07 11.85 20.85
CA LYS C 15 27.13 10.90 20.57
C LYS C 15 26.63 9.99 19.45
N PRO C 16 27.26 10.01 18.26
CA PRO C 16 26.82 9.14 17.17
C PRO C 16 27.17 7.69 17.37
N VAL C 17 26.29 6.79 16.89
CA VAL C 17 26.48 5.32 16.94
C VAL C 17 26.92 4.77 15.57
N VAL C 18 26.99 5.64 14.56
CA VAL C 18 27.39 5.35 13.19
C VAL C 18 28.89 5.06 13.16
N GLU C 19 29.30 4.06 12.36
CA GLU C 19 30.72 3.70 12.23
C GLU C 19 31.53 4.79 11.52
N GLY C 20 32.63 5.17 12.17
CA GLY C 20 33.58 6.19 11.71
C GLY C 20 33.34 7.58 12.25
N VAL C 21 32.08 7.88 12.67
CA VAL C 21 31.66 9.17 13.18
C VAL C 21 31.56 9.05 14.71
N ASN C 22 32.55 9.64 15.41
CA ASN C 22 32.70 9.51 16.87
C ASN C 22 32.15 10.64 17.74
N THR C 23 32.14 11.89 17.23
CA THR C 23 31.68 13.05 17.97
C THR C 23 30.48 13.67 17.27
N ALA C 24 29.70 14.50 18.03
CA ALA C 24 28.55 15.26 17.52
C ALA C 24 28.95 16.19 16.35
N GLU C 25 30.14 16.81 16.43
CA GLU C 25 30.62 17.70 15.36
C GLU C 25 30.96 16.89 14.08
N GLU C 26 31.40 15.65 14.25
CA GLU C 26 31.69 14.80 13.09
C GLU C 26 30.39 14.43 12.43
N LEU C 27 29.29 14.29 13.23
CA LEU C 27 27.94 14.04 12.75
C LEU C 27 27.41 15.27 12.01
N ILE C 28 27.61 16.48 12.53
CA ILE C 28 27.17 17.69 11.82
C ILE C 28 27.87 17.72 10.44
N ALA C 29 29.20 17.40 10.40
CA ALA C 29 30.04 17.31 9.20
C ALA C 29 29.53 16.20 8.27
N TYR C 30 29.18 15.05 8.87
CA TYR C 30 28.66 13.87 8.18
C TYR C 30 27.33 14.20 7.57
N ALA C 31 26.36 14.74 8.37
CA ALA C 31 25.01 15.15 7.94
C ALA C 31 25.09 16.01 6.71
N ALA C 32 26.04 16.97 6.70
CA ALA C 32 26.25 17.88 5.60
C ALA C 32 26.74 17.17 4.35
N ARG C 33 27.77 16.31 4.47
CA ARG C 33 28.24 15.67 3.24
C ARG C 33 27.34 14.60 2.64
N VAL C 34 26.62 13.82 3.49
CA VAL C 34 25.71 12.77 3.05
C VAL C 34 24.48 13.30 2.33
N SER C 35 23.82 14.32 2.92
CA SER C 35 22.62 14.95 2.38
C SER C 35 22.85 15.66 1.06
N ASN C 36 24.05 16.28 0.91
CA ASN C 36 24.46 16.99 -0.30
C ASN C 36 25.71 16.26 -0.90
N PRO C 37 25.56 15.04 -1.50
CA PRO C 37 26.77 14.34 -1.99
C PRO C 37 27.39 14.93 -3.27
N GLU C 38 26.53 15.29 -4.25
CA GLU C 38 26.93 15.87 -5.55
C GLU C 38 27.15 17.40 -5.45
N ASN C 39 27.95 17.80 -4.46
CA ASN C 39 28.32 19.19 -4.16
C ASN C 39 29.84 19.30 -3.96
N GLN C 40 30.47 20.29 -4.64
CA GLN C 40 31.93 20.54 -4.61
C GLN C 40 32.39 21.02 -3.23
N ILE C 41 31.49 21.69 -2.48
CA ILE C 41 31.65 22.23 -1.12
C ILE C 41 32.02 21.13 -0.08
N ASN C 42 31.69 19.84 -0.38
CA ASN C 42 32.00 18.66 0.44
C ASN C 42 33.51 18.49 0.59
N ASN C 43 34.28 18.85 -0.46
CA ASN C 43 35.75 18.74 -0.52
C ASN C 43 36.51 19.67 0.47
N LYS C 44 35.85 20.76 0.97
CA LYS C 44 36.39 21.77 1.89
C LYS C 44 36.83 21.18 3.25
N THR C 45 37.50 22.02 4.08
CA THR C 45 37.91 21.65 5.44
C THR C 45 36.68 21.55 6.33
N ALA C 46 36.77 20.80 7.45
CA ALA C 46 35.66 20.66 8.40
C ALA C 46 35.04 22.03 8.77
N SER C 47 35.87 23.00 9.25
CA SER C 47 35.42 24.35 9.60
C SER C 47 34.79 25.08 8.41
N GLY C 48 35.48 25.06 7.27
CA GLY C 48 35.07 25.68 6.01
C GLY C 48 33.71 25.25 5.49
N LEU C 49 33.46 23.92 5.52
CA LEU C 49 32.19 23.32 5.11
C LEU C 49 31.05 23.90 5.98
N LEU C 50 31.17 23.72 7.32
CA LEU C 50 30.24 24.24 8.33
C LEU C 50 30.04 25.76 8.25
N LYS C 51 31.11 26.53 7.95
CA LYS C 51 31.04 28.01 7.79
C LYS C 51 30.09 28.36 6.65
N TYR C 52 30.23 27.62 5.53
CA TYR C 52 29.43 27.78 4.33
C TYR C 52 27.97 27.52 4.69
N CYS C 53 27.69 26.42 5.42
CA CYS C 53 26.32 26.09 5.84
C CYS C 53 25.66 27.18 6.69
N ILE C 54 26.38 27.70 7.70
CA ILE C 54 25.92 28.78 8.57
C ILE C 54 25.62 30.03 7.69
N ARG C 55 26.57 30.37 6.76
CA ARG C 55 26.45 31.49 5.85
C ARG C 55 25.28 31.34 4.91
N HIS C 56 24.92 30.07 4.57
CA HIS C 56 23.81 29.82 3.65
C HIS C 56 22.47 29.52 4.32
N LYS C 57 22.49 29.33 5.65
CA LYS C 57 21.33 29.05 6.51
C LYS C 57 20.81 27.61 6.43
N HIS C 58 21.72 26.64 6.16
CA HIS C 58 21.38 25.20 6.14
C HIS C 58 21.56 24.75 7.61
N TRP C 59 20.62 25.21 8.45
CA TRP C 59 20.57 25.05 9.91
C TRP C 59 20.36 23.67 10.42
N SER C 60 19.54 22.89 9.72
CA SER C 60 19.18 21.54 10.13
C SER C 60 20.34 20.59 10.45
N ILE C 61 21.49 20.70 9.77
CA ILE C 61 22.65 19.85 10.08
C ILE C 61 23.15 20.10 11.54
N PHE C 62 23.08 21.37 12.01
CA PHE C 62 23.44 21.86 13.34
C PHE C 62 22.33 21.53 14.38
N GLU C 63 21.23 20.88 13.93
CA GLU C 63 20.12 20.44 14.79
C GLU C 63 20.08 18.92 14.94
N THR C 64 21.08 18.21 14.36
CA THR C 64 21.27 16.77 14.51
C THR C 64 22.05 16.48 15.83
N ALA C 65 22.49 17.55 16.52
CA ALA C 65 23.30 17.52 17.73
C ALA C 65 22.60 18.28 18.87
N PHE C 66 22.81 17.89 20.13
CA PHE C 66 22.14 18.48 21.29
C PHE C 66 22.98 18.44 22.54
N MET C 67 23.05 19.58 23.26
CA MET C 67 23.88 19.71 24.45
C MET C 67 23.17 20.31 25.66
N THR C 68 23.38 19.67 26.85
CA THR C 68 22.92 20.12 28.16
C THR C 68 24.16 20.61 28.92
N LEU C 69 24.06 21.81 29.47
CA LEU C 69 25.07 22.47 30.29
C LEU C 69 24.42 22.80 31.63
N GLU C 70 25.15 22.66 32.74
CA GLU C 70 24.60 23.06 34.04
C GLU C 70 25.07 24.51 34.28
N LEU C 71 24.15 25.45 34.52
CA LEU C 71 24.49 26.83 34.80
C LEU C 71 24.31 27.19 36.26
N LYS C 72 25.30 27.89 36.82
CA LYS C 72 25.27 28.42 38.18
C LYS C 72 25.27 29.94 37.97
N THR C 73 24.16 30.60 38.38
CA THR C 73 23.94 32.05 38.25
C THR C 73 22.92 32.55 39.31
N SER C 74 22.14 33.61 39.01
CA SER C 74 21.13 34.16 39.92
C SER C 74 19.74 34.14 39.30
N ARG C 75 18.69 34.06 40.14
CA ARG C 75 17.28 34.10 39.73
C ARG C 75 16.97 35.25 38.77
N GLY C 76 17.51 36.44 39.06
CA GLY C 76 17.34 37.64 38.26
C GLY C 76 17.92 37.53 36.87
N ILE C 77 19.00 36.71 36.73
CA ILE C 77 19.64 36.45 35.44
C ILE C 77 18.90 35.32 34.76
N ALA C 78 18.59 34.24 35.54
CA ALA C 78 17.81 33.06 35.12
C ALA C 78 16.56 33.51 34.37
N ALA C 79 15.86 34.53 34.92
CA ALA C 79 14.69 35.20 34.37
C ALA C 79 14.86 35.49 32.84
N GLN C 80 16.05 36.04 32.44
CA GLN C 80 16.40 36.31 31.04
C GLN C 80 16.65 34.98 30.33
N VAL C 81 17.56 34.11 30.86
CA VAL C 81 17.92 32.82 30.28
C VAL C 81 16.68 32.03 29.85
N LEU C 82 15.66 31.92 30.74
CA LEU C 82 14.41 31.19 30.50
C LEU C 82 13.72 31.65 29.23
N ARG C 83 13.86 32.92 28.87
CA ARG C 83 13.21 33.51 27.68
C ARG C 83 13.72 32.93 26.36
N HIS C 84 14.79 32.12 26.40
CA HIS C 84 15.32 31.51 25.20
C HIS C 84 14.52 30.27 24.96
N ARG C 85 13.31 30.48 24.40
CA ARG C 85 12.32 29.43 24.15
C ARG C 85 12.76 28.18 23.40
N SER C 86 13.76 28.26 22.52
CA SER C 86 14.21 27.04 21.84
C SER C 86 14.78 26.01 22.84
N PHE C 87 15.44 26.47 23.93
CA PHE C 87 16.00 25.61 24.96
C PHE C 87 14.97 25.02 25.89
N HIS C 88 15.32 23.87 26.46
CA HIS C 88 14.61 23.07 27.47
C HIS C 88 15.46 23.20 28.74
N PHE C 89 14.84 23.30 29.90
CA PHE C 89 15.53 23.58 31.15
C PHE C 89 15.13 22.67 32.29
N GLN C 90 16.00 22.55 33.29
CA GLN C 90 15.66 21.80 34.49
C GLN C 90 16.14 22.55 35.72
N GLU C 91 15.25 22.83 36.65
CA GLU C 91 15.55 23.59 37.87
C GLU C 91 15.08 22.81 39.11
N PHE C 92 15.55 23.18 40.31
CA PHE C 92 15.19 22.55 41.59
C PHE C 92 13.74 22.72 41.85
N SER C 93 13.13 21.68 42.40
CA SER C 93 11.74 21.66 42.80
C SER C 93 11.53 22.84 43.70
N GLN C 94 10.45 23.57 43.46
CA GLN C 94 10.07 24.70 44.28
C GLN C 94 9.57 24.27 45.68
N ARG C 95 9.16 22.96 45.84
CA ARG C 95 8.65 22.34 47.08
C ARG C 95 9.55 21.34 47.79
N TYR C 96 10.40 20.62 47.05
CA TYR C 96 11.29 19.60 47.65
C TYR C 96 12.77 20.00 47.64
N ALA C 97 13.04 21.31 47.54
CA ALA C 97 14.41 21.85 47.53
C ALA C 97 14.38 23.22 48.13
N SER C 98 15.31 23.45 49.05
CA SER C 98 15.48 24.71 49.75
C SER C 98 16.81 25.36 49.38
N VAL C 99 16.90 26.69 49.58
CA VAL C 99 18.09 27.46 49.27
C VAL C 99 19.17 27.19 50.30
N MET C 100 20.34 26.76 49.83
CA MET C 100 21.49 26.41 50.65
C MET C 100 22.42 27.61 50.77
N GLU C 101 22.99 28.01 49.61
CA GLU C 101 23.93 29.12 49.43
C GLU C 101 23.35 30.43 49.93
N THR C 102 24.19 31.27 50.57
CA THR C 102 23.79 32.59 51.03
C THR C 102 23.97 33.55 49.83
N PRO C 103 22.95 34.40 49.51
CA PRO C 103 23.07 35.27 48.32
C PRO C 103 24.28 36.20 48.36
N PRO C 104 25.12 36.25 47.31
CA PRO C 104 26.29 37.13 47.34
C PRO C 104 25.96 38.60 46.99
N PRO C 105 26.80 39.60 47.34
CA PRO C 105 26.49 40.98 46.91
C PRO C 105 26.72 41.18 45.41
N HIS C 106 25.82 41.93 44.76
CA HIS C 106 25.88 42.24 43.33
C HIS C 106 26.53 43.59 43.07
N GLN C 107 27.45 43.64 42.08
CA GLN C 107 28.16 44.87 41.70
C GLN C 107 27.22 45.81 40.96
N ALA C 108 27.46 47.13 41.12
CA ALA C 108 26.64 48.19 40.53
C ALA C 108 27.32 48.95 39.38
N ARG C 109 26.51 49.52 38.47
CA ARG C 109 26.94 50.33 37.32
C ARG C 109 26.33 51.73 37.43
N PRO C 124 32.62 56.50 42.86
CA PRO C 124 31.60 55.74 43.60
C PRO C 124 32.15 54.50 44.32
N GLU C 125 33.38 54.62 44.85
CA GLU C 125 34.06 53.57 45.62
C GLU C 125 33.35 53.30 46.95
N ASP C 126 32.95 54.38 47.65
CA ASP C 126 32.21 54.31 48.92
C ASP C 126 30.70 54.13 48.70
N ASP C 127 30.24 54.28 47.42
CA ASP C 127 28.86 54.07 46.98
C ASP C 127 28.64 52.56 46.70
N GLN C 128 29.65 51.90 46.08
CA GLN C 128 29.68 50.47 45.79
C GLN C 128 29.77 49.68 47.12
N THR C 129 30.65 50.11 48.04
CA THR C 129 30.88 49.53 49.37
C THR C 129 29.59 49.51 50.19
N TRP C 130 28.78 50.60 50.09
CA TRP C 130 27.49 50.81 50.75
C TRP C 130 26.51 49.75 50.21
N TRP C 131 26.41 49.68 48.87
CA TRP C 131 25.56 48.76 48.11
C TRP C 131 25.83 47.31 48.51
N ALA C 132 27.11 46.97 48.79
CA ALA C 132 27.55 45.65 49.23
C ALA C 132 27.01 45.34 50.65
N THR C 133 27.32 46.25 51.60
CA THR C 133 26.97 46.23 53.03
C THR C 133 25.46 46.16 53.25
N GLU C 134 24.71 47.00 52.49
CA GLU C 134 23.24 47.09 52.53
C GLU C 134 22.57 45.83 52.02
N GLN C 135 23.09 45.26 50.90
CA GLN C 135 22.61 44.02 50.29
C GLN C 135 22.75 42.90 51.29
N GLU C 136 24.01 42.61 51.71
CA GLU C 136 24.43 41.62 52.72
C GLU C 136 23.50 41.64 53.93
N LYS C 137 23.16 42.86 54.41
CA LYS C 137 22.28 43.15 55.54
C LYS C 137 20.89 42.57 55.26
N LEU C 138 20.29 42.99 54.11
CA LEU C 138 18.98 42.55 53.65
C LEU C 138 18.95 41.05 53.34
N TYR C 139 20.01 40.50 52.72
CA TYR C 139 20.10 39.09 52.36
C TYR C 139 20.06 38.22 53.58
N ALA C 140 20.87 38.59 54.62
CA ALA C 140 20.94 37.87 55.90
C ALA C 140 19.59 37.89 56.60
N GLN C 141 18.89 39.02 56.50
CA GLN C 141 17.57 39.21 57.08
C GLN C 141 16.51 38.32 56.42
N SER C 142 16.59 38.16 55.06
CA SER C 142 15.68 37.30 54.29
C SER C 142 15.97 35.83 54.62
N MET C 143 17.27 35.47 54.65
CA MET C 143 17.76 34.12 54.98
C MET C 143 17.37 33.70 56.41
N GLU C 144 17.41 34.64 57.37
CA GLU C 144 17.04 34.43 58.77
C GLU C 144 15.56 34.06 58.84
N LEU C 145 14.71 34.89 58.18
CA LEU C 145 13.27 34.72 58.11
C LEU C 145 12.88 33.52 57.27
N TYR C 146 13.73 33.13 56.32
CA TYR C 146 13.50 31.96 55.46
C TYR C 146 13.52 30.71 56.33
N ASN C 147 14.57 30.53 57.15
CA ASN C 147 14.66 29.38 58.05
C ASN C 147 13.65 29.42 59.21
N LYS C 148 13.32 30.63 59.71
CA LYS C 148 12.32 30.84 60.78
C LYS C 148 10.97 30.36 60.30
N ALA C 149 10.65 30.61 59.00
CA ALA C 149 9.43 30.17 58.33
C ALA C 149 9.46 28.66 58.14
N LEU C 150 10.63 28.11 57.82
CA LEU C 150 10.78 26.66 57.64
C LEU C 150 10.60 25.88 58.94
N GLU C 151 11.18 26.41 60.06
CA GLU C 151 11.09 25.88 61.43
C GLU C 151 9.64 25.84 61.95
N LYS C 152 8.84 26.88 61.64
CA LYS C 152 7.43 27.02 62.02
C LYS C 152 6.47 26.17 61.15
N GLY C 153 7.01 25.45 60.16
CA GLY C 153 6.23 24.54 59.32
C GLY C 153 5.82 25.00 57.93
N ILE C 154 6.00 26.31 57.60
CA ILE C 154 5.68 26.94 56.30
C ILE C 154 6.36 26.17 55.16
N ALA C 155 5.58 25.79 54.14
CA ALA C 155 6.02 25.06 52.95
C ALA C 155 7.07 25.87 52.17
N LYS C 156 8.07 25.17 51.60
CA LYS C 156 9.18 25.77 50.84
C LYS C 156 8.71 26.70 49.71
N GLU C 157 7.56 26.37 49.06
CA GLU C 157 6.93 27.13 47.97
C GLU C 157 6.35 28.47 48.39
N CYS C 158 6.02 28.61 49.68
CA CYS C 158 5.48 29.84 50.25
C CYS C 158 6.66 30.66 50.73
N ALA C 159 7.61 30.00 51.42
CA ALA C 159 8.82 30.58 51.98
C ALA C 159 9.76 31.24 50.95
N ARG C 160 9.85 30.67 49.72
CA ARG C 160 10.71 31.20 48.64
C ARG C 160 10.38 32.62 48.16
N PHE C 161 9.14 33.11 48.40
CA PHE C 161 8.69 34.43 47.96
C PHE C 161 9.45 35.61 48.55
N ILE C 162 10.18 35.38 49.66
CA ILE C 162 11.00 36.40 50.35
C ILE C 162 12.44 36.43 49.83
N LEU C 163 12.86 35.36 49.14
CA LEU C 163 14.19 35.25 48.58
C LEU C 163 14.41 36.32 47.51
N PRO C 164 15.58 37.01 47.51
CA PRO C 164 15.80 38.05 46.50
C PRO C 164 16.10 37.47 45.12
N LEU C 165 16.19 38.35 44.11
CA LEU C 165 16.52 38.03 42.72
C LEU C 165 17.97 37.63 42.57
N SER C 166 18.80 37.96 43.58
CA SER C 166 20.22 37.63 43.62
C SER C 166 20.45 36.18 44.11
N THR C 167 19.37 35.46 44.46
CA THR C 167 19.43 34.09 44.94
C THR C 167 20.19 33.17 43.98
N PRO C 168 21.35 32.61 44.44
CA PRO C 168 22.11 31.70 43.58
C PRO C 168 21.24 30.58 43.07
N THR C 169 21.45 30.19 41.82
CA THR C 169 20.62 29.16 41.19
C THR C 169 21.39 28.33 40.19
N THR C 170 21.08 27.03 40.20
CA THR C 170 21.61 26.08 39.24
C THR C 170 20.48 25.49 38.40
N ILE C 171 20.62 25.64 37.08
CA ILE C 171 19.66 25.17 36.09
C ILE C 171 20.42 24.35 35.06
N TYR C 172 19.72 23.39 34.42
CA TYR C 172 20.26 22.65 33.29
C TYR C 172 19.69 23.33 32.05
N MET C 173 20.56 23.78 31.14
CA MET C 173 20.11 24.41 29.91
C MET C 173 20.46 23.46 28.79
N SER C 174 19.42 22.93 28.12
CA SER C 174 19.52 21.95 27.04
C SER C 174 18.95 22.49 25.72
N GLY C 175 19.76 22.39 24.68
CA GLY C 175 19.45 22.87 23.35
C GLY C 175 20.38 22.30 22.30
N THR C 176 19.92 22.32 21.04
CA THR C 176 20.65 21.81 19.88
C THR C 176 21.83 22.71 19.68
N ILE C 177 22.73 22.34 18.78
CA ILE C 177 23.90 23.17 18.50
C ILE C 177 23.53 24.51 17.85
N ARG C 178 22.64 24.51 16.82
CA ARG C 178 22.16 25.76 16.18
C ARG C 178 21.74 26.81 17.25
N ASP C 179 20.86 26.39 18.18
CA ASP C 179 20.35 27.20 19.28
C ASP C 179 21.50 27.73 20.12
N TRP C 180 22.49 26.84 20.49
CA TRP C 180 23.66 27.27 21.28
C TRP C 180 24.47 28.34 20.55
N ILE C 181 24.63 28.17 19.22
CA ILE C 181 25.35 29.14 18.39
C ILE C 181 24.76 30.55 18.58
N HIS C 182 23.46 30.71 18.35
CA HIS C 182 22.75 31.98 18.49
C HIS C 182 22.62 32.53 19.93
N TYR C 183 22.51 31.67 20.94
CA TYR C 183 22.42 32.16 22.32
C TYR C 183 23.77 32.83 22.74
N ILE C 184 24.88 32.16 22.42
CA ILE C 184 26.23 32.60 22.75
C ILE C 184 26.56 33.81 21.90
N GLU C 185 26.24 33.79 20.60
CA GLU C 185 26.49 34.96 19.76
C GLU C 185 25.82 36.20 20.41
N LEU C 186 24.52 36.10 20.76
CA LEU C 186 23.78 37.20 21.37
C LEU C 186 24.28 37.58 22.74
N ARG C 187 24.29 36.65 23.68
CA ARG C 187 24.68 36.99 25.03
C ARG C 187 26.15 37.35 25.31
N THR C 188 27.02 37.37 24.28
CA THR C 188 28.42 37.78 24.40
C THR C 188 28.64 39.09 23.62
N SER C 189 27.57 39.62 22.99
CA SER C 189 27.66 40.85 22.22
C SER C 189 27.62 42.06 23.15
N ASN C 190 28.28 43.16 22.71
CA ASN C 190 28.40 44.42 23.41
C ASN C 190 27.04 44.95 23.91
N GLY C 191 26.97 45.30 25.18
CA GLY C 191 25.77 45.88 25.79
C GLY C 191 24.95 45.01 26.71
N THR C 192 25.07 43.69 26.57
CA THR C 192 24.28 42.77 27.40
C THR C 192 24.78 42.82 28.84
N GLN C 193 23.85 42.65 29.81
CA GLN C 193 24.12 42.61 31.25
C GLN C 193 25.36 41.75 31.55
N ARG C 194 26.24 42.23 32.46
CA ARG C 194 27.48 41.53 32.76
C ARG C 194 27.35 40.20 33.42
N GLU C 195 26.39 40.04 34.35
CA GLU C 195 26.19 38.74 35.03
C GLU C 195 25.77 37.61 34.04
N HIS C 196 25.32 38.03 32.82
CA HIS C 196 24.91 37.23 31.66
C HIS C 196 26.03 37.05 30.63
N ILE C 197 26.88 38.06 30.41
CA ILE C 197 28.02 37.90 29.49
C ILE C 197 29.00 36.87 30.11
N ASP C 198 29.15 36.92 31.45
CA ASP C 198 29.97 36.00 32.23
C ASP C 198 29.44 34.58 32.02
N LEU C 199 28.11 34.41 32.11
CA LEU C 199 27.38 33.15 31.90
C LEU C 199 27.56 32.61 30.49
N ALA C 200 27.29 33.45 29.48
CA ALA C 200 27.41 33.11 28.07
C ALA C 200 28.86 32.77 27.73
N ASN C 201 29.87 33.57 28.22
CA ASN C 201 31.27 33.26 27.95
C ASN C 201 31.66 31.94 28.59
N ALA C 202 31.09 31.61 29.78
CA ALA C 202 31.31 30.33 30.49
C ALA C 202 30.77 29.20 29.63
N CYS C 203 29.63 29.45 28.94
CA CYS C 203 29.00 28.52 27.99
C CYS C 203 29.89 28.35 26.76
N LYS C 204 30.32 29.47 26.14
CA LYS C 204 31.20 29.55 24.96
C LYS C 204 32.49 28.71 25.11
N GLU C 205 33.10 28.74 26.32
CA GLU C 205 34.32 27.99 26.65
C GLU C 205 34.09 26.49 26.47
N ILE C 206 32.95 25.99 27.02
CA ILE C 206 32.52 24.61 26.88
C ILE C 206 32.23 24.32 25.40
N PHE C 207 31.56 25.26 24.70
CA PHE C 207 31.23 25.06 23.29
C PHE C 207 32.47 24.93 22.40
N ILE C 208 33.46 25.88 22.53
CA ILE C 208 34.73 25.88 21.78
C ILE C 208 35.33 24.49 21.87
N LYS C 209 35.38 23.94 23.11
CA LYS C 209 35.95 22.64 23.42
C LYS C 209 35.30 21.53 22.59
N GLU C 210 34.02 21.28 22.82
CA GLU C 210 33.22 20.27 22.12
C GLU C 210 33.11 20.51 20.62
N PHE C 211 33.05 21.76 20.18
CA PHE C 211 32.91 22.08 18.76
C PHE C 211 34.05 22.94 18.21
N PRO C 212 35.27 22.35 18.02
CA PRO C 212 36.41 23.14 17.49
C PRO C 212 36.20 23.77 16.11
N SER C 213 35.74 22.97 15.14
CA SER C 213 35.47 23.42 13.77
C SER C 213 34.33 24.42 13.66
N ILE C 214 33.39 24.43 14.62
CA ILE C 214 32.31 25.42 14.58
C ILE C 214 32.90 26.70 15.13
N ALA C 215 33.56 26.61 16.31
CA ALA C 215 34.25 27.73 16.93
C ALA C 215 35.15 28.44 15.90
N LYS C 216 35.93 27.65 15.12
CA LYS C 216 36.80 28.16 14.06
C LYS C 216 36.03 28.90 12.96
N ALA C 217 34.93 28.32 12.46
CA ALA C 217 34.11 28.92 11.40
C ALA C 217 33.39 30.21 11.84
N LEU C 218 33.12 30.31 13.15
CA LEU C 218 32.47 31.47 13.74
C LEU C 218 33.50 32.49 14.26
N ASP C 219 34.79 32.08 14.25
CA ASP C 219 35.94 32.86 14.71
C ASP C 219 35.84 33.14 16.22
N TRP C 220 35.88 32.05 17.01
CA TRP C 220 35.79 32.07 18.46
C TRP C 220 37.12 31.54 19.07
N VAL C 221 37.81 32.38 19.84
CA VAL C 221 39.12 32.09 20.48
C VAL C 221 38.95 31.86 22.00
N HIS C 222 39.73 30.90 22.61
CA HIS C 222 39.72 30.55 24.05
C HIS C 222 39.58 31.77 24.98
N THR D 5 7.15 -2.25 5.77
CA THR D 5 7.08 -1.05 4.93
C THR D 5 7.53 0.27 5.62
N GLY D 6 8.78 0.29 6.05
CA GLY D 6 9.39 1.41 6.74
C GLY D 6 10.25 0.93 7.88
N SER D 7 11.48 1.42 7.93
CA SER D 7 12.42 1.04 8.98
C SER D 7 13.07 2.26 9.57
N ALA D 8 13.62 2.08 10.77
CA ALA D 8 14.34 3.06 11.54
C ALA D 8 15.69 2.44 11.98
N LYS D 9 16.66 3.29 12.31
CA LYS D 9 18.00 2.90 12.69
C LYS D 9 18.52 4.05 13.52
N LEU D 10 19.04 3.76 14.72
CA LEU D 10 19.62 4.77 15.61
C LEU D 10 20.85 5.49 14.94
N ILE D 11 20.88 6.83 14.98
CA ILE D 11 21.99 7.62 14.43
C ILE D 11 22.87 8.15 15.59
N SER D 12 22.24 8.77 16.61
CA SER D 12 22.89 9.32 17.79
C SER D 12 21.92 9.48 18.95
N VAL D 13 22.46 9.45 20.15
CA VAL D 13 21.69 9.65 21.38
C VAL D 13 22.60 10.44 22.31
N THR D 14 22.00 11.23 23.20
CA THR D 14 22.68 12.01 24.21
C THR D 14 23.58 11.06 25.07
N LYS D 15 24.75 11.55 25.50
CA LYS D 15 25.70 10.82 26.33
C LYS D 15 26.11 11.69 27.53
N PRO D 16 25.73 11.35 28.76
CA PRO D 16 26.13 12.18 29.91
C PRO D 16 27.61 12.06 30.28
N VAL D 17 28.12 13.05 31.05
CA VAL D 17 29.50 13.13 31.56
C VAL D 17 29.55 13.13 33.11
N VAL D 18 28.41 13.37 33.78
CA VAL D 18 28.25 13.33 35.23
C VAL D 18 28.76 11.95 35.77
N GLU D 19 29.34 11.95 36.97
CA GLU D 19 29.83 10.70 37.53
C GLU D 19 28.69 9.88 38.13
N GLY D 20 28.70 8.59 37.80
CA GLY D 20 27.66 7.66 38.22
C GLY D 20 26.53 7.60 37.22
N VAL D 21 26.51 8.56 36.27
CA VAL D 21 25.53 8.73 35.19
C VAL D 21 26.21 8.40 33.84
N ASN D 22 25.84 7.27 33.22
CA ASN D 22 26.46 6.78 31.97
C ASN D 22 25.62 6.79 30.69
N THR D 23 24.28 6.82 30.84
CA THR D 23 23.36 6.77 29.70
C THR D 23 22.37 7.93 29.72
N ALA D 24 21.70 8.15 28.57
CA ALA D 24 20.66 9.15 28.43
C ALA D 24 19.51 8.94 29.46
N GLU D 25 19.03 7.69 29.60
CA GLU D 25 17.95 7.30 30.53
C GLU D 25 18.37 7.51 31.95
N GLU D 26 19.63 7.12 32.28
CA GLU D 26 20.18 7.25 33.62
C GLU D 26 20.18 8.72 34.00
N LEU D 27 20.50 9.62 33.02
CA LEU D 27 20.51 11.07 33.17
C LEU D 27 19.10 11.58 33.43
N ILE D 28 18.07 11.05 32.72
CA ILE D 28 16.68 11.47 32.95
C ILE D 28 16.33 11.22 34.41
N ALA D 29 16.54 9.98 34.89
CA ALA D 29 16.31 9.58 36.28
C ALA D 29 17.16 10.43 37.26
N TYR D 30 18.41 10.74 36.87
CA TYR D 30 19.28 11.62 37.65
C TYR D 30 18.69 13.06 37.71
N ALA D 31 18.36 13.69 36.56
CA ALA D 31 17.80 15.03 36.50
C ALA D 31 16.57 15.20 37.40
N ALA D 32 15.77 14.13 37.57
CA ALA D 32 14.60 14.12 38.45
C ALA D 32 15.02 14.05 39.92
N ARG D 33 16.05 13.23 40.22
CA ARG D 33 16.52 13.09 41.60
C ARG D 33 17.29 14.31 42.12
N VAL D 34 18.26 14.86 41.33
CA VAL D 34 18.99 16.06 41.79
C VAL D 34 18.07 17.24 42.00
N SER D 35 17.08 17.38 41.10
CA SER D 35 16.07 18.42 41.07
C SER D 35 15.25 18.48 42.36
N ASN D 36 14.74 17.34 42.83
CA ASN D 36 13.96 17.26 44.07
C ASN D 36 14.65 16.38 45.12
N PRO D 37 15.65 16.94 45.84
CA PRO D 37 16.38 16.13 46.84
C PRO D 37 15.57 15.71 48.05
N GLU D 38 14.58 16.53 48.47
CA GLU D 38 13.74 16.24 49.63
C GLU D 38 12.38 15.59 49.25
N ASN D 39 12.43 14.53 48.40
CA ASN D 39 11.23 13.82 47.95
C ASN D 39 11.34 12.29 48.00
N GLN D 40 10.34 11.66 48.66
CA GLN D 40 10.21 10.22 48.89
C GLN D 40 10.17 9.41 47.61
N ILE D 41 9.49 9.93 46.56
CA ILE D 41 9.30 9.31 45.24
C ILE D 41 10.64 8.84 44.62
N ASN D 42 11.73 9.59 44.89
CA ASN D 42 13.10 9.33 44.44
C ASN D 42 13.63 7.94 44.85
N ASN D 43 13.02 7.33 45.90
CA ASN D 43 13.35 6.01 46.43
C ASN D 43 12.50 4.86 45.79
N LYS D 44 12.04 5.10 44.55
CA LYS D 44 11.34 4.13 43.72
C LYS D 44 12.40 3.78 42.70
N THR D 45 12.12 2.80 41.84
CA THR D 45 13.04 2.40 40.77
C THR D 45 13.12 3.48 39.67
N ALA D 46 14.06 3.29 38.73
CA ALA D 46 14.19 4.19 37.59
C ALA D 46 12.82 4.21 36.86
N SER D 47 12.22 3.01 36.59
CA SER D 47 10.90 2.90 35.96
C SER D 47 9.79 3.59 36.77
N GLY D 48 9.75 3.32 38.09
CA GLY D 48 8.79 3.91 39.02
C GLY D 48 8.83 5.43 39.09
N LEU D 49 10.05 5.99 39.23
CA LEU D 49 10.28 7.43 39.30
C LEU D 49 9.76 8.05 38.00
N LEU D 50 10.12 7.45 36.87
CA LEU D 50 9.75 7.89 35.53
C LEU D 50 8.24 7.76 35.22
N LYS D 51 7.58 6.68 35.71
CA LYS D 51 6.11 6.52 35.59
C LYS D 51 5.41 7.64 36.39
N TYR D 52 5.98 7.98 37.55
CA TYR D 52 5.43 9.02 38.40
C TYR D 52 5.49 10.37 37.70
N CYS D 53 6.67 10.69 37.14
CA CYS D 53 6.92 11.96 36.48
C CYS D 53 6.11 12.15 35.23
N ILE D 54 5.97 11.10 34.38
CA ILE D 54 5.08 11.08 33.20
C ILE D 54 3.62 11.43 33.60
N ARG D 55 3.05 10.68 34.59
CA ARG D 55 1.69 10.85 35.12
C ARG D 55 1.40 12.25 35.67
N HIS D 56 2.42 12.92 36.24
CA HIS D 56 2.30 14.23 36.89
C HIS D 56 2.80 15.42 36.04
N LYS D 57 3.17 15.12 34.80
CA LYS D 57 3.61 16.07 33.79
C LYS D 57 4.88 16.82 34.11
N HIS D 58 5.84 16.10 34.74
CA HIS D 58 7.17 16.65 34.99
C HIS D 58 7.99 16.25 33.76
N TRP D 59 7.73 16.96 32.64
CA TRP D 59 8.27 16.71 31.31
C TRP D 59 9.67 17.12 31.04
N SER D 60 10.20 18.06 31.80
CA SER D 60 11.52 18.65 31.55
C SER D 60 12.73 17.76 31.76
N ILE D 61 12.58 16.72 32.58
CA ILE D 61 13.65 15.78 32.82
C ILE D 61 13.78 14.88 31.57
N PHE D 62 12.71 14.80 30.78
CA PHE D 62 12.58 14.01 29.54
C PHE D 62 13.08 14.82 28.36
N GLU D 63 13.39 16.11 28.60
CA GLU D 63 13.86 17.10 27.62
C GLU D 63 15.38 17.32 27.81
N THR D 64 16.04 16.52 28.68
CA THR D 64 17.49 16.56 28.93
C THR D 64 18.23 15.54 28.05
N ALA D 65 17.45 14.63 27.42
CA ALA D 65 17.96 13.57 26.54
C ALA D 65 17.45 13.85 25.16
N PHE D 66 18.23 13.45 24.13
CA PHE D 66 17.96 13.67 22.70
C PHE D 66 18.42 12.48 21.87
N MET D 67 17.63 12.14 20.85
CA MET D 67 17.84 11.01 19.97
C MET D 67 17.64 11.38 18.50
N THR D 68 18.49 10.83 17.62
CA THR D 68 18.38 10.96 16.17
C THR D 68 18.17 9.58 15.58
N LEU D 69 17.20 9.45 14.68
CA LEU D 69 16.84 8.20 14.03
C LEU D 69 16.78 8.43 12.52
N GLU D 70 17.35 7.52 11.72
CA GLU D 70 17.28 7.59 10.26
C GLU D 70 16.04 6.78 9.86
N LEU D 71 15.06 7.42 9.23
CA LEU D 71 13.88 6.69 8.83
C LEU D 71 13.88 6.43 7.35
N LYS D 72 13.55 5.18 6.97
CA LYS D 72 13.43 4.74 5.59
C LYS D 72 11.93 4.64 5.36
N THR D 73 11.38 5.56 4.54
CA THR D 73 9.94 5.62 4.30
C THR D 73 9.65 6.18 2.92
N SER D 74 8.36 6.43 2.61
CA SER D 74 7.87 7.04 1.38
C SER D 74 7.65 8.53 1.60
N ARG D 75 7.65 9.32 0.50
CA ARG D 75 7.45 10.77 0.54
C ARG D 75 6.11 11.14 1.13
N GLY D 76 5.12 10.27 0.91
CA GLY D 76 3.73 10.40 1.38
C GLY D 76 3.63 10.36 2.89
N ILE D 77 4.34 9.43 3.52
CA ILE D 77 4.45 9.30 4.97
C ILE D 77 5.33 10.44 5.51
N ALA D 78 6.52 10.71 4.89
CA ALA D 78 7.48 11.77 5.29
C ALA D 78 6.80 13.09 5.52
N ALA D 79 5.84 13.37 4.63
CA ALA D 79 4.97 14.53 4.61
C ALA D 79 4.17 14.60 5.93
N GLN D 80 3.67 13.44 6.46
CA GLN D 80 2.96 13.35 7.74
C GLN D 80 3.98 13.65 8.88
N VAL D 81 5.11 12.91 8.89
CA VAL D 81 6.21 12.96 9.87
C VAL D 81 6.74 14.38 10.07
N LEU D 82 6.96 15.12 8.99
CA LEU D 82 7.46 16.49 8.96
C LEU D 82 6.56 17.47 9.73
N ARG D 83 5.31 17.09 9.96
CA ARG D 83 4.30 17.87 10.69
C ARG D 83 4.50 17.86 12.20
N HIS D 84 5.35 16.93 12.70
CA HIS D 84 5.72 16.81 14.09
C HIS D 84 6.80 17.82 14.33
N ARG D 85 6.36 19.06 14.45
CA ARG D 85 7.17 20.27 14.54
C ARG D 85 8.13 20.47 15.71
N SER D 86 8.10 19.60 16.74
CA SER D 86 9.03 19.66 17.88
C SER D 86 10.33 18.93 17.48
N PHE D 87 10.25 18.16 16.38
CA PHE D 87 11.38 17.43 15.84
C PHE D 87 12.16 18.27 14.83
N HIS D 88 13.42 17.93 14.68
CA HIS D 88 14.33 18.52 13.73
C HIS D 88 14.56 17.42 12.70
N PHE D 89 14.67 17.83 11.43
CA PHE D 89 14.83 16.90 10.34
C PHE D 89 16.01 17.23 9.45
N GLN D 90 16.62 16.16 8.87
CA GLN D 90 17.72 16.22 7.92
C GLN D 90 17.42 15.33 6.73
N GLU D 91 17.31 15.96 5.57
CA GLU D 91 16.95 15.34 4.31
C GLU D 91 18.02 15.53 3.29
N PHE D 92 17.98 14.72 2.22
CA PHE D 92 18.83 14.82 1.04
C PHE D 92 18.55 16.12 0.35
N SER D 93 19.58 16.72 -0.28
CA SER D 93 19.43 17.99 -1.00
C SER D 93 18.46 17.81 -2.15
N GLN D 94 17.62 18.81 -2.35
CA GLN D 94 16.71 18.80 -3.48
C GLN D 94 17.50 19.03 -4.80
N ARG D 95 18.64 19.75 -4.70
CA ARG D 95 19.57 20.13 -5.76
C ARG D 95 20.67 19.08 -6.08
N TYR D 96 21.43 18.65 -5.03
CA TYR D 96 22.61 17.78 -5.15
C TYR D 96 22.41 16.30 -4.84
N ALA D 97 21.15 15.83 -4.90
CA ALA D 97 20.86 14.42 -4.66
C ALA D 97 19.96 13.85 -5.77
N SER D 98 20.19 12.58 -6.12
CA SER D 98 19.44 11.86 -7.15
C SER D 98 18.77 10.59 -6.59
N VAL D 99 17.48 10.39 -6.92
CA VAL D 99 16.70 9.23 -6.46
C VAL D 99 17.09 7.98 -7.25
N MET D 100 17.82 7.09 -6.57
CA MET D 100 18.31 5.86 -7.19
C MET D 100 17.22 4.78 -7.17
N GLU D 101 16.71 4.47 -5.94
CA GLU D 101 15.66 3.48 -5.68
C GLU D 101 14.33 3.79 -6.39
N THR D 102 13.89 2.86 -7.26
CA THR D 102 12.62 2.93 -8.00
C THR D 102 11.45 2.76 -7.02
N PRO D 103 10.46 3.69 -7.02
CA PRO D 103 9.34 3.58 -6.09
C PRO D 103 8.60 2.25 -6.19
N PRO D 104 8.31 1.62 -5.02
CA PRO D 104 7.63 0.31 -5.04
C PRO D 104 6.07 0.40 -4.92
N PRO D 105 5.30 -0.65 -5.28
CA PRO D 105 3.84 -0.54 -5.17
C PRO D 105 3.32 -0.55 -3.74
N HIS D 106 2.38 0.34 -3.44
CA HIS D 106 1.73 0.46 -2.13
C HIS D 106 0.47 -0.40 -2.10
N GLN D 107 0.14 -0.94 -0.91
CA GLN D 107 -1.04 -1.79 -0.72
C GLN D 107 -2.29 -0.93 -0.53
N ALA D 108 -3.33 -1.20 -1.33
CA ALA D 108 -4.59 -0.47 -1.27
C ALA D 108 -5.55 -1.07 -0.22
N ARG D 109 -6.47 -0.25 0.25
CA ARG D 109 -7.54 -0.58 1.20
C ARG D 109 -8.76 0.23 0.79
N PHE D 110 -9.92 -0.02 1.42
CA PHE D 110 -11.16 0.66 1.08
C PHE D 110 -11.61 1.67 2.13
N GLU D 125 -7.88 -9.53 -4.22
CA GLU D 125 -6.61 -10.03 -4.74
C GLU D 125 -6.45 -9.61 -6.21
N ASP D 126 -7.55 -9.67 -7.00
CA ASP D 126 -7.56 -9.31 -8.41
C ASP D 126 -7.57 -7.81 -8.57
N ASP D 127 -8.28 -7.10 -7.65
CA ASP D 127 -8.31 -5.64 -7.61
C ASP D 127 -6.98 -5.13 -7.05
N GLN D 128 -6.44 -5.85 -6.06
CA GLN D 128 -5.14 -5.57 -5.46
C GLN D 128 -4.03 -5.74 -6.53
N THR D 129 -4.09 -6.82 -7.32
CA THR D 129 -3.13 -7.06 -8.41
C THR D 129 -3.13 -5.88 -9.40
N TRP D 130 -4.33 -5.45 -9.85
CA TRP D 130 -4.53 -4.34 -10.78
C TRP D 130 -3.77 -3.12 -10.29
N TRP D 131 -3.97 -2.76 -9.01
CA TRP D 131 -3.34 -1.64 -8.33
C TRP D 131 -1.82 -1.72 -8.31
N ALA D 132 -1.26 -2.90 -8.00
CA ALA D 132 0.20 -3.08 -7.94
C ALA D 132 0.83 -2.93 -9.33
N THR D 133 0.23 -3.58 -10.35
CA THR D 133 0.62 -3.58 -11.76
C THR D 133 0.58 -2.16 -12.33
N GLU D 134 -0.52 -1.42 -12.06
CA GLU D 134 -0.73 -0.05 -12.52
C GLU D 134 0.24 0.91 -11.86
N GLN D 135 0.58 0.65 -10.58
CA GLN D 135 1.54 1.43 -9.83
C GLN D 135 2.90 1.26 -10.46
N GLU D 136 3.34 0.00 -10.69
CA GLU D 136 4.62 -0.38 -11.29
C GLU D 136 4.81 0.25 -12.67
N LYS D 137 3.71 0.30 -13.47
CA LYS D 137 3.69 0.88 -14.82
C LYS D 137 3.97 2.38 -14.75
N LEU D 138 3.12 3.11 -14.00
CA LEU D 138 3.19 4.54 -13.80
C LEU D 138 4.48 4.95 -13.13
N TYR D 139 4.95 4.15 -12.15
CA TYR D 139 6.19 4.46 -11.46
C TYR D 139 7.38 4.34 -12.37
N ALA D 140 7.51 3.23 -13.14
CA ALA D 140 8.63 3.06 -14.08
C ALA D 140 8.64 4.16 -15.12
N GLN D 141 7.44 4.53 -15.61
CA GLN D 141 7.24 5.59 -16.58
C GLN D 141 7.84 6.91 -16.08
N SER D 142 7.58 7.23 -14.79
CA SER D 142 8.11 8.43 -14.12
C SER D 142 9.63 8.37 -14.01
N MET D 143 10.21 7.17 -13.74
CA MET D 143 11.66 6.96 -13.62
C MET D 143 12.40 7.24 -14.93
N GLU D 144 11.99 6.61 -16.05
CA GLU D 144 12.56 6.81 -17.39
C GLU D 144 12.54 8.30 -17.78
N LEU D 145 11.41 8.99 -17.51
CA LEU D 145 11.24 10.43 -17.77
C LEU D 145 12.16 11.24 -16.84
N TYR D 146 12.30 10.82 -15.58
CA TYR D 146 13.16 11.50 -14.60
C TYR D 146 14.58 11.46 -15.16
N ASN D 147 15.09 10.22 -15.36
CA ASN D 147 16.41 9.90 -15.89
C ASN D 147 16.75 10.66 -17.20
N LYS D 148 15.78 10.73 -18.15
CA LYS D 148 15.91 11.44 -19.42
C LYS D 148 16.00 12.96 -19.21
N ALA D 149 15.24 13.52 -18.26
CA ALA D 149 15.31 14.97 -17.98
C ALA D 149 16.68 15.34 -17.41
N LEU D 150 17.25 14.47 -16.57
CA LEU D 150 18.59 14.64 -16.01
C LEU D 150 19.62 14.62 -17.16
N GLU D 151 19.55 13.58 -18.04
CA GLU D 151 20.37 13.42 -19.26
C GLU D 151 20.27 14.69 -20.11
N LYS D 152 19.03 15.18 -20.33
CA LYS D 152 18.74 16.41 -21.09
C LYS D 152 19.12 17.73 -20.37
N GLY D 153 19.82 17.62 -19.24
CA GLY D 153 20.33 18.75 -18.48
C GLY D 153 19.38 19.50 -17.54
N ILE D 154 18.18 18.91 -17.26
CA ILE D 154 17.19 19.51 -16.35
C ILE D 154 17.67 19.41 -14.90
N ALA D 155 17.58 20.53 -14.16
CA ALA D 155 17.97 20.66 -12.75
C ALA D 155 17.26 19.62 -11.87
N LYS D 156 18.05 18.96 -10.99
CA LYS D 156 17.57 17.93 -10.07
C LYS D 156 16.35 18.36 -9.23
N GLU D 157 16.25 19.69 -8.92
CA GLU D 157 15.16 20.32 -8.18
C GLU D 157 13.92 20.46 -9.03
N CYS D 158 14.11 20.58 -10.36
CA CYS D 158 13.01 20.73 -11.31
C CYS D 158 12.56 19.36 -11.81
N ALA D 159 13.49 18.39 -11.80
CA ALA D 159 13.27 17.02 -12.23
C ALA D 159 12.45 16.17 -11.21
N ARG D 160 12.50 16.53 -9.92
CA ARG D 160 11.81 15.83 -8.84
C ARG D 160 10.26 16.04 -8.84
N PHE D 161 9.75 17.02 -9.59
CA PHE D 161 8.31 17.28 -9.64
C PHE D 161 7.46 16.18 -10.26
N ILE D 162 8.05 15.35 -11.15
CA ILE D 162 7.37 14.21 -11.80
C ILE D 162 7.41 12.94 -10.92
N LEU D 163 8.25 12.97 -9.88
CA LEU D 163 8.41 11.86 -8.94
C LEU D 163 7.15 11.71 -8.08
N PRO D 164 6.68 10.47 -7.81
CA PRO D 164 5.44 10.32 -7.04
C PRO D 164 5.59 10.39 -5.50
N LEU D 165 4.45 10.32 -4.78
CA LEU D 165 4.44 10.33 -3.32
C LEU D 165 4.96 9.03 -2.69
N SER D 166 5.04 7.94 -3.49
CA SER D 166 5.56 6.61 -3.11
C SER D 166 7.10 6.57 -3.08
N THR D 167 7.77 7.61 -3.68
CA THR D 167 9.21 7.72 -3.77
C THR D 167 9.87 7.49 -2.42
N PRO D 168 10.76 6.47 -2.34
CA PRO D 168 11.44 6.18 -1.09
C PRO D 168 12.30 7.36 -0.65
N THR D 169 12.35 7.57 0.67
CA THR D 169 13.04 8.67 1.33
C THR D 169 13.72 8.24 2.61
N THR D 170 14.94 8.73 2.81
CA THR D 170 15.66 8.50 4.03
C THR D 170 15.80 9.83 4.74
N ILE D 171 15.38 9.91 6.02
CA ILE D 171 15.43 11.17 6.78
C ILE D 171 15.98 10.97 8.16
N TYR D 172 16.66 12.00 8.67
CA TYR D 172 17.09 11.97 10.06
C TYR D 172 15.97 12.70 10.84
N MET D 173 15.41 12.02 11.85
CA MET D 173 14.40 12.59 12.74
C MET D 173 15.08 12.72 14.11
N SER D 174 15.26 13.98 14.57
CA SER D 174 15.97 14.29 15.82
C SER D 174 15.06 15.00 16.82
N GLY D 175 14.96 14.45 18.04
CA GLY D 175 14.09 15.00 19.08
C GLY D 175 14.35 14.56 20.51
N THR D 176 13.87 15.38 21.49
CA THR D 176 14.01 15.10 22.92
C THR D 176 13.21 13.87 23.22
N ILE D 177 13.54 13.15 24.30
CA ILE D 177 12.85 11.91 24.65
C ILE D 177 11.34 12.11 24.90
N ARG D 178 10.95 13.26 25.51
CA ARG D 178 9.53 13.60 25.71
C ARG D 178 8.78 13.50 24.37
N ASP D 179 9.31 14.21 23.35
CA ASP D 179 8.81 14.30 21.98
C ASP D 179 8.66 12.96 21.33
N TRP D 180 9.64 12.06 21.53
CA TRP D 180 9.62 10.69 21.01
C TRP D 180 8.53 9.81 21.61
N ILE D 181 8.30 9.91 22.95
CA ILE D 181 7.24 9.23 23.72
C ILE D 181 5.87 9.50 23.07
N HIS D 182 5.57 10.79 22.80
CA HIS D 182 4.30 11.18 22.22
C HIS D 182 4.13 10.85 20.77
N TYR D 183 5.23 10.88 20.00
CA TYR D 183 5.21 10.51 18.59
C TYR D 183 4.96 8.99 18.49
N ILE D 184 5.65 8.20 19.31
CA ILE D 184 5.46 6.77 19.25
C ILE D 184 4.04 6.43 19.66
N GLU D 185 3.55 7.01 20.76
CA GLU D 185 2.20 6.76 21.21
C GLU D 185 1.16 7.15 20.15
N LEU D 186 1.23 8.35 19.59
CA LEU D 186 0.27 8.77 18.56
C LEU D 186 0.33 7.90 17.30
N ARG D 187 1.52 7.68 16.76
CA ARG D 187 1.67 6.91 15.53
C ARG D 187 1.53 5.38 15.62
N THR D 188 1.34 4.83 16.82
CA THR D 188 1.15 3.39 17.04
C THR D 188 -0.30 3.18 17.49
N SER D 189 -1.02 4.29 17.67
CA SER D 189 -2.42 4.28 18.08
C SER D 189 -3.38 3.98 16.90
N ASN D 190 -4.45 3.22 17.19
CA ASN D 190 -5.55 2.76 16.35
C ASN D 190 -5.99 3.80 15.32
N GLY D 191 -6.11 3.38 14.06
CA GLY D 191 -6.57 4.29 13.03
C GLY D 191 -5.49 4.86 12.13
N THR D 192 -4.34 5.19 12.71
CA THR D 192 -3.14 5.67 12.03
C THR D 192 -2.88 4.89 10.71
N GLN D 193 -2.47 5.59 9.62
CA GLN D 193 -2.15 4.90 8.36
C GLN D 193 -1.12 3.78 8.59
N ARG D 194 -1.36 2.55 8.02
CA ARG D 194 -0.52 1.35 8.17
C ARG D 194 0.99 1.57 7.99
N GLU D 195 1.40 2.18 6.87
CA GLU D 195 2.83 2.45 6.55
C GLU D 195 3.46 3.38 7.60
N HIS D 196 2.61 4.23 8.26
CA HIS D 196 3.03 5.09 9.37
C HIS D 196 3.17 4.32 10.70
N ILE D 197 2.23 3.41 11.01
CA ILE D 197 2.30 2.60 12.22
C ILE D 197 3.59 1.82 12.20
N ASP D 198 3.90 1.14 11.06
CA ASP D 198 5.08 0.31 10.81
C ASP D 198 6.40 1.02 11.09
N LEU D 199 6.46 2.29 10.62
CA LEU D 199 7.53 3.25 10.78
C LEU D 199 7.62 3.65 12.26
N ALA D 200 6.45 3.91 12.89
CA ALA D 200 6.37 4.32 14.30
C ALA D 200 6.76 3.19 15.20
N ASN D 201 6.50 1.96 14.76
CA ASN D 201 6.86 0.71 15.45
C ASN D 201 8.37 0.48 15.35
N ALA D 202 8.99 0.70 14.18
CA ALA D 202 10.44 0.56 13.99
C ALA D 202 11.20 1.57 14.88
N CYS D 203 10.57 2.71 15.20
CA CYS D 203 11.08 3.70 16.15
C CYS D 203 10.85 3.15 17.57
N LYS D 204 9.65 2.56 17.83
CA LYS D 204 9.29 2.03 19.16
C LYS D 204 10.31 1.01 19.62
N GLU D 205 10.72 0.11 18.71
CA GLU D 205 11.73 -0.92 18.90
C GLU D 205 13.06 -0.34 19.38
N ILE D 206 13.59 0.70 18.71
CA ILE D 206 14.83 1.39 19.11
C ILE D 206 14.63 2.07 20.47
N PHE D 207 13.50 2.77 20.62
CA PHE D 207 13.21 3.50 21.85
C PHE D 207 13.29 2.60 23.05
N ILE D 208 12.61 1.44 22.99
CA ILE D 208 12.60 0.44 24.07
C ILE D 208 14.04 0.02 24.43
N LYS D 209 14.91 -0.22 23.42
CA LYS D 209 16.29 -0.66 23.64
C LYS D 209 17.10 0.38 24.40
N GLU D 210 17.00 1.64 23.99
CA GLU D 210 17.73 2.73 24.63
C GLU D 210 17.12 3.14 25.94
N PHE D 211 15.78 3.08 26.04
CA PHE D 211 15.06 3.49 27.25
C PHE D 211 14.17 2.38 27.82
N PRO D 212 14.78 1.33 28.42
CA PRO D 212 13.97 0.21 28.94
C PRO D 212 13.06 0.52 30.11
N SER D 213 13.50 1.40 31.02
CA SER D 213 12.70 1.73 32.19
C SER D 213 11.61 2.75 31.86
N ILE D 214 11.71 3.43 30.71
CA ILE D 214 10.65 4.33 30.25
C ILE D 214 9.65 3.45 29.57
N ALA D 215 10.15 2.51 28.72
CA ALA D 215 9.34 1.51 28.04
C ALA D 215 8.53 0.73 29.08
N LYS D 216 9.15 0.34 30.23
CA LYS D 216 8.51 -0.36 31.37
C LYS D 216 7.39 0.50 32.02
N ALA D 217 7.61 1.80 32.15
CA ALA D 217 6.67 2.76 32.75
C ALA D 217 5.46 3.04 31.85
N LEU D 218 5.65 2.88 30.54
CA LEU D 218 4.67 3.11 29.49
C LEU D 218 4.09 1.80 29.01
N ASP D 219 4.63 0.68 29.51
CA ASP D 219 4.21 -0.68 29.18
C ASP D 219 4.43 -1.10 27.71
N TRP D 220 5.59 -0.71 27.16
CA TRP D 220 6.05 -1.04 25.81
C TRP D 220 7.08 -2.18 25.95
N VAL D 221 6.97 -3.23 25.11
CA VAL D 221 7.83 -4.42 25.12
C VAL D 221 8.04 -4.98 23.70
N ALA E 2 -36.36 -40.14 -44.20
CA ALA E 2 -35.17 -40.26 -43.36
C ALA E 2 -35.28 -39.39 -42.12
N SER E 3 -34.83 -39.92 -40.97
CA SER E 3 -34.87 -39.13 -39.74
C SER E 3 -33.74 -38.09 -39.71
N MET E 4 -33.95 -36.98 -38.99
CA MET E 4 -32.93 -35.92 -38.90
C MET E 4 -32.34 -35.91 -37.50
N THR E 5 -31.01 -36.02 -37.39
CA THR E 5 -30.36 -36.17 -36.09
C THR E 5 -29.52 -35.02 -35.41
N GLY E 6 -29.05 -33.96 -36.08
CA GLY E 6 -29.19 -33.60 -37.49
C GLY E 6 -29.52 -32.14 -37.69
N SER E 7 -29.35 -31.29 -36.66
CA SER E 7 -29.69 -29.87 -36.74
C SER E 7 -28.53 -28.91 -36.45
N ALA E 8 -28.54 -27.77 -37.19
CA ALA E 8 -27.61 -26.67 -37.04
C ALA E 8 -28.20 -25.32 -37.53
N LYS E 9 -27.93 -24.23 -36.79
CA LYS E 9 -28.34 -22.86 -37.11
C LYS E 9 -27.10 -21.97 -37.15
N LEU E 10 -27.15 -20.87 -37.94
CA LEU E 10 -26.07 -19.87 -37.98
C LEU E 10 -26.23 -18.90 -36.80
N ILE E 11 -25.14 -18.64 -36.07
CA ILE E 11 -25.19 -17.74 -34.90
C ILE E 11 -24.46 -16.42 -35.20
N SER E 12 -23.25 -16.54 -35.73
CA SER E 12 -22.39 -15.42 -36.11
C SER E 12 -21.32 -15.82 -37.11
N VAL E 13 -20.95 -14.87 -37.94
CA VAL E 13 -19.90 -14.96 -38.93
C VAL E 13 -19.21 -13.61 -38.89
N THR E 14 -17.93 -13.60 -39.24
CA THR E 14 -17.04 -12.45 -39.37
C THR E 14 -17.67 -11.44 -40.36
N LYS E 15 -17.53 -10.13 -40.08
CA LYS E 15 -18.05 -9.07 -40.93
C LYS E 15 -16.99 -7.93 -41.12
N PRO E 16 -16.37 -7.81 -42.33
CA PRO E 16 -15.36 -6.75 -42.54
C PRO E 16 -15.95 -5.35 -42.59
N VAL E 17 -15.17 -4.36 -42.12
CA VAL E 17 -15.48 -2.90 -42.09
C VAL E 17 -14.63 -2.15 -43.14
N VAL E 18 -13.92 -2.90 -44.00
CA VAL E 18 -13.06 -2.36 -45.06
C VAL E 18 -13.95 -1.87 -46.20
N GLU E 19 -13.63 -0.67 -46.75
CA GLU E 19 -14.34 -0.04 -47.87
C GLU E 19 -14.28 -0.95 -49.11
N GLY E 20 -15.47 -1.32 -49.60
CA GLY E 20 -15.63 -2.19 -50.76
C GLY E 20 -15.89 -3.66 -50.45
N VAL E 21 -15.32 -4.16 -49.34
CA VAL E 21 -15.44 -5.54 -48.89
C VAL E 21 -16.63 -5.62 -47.91
N ASN E 22 -17.60 -6.50 -48.20
CA ASN E 22 -18.83 -6.63 -47.37
C ASN E 22 -19.04 -7.95 -46.66
N THR E 23 -18.60 -9.06 -47.26
CA THR E 23 -18.76 -10.39 -46.67
C THR E 23 -17.40 -11.01 -46.30
N ALA E 24 -17.41 -11.95 -45.31
CA ALA E 24 -16.22 -12.71 -44.90
C ALA E 24 -15.54 -13.32 -46.13
N GLU E 25 -16.33 -13.88 -47.07
CA GLU E 25 -15.81 -14.48 -48.30
C GLU E 25 -15.08 -13.47 -49.17
N GLU E 26 -15.63 -12.25 -49.28
CA GLU E 26 -14.95 -11.18 -50.03
C GLU E 26 -13.64 -10.85 -49.34
N LEU E 27 -13.59 -10.91 -47.98
CA LEU E 27 -12.35 -10.67 -47.23
C LEU E 27 -11.31 -11.72 -47.54
N ILE E 28 -11.72 -12.99 -47.59
CA ILE E 28 -10.79 -14.06 -47.91
C ILE E 28 -10.20 -13.76 -49.30
N ALA E 29 -11.08 -13.42 -50.28
CA ALA E 29 -10.72 -13.03 -51.65
C ALA E 29 -9.81 -11.81 -51.64
N TYR E 30 -10.11 -10.80 -50.77
CA TYR E 30 -9.34 -9.58 -50.58
C TYR E 30 -7.98 -9.86 -49.96
N ALA E 31 -7.92 -10.61 -48.82
CA ALA E 31 -6.67 -10.99 -48.13
C ALA E 31 -5.73 -11.69 -49.10
N ALA E 32 -6.28 -12.58 -49.94
CA ALA E 32 -5.54 -13.27 -50.98
C ALA E 32 -5.02 -12.27 -52.03
N ARG E 33 -5.90 -11.33 -52.48
CA ARG E 33 -5.57 -10.32 -53.50
CA ARG E 33 -5.52 -10.35 -53.49
C ARG E 33 -4.49 -9.31 -53.05
N VAL E 34 -4.67 -8.67 -51.86
CA VAL E 34 -3.71 -7.67 -51.35
C VAL E 34 -2.32 -8.23 -51.02
N SER E 35 -2.27 -9.38 -50.33
CA SER E 35 -1.06 -10.08 -49.90
C SER E 35 -0.16 -10.43 -51.11
N ASN E 36 -0.77 -10.85 -52.24
CA ASN E 36 -0.08 -11.22 -53.47
C ASN E 36 -0.48 -10.20 -54.57
N PRO E 37 0.12 -8.97 -54.62
CA PRO E 37 -0.33 -8.00 -55.64
C PRO E 37 0.14 -8.26 -57.08
N GLU E 38 1.42 -8.67 -57.25
CA GLU E 38 2.01 -8.96 -58.58
C GLU E 38 1.85 -10.44 -59.00
N ASN E 39 0.69 -11.03 -58.66
CA ASN E 39 0.36 -12.42 -59.00
C ASN E 39 -0.68 -12.45 -60.11
N GLN E 40 -0.41 -13.26 -61.17
CA GLN E 40 -1.28 -13.44 -62.35
C GLN E 40 -2.63 -14.04 -61.96
N ILE E 41 -2.66 -14.80 -60.86
CA ILE E 41 -3.80 -15.49 -60.28
C ILE E 41 -4.94 -14.58 -59.74
N ASN E 42 -4.66 -13.27 -59.49
CA ASN E 42 -5.64 -12.29 -58.99
C ASN E 42 -6.74 -11.99 -60.01
N ASN E 43 -6.42 -12.16 -61.31
CA ASN E 43 -7.31 -11.92 -62.45
C ASN E 43 -8.39 -13.02 -62.62
N LYS E 44 -8.16 -14.21 -62.00
CA LYS E 44 -9.06 -15.37 -62.04
C LYS E 44 -10.34 -15.12 -61.27
N THR E 45 -11.40 -15.92 -61.53
CA THR E 45 -12.69 -15.83 -60.84
C THR E 45 -12.52 -16.11 -59.34
N ALA E 46 -13.43 -15.57 -58.52
CA ALA E 46 -13.40 -15.75 -57.07
C ALA E 46 -13.20 -17.22 -56.67
N SER E 47 -14.04 -18.14 -57.20
CA SER E 47 -13.96 -19.58 -56.95
C SER E 47 -12.60 -20.13 -57.39
N GLY E 48 -12.11 -19.63 -58.52
CA GLY E 48 -10.82 -20.02 -59.09
C GLY E 48 -9.64 -19.68 -58.23
N LEU E 49 -9.57 -18.44 -57.73
CA LEU E 49 -8.50 -17.98 -56.86
C LEU E 49 -8.47 -18.85 -55.59
N LEU E 50 -9.63 -18.95 -54.90
CA LEU E 50 -9.79 -19.72 -53.67
C LEU E 50 -9.47 -21.20 -53.83
N LYS E 51 -9.80 -21.80 -55.01
CA LYS E 51 -9.48 -23.21 -55.31
C LYS E 51 -7.98 -23.35 -55.40
N TYR E 52 -7.33 -22.41 -56.12
CA TYR E 52 -5.88 -22.36 -56.33
C TYR E 52 -5.18 -22.28 -54.97
N CYS E 53 -5.59 -21.32 -54.09
CA CYS E 53 -5.02 -21.19 -52.75
C CYS E 53 -5.10 -22.51 -51.97
N ILE E 54 -6.33 -23.09 -51.85
CA ILE E 54 -6.59 -24.39 -51.20
C ILE E 54 -5.58 -25.44 -51.70
N ARG E 55 -5.45 -25.58 -53.04
CA ARG E 55 -4.59 -26.55 -53.72
C ARG E 55 -3.12 -26.39 -53.36
N HIS E 56 -2.66 -25.13 -53.29
CA HIS E 56 -1.25 -24.79 -52.99
C HIS E 56 -0.95 -24.66 -51.47
N LYS E 57 -2.01 -24.73 -50.63
CA LYS E 57 -2.00 -24.68 -49.17
C LYS E 57 -1.75 -23.29 -48.53
N HIS E 58 -2.30 -22.22 -49.15
CA HIS E 58 -2.26 -20.87 -48.61
C HIS E 58 -3.52 -20.76 -47.73
N TRP E 59 -3.45 -21.41 -46.57
CA TRP E 59 -4.53 -21.55 -45.59
C TRP E 59 -4.96 -20.34 -44.81
N SER E 60 -4.00 -19.48 -44.44
CA SER E 60 -4.17 -18.28 -43.63
C SER E 60 -5.21 -17.30 -44.11
N ILE E 61 -5.53 -17.28 -45.42
CA ILE E 61 -6.58 -16.38 -45.93
C ILE E 61 -7.97 -16.83 -45.43
N PHE E 62 -8.15 -18.18 -45.33
CA PHE E 62 -9.31 -18.90 -44.84
C PHE E 62 -9.37 -18.87 -43.28
N GLU E 63 -8.34 -18.25 -42.62
CA GLU E 63 -8.24 -18.05 -41.17
C GLU E 63 -8.44 -16.57 -40.79
N THR E 64 -8.77 -15.70 -41.79
CA THR E 64 -9.11 -14.29 -41.56
C THR E 64 -10.62 -14.18 -41.19
N ALA E 65 -11.41 -15.25 -41.50
CA ALA E 65 -12.84 -15.39 -41.26
C ALA E 65 -13.15 -16.43 -40.14
N PHE E 66 -14.29 -16.31 -39.47
CA PHE E 66 -14.64 -17.15 -38.31
C PHE E 66 -16.14 -17.30 -38.22
N MET E 67 -16.62 -18.48 -37.87
CA MET E 67 -18.05 -18.71 -37.84
C MET E 67 -18.47 -19.57 -36.64
N THR E 68 -19.57 -19.14 -35.96
CA THR E 68 -20.22 -19.85 -34.84
C THR E 68 -21.52 -20.43 -35.39
N LEU E 69 -21.84 -21.66 -34.97
CA LEU E 69 -23.00 -22.44 -35.37
C LEU E 69 -23.66 -23.13 -34.15
N GLU E 70 -24.99 -23.02 -34.01
CA GLU E 70 -25.67 -23.70 -32.92
C GLU E 70 -26.07 -25.08 -33.44
N LEU E 71 -25.48 -26.11 -32.85
CA LEU E 71 -25.73 -27.49 -33.21
C LEU E 71 -26.67 -28.11 -32.21
N LYS E 72 -27.54 -28.98 -32.71
CA LYS E 72 -28.49 -29.74 -31.91
C LYS E 72 -28.22 -31.22 -32.22
N THR E 73 -27.65 -31.94 -31.22
CA THR E 73 -27.31 -33.35 -31.31
C THR E 73 -27.43 -34.03 -29.92
N SER E 74 -26.75 -35.17 -29.72
CA SER E 74 -26.75 -35.91 -28.47
C SER E 74 -25.35 -35.87 -27.84
N ARG E 75 -25.25 -36.11 -26.55
CA ARG E 75 -23.97 -36.15 -25.84
C ARG E 75 -22.96 -37.13 -26.46
N GLY E 76 -23.46 -38.30 -26.90
CA GLY E 76 -22.71 -39.37 -27.55
C GLY E 76 -21.95 -38.87 -28.76
N ILE E 77 -22.68 -38.15 -29.64
CA ILE E 77 -22.11 -37.54 -30.84
C ILE E 77 -21.25 -36.35 -30.46
N ALA E 78 -21.75 -35.48 -29.53
CA ALA E 78 -21.08 -34.27 -29.04
C ALA E 78 -19.67 -34.52 -28.52
N ALA E 79 -19.32 -35.81 -28.32
CA ALA E 79 -18.03 -36.30 -27.86
C ALA E 79 -17.02 -36.24 -28.99
N GLN E 80 -17.39 -36.74 -30.19
CA GLN E 80 -16.54 -36.70 -31.38
C GLN E 80 -16.29 -35.23 -31.81
N VAL E 81 -17.35 -34.40 -31.86
CA VAL E 81 -17.29 -32.97 -32.22
C VAL E 81 -16.22 -32.25 -31.33
N LEU E 82 -16.39 -32.35 -30.02
CA LEU E 82 -15.52 -31.77 -29.00
C LEU E 82 -14.05 -32.14 -29.19
N ARG E 83 -13.79 -33.22 -29.92
CA ARG E 83 -12.43 -33.69 -30.19
C ARG E 83 -11.72 -32.95 -31.33
N HIS E 84 -12.44 -32.05 -32.02
CA HIS E 84 -11.94 -31.20 -33.09
C HIS E 84 -11.40 -29.97 -32.42
N ARG E 85 -10.24 -30.10 -31.78
CA ARG E 85 -9.60 -29.08 -30.95
C ARG E 85 -9.35 -27.69 -31.50
N SER E 86 -9.32 -27.51 -32.84
CA SER E 86 -9.10 -26.16 -33.39
C SER E 86 -10.33 -25.29 -33.08
N PHE E 87 -11.50 -25.92 -32.92
CA PHE E 87 -12.75 -25.26 -32.61
C PHE E 87 -12.91 -24.88 -31.15
N HIS E 88 -13.70 -23.83 -30.93
CA HIS E 88 -14.09 -23.36 -29.61
C HIS E 88 -15.57 -23.70 -29.45
N PHE E 89 -15.92 -24.19 -28.26
CA PHE E 89 -17.26 -24.60 -27.92
C PHE E 89 -17.90 -23.86 -26.76
N GLN E 90 -19.21 -23.78 -26.81
CA GLN E 90 -19.99 -23.23 -25.73
C GLN E 90 -21.17 -24.19 -25.51
N GLU E 91 -21.29 -24.71 -24.29
CA GLU E 91 -22.30 -25.66 -23.86
C GLU E 91 -22.98 -25.13 -22.61
N PHE E 92 -24.16 -25.70 -22.26
CA PHE E 92 -24.94 -25.34 -21.08
C PHE E 92 -24.23 -25.74 -19.81
N SER E 93 -24.31 -24.85 -18.81
CA SER E 93 -23.80 -25.10 -17.47
C SER E 93 -24.26 -26.44 -16.99
N GLN E 94 -23.31 -27.18 -16.42
CA GLN E 94 -23.55 -28.48 -15.82
C GLN E 94 -24.28 -28.28 -14.46
N ARG E 95 -24.16 -27.04 -13.89
CA ARG E 95 -24.71 -26.56 -12.61
C ARG E 95 -26.07 -25.84 -12.74
N TYR E 96 -26.20 -24.91 -13.72
CA TYR E 96 -27.34 -24.01 -13.93
C TYR E 96 -28.21 -24.30 -15.13
N ALA E 97 -28.21 -25.55 -15.61
CA ALA E 97 -29.07 -25.93 -16.72
C ALA E 97 -29.57 -27.32 -16.51
N SER E 98 -30.88 -27.49 -16.58
CA SER E 98 -31.50 -28.81 -16.41
C SER E 98 -31.94 -29.39 -17.76
N VAL E 99 -32.12 -30.72 -17.82
CA VAL E 99 -32.51 -31.40 -19.05
C VAL E 99 -34.02 -31.42 -19.25
N MET E 100 -34.46 -30.57 -20.16
CA MET E 100 -35.85 -30.37 -20.52
C MET E 100 -36.30 -31.47 -21.50
N GLU E 101 -35.52 -31.69 -22.58
CA GLU E 101 -35.83 -32.65 -23.63
C GLU E 101 -35.62 -34.09 -23.19
N THR E 102 -36.67 -34.93 -23.34
CA THR E 102 -36.57 -36.37 -23.02
C THR E 102 -35.85 -37.09 -24.18
N PRO E 103 -34.81 -37.92 -23.87
CA PRO E 103 -34.03 -38.55 -24.95
C PRO E 103 -34.86 -39.33 -25.97
N PRO E 104 -34.56 -39.18 -27.27
CA PRO E 104 -35.31 -39.95 -28.29
C PRO E 104 -34.67 -41.33 -28.53
N PRO E 105 -35.41 -42.36 -28.99
CA PRO E 105 -34.72 -43.63 -29.29
C PRO E 105 -33.85 -43.48 -30.56
N HIS E 106 -32.64 -44.05 -30.52
CA HIS E 106 -31.72 -44.00 -31.66
C HIS E 106 -31.88 -45.23 -32.57
N GLN E 107 -31.57 -45.09 -33.88
CA GLN E 107 -31.67 -46.22 -34.82
C GLN E 107 -30.45 -47.09 -34.71
N ALA E 108 -30.67 -48.41 -34.84
CA ALA E 108 -29.63 -49.45 -34.81
C ALA E 108 -29.07 -49.76 -36.22
N ARG E 109 -27.81 -50.25 -36.26
CA ARG E 109 -27.06 -50.66 -37.45
C ARG E 109 -26.09 -51.82 -37.14
N GLU E 125 -35.36 -55.36 -38.07
CA GLU E 125 -36.81 -55.45 -38.24
C GLU E 125 -37.57 -55.40 -36.89
N ASP E 126 -38.00 -56.57 -36.34
CA ASP E 126 -38.66 -56.66 -35.04
C ASP E 126 -37.61 -56.40 -33.94
N ASP E 127 -36.31 -56.58 -34.31
CA ASP E 127 -35.14 -56.28 -33.45
C ASP E 127 -35.05 -54.76 -33.27
N GLN E 128 -35.31 -53.99 -34.37
CA GLN E 128 -35.31 -52.52 -34.37
C GLN E 128 -36.47 -51.94 -33.52
N THR E 129 -37.66 -52.58 -33.59
CA THR E 129 -38.86 -52.21 -32.83
C THR E 129 -38.60 -52.42 -31.32
N TRP E 130 -37.85 -53.51 -30.98
CA TRP E 130 -37.43 -53.86 -29.62
C TRP E 130 -36.47 -52.81 -29.09
N TRP E 131 -35.49 -52.42 -29.92
CA TRP E 131 -34.45 -51.45 -29.59
C TRP E 131 -35.03 -50.11 -29.23
N ALA E 132 -36.00 -49.62 -30.02
CA ALA E 132 -36.70 -48.37 -29.82
C ALA E 132 -37.49 -48.37 -28.50
N THR E 133 -38.30 -49.42 -28.30
CA THR E 133 -39.18 -49.67 -27.15
C THR E 133 -38.41 -49.84 -25.84
N GLU E 134 -37.22 -50.48 -25.91
CA GLU E 134 -36.36 -50.69 -24.74
C GLU E 134 -35.70 -49.37 -24.34
N GLN E 135 -35.30 -48.56 -25.34
CA GLN E 135 -34.68 -47.26 -25.13
C GLN E 135 -35.69 -46.35 -24.47
N GLU E 136 -36.85 -46.15 -25.12
CA GLU E 136 -37.99 -45.34 -24.66
C GLU E 136 -38.32 -45.58 -23.17
N LYS E 137 -38.33 -46.87 -22.76
CA LYS E 137 -38.59 -47.38 -21.42
C LYS E 137 -37.54 -46.85 -20.43
N LEU E 138 -36.26 -47.20 -20.66
CA LEU E 138 -35.11 -46.80 -19.86
C LEU E 138 -34.95 -45.27 -19.80
N TYR E 139 -35.21 -44.57 -20.93
CA TYR E 139 -35.06 -43.10 -21.00
C TYR E 139 -36.01 -42.40 -20.07
N ALA E 140 -37.28 -42.88 -20.04
CA ALA E 140 -38.34 -42.41 -19.16
C ALA E 140 -37.98 -42.69 -17.70
N GLN E 141 -37.40 -43.88 -17.41
CA GLN E 141 -36.95 -44.30 -16.08
C GLN E 141 -35.89 -43.33 -15.53
N SER E 142 -34.87 -43.01 -16.36
CA SER E 142 -33.77 -42.09 -16.03
C SER E 142 -34.33 -40.71 -15.74
N MET E 143 -35.11 -40.14 -16.70
CA MET E 143 -35.78 -38.85 -16.59
C MET E 143 -36.67 -38.73 -15.33
N GLU E 144 -37.33 -39.82 -14.93
CA GLU E 144 -38.16 -39.88 -13.72
C GLU E 144 -37.28 -39.78 -12.46
N LEU E 145 -36.11 -40.45 -12.49
CA LEU E 145 -35.18 -40.44 -11.38
C LEU E 145 -34.38 -39.11 -11.33
N TYR E 146 -34.10 -38.54 -12.51
CA TYR E 146 -33.39 -37.26 -12.66
C TYR E 146 -34.25 -36.17 -12.05
N ASN E 147 -35.57 -36.21 -12.32
CA ASN E 147 -36.55 -35.29 -11.77
C ASN E 147 -36.87 -35.58 -10.29
N LYS E 148 -36.75 -36.85 -9.84
CA LYS E 148 -36.97 -37.24 -8.44
C LYS E 148 -35.85 -36.62 -7.60
N ALA E 149 -34.58 -36.80 -8.08
CA ALA E 149 -33.34 -36.28 -7.50
C ALA E 149 -33.37 -34.76 -7.37
N LEU E 150 -33.84 -34.07 -8.43
CA LEU E 150 -33.90 -32.61 -8.45
C LEU E 150 -34.86 -32.02 -7.44
N GLU E 151 -36.12 -32.54 -7.37
CA GLU E 151 -37.16 -32.12 -6.40
C GLU E 151 -36.77 -32.40 -4.94
N LYS E 152 -35.88 -33.40 -4.71
CA LYS E 152 -35.32 -33.72 -3.38
C LYS E 152 -34.24 -32.68 -3.03
N GLY E 153 -33.66 -32.06 -4.05
CA GLY E 153 -32.66 -31.02 -3.87
C GLY E 153 -31.30 -31.29 -4.45
N ILE E 154 -31.00 -32.58 -4.83
CA ILE E 154 -29.74 -33.07 -5.45
C ILE E 154 -29.29 -32.10 -6.56
N ALA E 155 -28.05 -31.63 -6.46
CA ALA E 155 -27.45 -30.67 -7.39
C ALA E 155 -27.47 -31.21 -8.83
N LYS E 156 -27.82 -30.34 -9.78
CA LYS E 156 -27.94 -30.69 -11.21
C LYS E 156 -26.67 -31.40 -11.71
N GLU E 157 -25.49 -30.94 -11.26
CA GLU E 157 -24.17 -31.48 -11.64
C GLU E 157 -23.88 -32.93 -11.20
N CYS E 158 -24.71 -33.44 -10.29
CA CYS E 158 -24.64 -34.83 -9.79
C CYS E 158 -25.77 -35.59 -10.46
N ALA E 159 -26.92 -34.90 -10.62
CA ALA E 159 -28.13 -35.43 -11.24
C ALA E 159 -27.89 -35.86 -12.70
N ARG E 160 -27.06 -35.11 -13.45
CA ARG E 160 -26.69 -35.35 -14.87
C ARG E 160 -25.96 -36.70 -15.14
N PHE E 161 -25.41 -37.31 -14.09
CA PHE E 161 -24.62 -38.53 -14.20
C PHE E 161 -25.41 -39.76 -14.59
N ILE E 162 -26.74 -39.75 -14.34
CA ILE E 162 -27.65 -40.86 -14.64
C ILE E 162 -28.26 -40.71 -16.03
N LEU E 163 -27.91 -39.62 -16.70
CA LEU E 163 -28.38 -39.32 -18.03
C LEU E 163 -27.62 -40.09 -19.14
N PRO E 164 -28.36 -40.63 -20.16
CA PRO E 164 -27.70 -41.41 -21.22
C PRO E 164 -26.92 -40.55 -22.22
N LEU E 165 -26.17 -41.19 -23.11
CA LEU E 165 -25.41 -40.51 -24.16
C LEU E 165 -26.33 -39.97 -25.26
N SER E 166 -27.59 -40.42 -25.25
CA SER E 166 -28.64 -40.05 -26.20
C SER E 166 -29.36 -38.74 -25.77
N THR E 167 -28.98 -38.18 -24.59
CA THR E 167 -29.55 -36.96 -24.05
C THR E 167 -29.37 -35.82 -25.04
N PRO E 168 -30.47 -35.15 -25.47
CA PRO E 168 -30.33 -34.09 -26.47
C PRO E 168 -29.48 -32.94 -25.95
N THR E 169 -28.56 -32.49 -26.79
CA THR E 169 -27.67 -31.38 -26.44
C THR E 169 -27.60 -30.29 -27.50
N THR E 170 -27.61 -29.02 -27.08
CA THR E 170 -27.42 -27.90 -28.00
C THR E 170 -26.10 -27.21 -27.66
N ILE E 171 -25.21 -27.04 -28.66
CA ILE E 171 -23.89 -26.44 -28.42
C ILE E 171 -23.52 -25.41 -29.47
N TYR E 172 -22.63 -24.45 -29.11
CA TYR E 172 -22.08 -23.49 -30.05
C TYR E 172 -20.69 -23.97 -30.51
N MET E 173 -20.53 -24.20 -31.82
CA MET E 173 -19.25 -24.61 -32.41
C MET E 173 -18.70 -23.48 -33.25
N SER E 174 -17.51 -22.99 -32.86
CA SER E 174 -16.84 -21.86 -33.50
C SER E 174 -15.44 -22.21 -33.94
N GLY E 175 -15.12 -21.79 -35.16
CA GLY E 175 -13.84 -22.00 -35.79
C GLY E 175 -13.73 -21.15 -37.02
N THR E 176 -12.51 -21.13 -37.59
CA THR E 176 -12.23 -20.36 -38.81
C THR E 176 -12.74 -21.16 -39.97
N ILE E 177 -12.91 -20.50 -41.12
CA ILE E 177 -13.37 -21.11 -42.36
C ILE E 177 -12.49 -22.33 -42.76
N ARG E 178 -11.15 -22.24 -42.58
CA ARG E 178 -10.19 -23.34 -42.83
C ARG E 178 -10.59 -24.61 -42.06
N ASP E 179 -10.79 -24.46 -40.72
CA ASP E 179 -11.19 -25.53 -39.81
C ASP E 179 -12.57 -26.07 -40.21
N TRP E 180 -13.54 -25.18 -40.61
CA TRP E 180 -14.89 -25.61 -41.05
C TRP E 180 -14.83 -26.48 -42.30
N ILE E 181 -14.05 -26.04 -43.34
CA ILE E 181 -13.81 -26.79 -44.59
C ILE E 181 -13.46 -28.25 -44.23
N HIS E 182 -12.35 -28.46 -43.50
CA HIS E 182 -11.84 -29.78 -43.08
C HIS E 182 -12.74 -30.55 -42.12
N TYR E 183 -13.51 -29.85 -41.27
CA TYR E 183 -14.43 -30.56 -40.38
C TYR E 183 -15.55 -31.15 -41.25
N ILE E 184 -16.10 -30.32 -42.14
CA ILE E 184 -17.19 -30.75 -43.00
C ILE E 184 -16.75 -31.87 -43.93
N GLU E 185 -15.68 -31.63 -44.72
CA GLU E 185 -15.07 -32.58 -45.65
C GLU E 185 -14.91 -33.96 -45.00
N LEU E 186 -14.41 -34.04 -43.75
CA LEU E 186 -14.20 -35.28 -43.01
C LEU E 186 -15.47 -35.90 -42.49
N ARG E 187 -16.32 -35.14 -41.78
CA ARG E 187 -17.52 -35.75 -41.25
C ARG E 187 -18.71 -35.96 -42.22
N THR E 188 -18.53 -35.62 -43.53
CA THR E 188 -19.51 -35.85 -44.61
C THR E 188 -18.93 -36.95 -45.55
N SER E 189 -17.89 -37.67 -45.05
CA SER E 189 -17.17 -38.74 -45.73
C SER E 189 -17.72 -40.14 -45.41
N ASN E 190 -17.55 -41.09 -46.35
CA ASN E 190 -18.01 -42.46 -46.23
C ASN E 190 -17.44 -43.13 -44.98
N GLY E 191 -18.29 -43.85 -44.26
CA GLY E 191 -17.90 -44.57 -43.05
C GLY E 191 -18.19 -43.87 -41.74
N THR E 192 -18.50 -42.54 -41.78
CA THR E 192 -18.83 -41.72 -40.61
C THR E 192 -20.18 -42.16 -40.05
N GLN E 193 -20.34 -42.13 -38.71
CA GLN E 193 -21.58 -42.45 -37.99
C GLN E 193 -22.69 -41.57 -38.52
N ARG E 194 -23.85 -42.19 -38.89
CA ARG E 194 -24.99 -41.49 -39.45
C ARG E 194 -25.30 -40.19 -38.72
N GLU E 195 -25.51 -40.27 -37.37
CA GLU E 195 -25.83 -39.16 -36.45
C GLU E 195 -24.91 -37.94 -36.54
N HIS E 196 -23.70 -38.17 -37.10
CA HIS E 196 -22.67 -37.16 -37.33
C HIS E 196 -22.73 -36.62 -38.75
N ILE E 197 -23.11 -37.44 -39.73
CA ILE E 197 -23.24 -36.94 -41.10
C ILE E 197 -24.43 -35.97 -41.16
N ASP E 198 -25.56 -36.36 -40.56
CA ASP E 198 -26.76 -35.54 -40.48
C ASP E 198 -26.40 -34.15 -39.90
N LEU E 199 -25.47 -34.15 -38.92
CA LEU E 199 -24.93 -33.00 -38.22
C LEU E 199 -24.00 -32.17 -39.10
N ALA E 200 -22.94 -32.82 -39.65
CA ALA E 200 -21.97 -32.19 -40.55
C ALA E 200 -22.65 -31.67 -41.82
N ASN E 201 -23.50 -32.51 -42.49
CA ASN E 201 -24.27 -32.07 -43.65
C ASN E 201 -25.11 -30.79 -43.33
N ALA E 202 -25.71 -30.68 -42.10
CA ALA E 202 -26.45 -29.50 -41.61
C ALA E 202 -25.58 -28.22 -41.52
N CYS E 203 -24.27 -28.39 -41.26
CA CYS E 203 -23.24 -27.35 -41.21
C CYS E 203 -22.85 -26.99 -42.62
N LYS E 204 -22.66 -28.00 -43.51
CA LYS E 204 -22.32 -27.87 -44.95
C LYS E 204 -23.40 -27.00 -45.60
N GLU E 205 -24.70 -27.28 -45.27
CA GLU E 205 -25.89 -26.53 -45.72
C GLU E 205 -25.68 -25.02 -45.50
N ILE E 206 -25.43 -24.61 -44.22
CA ILE E 206 -25.16 -23.25 -43.74
C ILE E 206 -23.90 -22.67 -44.41
N PHE E 207 -22.83 -23.48 -44.49
CA PHE E 207 -21.52 -23.11 -45.06
C PHE E 207 -21.61 -22.64 -46.55
N ILE E 208 -22.37 -23.41 -47.38
CA ILE E 208 -22.56 -23.14 -48.80
C ILE E 208 -23.21 -21.77 -48.94
N LYS E 209 -24.22 -21.45 -48.12
CA LYS E 209 -24.92 -20.16 -48.17
C LYS E 209 -24.00 -18.98 -47.88
N GLU E 210 -23.28 -19.01 -46.76
CA GLU E 210 -22.40 -17.94 -46.35
C GLU E 210 -21.12 -17.86 -47.19
N PHE E 211 -20.70 -19.00 -47.80
CA PHE E 211 -19.49 -19.07 -48.63
C PHE E 211 -19.76 -19.72 -49.99
N PRO E 212 -20.49 -19.02 -50.89
CA PRO E 212 -20.83 -19.60 -52.22
C PRO E 212 -19.62 -19.96 -53.09
N SER E 213 -18.69 -19.01 -53.21
CA SER E 213 -17.47 -19.12 -53.99
C SER E 213 -16.55 -20.24 -53.50
N ILE E 214 -16.46 -20.43 -52.16
CA ILE E 214 -15.66 -21.49 -51.52
C ILE E 214 -16.32 -22.83 -51.82
N ALA E 215 -17.66 -22.94 -51.61
CA ALA E 215 -18.41 -24.16 -51.90
C ALA E 215 -18.19 -24.65 -53.35
N LYS E 216 -18.11 -23.70 -54.33
CA LYS E 216 -17.87 -24.00 -55.73
C LYS E 216 -16.46 -24.54 -55.95
N ALA E 217 -15.47 -23.96 -55.26
CA ALA E 217 -14.05 -24.31 -55.36
C ALA E 217 -13.76 -25.70 -54.79
N LEU E 218 -14.71 -26.22 -54.00
CA LEU E 218 -14.60 -27.51 -53.35
C LEU E 218 -15.53 -28.53 -54.00
N ASP E 219 -16.53 -28.01 -54.75
CA ASP E 219 -17.58 -28.74 -55.45
C ASP E 219 -18.58 -29.30 -54.45
N TRP E 220 -19.17 -28.39 -53.65
CA TRP E 220 -20.20 -28.70 -52.65
C TRP E 220 -21.48 -28.04 -53.17
N VAL E 221 -22.50 -28.85 -53.45
CA VAL E 221 -23.73 -28.32 -54.06
C VAL E 221 -24.98 -28.33 -53.19
N HIS E 222 -25.94 -27.42 -53.54
CA HIS E 222 -27.28 -27.08 -53.03
C HIS E 222 -27.37 -25.67 -52.42
N MET F 4 2.95 5.93 -31.90
CA MET F 4 3.66 6.57 -33.02
C MET F 4 4.48 5.55 -33.80
N THR F 5 5.20 4.70 -33.06
CA THR F 5 6.05 3.64 -33.59
C THR F 5 5.27 2.53 -34.36
N GLY F 6 4.05 2.25 -33.92
CA GLY F 6 3.17 1.25 -34.51
C GLY F 6 1.72 1.68 -34.51
N SER F 7 0.94 1.09 -35.40
CA SER F 7 -0.46 1.40 -35.54
C SER F 7 -1.27 0.18 -35.92
N ALA F 8 -2.53 0.21 -35.56
CA ALA F 8 -3.47 -0.85 -35.83
C ALA F 8 -4.79 -0.27 -36.37
N LYS F 9 -5.42 -1.01 -37.27
CA LYS F 9 -6.68 -0.63 -37.90
C LYS F 9 -7.62 -1.83 -37.78
N LEU F 10 -8.92 -1.59 -37.56
CA LEU F 10 -9.88 -2.68 -37.52
C LEU F 10 -10.20 -3.12 -38.98
N ILE F 11 -10.04 -4.43 -39.27
CA ILE F 11 -10.32 -5.00 -40.57
C ILE F 11 -11.69 -5.67 -40.52
N SER F 12 -11.85 -6.67 -39.60
CA SER F 12 -13.07 -7.45 -39.43
C SER F 12 -13.40 -7.81 -37.96
N VAL F 13 -14.67 -8.11 -37.68
CA VAL F 13 -15.15 -8.52 -36.36
C VAL F 13 -16.42 -9.39 -36.51
N THR F 14 -16.58 -10.40 -35.63
CA THR F 14 -17.76 -11.24 -35.71
C THR F 14 -19.04 -10.37 -35.61
N LYS F 15 -20.06 -10.76 -36.37
CA LYS F 15 -21.36 -10.08 -36.34
C LYS F 15 -22.44 -11.14 -36.04
N PRO F 16 -23.19 -11.05 -34.92
CA PRO F 16 -24.21 -12.09 -34.65
C PRO F 16 -25.49 -11.89 -35.47
N VAL F 17 -26.24 -13.00 -35.67
CA VAL F 17 -27.51 -13.03 -36.41
C VAL F 17 -28.70 -13.46 -35.51
N VAL F 18 -28.42 -13.67 -34.21
CA VAL F 18 -29.39 -14.03 -33.17
C VAL F 18 -30.30 -12.81 -32.90
N GLU F 19 -31.55 -13.09 -32.50
CA GLU F 19 -32.62 -12.14 -32.23
C GLU F 19 -32.37 -11.33 -30.94
N GLY F 20 -32.18 -10.02 -31.13
CA GLY F 20 -31.93 -9.10 -30.04
C GLY F 20 -30.45 -8.89 -29.80
N VAL F 21 -29.64 -9.75 -30.44
CA VAL F 21 -28.19 -9.74 -30.33
C VAL F 21 -27.62 -9.08 -31.60
N ASN F 22 -27.04 -7.88 -31.45
CA ASN F 22 -26.55 -7.06 -32.57
C ASN F 22 -25.04 -6.95 -32.75
N THR F 23 -24.27 -7.07 -31.66
CA THR F 23 -22.82 -6.91 -31.70
C THR F 23 -22.11 -8.14 -31.12
N ALA F 24 -20.82 -8.31 -31.46
CA ALA F 24 -19.93 -9.36 -30.97
C ALA F 24 -19.89 -9.42 -29.43
N GLU F 25 -19.93 -8.28 -28.80
CA GLU F 25 -19.93 -8.15 -27.33
C GLU F 25 -21.27 -8.63 -26.76
N GLU F 26 -22.38 -8.28 -27.46
CA GLU F 26 -23.72 -8.68 -27.05
C GLU F 26 -23.85 -10.19 -27.18
N LEU F 27 -23.11 -10.79 -28.16
CA LEU F 27 -23.08 -12.24 -28.33
C LEU F 27 -22.35 -12.89 -27.14
N ILE F 28 -21.19 -12.33 -26.73
CA ILE F 28 -20.40 -12.87 -25.60
C ILE F 28 -21.25 -12.97 -24.32
N ALA F 29 -21.95 -11.88 -23.95
CA ALA F 29 -22.83 -11.81 -22.77
C ALA F 29 -24.05 -12.74 -22.95
N TYR F 30 -24.59 -12.80 -24.18
CA TYR F 30 -25.73 -13.65 -24.53
C TYR F 30 -25.36 -15.10 -24.30
N ALA F 31 -24.22 -15.57 -24.90
CA ALA F 31 -23.67 -16.92 -24.72
C ALA F 31 -23.53 -17.27 -23.22
N ALA F 32 -23.12 -16.31 -22.40
CA ALA F 32 -22.98 -16.51 -20.96
C ALA F 32 -24.32 -16.72 -20.28
N ARG F 33 -25.31 -15.92 -20.68
CA ARG F 33 -26.64 -15.98 -20.10
C ARG F 33 -27.45 -17.20 -20.56
N VAL F 34 -27.44 -17.51 -21.88
CA VAL F 34 -28.21 -18.66 -22.38
C VAL F 34 -27.74 -20.00 -21.90
N SER F 35 -26.41 -20.23 -21.89
CA SER F 35 -25.80 -21.47 -21.41
C SER F 35 -25.98 -21.65 -19.90
N ASN F 36 -26.14 -20.55 -19.15
CA ASN F 36 -26.36 -20.57 -17.70
C ASN F 36 -27.74 -19.97 -17.35
N PRO F 37 -28.89 -20.62 -17.66
CA PRO F 37 -30.19 -19.99 -17.38
C PRO F 37 -30.59 -19.85 -15.91
N GLU F 38 -30.37 -20.92 -15.09
CA GLU F 38 -30.70 -20.99 -13.64
C GLU F 38 -29.59 -20.31 -12.79
N ASN F 39 -29.14 -19.11 -13.21
CA ASN F 39 -28.07 -18.37 -12.55
C ASN F 39 -28.45 -16.92 -12.30
N GLN F 40 -28.27 -16.49 -11.02
CA GLN F 40 -28.54 -15.16 -10.47
C GLN F 40 -27.60 -14.12 -11.08
N ILE F 41 -26.35 -14.52 -11.33
CA ILE F 41 -25.26 -13.73 -11.90
C ILE F 41 -25.67 -13.01 -13.21
N ASN F 42 -26.62 -13.59 -13.97
CA ASN F 42 -27.15 -13.06 -15.23
C ASN F 42 -27.92 -11.74 -15.04
N ASN F 43 -28.46 -11.50 -13.81
CA ASN F 43 -29.19 -10.28 -13.42
C ASN F 43 -28.32 -9.03 -13.54
N LYS F 44 -26.99 -9.14 -13.24
CA LYS F 44 -26.07 -8.00 -13.38
C LYS F 44 -25.87 -7.54 -14.83
N THR F 45 -25.26 -6.37 -15.00
CA THR F 45 -25.00 -5.75 -16.30
C THR F 45 -24.04 -6.58 -17.14
N ALA F 46 -24.03 -6.34 -18.46
CA ALA F 46 -23.07 -6.98 -19.35
C ALA F 46 -21.66 -6.81 -18.75
N SER F 47 -21.33 -5.58 -18.27
CA SER F 47 -20.06 -5.23 -17.61
C SER F 47 -19.66 -6.10 -16.42
N GLY F 48 -20.60 -6.31 -15.50
CA GLY F 48 -20.40 -7.09 -14.28
C GLY F 48 -20.41 -8.58 -14.57
N LEU F 49 -21.28 -9.00 -15.50
CA LEU F 49 -21.42 -10.39 -15.91
C LEU F 49 -20.06 -10.87 -16.43
N LEU F 50 -19.49 -10.07 -17.35
CA LEU F 50 -18.21 -10.30 -18.01
C LEU F 50 -17.02 -10.32 -17.06
N LYS F 51 -16.98 -9.40 -16.06
CA LYS F 51 -15.92 -9.39 -15.03
C LYS F 51 -15.95 -10.72 -14.24
N TYR F 52 -17.17 -11.19 -13.90
CA TYR F 52 -17.38 -12.43 -13.17
C TYR F 52 -16.84 -13.66 -13.94
N CYS F 53 -17.13 -13.73 -15.26
CA CYS F 53 -16.70 -14.82 -16.12
C CYS F 53 -15.18 -14.81 -16.30
N ILE F 54 -14.59 -13.61 -16.48
CA ILE F 54 -13.13 -13.45 -16.59
C ILE F 54 -12.44 -14.01 -15.33
N ARG F 55 -12.82 -13.49 -14.13
CA ARG F 55 -12.29 -13.88 -12.82
C ARG F 55 -12.50 -15.34 -12.49
N HIS F 56 -13.56 -15.95 -13.05
CA HIS F 56 -13.91 -17.36 -12.82
C HIS F 56 -13.43 -18.35 -13.88
N LYS F 57 -12.71 -17.84 -14.89
CA LYS F 57 -12.08 -18.59 -15.98
C LYS F 57 -13.03 -19.32 -16.89
N HIS F 58 -14.17 -18.66 -17.17
CA HIS F 58 -15.20 -19.14 -18.08
C HIS F 58 -14.88 -18.44 -19.42
N TRP F 59 -13.74 -18.83 -20.01
CA TRP F 59 -13.15 -18.27 -21.22
C TRP F 59 -13.85 -18.48 -22.52
N SER F 60 -14.53 -19.63 -22.67
CA SER F 60 -15.18 -20.02 -23.93
C SER F 60 -16.19 -19.03 -24.46
N ILE F 61 -16.87 -18.26 -23.57
CA ILE F 61 -17.83 -17.27 -24.04
C ILE F 61 -17.11 -16.14 -24.82
N PHE F 62 -15.83 -15.93 -24.51
CA PHE F 62 -14.96 -14.95 -25.13
C PHE F 62 -14.34 -15.51 -26.40
N GLU F 63 -14.59 -16.83 -26.67
CA GLU F 63 -14.11 -17.55 -27.85
C GLU F 63 -15.24 -17.70 -28.93
N THR F 64 -16.39 -17.02 -28.73
CA THR F 64 -17.58 -17.01 -29.62
C THR F 64 -17.51 -15.81 -30.55
N ALA F 65 -16.49 -14.94 -30.33
CA ALA F 65 -16.25 -13.72 -31.09
C ALA F 65 -14.80 -13.64 -31.57
N PHE F 66 -14.59 -13.07 -32.77
CA PHE F 66 -13.30 -13.00 -33.46
C PHE F 66 -13.05 -11.62 -34.03
N MET F 67 -11.78 -11.23 -34.10
CA MET F 67 -11.40 -9.92 -34.59
C MET F 67 -10.10 -9.97 -35.31
N THR F 68 -10.08 -9.31 -36.48
CA THR F 68 -8.92 -9.14 -37.33
C THR F 68 -8.49 -7.68 -37.28
N LEU F 69 -7.20 -7.45 -37.01
CA LEU F 69 -6.59 -6.12 -36.98
C LEU F 69 -5.42 -6.10 -37.96
N GLU F 70 -5.27 -5.00 -38.73
CA GLU F 70 -4.12 -4.82 -39.59
C GLU F 70 -3.11 -4.06 -38.73
N LEU F 71 -1.91 -4.60 -38.56
CA LEU F 71 -0.86 -3.97 -37.76
C LEU F 71 0.21 -3.41 -38.68
N LYS F 72 0.63 -2.16 -38.41
CA LYS F 72 1.72 -1.48 -39.10
C LYS F 72 2.84 -1.39 -38.07
N THR F 73 3.92 -2.14 -38.31
CA THR F 73 5.07 -2.22 -37.40
C THR F 73 6.33 -2.57 -38.21
N SER F 74 7.35 -3.15 -37.57
CA SER F 74 8.60 -3.59 -38.21
C SER F 74 8.74 -5.10 -38.12
N ARG F 75 9.60 -5.69 -38.98
CA ARG F 75 9.88 -7.13 -39.01
C ARG F 75 10.36 -7.65 -37.65
N GLY F 76 11.24 -6.87 -36.99
CA GLY F 76 11.81 -7.18 -35.69
C GLY F 76 10.75 -7.39 -34.62
N ILE F 77 9.70 -6.58 -34.69
CA ILE F 77 8.55 -6.66 -33.81
C ILE F 77 7.59 -7.74 -34.31
N ALA F 78 7.43 -7.85 -35.65
CA ALA F 78 6.52 -8.82 -36.30
C ALA F 78 6.79 -10.26 -35.87
N ALA F 79 8.08 -10.59 -35.71
CA ALA F 79 8.61 -11.89 -35.30
C ALA F 79 8.23 -12.20 -33.84
N GLN F 80 8.14 -11.14 -32.96
CA GLN F 80 7.65 -11.24 -31.58
C GLN F 80 6.14 -11.62 -31.66
N VAL F 81 5.31 -10.76 -32.33
CA VAL F 81 3.86 -10.92 -32.51
C VAL F 81 3.52 -12.31 -33.10
N LEU F 82 4.28 -12.78 -34.08
CA LEU F 82 4.07 -14.08 -34.72
C LEU F 82 4.19 -15.25 -33.73
N ARG F 83 4.78 -15.01 -32.54
CA ARG F 83 5.00 -16.01 -31.48
C ARG F 83 3.77 -16.29 -30.66
N HIS F 84 2.75 -15.40 -30.75
CA HIS F 84 1.46 -15.51 -30.12
C HIS F 84 0.66 -16.40 -31.00
N ARG F 85 0.86 -17.69 -30.78
CA ARG F 85 0.36 -18.81 -31.56
C ARG F 85 -1.15 -19.15 -31.52
N SER F 86 -1.97 -18.35 -30.82
CA SER F 86 -3.40 -18.56 -30.78
C SER F 86 -3.99 -17.62 -31.82
N PHE F 87 -3.12 -16.86 -32.46
CA PHE F 87 -3.56 -15.94 -33.48
C PHE F 87 -3.20 -16.45 -34.87
N HIS F 88 -3.99 -16.00 -35.84
CA HIS F 88 -3.77 -16.33 -37.23
C HIS F 88 -3.29 -15.02 -37.90
N PHE F 89 -2.27 -15.12 -38.77
CA PHE F 89 -1.75 -13.93 -39.42
C PHE F 89 -1.83 -14.00 -40.93
N GLN F 90 -1.81 -12.84 -41.60
CA GLN F 90 -1.77 -12.73 -43.05
C GLN F 90 -0.73 -11.72 -43.41
N GLU F 91 0.39 -12.22 -43.92
CA GLU F 91 1.53 -11.41 -44.32
C GLU F 91 1.53 -11.27 -45.84
N PHE F 92 2.22 -10.23 -46.37
CA PHE F 92 2.38 -10.03 -47.81
C PHE F 92 3.22 -11.18 -48.32
N SER F 93 2.98 -11.63 -49.55
CA SER F 93 3.73 -12.74 -50.13
C SER F 93 5.22 -12.41 -50.18
N GLN F 94 6.04 -13.41 -49.85
CA GLN F 94 7.47 -13.28 -49.93
C GLN F 94 7.93 -13.20 -51.43
N ARG F 95 7.12 -13.76 -52.36
CA ARG F 95 7.32 -13.86 -53.80
C ARG F 95 6.83 -12.65 -54.63
N TYR F 96 5.57 -12.18 -54.41
CA TYR F 96 4.91 -11.16 -55.22
C TYR F 96 4.76 -9.73 -54.65
N ALA F 97 5.32 -9.46 -53.46
CA ALA F 97 5.24 -8.13 -52.86
C ALA F 97 6.57 -7.39 -52.99
N SER F 98 6.52 -6.05 -53.02
CA SER F 98 7.71 -5.21 -53.15
C SER F 98 7.83 -4.18 -52.03
N VAL F 99 9.01 -4.14 -51.37
CA VAL F 99 9.29 -3.21 -50.28
C VAL F 99 9.42 -1.79 -50.83
N MET F 100 8.37 -0.99 -50.63
CA MET F 100 8.30 0.41 -51.09
C MET F 100 8.85 1.33 -50.00
N GLU F 101 8.37 1.13 -48.74
CA GLU F 101 8.71 1.89 -47.54
C GLU F 101 10.16 1.67 -47.11
N THR F 102 10.94 2.76 -47.13
CA THR F 102 12.34 2.81 -46.72
C THR F 102 12.40 2.76 -45.18
N PRO F 103 13.14 1.78 -44.57
CA PRO F 103 13.18 1.69 -43.11
C PRO F 103 13.55 2.98 -42.39
N PRO F 104 12.79 3.36 -41.34
CA PRO F 104 13.11 4.60 -40.61
C PRO F 104 14.08 4.37 -39.44
N PRO F 105 14.74 5.43 -38.87
CA PRO F 105 15.61 5.17 -37.70
C PRO F 105 14.82 4.80 -36.44
N HIS F 106 15.36 3.84 -35.67
CA HIS F 106 14.83 3.33 -34.39
C HIS F 106 15.64 3.90 -33.23
N GLN F 107 14.94 4.37 -32.15
CA GLN F 107 15.57 4.94 -30.96
C GLN F 107 16.26 3.86 -30.12
N ALA F 108 17.53 4.14 -29.76
CA ALA F 108 18.31 3.24 -28.93
C ALA F 108 18.07 3.53 -27.45
N ARG F 109 18.47 2.58 -26.61
CA ARG F 109 18.42 2.64 -25.16
C ARG F 109 19.73 2.04 -24.67
N PHE F 110 19.96 2.00 -23.34
CA PHE F 110 21.21 1.44 -22.78
C PHE F 110 21.14 0.00 -22.27
N GLN F 111 22.33 -0.59 -22.04
CA GLN F 111 22.53 -1.98 -21.57
C GLN F 111 22.68 -2.01 -20.05
N PRO F 124 24.22 10.23 -24.31
CA PRO F 124 23.36 9.49 -25.23
C PRO F 124 22.67 10.38 -26.27
N GLU F 125 22.64 11.72 -26.02
CA GLU F 125 22.00 12.75 -26.85
C GLU F 125 22.54 12.83 -28.29
N ASP F 126 23.86 13.08 -28.43
CA ASP F 126 24.57 13.17 -29.70
C ASP F 126 24.96 11.78 -30.20
N ASP F 127 24.81 10.76 -29.32
CA ASP F 127 25.03 9.33 -29.58
C ASP F 127 23.74 8.74 -30.18
N GLN F 128 22.58 9.36 -29.89
CA GLN F 128 21.28 9.03 -30.46
C GLN F 128 21.30 9.56 -31.88
N THR F 129 21.89 10.75 -32.07
CA THR F 129 22.06 11.39 -33.38
C THR F 129 22.94 10.51 -34.27
N TRP F 130 24.07 9.98 -33.71
CA TRP F 130 25.00 9.08 -34.39
C TRP F 130 24.28 7.83 -34.85
N TRP F 131 23.49 7.21 -33.96
CA TRP F 131 22.75 5.98 -34.19
C TRP F 131 21.68 6.13 -35.27
N ALA F 132 20.98 7.30 -35.29
CA ALA F 132 19.98 7.60 -36.32
C ALA F 132 20.71 7.77 -37.68
N THR F 133 21.78 8.61 -37.73
CA THR F 133 22.63 8.88 -38.90
C THR F 133 23.16 7.59 -39.48
N GLU F 134 23.67 6.71 -38.60
CA GLU F 134 24.25 5.43 -38.97
C GLU F 134 23.22 4.48 -39.54
N GLN F 135 22.00 4.50 -38.99
CA GLN F 135 20.91 3.67 -39.45
C GLN F 135 20.51 4.04 -40.86
N GLU F 136 20.17 5.32 -41.09
CA GLU F 136 19.75 5.89 -42.39
C GLU F 136 20.74 5.56 -43.49
N LYS F 137 22.04 5.67 -43.16
CA LYS F 137 23.21 5.42 -44.00
C LYS F 137 23.14 3.97 -44.42
N LEU F 138 23.05 3.02 -43.44
CA LEU F 138 22.95 1.59 -43.71
C LEU F 138 21.68 1.22 -44.49
N TYR F 139 20.52 1.70 -44.05
CA TYR F 139 19.23 1.41 -44.66
C TYR F 139 19.12 1.85 -46.09
N ALA F 140 19.66 3.03 -46.45
CA ALA F 140 19.60 3.53 -47.84
C ALA F 140 20.44 2.63 -48.72
N GLN F 141 21.65 2.30 -48.25
CA GLN F 141 22.62 1.43 -48.87
C GLN F 141 22.00 0.00 -49.04
N SER F 142 21.15 -0.42 -48.08
CA SER F 142 20.41 -1.70 -48.12
C SER F 142 19.32 -1.64 -49.21
N MET F 143 18.54 -0.53 -49.26
CA MET F 143 17.45 -0.30 -50.23
C MET F 143 17.94 -0.10 -51.66
N GLU F 144 19.17 0.40 -51.85
CA GLU F 144 19.66 0.58 -53.22
C GLU F 144 20.13 -0.73 -53.85
N LEU F 145 20.85 -1.57 -53.07
CA LEU F 145 21.27 -2.93 -53.48
C LEU F 145 20.02 -3.83 -53.71
N TYR F 146 18.93 -3.58 -52.96
CA TYR F 146 17.65 -4.28 -53.03
C TYR F 146 17.00 -4.04 -54.40
N ASN F 147 16.75 -2.74 -54.72
CA ASN F 147 16.16 -2.31 -55.99
C ASN F 147 17.04 -2.73 -57.17
N LYS F 148 18.39 -2.60 -57.03
CA LYS F 148 19.37 -3.00 -58.04
C LYS F 148 19.36 -4.52 -58.23
N ALA F 149 19.18 -5.30 -57.15
CA ALA F 149 19.10 -6.77 -57.23
C ALA F 149 17.87 -7.18 -58.06
N LEU F 150 16.73 -6.49 -57.83
CA LEU F 150 15.48 -6.69 -58.56
C LEU F 150 15.68 -6.29 -60.03
N GLU F 151 16.41 -5.16 -60.27
CA GLU F 151 16.77 -4.68 -61.61
C GLU F 151 17.48 -5.78 -62.39
N LYS F 152 18.43 -6.51 -61.77
CA LYS F 152 19.08 -7.65 -62.45
C LYS F 152 18.31 -8.98 -62.39
N GLY F 153 17.00 -8.90 -62.16
CA GLY F 153 16.10 -10.04 -62.14
C GLY F 153 16.24 -11.09 -61.06
N ILE F 154 16.78 -10.71 -59.88
CA ILE F 154 16.91 -11.58 -58.70
C ILE F 154 15.52 -11.75 -58.10
N ALA F 155 15.17 -12.99 -57.71
CA ALA F 155 13.88 -13.33 -57.12
C ALA F 155 13.55 -12.46 -55.91
N LYS F 156 12.34 -11.82 -55.90
CA LYS F 156 11.88 -10.96 -54.80
C LYS F 156 12.10 -11.64 -53.43
N GLU F 157 11.97 -12.99 -53.40
CA GLU F 157 12.17 -13.91 -52.26
C GLU F 157 13.60 -13.83 -51.80
N CYS F 158 14.56 -13.94 -52.74
CA CYS F 158 15.97 -13.92 -52.42
C CYS F 158 16.53 -12.52 -52.19
N ALA F 159 15.84 -11.50 -52.70
CA ALA F 159 16.25 -10.10 -52.52
C ALA F 159 15.86 -9.54 -51.13
N ARG F 160 15.02 -10.29 -50.37
CA ARG F 160 14.57 -9.89 -49.02
C ARG F 160 15.70 -9.98 -48.00
N PHE F 161 16.52 -11.04 -48.12
CA PHE F 161 17.63 -11.35 -47.21
C PHE F 161 18.54 -10.22 -46.81
N ILE F 162 18.59 -9.15 -47.61
CA ILE F 162 19.44 -7.98 -47.33
C ILE F 162 18.75 -6.91 -46.52
N LEU F 163 17.39 -6.94 -46.53
CA LEU F 163 16.55 -6.01 -45.79
C LEU F 163 16.76 -6.17 -44.28
N PRO F 164 16.79 -5.06 -43.50
CA PRO F 164 17.03 -5.21 -42.05
C PRO F 164 15.77 -5.51 -41.22
N LEU F 165 15.94 -5.75 -39.92
CA LEU F 165 14.80 -6.03 -39.04
C LEU F 165 13.84 -4.82 -38.85
N SER F 166 14.32 -3.61 -39.20
CA SER F 166 13.63 -2.32 -39.13
C SER F 166 12.59 -2.10 -40.24
N THR F 167 12.70 -2.90 -41.36
CA THR F 167 11.84 -2.90 -42.55
C THR F 167 10.38 -2.86 -42.16
N PRO F 168 9.64 -1.81 -42.60
CA PRO F 168 8.23 -1.67 -42.19
C PRO F 168 7.39 -2.82 -42.68
N THR F 169 6.43 -3.20 -41.85
CA THR F 169 5.55 -4.31 -42.14
C THR F 169 4.11 -4.05 -41.77
N THR F 170 3.25 -4.64 -42.58
CA THR F 170 1.83 -4.62 -42.41
C THR F 170 1.35 -6.07 -42.44
N ILE F 171 0.83 -6.54 -41.29
CA ILE F 171 0.32 -7.91 -41.12
C ILE F 171 -1.11 -7.87 -40.60
N TYR F 172 -1.91 -8.89 -40.94
CA TYR F 172 -3.26 -9.01 -40.40
C TYR F 172 -3.11 -9.97 -39.21
N MET F 173 -3.62 -9.59 -38.04
CA MET F 173 -3.60 -10.43 -36.82
C MET F 173 -5.07 -10.80 -36.51
N SER F 174 -5.41 -12.12 -36.51
CA SER F 174 -6.80 -12.57 -36.27
C SER F 174 -6.94 -13.57 -35.11
N GLY F 175 -7.78 -13.24 -34.13
CA GLY F 175 -7.95 -14.12 -32.99
C GLY F 175 -9.23 -13.90 -32.23
N THR F 176 -9.58 -14.85 -31.33
CA THR F 176 -10.78 -14.69 -30.51
C THR F 176 -10.55 -13.61 -29.49
N ILE F 177 -11.65 -13.10 -28.90
CA ILE F 177 -11.62 -11.99 -27.94
C ILE F 177 -10.77 -12.28 -26.71
N ARG F 178 -10.76 -13.57 -26.29
CA ARG F 178 -9.98 -14.14 -25.20
C ARG F 178 -8.51 -13.90 -25.51
N ASP F 179 -8.08 -14.31 -26.71
CA ASP F 179 -6.72 -14.19 -27.20
C ASP F 179 -6.26 -12.73 -27.25
N TRP F 180 -7.14 -11.84 -27.69
CA TRP F 180 -6.89 -10.40 -27.71
C TRP F 180 -6.72 -9.81 -26.32
N ILE F 181 -7.51 -10.27 -25.31
CA ILE F 181 -7.44 -9.82 -23.91
C ILE F 181 -6.02 -10.07 -23.36
N HIS F 182 -5.56 -11.30 -23.50
CA HIS F 182 -4.26 -11.74 -23.03
C HIS F 182 -3.11 -11.26 -23.84
N TYR F 183 -3.34 -10.84 -25.08
CA TYR F 183 -2.25 -10.29 -25.91
C TYR F 183 -2.07 -8.83 -25.52
N ILE F 184 -3.17 -8.08 -25.41
CA ILE F 184 -3.15 -6.67 -25.03
C ILE F 184 -2.59 -6.57 -23.63
N GLU F 185 -2.95 -7.53 -22.74
CA GLU F 185 -2.43 -7.55 -21.38
C GLU F 185 -0.91 -7.75 -21.33
N LEU F 186 -0.38 -8.81 -21.96
CA LEU F 186 1.08 -9.08 -21.99
C LEU F 186 1.88 -7.98 -22.68
N ARG F 187 1.32 -7.37 -23.70
CA ARG F 187 2.04 -6.38 -24.46
C ARG F 187 1.93 -4.89 -24.03
N THR F 188 1.17 -4.61 -22.97
CA THR F 188 1.05 -3.25 -22.42
C THR F 188 1.75 -3.21 -21.05
N SER F 189 2.17 -4.40 -20.57
CA SER F 189 2.86 -4.62 -19.29
C SER F 189 4.25 -3.96 -19.23
N ASN F 190 4.73 -3.65 -18.02
CA ASN F 190 6.03 -3.05 -17.80
C ASN F 190 7.16 -4.01 -18.27
N GLY F 191 8.15 -3.45 -18.98
CA GLY F 191 9.28 -4.24 -19.47
C GLY F 191 9.08 -4.95 -20.79
N THR F 192 8.14 -4.43 -21.58
CA THR F 192 7.83 -4.89 -22.93
C THR F 192 8.54 -3.84 -23.79
N GLN F 193 9.27 -4.27 -24.84
CA GLN F 193 9.90 -3.36 -25.79
C GLN F 193 8.93 -2.23 -26.19
N ARG F 194 9.38 -0.94 -26.17
CA ARG F 194 8.56 0.25 -26.47
C ARG F 194 7.72 0.08 -27.74
N GLU F 195 8.39 -0.19 -28.88
CA GLU F 195 7.78 -0.45 -30.21
C GLU F 195 6.63 -1.47 -30.13
N HIS F 196 6.71 -2.43 -29.18
CA HIS F 196 5.64 -3.41 -28.99
C HIS F 196 4.49 -2.86 -28.14
N ILE F 197 4.78 -2.04 -27.09
CA ILE F 197 3.74 -1.43 -26.26
C ILE F 197 2.96 -0.51 -27.15
N ASP F 198 3.65 0.23 -28.05
CA ASP F 198 3.01 1.16 -28.98
C ASP F 198 1.96 0.47 -29.80
N LEU F 199 2.32 -0.71 -30.36
CA LEU F 199 1.50 -1.61 -31.17
C LEU F 199 0.33 -2.14 -30.37
N ALA F 200 0.61 -2.62 -29.14
CA ALA F 200 -0.39 -3.15 -28.24
C ALA F 200 -1.40 -2.10 -27.84
N ASN F 201 -0.93 -0.86 -27.57
CA ASN F 201 -1.82 0.25 -27.23
C ASN F 201 -2.74 0.61 -28.39
N ALA F 202 -2.25 0.48 -29.65
CA ALA F 202 -3.01 0.73 -30.87
C ALA F 202 -4.13 -0.30 -30.96
N CYS F 203 -3.85 -1.56 -30.55
CA CYS F 203 -4.84 -2.62 -30.45
C CYS F 203 -5.83 -2.31 -29.30
N LYS F 204 -5.31 -1.91 -28.11
CA LYS F 204 -6.11 -1.59 -26.91
C LYS F 204 -7.20 -0.57 -27.22
N GLU F 205 -6.88 0.48 -28.02
CA GLU F 205 -7.78 1.53 -28.47
C GLU F 205 -8.93 0.95 -29.29
N ILE F 206 -8.62 0.17 -30.37
CA ILE F 206 -9.63 -0.53 -31.20
C ILE F 206 -10.47 -1.45 -30.30
N PHE F 207 -9.80 -2.23 -29.44
CA PHE F 207 -10.50 -3.15 -28.55
C PHE F 207 -11.49 -2.39 -27.69
N ILE F 208 -11.02 -1.39 -26.91
CA ILE F 208 -11.91 -0.59 -26.07
C ILE F 208 -13.16 -0.12 -26.85
N LYS F 209 -13.00 0.34 -28.12
CA LYS F 209 -14.12 0.82 -28.93
C LYS F 209 -15.14 -0.29 -29.24
N GLU F 210 -14.68 -1.47 -29.70
CA GLU F 210 -15.56 -2.57 -30.02
C GLU F 210 -16.11 -3.28 -28.80
N PHE F 211 -15.34 -3.36 -27.72
CA PHE F 211 -15.76 -4.05 -26.50
C PHE F 211 -15.70 -3.10 -25.30
N PRO F 212 -16.68 -2.18 -25.16
CA PRO F 212 -16.63 -1.25 -24.03
C PRO F 212 -16.92 -1.91 -22.68
N SER F 213 -17.90 -2.82 -22.65
CA SER F 213 -18.31 -3.54 -21.47
C SER F 213 -17.18 -4.50 -20.96
N ILE F 214 -16.28 -4.97 -21.88
CA ILE F 214 -15.13 -5.81 -21.51
C ILE F 214 -14.02 -4.90 -20.98
N ALA F 215 -13.77 -3.76 -21.68
CA ALA F 215 -12.82 -2.73 -21.26
C ALA F 215 -13.18 -2.24 -19.83
N LYS F 216 -14.51 -2.06 -19.50
CA LYS F 216 -14.98 -1.67 -18.17
C LYS F 216 -14.68 -2.71 -17.08
N ALA F 217 -14.78 -3.99 -17.43
CA ALA F 217 -14.49 -5.13 -16.56
C ALA F 217 -12.98 -5.30 -16.33
N LEU F 218 -12.16 -4.82 -17.28
CA LEU F 218 -10.69 -4.86 -17.24
C LEU F 218 -10.03 -3.51 -16.88
N ASP F 219 -10.84 -2.45 -16.61
CA ASP F 219 -10.40 -1.08 -16.26
C ASP F 219 -9.46 -0.42 -17.33
N TRP F 220 -9.61 -0.85 -18.61
CA TRP F 220 -8.84 -0.37 -19.75
C TRP F 220 -9.16 1.05 -20.20
N VAL F 221 -10.45 1.49 -19.98
CA VAL F 221 -11.03 2.81 -20.27
C VAL F 221 -10.02 3.99 -20.19
N THR G 5 -12.70 -43.90 -6.84
CA THR G 5 -12.58 -42.57 -7.40
C THR G 5 -11.48 -42.42 -8.44
N GLY G 6 -11.66 -41.48 -9.35
CA GLY G 6 -10.74 -41.26 -10.42
C GLY G 6 -9.25 -41.26 -10.14
N SER G 7 -8.55 -41.95 -10.99
CA SER G 7 -7.08 -42.02 -10.98
C SER G 7 -6.36 -41.51 -12.23
N ALA G 8 -5.05 -41.31 -12.07
CA ALA G 8 -4.12 -40.90 -13.12
C ALA G 8 -2.82 -41.73 -13.03
N LYS G 9 -2.18 -41.96 -14.16
CA LYS G 9 -0.94 -42.73 -14.28
C LYS G 9 -0.09 -42.14 -15.41
N LEU G 10 1.25 -42.01 -15.20
CA LEU G 10 2.13 -41.49 -16.25
C LEU G 10 2.34 -42.53 -17.34
N ILE G 11 2.10 -42.13 -18.60
CA ILE G 11 2.27 -42.98 -19.77
C ILE G 11 3.59 -42.65 -20.47
N SER G 12 3.77 -41.40 -20.86
CA SER G 12 5.01 -41.00 -21.50
C SER G 12 5.35 -39.57 -21.12
N VAL G 13 6.66 -39.31 -21.02
CA VAL G 13 7.23 -38.00 -20.74
C VAL G 13 8.33 -37.78 -21.79
N THR G 14 8.74 -36.53 -21.96
CA THR G 14 9.80 -36.13 -22.87
C THR G 14 11.16 -36.51 -22.24
N LYS G 15 12.10 -36.95 -23.09
CA LYS G 15 13.45 -37.30 -22.67
C LYS G 15 14.48 -36.56 -23.58
N PRO G 16 15.27 -35.64 -22.98
CA PRO G 16 16.21 -34.85 -23.80
C PRO G 16 17.46 -35.66 -24.19
N VAL G 17 17.95 -35.44 -25.42
CA VAL G 17 19.14 -36.15 -25.89
C VAL G 17 20.44 -35.34 -25.83
N VAL G 18 20.34 -34.02 -25.54
CA VAL G 18 21.47 -33.10 -25.41
C VAL G 18 22.39 -33.56 -24.30
N GLU G 19 23.68 -33.70 -24.62
CA GLU G 19 24.73 -34.17 -23.72
C GLU G 19 24.68 -33.51 -22.36
N GLY G 20 24.49 -34.34 -21.34
CA GLY G 20 24.37 -33.92 -19.95
C GLY G 20 22.94 -33.70 -19.48
N VAL G 21 22.01 -33.36 -20.40
CA VAL G 21 20.61 -33.12 -20.04
C VAL G 21 19.83 -34.45 -20.08
N ASN G 22 19.24 -34.87 -18.93
CA ASN G 22 18.56 -36.18 -18.81
C ASN G 22 17.05 -36.17 -18.53
N THR G 23 16.54 -35.17 -17.81
CA THR G 23 15.09 -35.14 -17.56
C THR G 23 14.44 -34.01 -18.35
N ALA G 24 13.10 -34.08 -18.53
CA ALA G 24 12.35 -33.04 -19.19
C ALA G 24 12.53 -31.70 -18.45
N GLU G 25 12.50 -31.74 -17.10
CA GLU G 25 12.66 -30.55 -16.29
C GLU G 25 14.01 -29.85 -16.51
N GLU G 26 15.11 -30.65 -16.62
CA GLU G 26 16.49 -30.19 -16.88
C GLU G 26 16.53 -29.46 -18.21
N LEU G 27 15.79 -30.00 -19.20
CA LEU G 27 15.66 -29.41 -20.53
C LEU G 27 14.91 -28.05 -20.49
N ILE G 28 13.88 -27.90 -19.61
CA ILE G 28 13.14 -26.64 -19.46
C ILE G 28 14.13 -25.58 -18.90
N ALA G 29 14.97 -26.01 -17.93
CA ALA G 29 15.99 -25.17 -17.30
C ALA G 29 17.10 -24.82 -18.31
N TYR G 30 17.55 -25.81 -19.13
CA TYR G 30 18.58 -25.62 -20.15
C TYR G 30 18.13 -24.64 -21.20
N ALA G 31 16.94 -24.87 -21.81
CA ALA G 31 16.35 -23.96 -22.79
C ALA G 31 16.29 -22.53 -22.27
N ALA G 32 16.06 -22.36 -20.96
CA ALA G 32 15.96 -21.05 -20.33
C ALA G 32 17.32 -20.40 -20.22
N ARG G 33 18.35 -21.15 -19.75
CA ARG G 33 19.69 -20.59 -19.66
C ARG G 33 20.33 -20.30 -21.03
N VAL G 34 20.27 -21.26 -21.97
CA VAL G 34 20.87 -21.10 -23.32
C VAL G 34 20.31 -19.98 -24.16
N SER G 35 18.98 -19.78 -24.15
CA SER G 35 18.32 -18.73 -24.92
C SER G 35 18.59 -17.34 -24.35
N ASN G 36 18.92 -17.23 -23.06
CA ASN G 36 19.23 -15.94 -22.42
C ASN G 36 20.64 -16.11 -21.81
N PRO G 37 21.72 -16.23 -22.65
CA PRO G 37 23.04 -16.54 -22.08
C PRO G 37 23.56 -15.50 -21.11
N GLU G 38 23.34 -14.20 -21.40
CA GLU G 38 23.85 -13.13 -20.55
C GLU G 38 22.84 -12.47 -19.62
N ASN G 39 22.05 -13.30 -18.93
CA ASN G 39 21.06 -12.83 -17.96
C ASN G 39 21.42 -13.32 -16.53
N GLN G 40 21.43 -12.40 -15.53
CA GLN G 40 21.77 -12.69 -14.11
C GLN G 40 20.84 -13.76 -13.48
N ILE G 41 19.65 -13.92 -14.07
CA ILE G 41 18.62 -14.88 -13.72
C ILE G 41 19.21 -16.31 -13.89
N ASN G 42 20.17 -16.48 -14.79
CA ASN G 42 20.81 -17.78 -15.00
C ASN G 42 21.64 -18.27 -13.80
N ASN G 43 22.12 -17.34 -12.95
CA ASN G 43 22.95 -17.70 -11.78
C ASN G 43 22.17 -18.35 -10.64
N LYS G 44 20.86 -18.19 -10.61
CA LYS G 44 20.09 -18.79 -9.53
C LYS G 44 19.80 -20.27 -9.69
N THR G 45 19.09 -20.83 -8.71
CA THR G 45 18.65 -22.22 -8.61
C THR G 45 17.69 -22.55 -9.75
N ALA G 46 17.49 -23.86 -10.01
CA ALA G 46 16.54 -24.33 -11.02
C ALA G 46 15.14 -23.73 -10.67
N SER G 47 14.67 -23.99 -9.45
CA SER G 47 13.42 -23.53 -8.86
C SER G 47 13.19 -22.05 -9.08
N GLY G 48 14.20 -21.24 -8.79
CA GLY G 48 14.11 -19.79 -8.86
C GLY G 48 13.94 -19.27 -10.26
N LEU G 49 14.72 -19.85 -11.19
CA LEU G 49 14.79 -19.56 -12.61
C LEU G 49 13.39 -19.74 -13.20
N LEU G 50 12.77 -20.87 -12.89
CA LEU G 50 11.43 -21.20 -13.39
C LEU G 50 10.30 -20.38 -12.75
N LYS G 51 10.43 -20.02 -11.45
CA LYS G 51 9.45 -19.20 -10.72
C LYS G 51 9.38 -17.83 -11.41
N TYR G 52 10.59 -17.29 -11.80
CA TYR G 52 10.81 -16.02 -12.50
C TYR G 52 10.16 -16.07 -13.86
N CYS G 53 10.44 -17.15 -14.63
CA CYS G 53 9.92 -17.36 -15.99
C CYS G 53 8.40 -17.46 -16.00
N ILE G 54 7.80 -18.05 -14.95
CA ILE G 54 6.34 -18.18 -14.82
C ILE G 54 5.77 -16.80 -14.50
N ARG G 55 6.40 -16.09 -13.54
CA ARG G 55 6.00 -14.73 -13.13
C ARG G 55 6.01 -13.77 -14.33
N HIS G 56 7.06 -13.86 -15.16
CA HIS G 56 7.30 -13.01 -16.30
C HIS G 56 6.71 -13.55 -17.64
N LYS G 57 5.90 -14.61 -17.57
CA LYS G 57 5.21 -15.22 -18.71
C LYS G 57 6.09 -15.76 -19.86
N HIS G 58 7.35 -16.16 -19.55
CA HIS G 58 8.25 -16.80 -20.50
C HIS G 58 7.79 -18.26 -20.66
N TRP G 59 6.65 -18.43 -21.32
CA TRP G 59 5.93 -19.69 -21.46
C TRP G 59 6.56 -20.73 -22.28
N SER G 60 7.15 -20.33 -23.43
CA SER G 60 7.80 -21.25 -24.36
C SER G 60 8.83 -22.21 -23.77
N ILE G 61 9.48 -21.89 -22.65
CA ILE G 61 10.44 -22.84 -22.09
C ILE G 61 9.74 -24.10 -21.58
N PHE G 62 8.46 -23.94 -21.16
CA PHE G 62 7.58 -25.00 -20.67
C PHE G 62 6.91 -25.76 -21.83
N GLU G 63 7.01 -25.22 -23.03
CA GLU G 63 6.48 -25.81 -24.25
C GLU G 63 7.50 -26.75 -24.97
N THR G 64 8.76 -26.82 -24.46
CA THR G 64 9.84 -27.70 -24.94
C THR G 64 9.62 -29.16 -24.44
N ALA G 65 8.86 -29.34 -23.36
CA ALA G 65 8.54 -30.65 -22.78
C ALA G 65 7.05 -30.98 -22.92
N PHE G 66 6.76 -32.30 -23.07
CA PHE G 66 5.44 -32.90 -23.22
C PHE G 66 5.25 -34.04 -22.21
N MET G 67 3.98 -34.40 -21.94
CA MET G 67 3.63 -35.47 -21.01
C MET G 67 2.22 -36.04 -21.29
N THR G 68 2.11 -37.38 -21.27
CA THR G 68 0.89 -38.14 -21.47
C THR G 68 0.53 -38.82 -20.15
N LEU G 69 -0.73 -38.67 -19.73
CA LEU G 69 -1.26 -39.25 -18.51
C LEU G 69 -2.48 -40.10 -18.84
N GLU G 70 -2.65 -41.24 -18.16
CA GLU G 70 -3.84 -42.07 -18.36
C GLU G 70 -4.85 -41.69 -17.28
N LEU G 71 -6.03 -41.21 -17.68
CA LEU G 71 -7.08 -40.80 -16.74
C LEU G 71 -8.16 -41.85 -16.70
N LYS G 72 -8.50 -42.33 -15.47
CA LYS G 72 -9.55 -43.31 -15.18
C LYS G 72 -10.56 -42.48 -14.40
N THR G 73 -11.66 -42.13 -15.07
CA THR G 73 -12.74 -41.28 -14.60
C THR G 73 -14.09 -41.72 -15.19
N SER G 74 -15.09 -40.80 -15.21
CA SER G 74 -16.44 -40.99 -15.76
C SER G 74 -16.69 -40.05 -16.94
N ARG G 75 -17.54 -40.46 -17.91
CA ARG G 75 -17.90 -39.65 -19.08
C ARG G 75 -18.38 -38.22 -18.73
N GLY G 76 -19.08 -38.08 -17.59
CA GLY G 76 -19.55 -36.81 -17.07
C GLY G 76 -18.42 -35.86 -16.68
N ILE G 77 -17.27 -36.40 -16.23
CA ILE G 77 -16.09 -35.63 -15.87
C ILE G 77 -15.20 -35.42 -17.14
N ALA G 78 -15.06 -36.47 -17.99
CA ALA G 78 -14.29 -36.41 -19.24
C ALA G 78 -14.88 -35.34 -20.15
N ALA G 79 -16.17 -35.00 -19.97
CA ALA G 79 -16.93 -33.93 -20.65
C ALA G 79 -16.27 -32.58 -20.34
N GLN G 80 -15.90 -32.37 -19.06
CA GLN G 80 -15.19 -31.18 -18.58
C GLN G 80 -13.73 -31.21 -19.15
N VAL G 81 -12.97 -32.31 -18.86
CA VAL G 81 -11.58 -32.58 -19.27
C VAL G 81 -11.36 -32.31 -20.78
N LEU G 82 -12.26 -32.82 -21.64
CA LEU G 82 -12.22 -32.66 -23.10
C LEU G 82 -12.31 -31.18 -23.57
N ARG G 83 -12.78 -30.27 -22.71
CA ARG G 83 -12.88 -28.85 -23.04
C ARG G 83 -11.56 -28.10 -23.01
N HIS G 84 -10.54 -28.71 -22.41
CA HIS G 84 -9.16 -28.24 -22.36
C HIS G 84 -8.48 -28.50 -23.69
N ARG G 85 -8.97 -27.81 -24.73
CA ARG G 85 -8.59 -27.90 -26.16
C ARG G 85 -7.09 -27.88 -26.47
N SER G 86 -6.23 -27.35 -25.56
CA SER G 86 -4.78 -27.31 -25.78
C SER G 86 -4.16 -28.71 -25.76
N PHE G 87 -4.85 -29.65 -25.14
CA PHE G 87 -4.41 -31.03 -25.01
C PHE G 87 -4.94 -31.85 -26.13
N HIS G 88 -4.20 -32.94 -26.41
CA HIS G 88 -4.52 -33.98 -27.40
C HIS G 88 -5.00 -35.16 -26.59
N PHE G 89 -6.08 -35.81 -27.03
CA PHE G 89 -6.63 -36.94 -26.27
C PHE G 89 -6.66 -38.28 -27.01
N GLN G 90 -6.59 -39.39 -26.27
CA GLN G 90 -6.74 -40.70 -26.88
C GLN G 90 -7.74 -41.54 -26.07
N GLU G 91 -8.91 -41.72 -26.66
CA GLU G 91 -10.03 -42.51 -26.12
C GLU G 91 -10.09 -43.86 -26.86
N PHE G 92 -10.81 -44.84 -26.28
CA PHE G 92 -11.02 -46.15 -26.92
C PHE G 92 -11.97 -45.93 -28.11
N SER G 93 -11.93 -46.85 -29.12
CA SER G 93 -12.82 -46.72 -30.26
C SER G 93 -14.28 -46.86 -29.85
N GLN G 94 -15.12 -46.06 -30.49
CA GLN G 94 -16.56 -46.05 -30.31
C GLN G 94 -17.21 -47.28 -30.98
N ARG G 95 -16.58 -47.79 -32.06
CA ARG G 95 -17.00 -48.94 -32.85
C ARG G 95 -16.46 -50.25 -32.30
N TYR G 96 -15.19 -50.24 -31.81
CA TYR G 96 -14.44 -51.45 -31.44
C TYR G 96 -14.36 -51.91 -29.99
N ALA G 97 -14.30 -50.98 -29.02
CA ALA G 97 -14.23 -51.38 -27.61
C ALA G 97 -15.60 -51.38 -26.95
N SER G 98 -15.79 -52.28 -25.96
CA SER G 98 -17.02 -52.41 -25.16
C SER G 98 -16.77 -51.97 -23.68
N VAL G 99 -17.87 -51.76 -22.92
CA VAL G 99 -17.85 -51.31 -21.51
C VAL G 99 -17.98 -52.50 -20.55
N GLN G 128 -29.85 -39.60 0.66
CA GLN G 128 -28.50 -39.89 0.15
C GLN G 128 -28.35 -41.35 -0.24
N THR G 129 -28.77 -42.25 0.68
CA THR G 129 -28.75 -43.70 0.47
C THR G 129 -29.73 -44.03 -0.65
N TRP G 130 -30.82 -43.24 -0.77
CA TRP G 130 -31.83 -43.35 -1.81
C TRP G 130 -31.18 -43.13 -3.18
N TRP G 131 -30.36 -42.05 -3.30
CA TRP G 131 -29.69 -41.69 -4.54
C TRP G 131 -28.77 -42.79 -5.04
N ALA G 132 -27.87 -43.25 -4.17
CA ALA G 132 -26.93 -44.32 -4.48
C ALA G 132 -27.62 -45.62 -4.93
N THR G 133 -28.73 -46.01 -4.24
CA THR G 133 -29.56 -47.20 -4.48
C THR G 133 -30.27 -47.15 -5.83
N GLU G 134 -30.95 -46.03 -6.10
CA GLU G 134 -31.69 -45.79 -7.35
C GLU G 134 -30.73 -45.68 -8.56
N GLN G 135 -29.48 -45.23 -8.33
CA GLN G 135 -28.42 -45.13 -9.35
C GLN G 135 -27.97 -46.53 -9.77
N GLU G 136 -27.72 -47.43 -8.77
CA GLU G 136 -27.31 -48.83 -8.96
C GLU G 136 -28.41 -49.57 -9.70
N LYS G 137 -29.67 -49.32 -9.30
CA LYS G 137 -30.90 -49.90 -9.86
C LYS G 137 -30.98 -49.56 -11.35
N LEU G 138 -30.89 -48.25 -11.68
CA LEU G 138 -30.91 -47.75 -13.05
C LEU G 138 -29.70 -48.27 -13.83
N TYR G 139 -28.46 -48.14 -13.25
CA TYR G 139 -27.20 -48.57 -13.89
C TYR G 139 -27.21 -50.02 -14.36
N ALA G 140 -27.74 -50.95 -13.49
CA ALA G 140 -27.88 -52.37 -13.76
C ALA G 140 -28.79 -52.56 -14.95
N GLN G 141 -29.96 -51.90 -14.97
CA GLN G 141 -30.87 -51.93 -16.11
C GLN G 141 -30.22 -51.40 -17.41
N SER G 142 -29.26 -50.44 -17.30
CA SER G 142 -28.53 -49.91 -18.46
C SER G 142 -27.58 -51.02 -18.96
N MET G 143 -26.85 -51.67 -18.03
CA MET G 143 -25.91 -52.74 -18.36
C MET G 143 -26.58 -53.96 -19.00
N GLU G 144 -27.72 -54.43 -18.42
CA GLU G 144 -28.48 -55.57 -18.94
C GLU G 144 -28.82 -55.32 -20.41
N LEU G 145 -29.51 -54.21 -20.70
CA LEU G 145 -29.94 -53.79 -22.04
C LEU G 145 -28.76 -53.55 -23.00
N TYR G 146 -27.63 -53.05 -22.48
CA TYR G 146 -26.45 -52.78 -23.29
C TYR G 146 -25.89 -54.10 -23.78
N ASN G 147 -25.80 -55.06 -22.86
CA ASN G 147 -25.35 -56.41 -23.17
C ASN G 147 -26.40 -57.11 -24.01
N LYS G 148 -27.72 -56.82 -23.79
CA LYS G 148 -28.82 -57.39 -24.57
C LYS G 148 -28.65 -57.01 -26.04
N ALA G 149 -28.32 -55.72 -26.30
CA ALA G 149 -28.10 -55.13 -27.61
C ALA G 149 -26.91 -55.79 -28.31
N LEU G 150 -25.76 -55.89 -27.60
CA LEU G 150 -24.54 -56.48 -28.16
C LEU G 150 -24.76 -57.90 -28.61
N GLU G 151 -25.53 -58.66 -27.79
CA GLU G 151 -25.94 -60.04 -28.02
C GLU G 151 -26.80 -60.18 -29.29
N LYS G 152 -27.74 -59.25 -29.52
CA LYS G 152 -28.58 -59.22 -30.73
C LYS G 152 -27.76 -58.89 -31.99
N GLY G 153 -26.51 -58.48 -31.81
CA GLY G 153 -25.62 -58.11 -32.90
C GLY G 153 -25.74 -56.64 -33.24
N ILE G 154 -26.26 -55.83 -32.30
CA ILE G 154 -26.39 -54.39 -32.48
C ILE G 154 -24.97 -53.82 -32.41
N ALA G 155 -24.64 -52.84 -33.29
CA ALA G 155 -23.31 -52.19 -33.36
C ALA G 155 -22.97 -51.50 -32.04
N LYS G 156 -21.67 -51.62 -31.61
CA LYS G 156 -21.12 -51.03 -30.38
C LYS G 156 -21.38 -49.53 -30.32
N GLU G 157 -21.25 -48.84 -31.48
CA GLU G 157 -21.48 -47.39 -31.57
C GLU G 157 -22.93 -46.98 -31.43
N CYS G 158 -23.87 -47.91 -31.72
CA CYS G 158 -25.31 -47.69 -31.58
C CYS G 158 -25.72 -47.93 -30.14
N ALA G 159 -25.18 -48.98 -29.51
CA ALA G 159 -25.45 -49.35 -28.14
C ALA G 159 -24.87 -48.35 -27.08
N ARG G 160 -23.89 -47.50 -27.47
CA ARG G 160 -23.27 -46.49 -26.59
C ARG G 160 -24.30 -45.51 -26.03
N PHE G 161 -25.28 -45.13 -26.87
CA PHE G 161 -26.31 -44.14 -26.58
C PHE G 161 -27.13 -44.34 -25.29
N ILE G 162 -27.33 -45.59 -24.85
CA ILE G 162 -28.08 -45.87 -23.62
C ILE G 162 -27.26 -45.67 -22.33
N LEU G 163 -25.93 -45.78 -22.46
CA LEU G 163 -24.94 -45.69 -21.39
C LEU G 163 -25.00 -44.39 -20.58
N PRO G 164 -25.03 -44.45 -19.24
CA PRO G 164 -25.11 -43.22 -18.45
C PRO G 164 -23.83 -42.40 -18.48
N LEU G 165 -23.94 -41.09 -18.17
CA LEU G 165 -22.81 -40.17 -18.13
C LEU G 165 -21.80 -40.59 -17.07
N SER G 166 -22.24 -41.40 -16.12
CA SER G 166 -21.39 -41.91 -15.04
C SER G 166 -20.58 -43.17 -15.47
N THR G 167 -20.83 -43.72 -16.69
CA THR G 167 -20.09 -44.88 -17.22
C THR G 167 -18.57 -44.65 -17.14
N PRO G 168 -17.80 -45.61 -16.57
CA PRO G 168 -16.36 -45.39 -16.39
C PRO G 168 -15.59 -45.35 -17.71
N THR G 169 -14.60 -44.45 -17.75
CA THR G 169 -13.78 -44.23 -18.93
C THR G 169 -12.30 -44.15 -18.62
N THR G 170 -11.48 -44.57 -19.59
CA THR G 170 -10.03 -44.44 -19.56
C THR G 170 -9.55 -43.66 -20.81
N ILE G 171 -9.00 -42.44 -20.58
CA ILE G 171 -8.54 -41.58 -21.67
C ILE G 171 -7.05 -41.24 -21.50
N TYR G 172 -6.32 -40.97 -22.61
CA TYR G 172 -4.95 -40.46 -22.53
C TYR G 172 -5.09 -38.94 -22.72
N MET G 173 -4.37 -38.16 -21.91
CA MET G 173 -4.37 -36.70 -21.91
C MET G 173 -2.90 -36.32 -22.16
N SER G 174 -2.65 -35.67 -23.30
CA SER G 174 -1.30 -35.31 -23.74
C SER G 174 -1.20 -33.79 -23.96
N GLY G 175 -0.17 -33.18 -23.37
CA GLY G 175 0.07 -31.74 -23.48
C GLY G 175 1.43 -31.26 -23.01
N THR G 176 1.80 -30.06 -23.44
CA THR G 176 3.05 -29.38 -23.03
C THR G 176 2.98 -29.12 -21.53
N ILE G 177 4.15 -28.99 -20.88
CA ILE G 177 4.20 -28.79 -19.44
C ILE G 177 3.49 -27.51 -18.95
N ARG G 178 3.43 -26.50 -19.82
CA ARG G 178 2.75 -25.24 -19.61
C ARG G 178 1.27 -25.57 -19.50
N ASP G 179 0.74 -26.38 -20.47
CA ASP G 179 -0.68 -26.76 -20.51
C ASP G 179 -1.13 -27.51 -19.25
N TRP G 180 -0.24 -28.38 -18.75
CA TRP G 180 -0.44 -29.15 -17.54
C TRP G 180 -0.49 -28.26 -16.30
N ILE G 181 0.44 -27.32 -16.18
CA ILE G 181 0.50 -26.41 -15.04
C ILE G 181 -0.85 -25.74 -14.85
N HIS G 182 -1.41 -25.25 -15.95
CA HIS G 182 -2.64 -24.48 -15.95
C HIS G 182 -3.89 -25.27 -15.81
N TYR G 183 -3.88 -26.54 -16.25
CA TYR G 183 -5.01 -27.42 -16.10
C TYR G 183 -5.10 -27.73 -14.61
N ILE G 184 -3.98 -28.25 -14.05
CA ILE G 184 -3.86 -28.61 -12.65
C ILE G 184 -4.24 -27.43 -11.77
N GLU G 185 -3.72 -26.23 -12.08
CA GLU G 185 -4.05 -25.07 -11.28
C GLU G 185 -5.57 -24.78 -11.22
N LEU G 186 -6.24 -24.72 -12.36
CA LEU G 186 -7.68 -24.44 -12.42
C LEU G 186 -8.53 -25.53 -11.80
N ARG G 187 -8.21 -26.81 -12.11
CA ARG G 187 -9.01 -27.96 -11.67
C ARG G 187 -8.81 -28.46 -10.24
N THR G 188 -7.83 -27.91 -9.51
CA THR G 188 -7.60 -28.25 -8.10
C THR G 188 -8.16 -27.12 -7.21
N SER G 189 -8.47 -25.96 -7.80
CA SER G 189 -9.01 -24.82 -7.09
C SER G 189 -10.44 -25.06 -6.57
N ASN G 190 -10.83 -24.29 -5.53
CA ASN G 190 -12.16 -24.27 -4.90
C ASN G 190 -13.21 -23.90 -5.97
N GLY G 191 -14.36 -24.58 -5.93
CA GLY G 191 -15.44 -24.37 -6.88
C GLY G 191 -15.58 -25.48 -7.90
N THR G 192 -14.48 -26.19 -8.19
CA THR G 192 -14.44 -27.31 -9.13
C THR G 192 -15.18 -28.53 -8.57
N GLN G 193 -15.86 -29.29 -9.46
CA GLN G 193 -16.56 -30.51 -9.09
C GLN G 193 -15.62 -31.46 -8.38
N ARG G 194 -16.06 -32.00 -7.22
CA ARG G 194 -15.27 -32.89 -6.37
C ARG G 194 -14.59 -33.97 -7.14
N GLU G 195 -15.32 -34.67 -8.03
CA GLU G 195 -14.82 -35.79 -8.84
C GLU G 195 -13.74 -35.36 -9.86
N HIS G 196 -13.61 -34.03 -10.14
CA HIS G 196 -12.59 -33.49 -11.03
C HIS G 196 -11.42 -33.02 -10.19
N ILE G 197 -11.69 -32.46 -8.98
CA ILE G 197 -10.64 -32.07 -8.04
C ILE G 197 -9.83 -33.35 -7.75
N ASP G 198 -10.54 -34.49 -7.46
CA ASP G 198 -9.95 -35.82 -7.24
C ASP G 198 -9.02 -36.27 -8.41
N LEU G 199 -9.50 -36.15 -9.66
CA LEU G 199 -8.78 -36.50 -10.88
C LEU G 199 -7.55 -35.61 -11.08
N ALA G 200 -7.75 -34.27 -11.05
CA ALA G 200 -6.68 -33.26 -11.21
C ALA G 200 -5.57 -33.41 -10.16
N ASN G 201 -5.92 -33.58 -8.84
CA ASN G 201 -4.97 -33.80 -7.73
C ASN G 201 -4.09 -35.04 -7.94
N ALA G 202 -4.63 -36.04 -8.65
CA ALA G 202 -3.96 -37.26 -9.03
C ALA G 202 -2.97 -36.91 -10.11
N CYS G 203 -3.33 -36.01 -11.03
CA CYS G 203 -2.43 -35.55 -12.10
C CYS G 203 -1.33 -34.72 -11.44
N LYS G 204 -1.69 -33.90 -10.45
CA LYS G 204 -0.80 -33.04 -9.67
C LYS G 204 0.33 -33.87 -8.99
N GLU G 205 -0.05 -34.98 -8.34
CA GLU G 205 0.88 -35.91 -7.68
C GLU G 205 1.97 -36.39 -8.65
N ILE G 206 1.60 -36.66 -9.93
CA ILE G 206 2.53 -37.13 -10.97
C ILE G 206 3.43 -35.98 -11.43
N PHE G 207 2.84 -34.80 -11.61
CA PHE G 207 3.54 -33.59 -12.02
C PHE G 207 4.64 -33.22 -11.00
N ILE G 208 4.31 -33.28 -9.69
CA ILE G 208 5.24 -32.99 -8.58
C ILE G 208 6.43 -33.95 -8.63
N LYS G 209 6.17 -35.24 -8.95
CA LYS G 209 7.21 -36.25 -9.11
C LYS G 209 8.13 -35.87 -10.32
N GLU G 210 7.61 -35.87 -11.56
CA GLU G 210 8.38 -35.53 -12.77
C GLU G 210 9.03 -34.13 -12.81
N PHE G 211 8.39 -33.14 -12.16
CA PHE G 211 8.81 -31.75 -12.18
C PHE G 211 8.86 -31.11 -10.78
N PRO G 212 9.81 -31.53 -9.94
CA PRO G 212 9.85 -30.98 -8.57
C PRO G 212 10.39 -29.56 -8.45
N SER G 213 11.23 -29.15 -9.40
CA SER G 213 11.77 -27.80 -9.37
C SER G 213 10.65 -26.79 -9.73
N ILE G 214 9.74 -27.18 -10.66
CA ILE G 214 8.53 -26.47 -11.07
C ILE G 214 7.48 -26.57 -9.91
N ALA G 215 7.36 -27.77 -9.27
CA ALA G 215 6.42 -27.94 -8.14
C ALA G 215 6.79 -27.05 -6.93
N LYS G 216 8.13 -26.83 -6.66
CA LYS G 216 8.62 -25.94 -5.61
C LYS G 216 8.43 -24.47 -6.05
N ALA G 217 8.65 -24.20 -7.35
CA ALA G 217 8.47 -22.88 -7.96
C ALA G 217 7.01 -22.40 -7.87
N LEU G 218 6.03 -23.32 -8.01
CA LEU G 218 4.59 -23.01 -7.93
C LEU G 218 4.01 -23.14 -6.52
N ASP G 219 4.80 -23.77 -5.59
CA ASP G 219 4.49 -24.06 -4.18
C ASP G 219 3.37 -25.12 -4.09
N TRP G 220 3.59 -26.29 -4.70
CA TRP G 220 2.61 -27.39 -4.73
C TRP G 220 2.96 -28.52 -3.75
N GLY H 6 21.19 -24.88 -44.21
CA GLY H 6 20.16 -25.29 -43.26
C GLY H 6 20.43 -26.65 -42.67
N SER H 7 20.33 -26.78 -41.32
CA SER H 7 20.58 -28.04 -40.63
C SER H 7 19.70 -28.22 -39.40
N ALA H 8 19.68 -29.45 -38.85
CA ALA H 8 18.88 -29.82 -37.69
C ALA H 8 19.47 -30.97 -36.86
N LYS H 9 19.21 -30.91 -35.55
CA LYS H 9 19.62 -31.87 -34.53
C LYS H 9 18.43 -32.16 -33.64
N LEU H 10 18.26 -33.41 -33.22
CA LEU H 10 17.17 -33.80 -32.33
C LEU H 10 17.49 -33.34 -30.88
N ILE H 11 16.58 -32.57 -30.27
CA ILE H 11 16.81 -32.12 -28.89
C ILE H 11 16.14 -33.10 -27.94
N SER H 12 14.81 -33.26 -28.07
CA SER H 12 14.08 -34.20 -27.24
C SER H 12 13.00 -34.92 -28.01
N VAL H 13 12.57 -36.08 -27.49
CA VAL H 13 11.49 -36.89 -28.03
C VAL H 13 10.80 -37.63 -26.85
N THR H 14 9.51 -37.90 -26.99
CA THR H 14 8.71 -38.58 -25.97
C THR H 14 9.31 -40.00 -25.68
N LYS H 15 9.32 -40.40 -24.41
CA LYS H 15 9.79 -41.72 -24.03
C LYS H 15 8.76 -42.35 -23.08
N PRO H 16 8.20 -43.51 -23.46
CA PRO H 16 7.18 -44.16 -22.61
C PRO H 16 7.75 -44.72 -21.31
N VAL H 17 6.86 -44.92 -20.30
CA VAL H 17 7.21 -45.49 -18.99
C VAL H 17 6.37 -46.77 -18.73
N VAL H 18 5.82 -47.34 -19.82
CA VAL H 18 4.95 -48.51 -19.91
C VAL H 18 5.75 -49.78 -20.26
N GLU H 19 5.39 -50.93 -19.63
CA GLU H 19 6.02 -52.22 -19.89
C GLU H 19 5.62 -52.73 -21.26
N GLY H 20 6.64 -53.12 -22.04
CA GLY H 20 6.48 -53.59 -23.41
C GLY H 20 6.60 -52.48 -24.44
N VAL H 21 6.63 -51.20 -23.95
CA VAL H 21 6.72 -49.99 -24.75
C VAL H 21 8.04 -49.26 -24.46
N ASN H 22 8.89 -49.14 -25.49
CA ASN H 22 10.20 -48.53 -25.30
C ASN H 22 10.43 -47.22 -26.02
N THR H 23 9.89 -47.05 -27.23
CA THR H 23 10.06 -45.82 -28.00
C THR H 23 8.72 -45.11 -28.21
N ALA H 24 8.78 -43.85 -28.72
CA ALA H 24 7.59 -43.06 -29.04
C ALA H 24 6.72 -43.75 -30.10
N GLU H 25 7.34 -44.38 -31.12
CA GLU H 25 6.64 -45.11 -32.19
C GLU H 25 5.91 -46.35 -31.65
N GLU H 26 6.53 -47.06 -30.73
CA GLU H 26 5.93 -48.23 -30.12
C GLU H 26 4.68 -47.84 -29.33
N LEU H 27 4.72 -46.62 -28.71
CA LEU H 27 3.61 -46.01 -27.99
C LEU H 27 2.49 -45.62 -28.96
N ILE H 28 2.86 -45.16 -30.17
CA ILE H 28 1.91 -44.77 -31.21
C ILE H 28 1.19 -46.03 -31.69
N ALA H 29 1.97 -47.06 -32.11
CA ALA H 29 1.52 -48.36 -32.59
C ALA H 29 0.64 -49.04 -31.53
N TYR H 30 1.08 -48.98 -30.26
CA TYR H 30 0.35 -49.52 -29.12
C TYR H 30 -1.06 -48.88 -28.98
N ALA H 31 -1.14 -47.54 -29.04
CA ALA H 31 -2.40 -46.78 -28.96
C ALA H 31 -3.31 -47.07 -30.15
N ALA H 32 -2.72 -47.31 -31.34
CA ALA H 32 -3.43 -47.65 -32.56
C ALA H 32 -3.99 -49.08 -32.51
N ARG H 33 -3.26 -50.03 -31.90
CA ARG H 33 -3.76 -51.41 -31.79
C ARG H 33 -4.90 -51.54 -30.78
N VAL H 34 -4.81 -50.77 -29.67
CA VAL H 34 -5.79 -50.73 -28.57
C VAL H 34 -7.18 -50.18 -29.04
N SER H 35 -7.27 -49.61 -30.29
CA SER H 35 -8.53 -49.10 -30.81
C SER H 35 -8.86 -49.47 -32.29
N ASN H 36 -8.70 -50.77 -32.70
CA ASN H 36 -8.96 -51.22 -34.09
C ASN H 36 -9.36 -52.71 -34.15
N THR H 45 1.13 -55.59 -40.27
CA THR H 45 2.38 -54.84 -40.07
C THR H 45 2.11 -53.46 -39.42
N ALA H 46 3.00 -53.05 -38.47
CA ALA H 46 2.95 -51.78 -37.73
C ALA H 46 2.85 -50.58 -38.65
N SER H 47 3.63 -50.60 -39.75
CA SER H 47 3.65 -49.57 -40.78
C SER H 47 2.31 -49.49 -41.48
N GLY H 48 1.79 -50.64 -41.86
CA GLY H 48 0.48 -50.75 -42.51
C GLY H 48 -0.65 -50.27 -41.63
N LEU H 49 -0.58 -50.62 -40.33
CA LEU H 49 -1.52 -50.19 -39.31
C LEU H 49 -1.57 -48.65 -39.28
N LEU H 50 -0.38 -48.00 -39.08
CA LEU H 50 -0.22 -46.55 -39.01
C LEU H 50 -0.66 -45.90 -40.34
N LYS H 51 -0.22 -46.48 -41.49
CA LYS H 51 -0.57 -46.07 -42.86
C LYS H 51 -2.09 -45.98 -43.01
N TYR H 52 -2.79 -46.96 -42.41
CA TYR H 52 -4.26 -47.10 -42.40
C TYR H 52 -4.89 -46.00 -41.57
N CYS H 53 -4.32 -45.73 -40.37
CA CYS H 53 -4.72 -44.68 -39.41
C CYS H 53 -4.53 -43.29 -40.02
N ILE H 54 -3.43 -43.08 -40.79
CA ILE H 54 -3.11 -41.83 -41.50
C ILE H 54 -4.19 -41.55 -42.59
N ARG H 55 -4.50 -42.58 -43.38
CA ARG H 55 -5.47 -42.58 -44.48
C ARG H 55 -6.89 -42.37 -43.99
N HIS H 56 -7.23 -42.96 -42.84
CA HIS H 56 -8.57 -42.89 -42.25
C HIS H 56 -8.75 -41.68 -41.33
N LYS H 57 -7.64 -40.95 -41.16
CA LYS H 57 -7.48 -39.68 -40.47
C LYS H 57 -7.61 -39.67 -38.93
N HIS H 58 -7.31 -40.83 -38.32
CA HIS H 58 -7.24 -41.05 -36.87
C HIS H 58 -5.82 -40.52 -36.45
N TRP H 59 -5.73 -39.19 -36.34
CA TRP H 59 -4.51 -38.49 -36.03
C TRP H 59 -4.09 -38.49 -34.59
N SER H 60 -5.04 -38.68 -33.68
CA SER H 60 -4.79 -38.65 -32.24
C SER H 60 -3.79 -39.68 -31.69
N ILE H 61 -3.43 -40.68 -32.48
CA ILE H 61 -2.40 -41.64 -32.08
C ILE H 61 -1.01 -40.99 -32.32
N PHE H 62 -0.91 -40.12 -33.34
CA PHE H 62 0.29 -39.36 -33.70
C PHE H 62 0.55 -38.16 -32.76
N GLU H 63 -0.38 -37.92 -31.80
CA GLU H 63 -0.31 -36.82 -30.84
C GLU H 63 0.06 -37.28 -29.42
N THR H 64 0.21 -38.60 -29.23
CA THR H 64 0.65 -39.25 -27.98
C THR H 64 2.20 -39.02 -27.83
N ALA H 65 2.86 -38.67 -28.99
CA ALA H 65 4.29 -38.40 -29.13
C ALA H 65 4.57 -36.98 -29.55
N PHE H 66 5.62 -36.38 -28.99
CA PHE H 66 6.01 -35.00 -29.26
C PHE H 66 7.53 -34.95 -29.33
N MET H 67 8.06 -34.22 -30.32
CA MET H 67 9.50 -34.14 -30.62
C MET H 67 9.98 -32.69 -30.78
N THR H 68 11.20 -32.38 -30.27
CA THR H 68 11.87 -31.08 -30.37
C THR H 68 13.11 -31.22 -31.26
N LEU H 69 13.32 -30.26 -32.18
CA LEU H 69 14.46 -30.25 -33.09
C LEU H 69 15.07 -28.85 -33.10
N GLU H 70 16.39 -28.73 -32.87
CA GLU H 70 17.14 -27.46 -32.96
C GLU H 70 17.40 -27.24 -34.44
N LEU H 71 16.98 -26.07 -34.99
CA LEU H 71 17.16 -25.74 -36.43
C LEU H 71 18.07 -24.56 -36.66
N LYS H 72 19.13 -24.80 -37.49
CA LYS H 72 20.13 -23.80 -37.87
C LYS H 72 19.74 -23.26 -39.25
N THR H 73 18.99 -22.16 -39.24
CA THR H 73 18.48 -21.47 -40.41
C THR H 73 18.90 -19.99 -40.37
N SER H 74 18.21 -19.12 -41.13
CA SER H 74 18.38 -17.68 -41.18
C SER H 74 17.03 -17.05 -40.77
N ARG H 75 17.01 -15.75 -40.43
CA ARG H 75 15.78 -15.06 -40.07
C ARG H 75 14.73 -15.11 -41.18
N GLY H 76 15.20 -15.09 -42.44
CA GLY H 76 14.36 -15.13 -43.64
C GLY H 76 13.54 -16.40 -43.80
N ILE H 77 14.14 -17.54 -43.46
CA ILE H 77 13.45 -18.85 -43.51
C ILE H 77 12.65 -19.04 -42.22
N ALA H 78 13.14 -18.44 -41.10
CA ALA H 78 12.44 -18.44 -39.82
C ALA H 78 11.08 -17.72 -39.98
N ALA H 79 10.99 -16.78 -40.94
CA ALA H 79 9.76 -16.05 -41.28
C ALA H 79 8.69 -16.99 -41.83
N GLN H 80 9.11 -18.12 -42.41
CA GLN H 80 8.20 -19.12 -42.94
C GLN H 80 7.86 -20.15 -41.85
N VAL H 81 8.89 -20.57 -41.09
CA VAL H 81 8.86 -21.57 -40.00
C VAL H 81 7.94 -21.12 -38.84
N LEU H 82 8.07 -19.85 -38.37
CA LEU H 82 7.29 -19.28 -37.28
C LEU H 82 5.77 -19.26 -37.55
N ARG H 83 5.38 -19.39 -38.82
CA ARG H 83 3.99 -19.43 -39.27
C ARG H 83 3.27 -20.79 -39.03
N HIS H 84 4.05 -21.87 -38.76
CA HIS H 84 3.51 -23.19 -38.46
C HIS H 84 3.10 -23.20 -37.00
N ARG H 85 1.96 -22.57 -36.74
CA ARG H 85 1.38 -22.28 -35.41
C ARG H 85 1.05 -23.43 -34.44
N SER H 86 1.11 -24.68 -34.92
CA SER H 86 0.82 -25.84 -34.09
C SER H 86 2.13 -26.24 -33.38
N PHE H 87 3.19 -25.53 -33.73
CA PHE H 87 4.52 -25.71 -33.19
C PHE H 87 4.83 -24.67 -32.10
N HIS H 88 5.63 -25.13 -31.16
CA HIS H 88 6.16 -24.37 -30.05
C HIS H 88 7.59 -24.12 -30.45
N PHE H 89 8.06 -22.91 -30.19
CA PHE H 89 9.42 -22.47 -30.50
C PHE H 89 10.17 -21.92 -29.31
N GLN H 90 11.48 -21.94 -29.41
CA GLN H 90 12.38 -21.32 -28.45
C GLN H 90 13.48 -20.68 -29.25
N GLU H 91 13.57 -19.35 -29.13
CA GLU H 91 14.55 -18.51 -29.81
C GLU H 91 15.41 -17.83 -28.75
N PHE H 92 16.61 -17.36 -29.13
CA PHE H 92 17.48 -16.62 -28.23
C PHE H 92 16.76 -15.35 -27.82
N SER H 93 17.06 -14.84 -26.62
CA SER H 93 16.44 -13.62 -26.12
C SER H 93 16.71 -12.47 -27.05
N GLN H 94 15.76 -11.57 -27.18
CA GLN H 94 15.97 -10.38 -27.98
C GLN H 94 16.83 -9.43 -27.15
N ARG H 95 16.81 -9.60 -25.81
CA ARG H 95 17.50 -8.79 -24.82
C ARG H 95 18.93 -9.25 -24.45
N TYR H 96 19.06 -10.47 -23.90
CA TYR H 96 20.29 -11.03 -23.33
C TYR H 96 21.04 -11.98 -24.26
N ALA H 97 21.07 -11.70 -25.59
CA ALA H 97 21.77 -12.53 -26.58
C ALA H 97 22.21 -11.80 -27.85
N SER H 98 23.55 -11.61 -27.98
CA SER H 98 24.20 -10.95 -29.13
C SER H 98 24.53 -12.00 -30.20
N VAL H 99 24.32 -11.65 -31.49
CA VAL H 99 24.49 -12.52 -32.66
C VAL H 99 25.74 -13.43 -32.65
N GLN H 128 25.72 -13.33 -60.40
CA GLN H 128 25.97 -14.26 -59.30
C GLN H 128 27.08 -13.78 -58.37
N THR H 129 28.25 -13.43 -58.95
CA THR H 129 29.42 -12.92 -58.24
C THR H 129 29.06 -11.60 -57.57
N TRP H 130 28.33 -10.73 -58.30
CA TRP H 130 27.87 -9.42 -57.85
C TRP H 130 27.04 -9.51 -56.58
N TRP H 131 26.06 -10.45 -56.53
CA TRP H 131 25.18 -10.66 -55.37
C TRP H 131 25.97 -11.12 -54.17
N ALA H 132 26.71 -12.24 -54.30
CA ALA H 132 27.56 -12.77 -53.23
C ALA H 132 28.52 -11.69 -52.70
N THR H 133 29.20 -10.95 -53.61
CA THR H 133 30.14 -9.86 -53.31
C THR H 133 29.47 -8.76 -52.52
N GLU H 134 28.53 -8.04 -53.17
CA GLU H 134 27.81 -6.92 -52.61
C GLU H 134 26.99 -7.24 -51.34
N GLN H 135 26.71 -8.54 -51.10
CA GLN H 135 26.02 -9.01 -49.89
C GLN H 135 26.98 -8.99 -48.71
N GLU H 136 28.25 -9.44 -48.91
CA GLU H 136 29.27 -9.41 -47.87
C GLU H 136 29.60 -7.98 -47.57
N LYS H 137 29.78 -7.17 -48.64
CA LYS H 137 30.06 -5.73 -48.60
C LYS H 137 29.05 -5.03 -47.64
N LEU H 138 27.78 -5.44 -47.71
CA LEU H 138 26.73 -4.93 -46.85
C LEU H 138 26.73 -5.64 -45.49
N TYR H 139 26.73 -7.00 -45.46
CA TYR H 139 26.70 -7.81 -44.24
C TYR H 139 27.84 -7.42 -43.29
N ALA H 140 29.10 -7.37 -43.77
CA ALA H 140 30.23 -6.90 -42.95
C ALA H 140 30.02 -5.45 -42.46
N GLN H 141 29.39 -4.60 -43.29
CA GLN H 141 29.04 -3.20 -42.94
C GLN H 141 28.00 -3.17 -41.80
N SER H 142 26.94 -4.03 -41.91
CA SER H 142 25.87 -4.18 -40.92
C SER H 142 26.46 -4.54 -39.56
N MET H 143 27.33 -5.57 -39.55
CA MET H 143 28.01 -6.10 -38.36
C MET H 143 28.92 -5.06 -37.73
N GLU H 144 29.63 -4.27 -38.57
CA GLU H 144 30.50 -3.19 -38.12
C GLU H 144 29.67 -2.18 -37.27
N LEU H 145 28.46 -1.84 -37.74
CA LEU H 145 27.61 -0.90 -37.04
C LEU H 145 27.05 -1.51 -35.73
N TYR H 146 26.66 -2.81 -35.78
CA TYR H 146 26.11 -3.57 -34.65
C TYR H 146 27.11 -3.56 -33.52
N ASN H 147 28.36 -3.93 -33.85
CA ASN H 147 29.51 -3.97 -32.96
C ASN H 147 29.75 -2.63 -32.26
N LYS H 148 29.63 -1.51 -32.99
CA LYS H 148 29.79 -0.14 -32.46
C LYS H 148 28.73 0.12 -31.39
N ALA H 149 27.44 -0.09 -31.72
CA ALA H 149 26.27 0.08 -30.85
C ALA H 149 26.42 -0.68 -29.55
N LEU H 150 26.85 -1.96 -29.62
CA LEU H 150 27.10 -2.82 -28.48
C LEU H 150 28.23 -2.29 -27.61
N GLU H 151 29.37 -1.84 -28.23
CA GLU H 151 30.50 -1.24 -27.51
C GLU H 151 30.00 0.04 -26.82
N LYS H 152 29.13 0.84 -27.51
CA LYS H 152 28.54 2.10 -27.02
C LYS H 152 27.55 1.87 -25.87
N GLY H 153 27.15 0.61 -25.72
CA GLY H 153 26.20 0.19 -24.70
C GLY H 153 24.75 0.26 -25.14
N ILE H 154 24.49 0.26 -26.46
CA ILE H 154 23.13 0.24 -26.96
C ILE H 154 22.56 -1.13 -26.61
N ALA H 155 21.25 -1.21 -26.30
CA ALA H 155 20.63 -2.48 -25.94
C ALA H 155 20.56 -3.47 -27.14
N LYS H 156 20.77 -4.78 -26.91
CA LYS H 156 20.70 -5.81 -27.96
C LYS H 156 19.39 -5.76 -28.77
N GLU H 157 18.23 -5.56 -28.07
CA GLU H 157 16.90 -5.46 -28.68
C GLU H 157 16.76 -4.26 -29.60
N CYS H 158 17.61 -3.22 -29.39
CA CYS H 158 17.69 -2.02 -30.23
C CYS H 158 18.62 -2.23 -31.41
N ALA H 159 19.80 -2.82 -31.16
CA ALA H 159 20.86 -3.08 -32.14
C ALA H 159 20.44 -4.15 -33.15
N ARG H 160 19.41 -4.96 -32.81
CA ARG H 160 18.87 -6.01 -33.66
C ARG H 160 18.29 -5.41 -34.96
N PHE H 161 17.60 -4.26 -34.85
CA PHE H 161 16.93 -3.56 -35.94
C PHE H 161 17.74 -3.31 -37.20
N ILE H 162 19.08 -3.32 -37.11
CA ILE H 162 20.00 -3.10 -38.25
C ILE H 162 20.42 -4.43 -38.93
N LEU H 163 20.13 -5.57 -38.27
CA LEU H 163 20.48 -6.89 -38.79
C LEU H 163 19.59 -7.30 -39.98
N PRO H 164 20.15 -7.91 -41.04
CA PRO H 164 19.31 -8.32 -42.18
C PRO H 164 18.62 -9.68 -41.96
N LEU H 165 17.59 -9.98 -42.77
CA LEU H 165 16.90 -11.26 -42.75
C LEU H 165 17.83 -12.46 -42.96
N SER H 166 19.02 -12.26 -43.57
CA SER H 166 19.98 -13.35 -43.76
C SER H 166 20.71 -13.72 -42.45
N THR H 167 20.65 -12.84 -41.42
CA THR H 167 21.27 -13.12 -40.12
C THR H 167 20.91 -14.54 -39.67
N PRO H 168 21.93 -15.38 -39.42
CA PRO H 168 21.64 -16.75 -38.96
C PRO H 168 20.87 -16.74 -37.64
N THR H 169 19.98 -17.72 -37.50
CA THR H 169 19.13 -17.92 -36.33
C THR H 169 19.14 -19.42 -36.01
N THR H 170 19.28 -19.74 -34.75
CA THR H 170 19.21 -21.11 -34.26
C THR H 170 17.96 -21.18 -33.39
N ILE H 171 17.02 -22.05 -33.76
CA ILE H 171 15.72 -22.15 -33.10
C ILE H 171 15.28 -23.58 -32.70
N TYR H 172 14.66 -23.74 -31.51
CA TYR H 172 14.05 -25.00 -31.10
C TYR H 172 12.63 -25.01 -31.67
N MET H 173 12.23 -26.16 -32.27
CA MET H 173 10.92 -26.38 -32.89
C MET H 173 10.36 -27.65 -32.28
N SER H 174 9.27 -27.50 -31.53
CA SER H 174 8.65 -28.60 -30.80
C SER H 174 7.16 -28.75 -31.16
N GLY H 175 6.80 -29.94 -31.60
CA GLY H 175 5.46 -30.29 -32.01
C GLY H 175 5.18 -31.77 -31.94
N THR H 176 3.90 -32.15 -32.14
CA THR H 176 3.49 -33.56 -32.12
C THR H 176 3.96 -34.26 -33.40
N ILE H 177 3.92 -35.61 -33.41
CA ILE H 177 4.33 -36.34 -34.61
C ILE H 177 3.40 -36.03 -35.79
N ARG H 178 2.08 -35.80 -35.51
CA ARG H 178 1.08 -35.35 -36.48
C ARG H 178 1.55 -34.05 -37.18
N ASP H 179 1.84 -32.99 -36.41
CA ASP H 179 2.26 -31.67 -36.94
C ASP H 179 3.54 -31.75 -37.71
N TRP H 180 4.53 -32.59 -37.23
CA TRP H 180 5.84 -32.81 -37.87
C TRP H 180 5.68 -33.47 -39.25
N ILE H 181 4.72 -34.44 -39.39
CA ILE H 181 4.40 -35.14 -40.64
C ILE H 181 3.92 -34.13 -41.68
N HIS H 182 2.92 -33.32 -41.32
CA HIS H 182 2.37 -32.30 -42.20
C HIS H 182 3.30 -31.11 -42.40
N TYR H 183 4.29 -30.94 -41.51
CA TYR H 183 5.27 -29.87 -41.71
C TYR H 183 6.23 -30.37 -42.81
N ILE H 184 6.89 -31.50 -42.55
CA ILE H 184 7.87 -32.11 -43.45
C ILE H 184 7.32 -32.39 -44.86
N GLU H 185 6.03 -32.79 -44.96
CA GLU H 185 5.37 -33.02 -46.25
C GLU H 185 5.15 -31.71 -47.04
N LEU H 186 4.88 -30.60 -46.37
CA LEU H 186 4.66 -29.33 -47.06
C LEU H 186 5.98 -28.68 -47.50
N ARG H 187 6.96 -28.63 -46.61
CA ARG H 187 8.22 -27.94 -46.81
C ARG H 187 9.31 -28.69 -47.59
N THR H 188 9.00 -29.92 -48.07
CA THR H 188 9.88 -30.71 -48.96
C THR H 188 9.24 -30.77 -50.37
N SER H 189 7.99 -30.28 -50.53
CA SER H 189 7.24 -30.28 -51.78
C SER H 189 7.82 -29.30 -52.82
N ASN H 190 7.46 -29.48 -54.10
CA ASN H 190 7.90 -28.62 -55.20
C ASN H 190 7.38 -27.19 -55.09
N GLY H 191 8.28 -26.22 -55.28
CA GLY H 191 7.94 -24.81 -55.23
C GLY H 191 8.25 -24.09 -53.92
N THR H 192 8.68 -24.85 -52.89
CA THR H 192 9.09 -24.30 -51.58
C THR H 192 10.49 -23.65 -51.77
N GLN H 193 10.77 -22.52 -51.10
CA GLN H 193 12.05 -21.81 -51.15
C GLN H 193 13.19 -22.78 -50.81
N ARG H 194 14.17 -22.90 -51.74
CA ARG H 194 15.35 -23.79 -51.70
C ARG H 194 15.89 -24.05 -50.30
N GLU H 195 16.22 -22.96 -49.56
CA GLU H 195 16.77 -22.98 -48.20
C GLU H 195 15.85 -23.70 -47.21
N HIS H 196 14.50 -23.59 -47.38
CA HIS H 196 13.50 -24.25 -46.55
C HIS H 196 13.38 -25.71 -46.89
N ILE H 197 13.61 -26.09 -48.18
CA ILE H 197 13.57 -27.50 -48.61
C ILE H 197 14.72 -28.22 -47.92
N ASP H 198 15.94 -27.64 -47.97
CA ASP H 198 17.11 -28.22 -47.31
C ASP H 198 16.85 -28.40 -45.82
N LEU H 199 16.35 -27.33 -45.16
CA LEU H 199 16.00 -27.28 -43.73
C LEU H 199 15.00 -28.39 -43.39
N ALA H 200 13.91 -28.50 -44.16
CA ALA H 200 12.90 -29.54 -43.96
C ALA H 200 13.48 -30.96 -44.21
N ASN H 201 14.49 -31.10 -45.12
CA ASN H 201 15.13 -32.39 -45.41
C ASN H 201 15.94 -32.85 -44.24
N ALA H 202 16.62 -31.90 -43.57
CA ALA H 202 17.41 -32.14 -42.37
C ALA H 202 16.50 -32.68 -41.24
N CYS H 203 15.21 -32.21 -41.20
CA CYS H 203 14.18 -32.64 -40.26
C CYS H 203 13.71 -34.07 -40.55
N LYS H 204 13.41 -34.36 -41.85
CA LYS H 204 12.98 -35.66 -42.41
C LYS H 204 14.00 -36.73 -42.06
N GLU H 205 15.29 -36.44 -42.30
CA GLU H 205 16.41 -37.33 -41.99
C GLU H 205 16.25 -37.82 -40.53
N ILE H 206 16.11 -36.86 -39.58
CA ILE H 206 15.89 -37.10 -38.15
C ILE H 206 14.59 -37.88 -37.90
N PHE H 207 13.47 -37.46 -38.52
CA PHE H 207 12.15 -38.11 -38.41
C PHE H 207 12.22 -39.57 -38.85
N ILE H 208 12.97 -39.87 -39.94
CA ILE H 208 13.17 -41.22 -40.47
C ILE H 208 13.85 -42.10 -39.43
N LYS H 209 14.91 -41.55 -38.75
CA LYS H 209 15.70 -42.23 -37.73
C LYS H 209 14.87 -42.59 -36.48
N GLU H 210 14.03 -41.67 -36.01
CA GLU H 210 13.18 -41.90 -34.83
C GLU H 210 11.88 -42.62 -35.14
N PHE H 211 11.28 -42.34 -36.31
CA PHE H 211 10.02 -42.95 -36.77
C PHE H 211 10.17 -43.75 -38.09
N PRO H 212 10.82 -44.94 -38.03
CA PRO H 212 11.03 -45.72 -39.26
C PRO H 212 9.73 -46.19 -39.88
N SER H 213 8.83 -46.81 -39.07
CA SER H 213 7.54 -47.35 -39.49
C SER H 213 6.65 -46.25 -40.09
N ILE H 214 6.63 -45.05 -39.47
CA ILE H 214 5.86 -43.90 -40.00
C ILE H 214 6.42 -43.46 -41.36
N ALA H 215 7.76 -43.37 -41.49
CA ALA H 215 8.43 -43.04 -42.76
C ALA H 215 8.09 -44.07 -43.87
N LYS H 216 8.05 -45.39 -43.51
CA LYS H 216 7.68 -46.49 -44.41
C LYS H 216 6.20 -46.33 -44.78
N ALA H 217 5.33 -46.10 -43.79
CA ALA H 217 3.89 -45.89 -43.98
C ALA H 217 3.63 -44.67 -44.89
N LEU H 218 4.52 -43.65 -44.84
CA LEU H 218 4.42 -42.44 -45.65
C LEU H 218 5.17 -42.48 -46.98
N ASP H 219 6.08 -43.47 -47.15
CA ASP H 219 6.95 -43.68 -48.32
C ASP H 219 7.93 -42.52 -48.49
N TRP H 220 8.84 -42.44 -47.51
CA TRP H 220 9.90 -41.44 -47.41
C TRP H 220 11.24 -42.18 -47.38
N GLY I 6 67.22 21.44 29.34
CA GLY I 6 66.27 21.55 30.43
C GLY I 6 65.21 22.62 30.20
N SER I 7 63.95 22.21 30.00
CA SER I 7 62.88 23.15 29.74
C SER I 7 61.89 23.33 30.91
N ALA I 8 61.11 24.42 30.84
CA ALA I 8 60.04 24.72 31.78
C ALA I 8 58.81 25.30 31.06
N LYS I 9 57.64 24.76 31.39
CA LYS I 9 56.32 25.15 30.88
C LYS I 9 55.50 25.67 32.08
N LEU I 10 54.61 26.66 31.85
CA LEU I 10 53.76 27.13 32.93
C LEU I 10 52.57 26.16 33.02
N ILE I 11 52.23 25.69 34.22
CA ILE I 11 51.12 24.76 34.40
C ILE I 11 49.91 25.52 34.93
N SER I 12 50.12 26.34 35.97
CA SER I 12 49.10 27.16 36.60
C SER I 12 49.69 28.27 37.43
N VAL I 13 48.92 29.35 37.54
CA VAL I 13 49.18 30.54 38.35
C VAL I 13 47.86 30.88 39.05
N THR I 14 47.97 31.54 40.21
CA THR I 14 46.87 32.04 41.02
C THR I 14 46.13 33.10 40.21
N LYS I 15 44.79 33.09 40.28
CA LYS I 15 44.04 34.11 39.58
C LYS I 15 43.01 34.71 40.52
N PRO I 16 43.00 36.05 40.68
CA PRO I 16 42.00 36.66 41.56
C PRO I 16 40.62 36.54 40.95
N VAL I 17 39.60 36.41 41.81
CA VAL I 17 38.22 36.27 41.37
C VAL I 17 37.37 37.38 42.01
N VAL I 18 37.97 38.59 42.02
CA VAL I 18 37.51 39.83 42.65
C VAL I 18 37.67 41.03 41.70
N GLU I 19 36.68 41.92 41.71
CA GLU I 19 36.62 43.12 40.87
C GLU I 19 37.81 44.07 41.07
N GLY I 20 38.46 44.48 39.98
CA GLY I 20 39.59 45.41 40.06
C GLY I 20 40.97 44.78 39.96
N VAL I 21 41.06 43.48 40.25
CA VAL I 21 42.29 42.72 40.14
C VAL I 21 42.03 41.54 39.21
N ASN I 22 42.76 41.49 38.12
CA ASN I 22 42.58 40.44 37.13
C ASN I 22 43.70 39.40 37.11
N THR I 23 44.96 39.84 37.35
CA THR I 23 46.14 38.96 37.35
C THR I 23 46.69 38.82 38.76
N ALA I 24 47.46 37.73 39.01
CA ALA I 24 48.14 37.43 40.27
C ALA I 24 49.00 38.62 40.68
N GLU I 25 49.74 39.24 39.75
CA GLU I 25 50.57 40.41 40.01
C GLU I 25 49.73 41.61 40.46
N GLU I 26 48.52 41.76 39.92
CA GLU I 26 47.64 42.86 40.32
C GLU I 26 47.24 42.70 41.80
N LEU I 27 46.97 41.45 42.24
CA LEU I 27 46.64 41.11 43.63
C LEU I 27 47.82 41.46 44.55
N ILE I 28 49.06 41.05 44.14
CA ILE I 28 50.29 41.35 44.89
C ILE I 28 50.38 42.87 45.10
N ALA I 29 50.35 43.62 43.99
CA ALA I 29 50.39 45.08 43.96
C ALA I 29 49.24 45.70 44.78
N TYR I 30 48.05 45.08 44.77
CA TYR I 30 46.89 45.55 45.53
C TYR I 30 47.16 45.45 47.01
N ALA I 31 47.65 44.28 47.47
CA ALA I 31 48.00 44.03 48.85
C ALA I 31 49.09 45.03 49.28
N ALA I 32 50.07 45.32 48.40
CA ALA I 32 51.15 46.31 48.62
C ALA I 32 50.64 47.73 48.91
N ARG I 33 49.57 48.15 48.22
CA ARG I 33 48.95 49.46 48.34
C ARG I 33 48.10 49.62 49.61
N VAL I 34 47.23 48.63 49.90
CA VAL I 34 46.33 48.62 51.06
C VAL I 34 47.06 48.80 52.42
N SER I 35 48.20 48.10 52.60
CA SER I 35 49.03 48.15 53.82
C SER I 35 50.20 49.15 53.69
N ASN I 36 49.94 50.32 53.03
CA ASN I 36 50.88 51.43 52.82
C ASN I 36 50.17 52.78 52.66
N THR I 45 55.15 54.55 41.01
CA THR I 45 55.23 53.40 40.09
C THR I 45 54.86 52.09 40.81
N ALA I 46 54.20 51.15 40.09
CA ALA I 46 53.81 49.85 40.66
C ALA I 46 55.06 49.03 41.04
N SER I 47 55.99 48.87 40.07
CA SER I 47 57.29 48.20 40.20
C SER I 47 58.08 48.76 41.38
N GLY I 48 58.06 50.10 41.51
CA GLY I 48 58.69 50.81 42.61
C GLY I 48 58.13 50.43 43.95
N LEU I 49 56.77 50.32 44.08
CA LEU I 49 56.06 49.89 45.31
C LEU I 49 56.56 48.52 45.69
N LEU I 50 56.62 47.63 44.69
CA LEU I 50 57.07 46.26 44.81
C LEU I 50 58.53 46.17 45.22
N LYS I 51 59.40 46.98 44.57
CA LYS I 51 60.84 47.10 44.87
C LYS I 51 61.03 47.52 46.32
N TYR I 52 60.19 48.47 46.78
CA TYR I 52 60.20 49.00 48.14
C TYR I 52 59.90 47.86 49.12
N CYS I 53 58.82 47.08 48.83
CA CYS I 53 58.37 45.95 49.62
C CYS I 53 59.43 44.86 49.73
N ILE I 54 60.14 44.58 48.61
CA ILE I 54 61.25 43.60 48.56
C ILE I 54 62.42 44.10 49.46
N ARG I 55 62.75 45.40 49.38
CA ARG I 55 63.82 46.05 50.12
C ARG I 55 63.56 46.06 51.63
N HIS I 56 62.27 46.18 52.04
CA HIS I 56 61.90 46.20 53.45
C HIS I 56 61.37 44.90 54.02
N LYS I 57 61.56 43.81 53.27
CA LYS I 57 61.17 42.45 53.62
C LYS I 57 59.69 42.27 54.01
N HIS I 58 58.82 43.02 53.35
CA HIS I 58 57.39 42.85 53.47
C HIS I 58 57.07 41.74 52.45
N TRP I 59 57.42 40.49 52.81
CA TRP I 59 57.26 39.35 51.91
C TRP I 59 55.84 38.89 51.66
N SER I 60 55.01 38.84 52.71
CA SER I 60 53.64 38.31 52.66
C SER I 60 52.75 38.69 51.46
N ILE I 61 53.02 39.84 50.84
CA ILE I 61 52.26 40.30 49.65
C ILE I 61 52.57 39.37 48.47
N PHE I 62 53.80 38.83 48.44
CA PHE I 62 54.28 37.93 47.40
C PHE I 62 53.82 36.50 47.67
N GLU I 63 53.30 36.25 48.88
CA GLU I 63 52.79 34.95 49.26
C GLU I 63 51.26 34.79 49.03
N THR I 64 50.65 35.80 48.39
CA THR I 64 49.25 35.83 48.00
C THR I 64 49.10 35.10 46.64
N ALA I 65 50.22 35.03 45.87
CA ALA I 65 50.28 34.37 44.58
C ALA I 65 51.10 33.07 44.66
N PHE I 66 50.71 32.07 43.86
CA PHE I 66 51.29 30.73 43.80
C PHE I 66 51.36 30.32 42.35
N MET I 67 52.39 29.59 41.96
CA MET I 67 52.58 29.23 40.56
C MET I 67 53.16 27.84 40.41
N THR I 68 52.65 27.05 39.43
CA THR I 68 53.10 25.68 39.11
C THR I 68 53.80 25.62 37.76
N LEU I 69 55.01 25.06 37.75
CA LEU I 69 55.80 24.92 36.53
C LEU I 69 56.07 23.47 36.17
N GLU I 70 56.25 23.20 34.88
CA GLU I 70 56.61 21.85 34.47
C GLU I 70 58.06 21.94 34.11
N LEU I 71 58.88 21.33 34.94
CA LEU I 71 60.31 21.28 34.76
C LEU I 71 60.72 19.97 34.13
N LYS I 72 61.52 20.08 33.05
CA LYS I 72 62.11 18.95 32.37
C LYS I 72 63.60 19.03 32.60
N THR I 73 64.16 18.01 33.27
CA THR I 73 65.57 17.91 33.66
C THR I 73 65.97 16.42 33.87
N SER I 74 67.10 16.18 34.57
CA SER I 74 67.66 14.87 34.91
C SER I 74 67.53 14.66 36.41
N ARG I 75 67.70 13.42 36.89
CA ARG I 75 67.70 13.12 38.33
C ARG I 75 68.77 13.91 39.08
N GLY I 76 69.97 14.02 38.53
CA GLY I 76 71.10 14.75 39.12
C GLY I 76 70.79 16.19 39.47
N ILE I 77 70.01 16.85 38.64
CA ILE I 77 69.58 18.21 38.86
C ILE I 77 68.34 18.22 39.75
N ALA I 78 67.46 17.21 39.58
CA ALA I 78 66.27 17.08 40.40
C ALA I 78 66.67 17.00 41.88
N ALA I 79 67.77 16.30 42.17
CA ALA I 79 68.41 16.09 43.48
C ALA I 79 68.71 17.41 44.20
N GLN I 80 69.05 18.44 43.41
CA GLN I 80 69.29 19.80 43.86
C GLN I 80 67.93 20.51 44.00
N VAL I 81 67.07 20.46 42.94
CA VAL I 81 65.75 21.11 42.88
C VAL I 81 64.87 20.75 44.09
N LEU I 82 64.80 19.44 44.38
CA LEU I 82 64.04 18.82 45.48
C LEU I 82 64.39 19.35 46.88
N ARG I 83 65.57 19.98 47.02
CA ARG I 83 66.10 20.52 48.28
C ARG I 83 65.61 21.93 48.60
N HIS I 84 64.90 22.55 47.65
CA HIS I 84 64.23 23.83 47.83
C HIS I 84 62.89 23.52 48.49
N ARG I 85 62.96 23.12 49.76
CA ARG I 85 61.87 22.64 50.63
C ARG I 85 60.59 23.47 50.78
N SER I 86 60.65 24.80 50.57
CA SER I 86 59.46 25.66 50.64
C SER I 86 58.48 25.30 49.53
N PHE I 87 58.99 24.76 48.40
CA PHE I 87 58.22 24.30 47.24
C PHE I 87 57.51 22.97 47.42
N HIS I 88 56.50 22.75 46.59
CA HIS I 88 55.75 21.51 46.51
C HIS I 88 56.07 20.83 45.19
N PHE I 89 56.33 19.53 45.22
CA PHE I 89 56.70 18.80 44.00
C PHE I 89 55.70 17.71 43.64
N GLN I 90 55.67 17.33 42.35
CA GLN I 90 54.86 16.22 41.83
C GLN I 90 55.65 15.58 40.73
N GLU I 91 55.96 14.31 40.94
CA GLU I 91 56.74 13.46 40.03
C GLU I 91 55.85 12.30 39.61
N PHE I 92 56.25 11.57 38.56
CA PHE I 92 55.48 10.38 38.13
C PHE I 92 55.57 9.30 39.19
N SER I 93 54.59 8.35 39.23
CA SER I 93 54.63 7.24 40.18
C SER I 93 55.92 6.46 40.02
N GLN I 94 56.45 5.92 41.13
CA GLN I 94 57.68 5.15 41.09
C GLN I 94 57.36 3.74 40.69
N ARG I 95 56.14 3.26 41.04
CA ARG I 95 55.58 1.95 40.71
C ARG I 95 54.89 1.95 39.33
N TYR I 96 54.05 2.96 39.07
CA TYR I 96 53.22 3.01 37.86
C TYR I 96 53.69 3.91 36.73
N ALA I 97 55.01 4.04 36.50
CA ALA I 97 55.48 4.86 35.39
C ALA I 97 56.78 4.37 34.79
N SER I 98 56.69 3.95 33.53
CA SER I 98 57.77 3.43 32.69
C SER I 98 58.74 4.53 32.21
N VAL I 99 60.06 4.29 32.35
CA VAL I 99 61.07 5.22 31.86
C VAL I 99 61.30 4.86 30.39
N MET I 100 60.49 5.47 29.53
CA MET I 100 60.55 5.23 28.10
C MET I 100 61.67 6.05 27.46
N GLU I 101 62.05 7.18 28.11
CA GLU I 101 63.09 8.09 27.63
C GLU I 101 64.53 7.61 27.83
N THR I 102 65.27 7.58 26.72
CA THR I 102 66.67 7.16 26.66
C THR I 102 67.59 8.26 27.24
N PRO I 103 68.34 7.98 28.33
CA PRO I 103 69.18 9.03 28.94
C PRO I 103 70.24 9.64 28.01
N PRO I 104 70.32 10.98 27.91
CA PRO I 104 71.31 11.56 27.00
C PRO I 104 72.65 11.82 27.66
N PRO I 105 73.75 11.88 26.86
CA PRO I 105 75.04 12.20 27.47
C PRO I 105 75.15 13.68 27.87
N HIS I 106 75.60 13.90 29.10
CA HIS I 106 75.83 15.23 29.66
C HIS I 106 77.26 15.68 29.33
N GLN I 107 77.46 16.99 29.22
CA GLN I 107 78.75 17.57 28.92
C GLN I 107 79.69 17.43 30.13
N ALA I 108 81.00 17.26 29.88
CA ALA I 108 82.03 17.12 30.91
C ALA I 108 82.76 18.45 31.14
N ARG I 109 83.32 18.65 32.36
CA ARG I 109 84.07 19.85 32.76
C ARG I 109 85.19 19.47 33.73
N PRO I 124 88.27 19.87 25.86
CA PRO I 124 89.32 18.91 25.55
C PRO I 124 88.74 17.76 24.72
N GLU I 125 88.37 18.11 23.48
CA GLU I 125 87.68 17.27 22.49
C GLU I 125 87.91 15.76 22.45
N ASP I 126 89.17 15.28 22.61
CA ASP I 126 89.50 13.84 22.65
C ASP I 126 88.74 13.18 23.82
N ASP I 127 88.84 13.81 25.02
CA ASP I 127 88.17 13.39 26.26
C ASP I 127 86.65 13.61 26.16
N GLN I 128 86.22 14.76 25.57
CA GLN I 128 84.81 15.08 25.37
C GLN I 128 84.15 13.99 24.51
N THR I 129 84.85 13.55 23.42
CA THR I 129 84.36 12.48 22.55
C THR I 129 84.33 11.18 23.33
N TRP I 130 85.34 10.94 24.18
CA TRP I 130 85.47 9.75 25.03
C TRP I 130 84.24 9.62 25.96
N TRP I 131 83.97 10.71 26.71
CA TRP I 131 82.87 10.89 27.66
C TRP I 131 81.52 10.58 27.07
N ALA I 132 81.16 11.26 25.96
CA ALA I 132 79.89 11.06 25.27
C ALA I 132 79.71 9.61 24.84
N THR I 133 80.71 9.06 24.12
CA THR I 133 80.74 7.68 23.60
C THR I 133 80.49 6.66 24.70
N GLU I 134 81.26 6.76 25.77
CA GLU I 134 81.17 5.86 26.90
C GLU I 134 79.82 5.97 27.61
N GLN I 135 79.29 7.20 27.70
CA GLN I 135 77.98 7.48 28.30
C GLN I 135 76.86 6.82 27.48
N GLU I 136 76.84 7.06 26.14
CA GLU I 136 75.87 6.50 25.18
C GLU I 136 75.88 4.97 25.22
N LYS I 137 77.08 4.40 25.39
CA LYS I 137 77.35 2.96 25.48
C LYS I 137 76.70 2.44 26.77
N LEU I 138 77.04 3.04 27.94
CA LEU I 138 76.52 2.66 29.26
C LEU I 138 75.00 2.84 29.37
N TYR I 139 74.48 4.00 29.00
CA TYR I 139 73.04 4.26 29.08
C TYR I 139 72.27 3.30 28.21
N ALA I 140 72.84 2.88 27.06
CA ALA I 140 72.19 1.92 26.16
C ALA I 140 71.99 0.59 26.88
N GLN I 141 73.08 0.09 27.49
CA GLN I 141 73.13 -1.16 28.26
C GLN I 141 72.16 -1.15 29.42
N SER I 142 72.07 0.02 30.10
CA SER I 142 71.20 0.30 31.24
C SER I 142 69.74 0.21 30.78
N MET I 143 69.47 0.74 29.56
CA MET I 143 68.12 0.75 28.99
C MET I 143 67.63 -0.62 28.52
N GLU I 144 68.51 -1.40 27.85
CA GLU I 144 68.17 -2.76 27.41
C GLU I 144 67.95 -3.69 28.61
N LEU I 145 68.73 -3.51 29.70
CA LEU I 145 68.58 -4.27 30.93
C LEU I 145 67.28 -3.87 31.64
N TYR I 146 66.99 -2.55 31.70
CA TYR I 146 65.78 -2.02 32.33
C TYR I 146 64.52 -2.63 31.73
N ASN I 147 64.39 -2.60 30.39
CA ASN I 147 63.27 -3.17 29.66
C ASN I 147 63.22 -4.68 29.79
N LYS I 148 64.42 -5.34 29.81
CA LYS I 148 64.52 -6.80 29.97
C LYS I 148 63.99 -7.24 31.34
N ALA I 149 64.23 -6.42 32.38
CA ALA I 149 63.79 -6.64 33.75
C ALA I 149 62.28 -6.54 33.88
N LEU I 150 61.68 -5.55 33.22
CA LEU I 150 60.24 -5.34 33.23
C LEU I 150 59.51 -6.46 32.49
N GLU I 151 60.14 -7.00 31.42
CA GLU I 151 59.64 -8.14 30.65
C GLU I 151 59.49 -9.31 31.60
N LYS I 152 60.50 -9.51 32.48
CA LYS I 152 60.49 -10.55 33.50
C LYS I 152 59.46 -10.30 34.64
N GLY I 153 58.74 -9.18 34.55
CA GLY I 153 57.72 -8.82 35.53
C GLY I 153 58.27 -8.29 36.84
N ILE I 154 59.53 -7.79 36.81
CA ILE I 154 60.19 -7.19 37.98
C ILE I 154 59.49 -5.85 38.22
N ALA I 155 59.21 -5.50 39.49
CA ALA I 155 58.52 -4.24 39.84
C ALA I 155 59.27 -2.99 39.32
N LYS I 156 58.55 -2.07 38.66
CA LYS I 156 59.15 -0.84 38.12
C LYS I 156 59.94 -0.07 39.20
N GLU I 157 59.47 -0.15 40.46
CA GLU I 157 60.06 0.44 41.66
C GLU I 157 61.45 -0.13 41.95
N CYS I 158 61.72 -1.37 41.50
CA CYS I 158 63.01 -2.07 41.61
C CYS I 158 63.91 -1.78 40.41
N ALA I 159 63.32 -1.78 39.20
CA ALA I 159 64.05 -1.51 37.94
C ALA I 159 64.63 -0.08 37.89
N ARG I 160 64.11 0.83 38.75
CA ARG I 160 64.58 2.21 38.88
C ARG I 160 66.07 2.25 39.23
N PHE I 161 66.48 1.36 40.15
CA PHE I 161 67.82 1.25 40.71
C PHE I 161 68.98 1.23 39.74
N ILE I 162 68.81 0.61 38.57
CA ILE I 162 69.84 0.52 37.53
C ILE I 162 69.95 1.77 36.65
N LEU I 163 68.99 2.68 36.76
CA LEU I 163 68.93 3.92 36.00
C LEU I 163 69.97 4.94 36.45
N PRO I 164 70.63 5.66 35.51
CA PRO I 164 71.63 6.68 35.92
C PRO I 164 71.01 8.02 36.36
N LEU I 165 71.82 8.96 36.88
CA LEU I 165 71.35 10.30 37.27
C LEU I 165 71.09 11.23 36.07
N SER I 166 71.30 10.73 34.85
CA SER I 166 71.09 11.44 33.59
C SER I 166 69.72 11.09 33.04
N THR I 167 68.98 10.23 33.75
CA THR I 167 67.65 9.80 33.35
C THR I 167 66.74 11.02 33.29
N PRO I 168 66.17 11.32 32.09
CA PRO I 168 65.29 12.49 31.99
C PRO I 168 64.11 12.35 32.92
N THR I 169 63.84 13.39 33.65
CA THR I 169 62.75 13.43 34.62
C THR I 169 61.82 14.63 34.35
N THR I 170 60.53 14.44 34.63
CA THR I 170 59.59 15.56 34.54
C THR I 170 58.90 15.75 35.90
N ILE I 171 58.96 16.97 36.45
CA ILE I 171 58.43 17.32 37.78
C ILE I 171 57.64 18.62 37.77
N TYR I 172 56.49 18.69 38.49
CA TYR I 172 55.72 19.92 38.65
C TYR I 172 56.25 20.62 39.91
N MET I 173 56.73 21.85 39.78
CA MET I 173 57.27 22.63 40.90
C MET I 173 56.30 23.78 41.22
N SER I 174 55.75 23.74 42.43
CA SER I 174 54.75 24.69 42.89
C SER I 174 55.22 25.39 44.18
N GLY I 175 55.17 26.72 44.19
CA GLY I 175 55.55 27.51 45.34
C GLY I 175 55.02 28.92 45.25
N THR I 176 55.14 29.70 46.32
CA THR I 176 54.71 31.10 46.28
C THR I 176 55.66 31.90 45.37
N ILE I 177 55.25 33.10 44.95
CA ILE I 177 56.10 33.96 44.12
C ILE I 177 57.35 34.37 44.89
N ARG I 178 57.23 34.64 46.20
CA ARG I 178 58.38 34.92 47.10
C ARG I 178 59.45 33.77 46.94
N ASP I 179 59.01 32.50 47.01
CA ASP I 179 59.81 31.29 46.84
C ASP I 179 60.37 31.16 45.42
N TRP I 180 59.57 31.53 44.41
CA TRP I 180 60.00 31.60 43.01
C TRP I 180 61.07 32.65 42.82
N ILE I 181 60.87 33.86 43.42
CA ILE I 181 61.87 34.94 43.35
C ILE I 181 63.19 34.42 43.89
N HIS I 182 63.16 33.80 45.08
CA HIS I 182 64.38 33.33 45.73
C HIS I 182 65.02 32.11 45.11
N TYR I 183 64.23 31.22 44.47
CA TYR I 183 64.84 30.05 43.84
C TYR I 183 65.61 30.47 42.59
N ILE I 184 64.97 31.35 41.77
CA ILE I 184 65.52 31.87 40.53
C ILE I 184 66.78 32.67 40.76
N GLU I 185 66.76 33.62 41.71
CA GLU I 185 67.93 34.45 41.99
C GLU I 185 69.16 33.63 42.41
N LEU I 186 68.94 32.52 43.13
CA LEU I 186 70.01 31.63 43.58
C LEU I 186 70.51 30.78 42.43
N ARG I 187 69.60 30.13 41.70
CA ARG I 187 69.94 29.19 40.63
C ARG I 187 70.34 29.75 39.27
N THR I 188 70.30 31.09 39.12
CA THR I 188 70.79 31.75 37.91
C THR I 188 72.15 32.34 38.25
N SER I 189 72.51 32.39 39.54
CA SER I 189 73.76 32.96 40.02
C SER I 189 75.03 32.17 39.68
N ASN I 190 76.16 32.89 39.50
CA ASN I 190 77.47 32.35 39.17
C ASN I 190 77.94 31.37 40.22
N GLY I 191 78.40 30.22 39.75
CA GLY I 191 78.88 29.12 40.58
C GLY I 191 77.93 27.94 40.56
N THR I 192 76.72 28.15 39.97
CA THR I 192 75.67 27.12 39.87
C THR I 192 76.02 26.20 38.70
N GLN I 193 75.71 24.90 38.82
CA GLN I 193 75.94 23.93 37.74
C GLN I 193 75.10 24.32 36.53
N ARG I 194 75.74 24.34 35.34
CA ARG I 194 75.17 24.70 34.04
C ARG I 194 73.73 24.23 33.85
N GLU I 195 73.50 22.91 33.99
CA GLU I 195 72.21 22.26 33.79
C GLU I 195 71.10 22.89 34.64
N HIS I 196 71.46 23.40 35.84
CA HIS I 196 70.55 24.07 36.75
C HIS I 196 70.36 25.51 36.34
N ILE I 197 71.44 26.22 35.98
CA ILE I 197 71.39 27.61 35.50
C ILE I 197 70.38 27.63 34.35
N ASP I 198 70.51 26.65 33.43
CA ASP I 198 69.63 26.50 32.28
C ASP I 198 68.19 26.21 32.67
N LEU I 199 67.95 25.32 33.64
CA LEU I 199 66.62 24.99 34.16
C LEU I 199 66.02 26.25 34.81
N ALA I 200 66.83 26.97 35.62
CA ALA I 200 66.42 28.17 36.31
C ALA I 200 66.12 29.32 35.38
N ASN I 201 66.95 29.54 34.32
CA ASN I 201 66.77 30.61 33.31
C ASN I 201 65.46 30.39 32.55
N ALA I 202 65.09 29.12 32.36
CA ALA I 202 63.86 28.70 31.71
C ALA I 202 62.64 29.13 32.56
N CYS I 203 62.79 29.07 33.92
CA CYS I 203 61.78 29.49 34.91
C CYS I 203 61.74 31.02 34.89
N LYS I 204 62.93 31.63 34.84
CA LYS I 204 63.10 33.07 34.82
C LYS I 204 62.27 33.67 33.69
N GLU I 205 62.34 33.09 32.46
CA GLU I 205 61.60 33.50 31.25
C GLU I 205 60.10 33.61 31.54
N ILE I 206 59.52 32.52 32.09
CA ILE I 206 58.09 32.45 32.48
C ILE I 206 57.78 33.46 33.58
N PHE I 207 58.61 33.51 34.63
CA PHE I 207 58.35 34.43 35.74
C PHE I 207 58.17 35.85 35.18
N ILE I 208 59.10 36.28 34.31
CA ILE I 208 59.18 37.59 33.65
C ILE I 208 57.91 37.90 32.86
N LYS I 209 57.38 36.90 32.16
CA LYS I 209 56.14 36.91 31.40
C LYS I 209 54.99 37.19 32.39
N GLU I 210 54.80 36.33 33.39
CA GLU I 210 53.74 36.44 34.39
C GLU I 210 53.84 37.58 35.38
N PHE I 211 55.07 37.89 35.83
CA PHE I 211 55.29 38.97 36.82
C PHE I 211 56.21 40.11 36.29
N PRO I 212 55.77 40.88 35.25
CA PRO I 212 56.61 41.95 34.68
C PRO I 212 56.99 43.11 35.58
N SER I 213 56.08 43.52 36.50
CA SER I 213 56.36 44.61 37.43
C SER I 213 57.39 44.15 38.47
N ILE I 214 57.33 42.85 38.90
CA ILE I 214 58.31 42.25 39.83
C ILE I 214 59.70 42.21 39.18
N ALA I 215 59.81 41.71 37.92
CA ALA I 215 61.08 41.66 37.16
C ALA I 215 61.67 43.07 36.92
N LYS I 216 60.80 44.08 36.79
CA LYS I 216 61.22 45.46 36.61
C LYS I 216 61.83 45.92 37.97
N ALA I 217 61.18 45.49 39.08
CA ALA I 217 61.65 45.78 40.44
C ALA I 217 62.93 44.98 40.73
N LEU I 218 63.04 43.75 40.18
CA LEU I 218 64.19 42.89 40.41
C LEU I 218 65.39 43.20 39.50
N ASP I 219 65.17 44.11 38.51
CA ASP I 219 66.14 44.56 37.49
C ASP I 219 66.50 43.41 36.53
N TRP I 220 65.49 42.52 36.25
CA TRP I 220 65.58 41.32 35.40
C TRP I 220 65.26 41.59 33.91
N GLY J 6 31.57 35.60 62.42
CA GLY J 6 32.71 35.37 61.56
C GLY J 6 32.36 34.83 60.18
N SER J 7 32.95 35.42 59.12
CA SER J 7 32.70 35.03 57.73
C SER J 7 33.98 34.87 56.88
N ALA J 8 33.82 34.34 55.66
CA ALA J 8 34.92 34.17 54.72
C ALA J 8 34.45 34.55 53.32
N LYS J 9 35.38 35.02 52.48
CA LYS J 9 35.09 35.40 51.10
C LYS J 9 36.22 34.88 50.22
N LEU J 10 35.90 34.31 49.04
CA LEU J 10 36.93 33.85 48.12
C LEU J 10 37.59 35.04 47.38
N ILE J 11 38.93 35.06 47.43
CA ILE J 11 39.75 36.11 46.82
C ILE J 11 40.50 35.65 45.59
N SER J 12 41.11 34.45 45.63
CA SER J 12 41.87 33.87 44.51
C SER J 12 42.10 32.36 44.68
N VAL J 13 42.31 31.68 43.58
CA VAL J 13 42.59 30.24 43.54
C VAL J 13 43.45 29.99 42.31
N THR J 14 44.16 28.86 42.33
CA THR J 14 44.98 28.35 41.24
C THR J 14 44.11 28.15 39.99
N LYS J 15 44.58 28.66 38.83
CA LYS J 15 43.93 28.52 37.53
C LYS J 15 44.88 27.87 36.50
N PRO J 16 44.60 26.64 36.03
CA PRO J 16 45.51 26.01 35.07
C PRO J 16 45.39 26.53 33.64
N VAL J 17 46.51 26.50 32.94
CA VAL J 17 46.64 27.00 31.57
C VAL J 17 46.81 25.85 30.60
N VAL J 18 46.72 24.63 31.12
CA VAL J 18 46.89 23.40 30.35
C VAL J 18 45.62 22.99 29.63
N GLU J 19 45.77 22.72 28.33
CA GLU J 19 44.69 22.27 27.44
C GLU J 19 44.03 21.05 28.06
N GLY J 20 42.73 21.17 28.29
CA GLY J 20 41.92 20.14 28.93
C GLY J 20 41.41 20.65 30.26
N VAL J 21 42.36 20.97 31.15
CA VAL J 21 42.12 21.47 32.52
C VAL J 21 41.83 22.98 32.59
N ASN J 22 40.69 23.33 33.22
CA ASN J 22 40.23 24.70 33.34
C ASN J 22 40.21 25.18 34.80
N THR J 23 40.00 24.26 35.76
CA THR J 23 39.93 24.56 37.21
C THR J 23 41.04 23.92 38.03
N ALA J 24 41.20 24.39 39.30
CA ALA J 24 42.19 23.88 40.25
C ALA J 24 41.90 22.42 40.56
N GLU J 25 40.63 22.06 40.78
CA GLU J 25 40.23 20.67 41.04
C GLU J 25 40.53 19.79 39.81
N GLU J 26 40.32 20.33 38.59
CA GLU J 26 40.59 19.65 37.34
C GLU J 26 42.06 19.37 37.18
N LEU J 27 42.92 20.26 37.68
CA LEU J 27 44.37 20.09 37.67
C LEU J 27 44.79 19.03 38.72
N ILE J 28 44.16 19.05 39.93
CA ILE J 28 44.41 18.11 41.02
C ILE J 28 44.09 16.69 40.54
N ALA J 29 42.92 16.48 39.93
CA ALA J 29 42.55 15.17 39.41
C ALA J 29 43.46 14.73 38.27
N TYR J 30 43.87 15.67 37.42
CA TYR J 30 44.74 15.41 36.30
C TYR J 30 46.06 14.84 36.77
N ALA J 31 46.76 15.53 37.71
CA ALA J 31 48.06 15.13 38.29
C ALA J 31 48.00 13.73 38.91
N ALA J 32 46.87 13.41 39.57
CA ALA J 32 46.60 12.11 40.18
C ALA J 32 46.55 11.05 39.10
N ARG J 33 45.90 11.34 37.96
CA ARG J 33 45.77 10.41 36.83
C ARG J 33 47.13 10.14 36.19
N VAL J 34 47.89 11.23 35.86
CA VAL J 34 49.25 11.16 35.30
C VAL J 34 50.17 10.24 36.14
N SER J 35 50.00 10.25 37.48
CA SER J 35 50.70 9.39 38.42
C SER J 35 49.72 8.29 38.85
N ASN J 43 39.12 2.46 35.18
CA ASN J 43 39.65 3.31 36.23
C ASN J 43 38.69 3.47 37.43
N LYS J 44 38.71 4.64 38.09
CA LYS J 44 37.90 4.96 39.25
C LYS J 44 36.99 6.15 39.03
N THR J 45 35.95 6.29 39.88
CA THR J 45 35.03 7.44 39.90
C THR J 45 35.92 8.61 40.27
N ALA J 46 35.93 9.69 39.47
CA ALA J 46 36.81 10.84 39.73
C ALA J 46 36.95 11.23 41.22
N SER J 47 35.82 11.29 41.96
CA SER J 47 35.83 11.59 43.39
C SER J 47 36.48 10.46 44.21
N GLY J 48 36.26 9.21 43.79
CA GLY J 48 36.82 8.03 44.43
C GLY J 48 38.33 7.90 44.27
N LEU J 49 38.86 8.48 43.18
CA LEU J 49 40.28 8.52 42.82
C LEU J 49 40.98 9.43 43.81
N LEU J 50 40.40 10.61 44.06
CA LEU J 50 40.89 11.60 45.02
C LEU J 50 40.80 11.07 46.42
N LYS J 51 39.73 10.30 46.72
CA LYS J 51 39.48 9.65 48.01
C LYS J 51 40.61 8.65 48.31
N TYR J 52 41.04 7.86 47.29
CA TYR J 52 42.11 6.86 47.36
C TYR J 52 43.43 7.57 47.67
N CYS J 53 43.70 8.71 46.99
CA CYS J 53 44.89 9.52 47.19
C CYS J 53 44.96 10.01 48.63
N ILE J 54 43.83 10.53 49.17
CA ILE J 54 43.68 11.01 50.55
C ILE J 54 43.95 9.87 51.58
N ARG J 55 43.40 8.67 51.30
CA ARG J 55 43.51 7.48 52.13
C ARG J 55 44.94 6.97 52.13
N HIS J 56 45.57 6.96 50.95
CA HIS J 56 46.92 6.46 50.79
C HIS J 56 48.02 7.48 51.02
N LYS J 57 47.61 8.68 51.48
CA LYS J 57 48.45 9.81 51.87
C LYS J 57 49.35 10.36 50.76
N HIS J 58 48.85 10.34 49.50
CA HIS J 58 49.52 10.88 48.31
C HIS J 58 49.13 12.37 48.27
N TRP J 59 49.67 13.14 49.23
CA TRP J 59 49.35 14.55 49.47
C TRP J 59 49.71 15.56 48.42
N SER J 60 50.79 15.30 47.69
CA SER J 60 51.33 16.25 46.70
C SER J 60 50.41 16.68 45.57
N ILE J 61 49.41 15.84 45.21
CA ILE J 61 48.44 16.24 44.18
C ILE J 61 47.53 17.41 44.66
N PHE J 62 47.32 17.51 45.99
CA PHE J 62 46.49 18.54 46.65
C PHE J 62 47.29 19.79 46.91
N GLU J 63 48.61 19.71 46.59
CA GLU J 63 49.63 20.75 46.74
C GLU J 63 49.94 21.47 45.40
N THR J 64 49.32 21.00 44.28
CA THR J 64 49.42 21.62 42.95
C THR J 64 48.50 22.88 42.87
N ALA J 65 47.48 22.95 43.77
CA ALA J 65 46.56 24.08 43.84
C ALA J 65 46.58 24.80 45.19
N PHE J 66 46.37 26.11 45.14
CA PHE J 66 46.42 27.05 46.24
C PHE J 66 45.19 27.91 46.18
N MET J 67 44.80 28.43 47.33
CA MET J 67 43.60 29.23 47.44
C MET J 67 43.73 30.27 48.56
N THR J 68 43.26 31.49 48.28
CA THR J 68 43.25 32.61 49.21
C THR J 68 41.82 32.97 49.57
N LEU J 69 41.61 33.15 50.87
CA LEU J 69 40.34 33.54 51.45
C LEU J 69 40.52 34.76 52.32
N GLU J 70 39.59 35.71 52.22
CA GLU J 70 39.56 36.88 53.08
C GLU J 70 38.62 36.47 54.22
N LEU J 71 39.15 36.42 55.44
CA LEU J 71 38.39 36.01 56.62
C LEU J 71 38.05 37.21 57.51
N LYS J 72 36.77 37.32 57.89
CA LYS J 72 36.31 38.37 58.81
C LYS J 72 36.06 37.72 60.17
N THR J 73 36.83 38.20 61.19
CA THR J 73 36.86 37.60 62.52
C THR J 73 37.36 38.59 63.59
N SER J 74 37.76 38.05 64.75
CA SER J 74 38.28 38.78 65.90
C SER J 74 39.77 38.52 66.04
N ARG J 75 40.50 39.41 66.77
CA ARG J 75 41.94 39.22 67.05
C ARG J 75 42.16 37.94 67.88
N GLY J 76 41.25 37.64 68.79
CA GLY J 76 41.27 36.49 69.68
C GLY J 76 41.11 35.13 69.03
N ILE J 77 40.39 35.10 67.90
CA ILE J 77 40.22 33.91 67.07
C ILE J 77 41.37 33.87 66.05
N ALA J 78 41.85 35.06 65.61
CA ALA J 78 42.95 35.21 64.65
C ALA J 78 44.28 34.70 65.23
N ALA J 79 44.42 34.70 66.58
CA ALA J 79 45.61 34.22 67.27
C ALA J 79 45.70 32.69 67.14
N GLN J 80 44.53 32.02 66.99
CA GLN J 80 44.40 30.60 66.76
C GLN J 80 44.62 30.34 65.26
N VAL J 81 44.03 31.20 64.40
CA VAL J 81 44.11 31.12 62.95
C VAL J 81 45.56 31.25 62.47
N LEU J 82 46.26 32.28 62.96
CA LEU J 82 47.65 32.63 62.67
C LEU J 82 48.64 31.52 63.04
N ARG J 83 48.19 30.56 63.87
CA ARG J 83 48.98 29.42 64.36
C ARG J 83 49.07 28.23 63.40
N HIS J 84 48.29 28.28 62.31
CA HIS J 84 48.34 27.28 61.24
C HIS J 84 49.45 27.76 60.29
N ARG J 85 50.70 27.59 60.75
CA ARG J 85 51.95 28.01 60.10
C ARG J 85 52.14 27.64 58.62
N SER J 86 51.51 26.54 58.13
CA SER J 86 51.59 26.14 56.72
C SER J 86 51.00 27.21 55.79
N PHE J 87 50.03 27.98 56.29
CA PHE J 87 49.37 29.07 55.57
C PHE J 87 50.17 30.36 55.67
N HIS J 88 49.98 31.18 54.63
CA HIS J 88 50.51 32.49 54.39
C HIS J 88 49.34 33.47 54.69
N PHE J 89 49.65 34.60 55.34
CA PHE J 89 48.64 35.56 55.75
C PHE J 89 48.96 36.97 55.29
N GLN J 90 47.93 37.84 55.22
CA GLN J 90 48.11 39.25 54.91
C GLN J 90 47.12 40.04 55.73
N GLU J 91 47.66 40.80 56.70
CA GLU J 91 46.90 41.67 57.62
C GLU J 91 47.10 43.11 57.16
N PHE J 92 46.27 44.03 57.67
CA PHE J 92 46.42 45.46 57.38
C PHE J 92 47.68 46.00 58.08
N SER J 93 48.28 47.11 57.57
CA SER J 93 49.46 47.73 58.18
C SER J 93 49.26 48.03 59.67
N GLN J 94 50.34 47.97 60.44
CA GLN J 94 50.25 48.26 61.87
C GLN J 94 50.58 49.72 62.21
N ARG J 95 50.99 50.51 61.21
CA ARG J 95 51.31 51.93 61.36
C ARG J 95 50.46 52.83 60.47
N TYR J 96 49.80 52.25 59.44
CA TYR J 96 49.00 53.02 58.47
C TYR J 96 47.47 52.75 58.51
N ALA J 97 47.01 52.02 59.55
CA ALA J 97 45.60 51.68 59.79
C ALA J 97 45.31 51.60 61.29
N GLN J 128 24.74 37.06 81.32
CA GLN J 128 23.69 37.08 80.30
C GLN J 128 23.72 38.43 79.57
N THR J 129 22.91 39.41 80.04
CA THR J 129 22.89 40.76 79.46
C THR J 129 24.02 41.59 80.05
N TRP J 130 24.51 41.23 81.26
CA TRP J 130 25.61 41.91 81.93
C TRP J 130 26.88 41.76 81.10
N TRP J 131 27.17 40.53 80.63
CA TRP J 131 28.36 40.28 79.81
C TRP J 131 28.29 41.06 78.50
N ALA J 132 27.08 41.22 77.94
CA ALA J 132 26.85 41.97 76.72
C ALA J 132 26.97 43.49 76.94
N THR J 133 26.21 44.06 77.91
CA THR J 133 26.18 45.50 78.21
C THR J 133 27.53 46.05 78.74
N GLU J 134 28.19 45.31 79.64
CA GLU J 134 29.49 45.74 80.17
C GLU J 134 30.61 45.70 79.12
N GLN J 135 30.57 44.72 78.18
CA GLN J 135 31.54 44.61 77.08
C GLN J 135 31.47 45.90 76.25
N GLU J 136 30.23 46.26 75.78
CA GLU J 136 29.89 47.45 74.99
C GLU J 136 30.41 48.73 75.64
N LYS J 137 30.26 48.84 76.97
CA LYS J 137 30.71 49.97 77.79
C LYS J 137 32.24 50.10 77.73
N LEU J 138 32.98 48.98 77.93
CA LEU J 138 34.45 48.91 77.88
C LEU J 138 34.97 49.21 76.48
N TYR J 139 34.40 48.55 75.47
CA TYR J 139 34.81 48.70 74.06
C TYR J 139 34.60 50.12 73.56
N ALA J 140 33.46 50.74 73.92
CA ALA J 140 33.16 52.11 73.55
C ALA J 140 34.23 53.02 74.14
N GLN J 141 34.57 52.75 75.40
CA GLN J 141 35.61 53.43 76.16
C GLN J 141 37.02 53.14 75.59
N SER J 142 37.22 51.93 75.05
CA SER J 142 38.51 51.56 74.42
C SER J 142 38.64 52.35 73.09
N MET J 143 37.54 52.41 72.33
CA MET J 143 37.50 53.09 71.04
C MET J 143 37.67 54.59 71.14
N GLU J 144 36.99 55.24 72.11
CA GLU J 144 37.10 56.69 72.31
C GLU J 144 38.50 57.11 72.75
N LEU J 145 39.19 56.25 73.52
CA LEU J 145 40.55 56.53 73.98
C LEU J 145 41.52 56.42 72.80
N TYR J 146 41.30 55.38 71.95
CA TYR J 146 42.07 55.10 70.73
C TYR J 146 41.96 56.28 69.75
N ASN J 147 40.73 56.80 69.57
CA ASN J 147 40.45 57.93 68.67
C ASN J 147 41.08 59.24 69.16
N LYS J 148 41.11 59.49 70.50
CA LYS J 148 41.69 60.69 71.10
C LYS J 148 43.20 60.70 71.04
N ALA J 149 43.82 59.51 71.19
CA ALA J 149 45.28 59.36 71.14
C ALA J 149 45.77 59.60 69.70
N LEU J 150 44.97 59.14 68.71
CA LEU J 150 45.23 59.33 67.28
C LEU J 150 45.09 60.81 66.96
N GLU J 151 44.03 61.46 67.56
CA GLU J 151 43.73 62.89 67.49
C GLU J 151 44.91 63.67 68.09
N LYS J 152 45.49 63.14 69.18
CA LYS J 152 46.67 63.70 69.84
C LYS J 152 47.95 63.48 69.01
N GLY J 153 47.90 62.51 68.09
CA GLY J 153 49.01 62.19 67.18
C GLY J 153 49.80 60.94 67.46
N ILE J 154 49.46 60.20 68.54
CA ILE J 154 50.15 58.97 68.92
C ILE J 154 50.08 57.98 67.74
N ALA J 155 51.28 57.47 67.34
CA ALA J 155 51.47 56.55 66.21
C ALA J 155 50.55 55.33 66.27
N LYS J 156 49.86 55.05 65.13
CA LYS J 156 48.89 53.95 64.97
C LYS J 156 49.38 52.61 65.55
N GLU J 157 50.72 52.40 65.58
CA GLU J 157 51.40 51.22 66.11
C GLU J 157 51.23 51.15 67.63
N CYS J 158 51.44 52.29 68.29
CA CYS J 158 51.34 52.42 69.75
C CYS J 158 49.89 52.35 70.21
N ALA J 159 49.02 53.24 69.67
CA ALA J 159 47.58 53.32 69.96
C ALA J 159 46.92 51.93 70.00
N ARG J 160 47.35 51.02 69.10
CA ARG J 160 46.93 49.63 68.96
C ARG J 160 46.83 48.87 70.29
N PHE J 161 47.76 49.14 71.22
CA PHE J 161 47.87 48.43 72.50
C PHE J 161 46.67 48.47 73.45
N ILE J 162 45.85 49.54 73.42
CA ILE J 162 44.66 49.64 74.28
C ILE J 162 43.45 48.90 73.72
N LEU J 163 43.49 48.52 72.44
CA LEU J 163 42.42 47.80 71.73
C LEU J 163 42.14 46.41 72.31
N PRO J 164 40.87 45.95 72.42
CA PRO J 164 40.61 44.60 72.98
C PRO J 164 40.95 43.45 72.02
N LEU J 165 40.83 42.20 72.50
CA LEU J 165 41.05 41.01 71.67
C LEU J 165 39.83 40.71 70.80
N SER J 166 38.67 41.29 71.15
CA SER J 166 37.36 41.14 70.46
C SER J 166 37.32 41.92 69.16
N THR J 167 38.38 42.74 68.96
CA THR J 167 38.61 43.62 67.81
C THR J 167 38.43 42.95 66.44
N PRO J 168 37.52 43.56 65.60
CA PRO J 168 37.30 43.04 64.24
C PRO J 168 38.58 43.00 63.42
N THR J 169 38.85 41.86 62.78
CA THR J 169 40.05 41.68 61.99
C THR J 169 39.77 40.97 60.69
N THR J 170 40.30 41.57 59.61
CA THR J 170 40.19 41.08 58.24
C THR J 170 41.56 40.76 57.67
N ILE J 171 41.77 39.47 57.52
CA ILE J 171 43.01 38.88 57.09
C ILE J 171 42.83 37.99 55.87
N TYR J 172 43.82 38.04 54.96
CA TYR J 172 43.85 37.15 53.81
C TYR J 172 44.61 35.90 54.31
N MET J 173 44.04 34.72 54.10
CA MET J 173 44.63 33.44 54.47
C MET J 173 44.79 32.64 53.17
N SER J 174 46.05 32.45 52.76
CA SER J 174 46.39 31.71 51.53
C SER J 174 47.13 30.42 51.87
N GLY J 175 46.81 29.33 51.19
CA GLY J 175 47.46 28.06 51.44
C GLY J 175 47.03 26.99 50.47
N THR J 176 47.84 25.91 50.34
CA THR J 176 47.55 24.80 49.42
C THR J 176 46.19 24.11 49.73
N ILE J 177 45.62 23.39 48.76
CA ILE J 177 44.37 22.66 49.00
C ILE J 177 44.47 21.58 50.13
N ARG J 178 45.65 20.95 50.27
CA ARG J 178 45.98 19.99 51.33
C ARG J 178 45.80 20.67 52.69
N ASP J 179 46.44 21.84 52.85
CA ASP J 179 46.41 22.63 54.08
C ASP J 179 44.99 23.05 54.46
N TRP J 180 44.17 23.49 53.46
CA TRP J 180 42.77 23.87 53.61
C TRP J 180 41.94 22.68 54.08
N ILE J 181 42.15 21.50 53.45
CA ILE J 181 41.46 20.27 53.84
C ILE J 181 41.66 20.04 55.33
N HIS J 182 42.93 20.23 55.83
CA HIS J 182 43.33 20.04 57.22
C HIS J 182 42.99 21.11 58.23
N TYR J 183 42.82 22.35 57.80
CA TYR J 183 42.46 23.41 58.73
C TYR J 183 40.95 23.32 58.96
N ILE J 184 40.20 23.04 57.88
CA ILE J 184 38.74 22.86 57.92
C ILE J 184 38.40 21.68 58.86
N GLU J 185 38.98 20.49 58.59
CA GLU J 185 38.77 19.26 59.35
C GLU J 185 38.94 19.47 60.84
N LEU J 186 40.04 20.12 61.22
CA LEU J 186 40.39 20.44 62.60
C LEU J 186 39.44 21.46 63.20
N ARG J 187 39.08 22.49 62.44
CA ARG J 187 38.27 23.55 63.03
C ARG J 187 36.75 23.38 63.02
N THR J 188 36.24 22.37 62.29
CA THR J 188 34.82 22.03 62.24
C THR J 188 34.56 20.86 63.21
N SER J 189 35.63 20.41 63.89
CA SER J 189 35.60 19.31 64.84
C SER J 189 35.00 19.79 66.16
N ASN J 190 34.25 18.89 66.84
CA ASN J 190 33.61 19.17 68.13
C ASN J 190 34.65 19.55 69.18
N GLY J 191 34.39 20.65 69.87
CA GLY J 191 35.29 21.15 70.92
C GLY J 191 36.02 22.43 70.60
N THR J 192 36.12 22.79 69.30
CA THR J 192 36.76 24.01 68.80
C THR J 192 35.96 25.26 69.30
N GLN J 193 36.63 26.42 69.57
CA GLN J 193 35.91 27.63 70.02
C GLN J 193 34.82 27.98 69.03
N ARG J 194 33.59 28.24 69.52
CA ARG J 194 32.40 28.50 68.67
C ARG J 194 32.57 29.53 67.56
N GLU J 195 33.19 30.68 67.88
CA GLU J 195 33.47 31.74 66.90
C GLU J 195 34.36 31.19 65.76
N HIS J 196 35.31 30.30 66.11
CA HIS J 196 36.23 29.64 65.20
C HIS J 196 35.52 28.61 64.31
N ILE J 197 34.60 27.79 64.86
CA ILE J 197 33.86 26.78 64.07
C ILE J 197 33.05 27.43 62.95
N ASP J 198 32.49 28.61 63.24
CA ASP J 198 31.72 29.37 62.26
C ASP J 198 32.62 29.81 61.11
N LEU J 199 33.82 30.32 61.47
CA LEU J 199 34.85 30.72 60.52
C LEU J 199 35.22 29.52 59.64
N ALA J 200 35.48 28.37 60.29
CA ALA J 200 35.83 27.12 59.62
C ALA J 200 34.72 26.69 58.65
N ASN J 201 33.43 26.82 59.06
CA ASN J 201 32.37 26.46 58.14
C ASN J 201 32.19 27.47 57.02
N ALA J 202 32.48 28.78 57.28
CA ALA J 202 32.39 29.78 56.21
C ALA J 202 33.36 29.40 55.06
N CYS J 203 34.59 28.97 55.43
CA CYS J 203 35.61 28.47 54.52
C CYS J 203 35.15 27.14 53.92
N LYS J 204 34.47 26.29 54.72
CA LYS J 204 33.96 24.99 54.26
C LYS J 204 32.96 25.18 53.11
N GLU J 205 32.06 26.16 53.23
CA GLU J 205 31.05 26.43 52.21
C GLU J 205 31.63 26.94 50.89
N ILE J 206 32.82 27.60 50.94
CA ILE J 206 33.55 28.11 49.76
C ILE J 206 34.32 26.93 49.10
N PHE J 207 34.90 26.07 49.96
CA PHE J 207 35.67 24.91 49.52
C PHE J 207 34.79 23.93 48.77
N ILE J 208 33.59 23.61 49.31
CA ILE J 208 32.66 22.67 48.65
C ILE J 208 32.27 23.21 47.25
N LYS J 209 32.16 24.55 47.11
CA LYS J 209 31.86 25.21 45.83
C LYS J 209 33.05 25.09 44.86
N GLU J 210 34.28 25.46 45.32
CA GLU J 210 35.48 25.39 44.51
C GLU J 210 36.00 23.98 44.30
N PHE J 211 35.82 23.10 45.29
CA PHE J 211 36.28 21.72 45.23
C PHE J 211 35.15 20.68 45.40
N PRO J 212 34.18 20.62 44.43
CA PRO J 212 33.06 19.67 44.51
C PRO J 212 33.43 18.21 44.68
N SER J 213 34.27 17.67 43.79
CA SER J 213 34.72 16.27 43.80
C SER J 213 35.51 15.90 45.07
N ILE J 214 36.27 16.87 45.63
CA ILE J 214 37.04 16.68 46.87
C ILE J 214 36.05 16.54 48.01
N ALA J 215 35.00 17.42 48.01
CA ALA J 215 33.90 17.40 48.98
C ALA J 215 33.19 16.03 48.94
N LYS J 216 32.99 15.48 47.72
CA LYS J 216 32.34 14.17 47.50
C LYS J 216 33.19 13.01 48.06
N ALA J 217 34.53 13.17 48.03
CA ALA J 217 35.49 12.19 48.53
C ALA J 217 35.58 12.23 50.08
N LEU J 218 35.48 13.44 50.67
CA LEU J 218 35.55 13.68 52.11
C LEU J 218 34.19 13.62 52.84
N ASP J 219 33.06 13.47 52.09
CA ASP J 219 31.68 13.47 52.62
C ASP J 219 31.39 14.80 53.35
N TRP J 220 31.56 15.90 52.59
CA TRP J 220 31.37 17.28 53.03
C TRP J 220 30.09 17.89 52.46
N VAL J 221 29.29 18.58 53.34
CA VAL J 221 28.00 19.21 52.98
C VAL J 221 27.85 20.68 53.41
N GLY K 6 68.65 -0.62 54.37
CA GLY K 6 69.57 0.38 54.87
C GLY K 6 69.59 0.49 56.38
N SER K 7 70.26 1.54 56.92
CA SER K 7 70.41 1.78 58.37
C SER K 7 70.32 3.25 58.81
N ALA K 8 70.36 3.50 60.13
CA ALA K 8 70.32 4.85 60.73
C ALA K 8 71.07 4.93 62.07
N LYS K 9 71.61 6.10 62.36
CA LYS K 9 72.37 6.38 63.58
C LYS K 9 71.94 7.80 64.08
N LEU K 10 71.89 8.04 65.41
CA LEU K 10 71.52 9.33 66.02
C LEU K 10 72.75 10.23 66.08
N ILE K 11 72.57 11.52 65.79
CA ILE K 11 73.62 12.54 65.67
C ILE K 11 73.46 13.68 66.67
N SER K 12 72.25 14.25 66.71
CA SER K 12 71.88 15.35 67.57
C SER K 12 70.44 15.19 68.07
N VAL K 13 70.16 15.74 69.25
CA VAL K 13 68.83 15.75 69.86
C VAL K 13 68.80 16.98 70.73
N THR K 14 67.62 17.61 70.82
CA THR K 14 67.46 18.80 71.64
C THR K 14 67.73 18.46 73.11
N LYS K 15 68.38 19.35 73.83
CA LYS K 15 68.64 19.15 75.24
C LYS K 15 68.15 20.37 76.02
N PRO K 16 67.16 20.15 76.91
CA PRO K 16 66.64 21.26 77.73
C PRO K 16 67.67 21.85 78.69
N VAL K 17 67.46 23.12 79.11
CA VAL K 17 68.29 23.85 80.08
C VAL K 17 67.44 24.27 81.32
N VAL K 18 66.14 23.95 81.29
CA VAL K 18 65.16 24.19 82.34
C VAL K 18 65.55 23.30 83.52
N GLU K 19 65.81 23.92 84.70
CA GLU K 19 66.14 23.16 85.91
C GLU K 19 64.98 22.21 86.23
N GLY K 20 65.29 20.91 86.27
CA GLY K 20 64.30 19.87 86.49
C GLY K 20 63.96 19.10 85.23
N VAL K 21 64.21 19.72 84.05
CA VAL K 21 63.97 19.11 82.73
C VAL K 21 65.32 18.86 82.07
N ASN K 22 65.59 17.57 81.77
CA ASN K 22 66.88 17.10 81.25
C ASN K 22 66.86 16.38 79.89
N THR K 23 65.67 15.92 79.43
CA THR K 23 65.53 15.26 78.13
C THR K 23 64.49 15.98 77.30
N ALA K 24 64.65 15.92 75.97
CA ALA K 24 63.74 16.50 74.99
C ALA K 24 62.29 16.00 75.28
N GLU K 25 62.11 14.65 75.48
CA GLU K 25 60.83 14.01 75.82
C GLU K 25 60.22 14.66 77.08
N GLU K 26 61.05 14.90 78.11
CA GLU K 26 60.66 15.56 79.36
C GLU K 26 60.20 16.99 79.07
N LEU K 27 60.84 17.69 78.08
CA LEU K 27 60.46 19.06 77.72
C LEU K 27 59.09 19.09 77.08
N ILE K 28 58.80 18.10 76.21
CA ILE K 28 57.50 17.96 75.55
C ILE K 28 56.40 17.79 76.62
N ALA K 29 56.61 16.88 77.59
CA ALA K 29 55.69 16.60 78.70
C ALA K 29 55.54 17.79 79.62
N TYR K 30 56.64 18.54 79.82
CA TYR K 30 56.69 19.74 80.65
C TYR K 30 55.97 20.86 79.91
N ALA K 31 56.15 20.93 78.58
CA ALA K 31 55.55 21.99 77.77
C ALA K 31 54.04 21.88 77.80
N ALA K 32 53.52 20.64 77.80
CA ALA K 32 52.09 20.36 77.87
C ALA K 32 51.51 20.78 79.24
N ARG K 33 52.31 20.63 80.30
CA ARG K 33 51.91 20.94 81.67
C ARG K 33 51.90 22.43 81.97
N VAL K 34 52.94 23.16 81.60
CA VAL K 34 53.02 24.61 81.87
C VAL K 34 51.93 25.42 81.11
N SER K 35 51.72 25.09 79.81
CA SER K 35 50.72 25.72 78.94
C SER K 35 49.27 25.55 79.45
N ASN K 36 48.99 24.36 80.01
CA ASN K 36 47.70 23.97 80.58
C ASN K 36 47.94 23.67 82.07
N PRO K 37 48.07 24.68 82.97
CA PRO K 37 48.40 24.39 84.37
C PRO K 37 47.26 23.85 85.23
N GLU K 38 46.07 24.49 85.17
CA GLU K 38 44.87 24.10 85.92
C GLU K 38 44.42 22.67 85.52
N ASN K 39 44.48 22.38 84.21
CA ASN K 39 44.12 21.14 83.53
C ASN K 39 44.35 19.85 84.31
N GLN K 40 43.34 18.96 84.26
CA GLN K 40 43.26 17.67 84.94
C GLN K 40 44.37 16.67 84.57
N ILE K 41 44.59 16.46 83.25
CA ILE K 41 45.56 15.48 82.72
C ILE K 41 47.05 15.74 83.05
N ASN K 42 47.37 16.89 83.69
CA ASN K 42 48.71 17.26 84.15
C ASN K 42 49.21 16.22 85.20
N ASN K 43 48.27 15.76 86.06
CA ASN K 43 48.45 14.76 87.13
C ASN K 43 48.56 13.34 86.55
N LYS K 44 48.06 13.14 85.32
CA LYS K 44 48.09 11.87 84.60
C LYS K 44 49.53 11.56 84.14
N THR K 45 49.78 10.28 83.77
CA THR K 45 51.06 9.75 83.27
C THR K 45 51.57 10.53 82.05
N ALA K 46 52.91 10.70 81.92
CA ALA K 46 53.54 11.41 80.80
C ALA K 46 53.06 10.82 79.48
N SER K 47 53.20 9.50 79.30
CA SER K 47 52.72 8.79 78.12
C SER K 47 51.22 9.03 77.89
N GLY K 48 50.43 9.02 78.97
CA GLY K 48 49.00 9.27 78.93
C GLY K 48 48.68 10.69 78.51
N LEU K 49 49.34 11.68 79.16
CA LEU K 49 49.20 13.11 78.84
C LEU K 49 49.48 13.27 77.34
N LEU K 50 50.62 12.69 76.89
CA LEU K 50 51.06 12.72 75.50
C LEU K 50 50.08 12.06 74.54
N LYS K 51 49.58 10.83 74.86
CA LYS K 51 48.58 10.12 74.03
C LYS K 51 47.35 11.00 73.81
N TYR K 52 46.92 11.72 74.87
CA TYR K 52 45.80 12.64 74.85
C TYR K 52 46.03 13.76 73.83
N CYS K 53 47.12 14.52 74.00
CA CYS K 53 47.55 15.62 73.14
C CYS K 53 47.61 15.25 71.66
N ILE K 54 48.07 14.02 71.34
CA ILE K 54 48.15 13.49 69.97
C ILE K 54 46.76 13.35 69.33
N ARG K 55 45.85 12.60 70.00
CA ARG K 55 44.46 12.34 69.54
C ARG K 55 43.67 13.66 69.36
N HIS K 56 43.95 14.68 70.22
CA HIS K 56 43.31 16.00 70.14
C HIS K 56 44.05 17.02 69.29
N LYS K 57 45.20 16.58 68.69
CA LYS K 57 46.07 17.37 67.81
C LYS K 57 46.68 18.66 68.43
N HIS K 58 47.08 18.61 69.74
CA HIS K 58 47.82 19.73 70.38
C HIS K 58 49.28 19.46 69.92
N TRP K 59 49.55 19.81 68.63
CA TRP K 59 50.81 19.48 67.97
C TRP K 59 52.05 20.24 68.40
N SER K 60 51.88 21.50 68.81
CA SER K 60 52.98 22.38 69.17
C SER K 60 53.99 21.95 70.23
N ILE K 61 53.58 21.11 71.21
CA ILE K 61 54.48 20.59 72.27
C ILE K 61 55.53 19.65 71.72
N PHE K 62 55.20 18.96 70.61
CA PHE K 62 56.11 18.05 69.90
C PHE K 62 57.07 18.80 68.96
N GLU K 63 56.89 20.12 68.83
CA GLU K 63 57.69 21.01 67.99
C GLU K 63 58.67 21.87 68.83
N THR K 64 58.85 21.51 70.11
CA THR K 64 59.74 22.18 71.05
C THR K 64 61.08 21.44 71.04
N ALA K 65 61.01 20.17 70.58
CA ALA K 65 62.11 19.22 70.45
C ALA K 65 62.44 18.87 68.98
N PHE K 66 63.73 18.72 68.68
CA PHE K 66 64.27 18.44 67.35
C PHE K 66 65.28 17.29 67.38
N MET K 67 65.37 16.54 66.29
CA MET K 67 66.28 15.39 66.27
C MET K 67 66.92 15.11 64.89
N THR K 68 68.27 15.16 64.82
CA THR K 68 69.13 14.89 63.66
C THR K 68 69.56 13.43 63.64
N LEU K 69 69.21 12.74 62.56
CA LEU K 69 69.52 11.33 62.34
C LEU K 69 70.32 11.18 61.05
N GLU K 70 71.26 10.24 61.02
CA GLU K 70 72.09 9.99 59.85
C GLU K 70 71.56 8.77 59.21
N LEU K 71 71.06 8.88 57.98
CA LEU K 71 70.50 7.73 57.27
C LEU K 71 71.47 7.21 56.25
N LYS K 72 71.58 5.90 56.18
CA LYS K 72 72.44 5.24 55.21
C LYS K 72 71.51 4.41 54.39
N THR K 73 71.34 4.82 53.12
CA THR K 73 70.45 4.21 52.14
C THR K 73 71.00 4.40 50.72
N SER K 74 70.15 4.17 49.69
CA SER K 74 70.47 4.33 48.27
C SER K 74 69.94 5.69 47.76
N ARG K 75 70.33 6.12 46.54
CA ARG K 75 69.85 7.40 45.97
C ARG K 75 68.34 7.39 45.64
N GLY K 76 67.82 6.25 45.17
CA GLY K 76 66.42 6.03 44.84
C GLY K 76 65.53 6.15 46.06
N ILE K 77 65.94 5.54 47.17
CA ILE K 77 65.19 5.65 48.43
C ILE K 77 65.33 7.06 49.01
N ALA K 78 66.47 7.74 48.75
CA ALA K 78 66.71 9.13 49.20
C ALA K 78 65.85 10.15 48.43
N ALA K 79 65.38 9.77 47.23
CA ALA K 79 64.49 10.58 46.39
C ALA K 79 63.06 10.58 46.99
N GLN K 80 62.74 9.55 47.79
CA GLN K 80 61.46 9.42 48.47
C GLN K 80 61.53 10.25 49.76
N VAL K 81 62.57 9.99 50.60
CA VAL K 81 62.81 10.67 51.89
C VAL K 81 62.85 12.19 51.73
N LEU K 82 63.51 12.68 50.67
CA LEU K 82 63.69 14.12 50.40
C LEU K 82 62.38 14.83 50.08
N ARG K 83 61.31 14.08 49.82
CA ARG K 83 60.00 14.67 49.58
C ARG K 83 59.31 15.09 50.90
N HIS K 84 59.83 14.63 52.05
CA HIS K 84 59.32 14.99 53.37
C HIS K 84 59.80 16.38 53.79
N ARG K 85 59.31 17.38 53.05
CA ARG K 85 59.60 18.83 53.14
C ARG K 85 59.59 19.55 54.52
N SER K 86 59.01 18.93 55.58
CA SER K 86 59.06 19.48 56.96
C SER K 86 60.47 19.21 57.55
N PHE K 87 61.21 18.28 56.92
CA PHE K 87 62.54 17.93 57.35
C PHE K 87 63.57 18.76 56.64
N HIS K 88 64.76 18.88 57.28
CA HIS K 88 65.89 19.62 56.77
C HIS K 88 66.90 18.59 56.45
N PHE K 89 67.62 18.75 55.35
CA PHE K 89 68.59 17.72 54.98
C PHE K 89 70.01 18.20 54.84
N GLN K 90 70.94 17.28 55.08
CA GLN K 90 72.37 17.48 54.90
C GLN K 90 72.93 16.28 54.16
N GLU K 91 73.55 16.58 52.99
CA GLU K 91 74.15 15.60 52.09
C GLU K 91 75.59 15.97 51.72
N PHE K 92 76.28 15.03 51.09
CA PHE K 92 77.61 15.28 50.58
C PHE K 92 77.56 16.26 49.39
N SER K 93 78.62 17.06 49.21
CA SER K 93 78.66 17.98 48.10
C SER K 93 78.68 17.16 46.81
N GLN K 94 77.86 17.56 45.87
CA GLN K 94 77.85 16.94 44.57
C GLN K 94 79.19 17.31 43.85
N ARG K 95 79.76 18.50 44.17
CA ARG K 95 81.00 19.09 43.67
C ARG K 95 82.27 18.54 44.35
N TYR K 96 82.31 18.53 45.70
CA TYR K 96 83.49 18.16 46.50
C TYR K 96 83.54 16.79 47.16
N ALA K 97 82.62 15.88 46.81
CA ALA K 97 82.62 14.54 47.42
C ALA K 97 82.36 13.51 46.37
N SER K 98 83.23 12.48 46.30
CA SER K 98 83.14 11.43 45.29
C SER K 98 82.84 10.05 45.81
N VAL K 99 81.98 9.35 45.07
CA VAL K 99 81.50 7.98 45.30
C VAL K 99 82.62 6.94 45.19
N MET K 100 82.87 6.26 46.31
CA MET K 100 83.86 5.19 46.38
C MET K 100 83.14 3.86 46.55
N GLU K 101 82.15 3.82 47.46
CA GLU K 101 81.35 2.64 47.75
C GLU K 101 80.58 2.20 46.50
N THR K 102 80.91 0.98 45.99
CA THR K 102 80.25 0.41 44.81
C THR K 102 78.82 -0.02 45.14
N PRO K 103 77.82 0.41 44.32
CA PRO K 103 76.41 0.06 44.62
C PRO K 103 76.11 -1.43 44.58
N PRO K 104 75.53 -2.00 45.66
CA PRO K 104 75.20 -3.44 45.68
C PRO K 104 73.89 -3.78 44.95
N PRO K 105 73.63 -5.05 44.52
CA PRO K 105 72.36 -5.33 43.83
C PRO K 105 71.15 -5.44 44.77
N HIS K 106 69.97 -4.95 44.30
CA HIS K 106 68.68 -4.94 45.04
C HIS K 106 67.78 -6.12 44.65
N GLN K 107 66.85 -6.52 45.56
CA GLN K 107 65.89 -7.63 45.36
C GLN K 107 64.76 -7.30 44.38
N ALA K 108 64.41 -8.27 43.51
CA ALA K 108 63.37 -8.14 42.49
C ALA K 108 61.98 -8.50 43.02
N ARG K 109 60.92 -7.97 42.36
CA ARG K 109 59.51 -8.20 42.72
C ARG K 109 58.60 -8.04 41.50
N PRO K 124 60.90 -16.06 42.56
CA PRO K 124 61.61 -16.97 41.66
C PRO K 124 63.13 -16.79 41.71
N GLU K 125 63.83 -17.80 42.27
CA GLU K 125 65.29 -17.81 42.46
C GLU K 125 66.14 -17.69 41.19
N ASP K 126 65.62 -18.20 40.04
CA ASP K 126 66.30 -18.12 38.74
C ASP K 126 66.37 -16.65 38.33
N ASP K 127 65.21 -15.95 38.42
CA ASP K 127 65.02 -14.54 38.07
C ASP K 127 65.81 -13.58 38.97
N GLN K 128 65.76 -13.77 40.31
CA GLN K 128 66.49 -12.90 41.24
C GLN K 128 68.00 -13.00 41.03
N THR K 129 68.48 -14.22 40.75
CA THR K 129 69.91 -14.46 40.50
C THR K 129 70.34 -13.72 39.23
N TRP K 130 69.47 -13.73 38.20
CA TRP K 130 69.74 -13.03 36.94
C TRP K 130 69.80 -11.55 37.22
N TRP K 131 68.82 -11.04 37.99
CA TRP K 131 68.73 -9.64 38.35
C TRP K 131 69.94 -9.19 39.14
N ALA K 132 70.37 -9.99 40.12
CA ALA K 132 71.55 -9.66 40.94
C ALA K 132 72.86 -9.65 40.10
N THR K 133 73.00 -10.65 39.20
CA THR K 133 74.15 -10.84 38.32
C THR K 133 74.28 -9.63 37.41
N GLU K 134 73.21 -9.35 36.65
CA GLU K 134 73.15 -8.24 35.71
C GLU K 134 73.41 -6.88 36.33
N GLN K 135 72.93 -6.66 37.56
CA GLN K 135 73.14 -5.42 38.30
C GLN K 135 74.60 -5.26 38.63
N GLU K 136 75.19 -6.28 39.28
CA GLU K 136 76.61 -6.34 39.63
C GLU K 136 77.48 -6.03 38.39
N LYS K 137 77.20 -6.75 37.28
CA LYS K 137 77.86 -6.61 35.99
C LYS K 137 77.81 -5.15 35.51
N LEU K 138 76.62 -4.50 35.60
CA LEU K 138 76.39 -3.09 35.22
C LEU K 138 77.11 -2.09 36.13
N TYR K 139 76.89 -2.20 37.43
CA TYR K 139 77.45 -1.33 38.47
C TYR K 139 78.97 -1.25 38.42
N ALA K 140 79.64 -2.40 38.14
CA ALA K 140 81.10 -2.54 38.00
C ALA K 140 81.59 -1.68 36.85
N GLN K 141 80.83 -1.70 35.73
CA GLN K 141 81.11 -0.89 34.55
C GLN K 141 80.97 0.60 34.85
N SER K 142 79.91 0.95 35.62
CA SER K 142 79.62 2.32 36.04
C SER K 142 80.74 2.88 36.91
N MET K 143 81.22 2.09 37.90
CA MET K 143 82.30 2.52 38.77
C MET K 143 83.60 2.70 38.00
N GLU K 144 83.92 1.73 37.13
CA GLU K 144 85.13 1.79 36.34
C GLU K 144 85.14 3.04 35.47
N LEU K 145 84.00 3.34 34.81
CA LEU K 145 83.85 4.55 34.00
C LEU K 145 83.83 5.82 34.83
N TYR K 146 83.29 5.75 36.08
CA TYR K 146 83.23 6.89 37.02
C TYR K 146 84.62 7.25 37.49
N ASN K 147 85.44 6.23 37.87
CA ASN K 147 86.82 6.41 38.32
C ASN K 147 87.72 6.93 37.18
N LYS K 148 87.52 6.41 35.94
CA LYS K 148 88.26 6.82 34.74
C LYS K 148 88.02 8.29 34.37
N ALA K 149 86.78 8.77 34.62
CA ALA K 149 86.39 10.16 34.35
C ALA K 149 87.07 11.10 35.34
N LEU K 150 87.18 10.68 36.61
CA LEU K 150 87.81 11.46 37.67
C LEU K 150 89.29 11.61 37.42
N GLU K 151 89.92 10.53 36.90
CA GLU K 151 91.35 10.42 36.54
C GLU K 151 91.66 11.44 35.44
N LYS K 152 90.80 11.50 34.40
CA LYS K 152 90.93 12.43 33.27
C LYS K 152 90.68 13.88 33.67
N GLY K 153 90.36 14.10 34.95
CA GLY K 153 90.11 15.44 35.48
C GLY K 153 88.74 16.04 35.22
N ILE K 154 87.74 15.19 34.90
CA ILE K 154 86.35 15.63 34.70
C ILE K 154 85.79 15.93 36.11
N ALA K 155 85.07 17.07 36.23
CA ALA K 155 84.41 17.54 37.45
C ALA K 155 83.51 16.45 38.05
N LYS K 156 83.59 16.28 39.39
CA LYS K 156 82.78 15.29 40.15
C LYS K 156 81.27 15.45 39.94
N GLU K 157 80.77 16.71 39.71
CA GLU K 157 79.34 17.03 39.45
C GLU K 157 78.88 16.60 38.07
N CYS K 158 79.82 16.39 37.15
CA CYS K 158 79.54 15.93 35.80
C CYS K 158 79.60 14.42 35.81
N ALA K 159 80.60 13.85 36.52
CA ALA K 159 80.81 12.41 36.61
C ALA K 159 79.67 11.65 37.31
N ARG K 160 78.91 12.32 38.22
CA ARG K 160 77.76 11.79 38.96
C ARG K 160 76.73 11.17 38.01
N PHE K 161 76.38 11.91 36.95
CA PHE K 161 75.35 11.59 35.99
C PHE K 161 75.23 10.15 35.50
N ILE K 162 76.33 9.37 35.53
CA ILE K 162 76.37 7.95 35.09
C ILE K 162 76.04 6.98 36.21
N LEU K 163 76.12 7.46 37.46
CA LEU K 163 75.87 6.66 38.66
C LEU K 163 74.43 6.22 38.77
N PRO K 164 74.17 4.94 39.12
CA PRO K 164 72.78 4.48 39.20
C PRO K 164 72.04 4.98 40.45
N LEU K 165 70.69 4.82 40.46
CA LEU K 165 69.87 5.21 41.60
C LEU K 165 70.18 4.31 42.80
N SER K 166 70.83 3.16 42.54
CA SER K 166 71.24 2.22 43.57
C SER K 166 72.49 2.73 44.33
N THR K 167 73.12 3.86 43.88
CA THR K 167 74.30 4.46 44.54
C THR K 167 74.02 4.70 46.02
N PRO K 168 74.85 4.15 46.93
CA PRO K 168 74.61 4.37 48.37
C PRO K 168 74.83 5.82 48.77
N THR K 169 74.09 6.26 49.77
CA THR K 169 74.13 7.65 50.21
C THR K 169 73.90 7.78 51.70
N THR K 170 74.66 8.68 52.31
CA THR K 170 74.52 8.98 53.72
C THR K 170 73.98 10.39 53.81
N ILE K 171 72.92 10.56 54.58
CA ILE K 171 72.28 11.86 54.72
C ILE K 171 71.83 12.17 56.16
N TYR K 172 72.01 13.42 56.61
CA TYR K 172 71.47 13.86 57.91
C TYR K 172 70.03 14.35 57.61
N MET K 173 69.07 13.80 58.36
CA MET K 173 67.64 14.10 58.32
C MET K 173 67.30 14.73 59.68
N SER K 174 66.96 16.01 59.65
CA SER K 174 66.65 16.81 60.82
C SER K 174 65.22 17.32 60.81
N GLY K 175 64.46 16.89 61.81
CA GLY K 175 63.07 17.28 61.98
C GLY K 175 62.58 17.28 63.41
N THR K 176 61.52 18.06 63.65
CA THR K 176 60.84 18.23 64.95
C THR K 176 60.23 16.91 65.32
N ILE K 177 60.06 16.63 66.63
CA ILE K 177 59.52 15.34 67.06
C ILE K 177 58.20 15.00 66.38
N ARG K 178 57.37 16.07 66.24
CA ARG K 178 56.09 16.08 65.56
C ARG K 178 56.26 15.38 64.22
N ASP K 179 57.21 15.92 63.39
CA ASP K 179 57.56 15.45 62.05
C ASP K 179 58.08 14.01 62.01
N TRP K 180 58.90 13.60 63.02
CA TRP K 180 59.41 12.22 63.08
C TRP K 180 58.29 11.17 63.28
N ILE K 181 57.27 11.47 64.16
CA ILE K 181 56.12 10.58 64.39
C ILE K 181 55.47 10.22 63.06
N HIS K 182 55.05 11.28 62.30
CA HIS K 182 54.36 11.17 61.00
C HIS K 182 55.17 10.63 59.88
N TYR K 183 56.51 10.71 59.98
CA TYR K 183 57.39 10.12 58.99
C TYR K 183 57.48 8.62 59.29
N ILE K 184 57.79 8.26 60.56
CA ILE K 184 57.91 6.85 60.95
C ILE K 184 56.59 6.07 60.68
N GLU K 185 55.45 6.60 61.18
CA GLU K 185 54.13 6.01 60.94
C GLU K 185 53.86 5.79 59.42
N LEU K 186 54.08 6.84 58.58
CA LEU K 186 53.85 6.72 57.14
C LEU K 186 54.75 5.64 56.53
N ARG K 187 56.06 5.87 56.61
CA ARG K 187 57.08 4.98 56.03
C ARG K 187 57.24 3.55 56.65
N THR K 188 56.56 3.24 57.80
CA THR K 188 56.56 1.88 58.38
C THR K 188 55.33 1.05 57.95
N SER K 189 54.27 1.73 57.45
CA SER K 189 53.00 1.15 57.03
C SER K 189 53.13 0.21 55.85
N ASN K 190 52.18 -0.72 55.72
CA ASN K 190 52.14 -1.74 54.68
C ASN K 190 51.99 -1.12 53.28
N GLY K 191 52.65 -1.73 52.30
CA GLY K 191 52.63 -1.27 50.91
C GLY K 191 53.85 -0.45 50.52
N THR K 192 54.46 0.23 51.51
CA THR K 192 55.68 1.05 51.37
C THR K 192 56.80 0.20 50.74
N GLN K 193 57.70 0.84 49.97
CA GLN K 193 58.81 0.12 49.36
C GLN K 193 59.67 -0.47 50.47
N ARG K 194 60.01 -1.76 50.34
CA ARG K 194 60.78 -2.53 51.34
C ARG K 194 62.02 -1.80 51.84
N GLU K 195 62.81 -1.28 50.91
CA GLU K 195 64.07 -0.59 51.21
C GLU K 195 63.85 0.63 52.07
N HIS K 196 62.63 1.23 51.96
CA HIS K 196 62.15 2.35 52.77
C HIS K 196 61.55 1.88 54.10
N ILE K 197 60.99 0.65 54.17
CA ILE K 197 60.47 0.13 55.44
C ILE K 197 61.66 -0.12 56.37
N ASP K 198 62.76 -0.70 55.83
CA ASP K 198 64.01 -0.93 56.60
C ASP K 198 64.51 0.39 57.15
N LEU K 199 64.62 1.40 56.26
CA LEU K 199 65.09 2.75 56.60
C LEU K 199 64.24 3.40 57.70
N ALA K 200 62.91 3.36 57.54
CA ALA K 200 61.97 3.92 58.50
C ALA K 200 61.99 3.20 59.85
N ASN K 201 62.01 1.85 59.84
CA ASN K 201 62.09 1.05 61.07
C ASN K 201 63.40 1.26 61.83
N ALA K 202 64.52 1.56 61.09
CA ALA K 202 65.82 1.87 61.68
C ALA K 202 65.75 3.17 62.47
N CYS K 203 64.85 4.10 62.06
CA CYS K 203 64.62 5.39 62.73
C CYS K 203 63.68 5.14 63.92
N LYS K 204 62.70 4.21 63.75
CA LYS K 204 61.73 3.86 64.78
C LYS K 204 62.48 3.45 66.04
N GLU K 205 63.39 2.45 65.91
CA GLU K 205 64.27 1.91 66.96
C GLU K 205 64.86 3.02 67.83
N ILE K 206 65.53 4.00 67.17
CA ILE K 206 66.18 5.17 67.74
C ILE K 206 65.16 6.08 68.46
N PHE K 207 64.01 6.40 67.80
CA PHE K 207 62.94 7.24 68.33
C PHE K 207 62.45 6.65 69.65
N ILE K 208 62.14 5.33 69.62
CA ILE K 208 61.68 4.51 70.75
C ILE K 208 62.65 4.62 71.97
N LYS K 209 63.97 4.68 71.72
CA LYS K 209 64.95 4.81 72.78
C LYS K 209 64.98 6.25 73.38
N GLU K 210 64.99 7.30 72.53
CA GLU K 210 65.01 8.68 73.04
C GLU K 210 63.63 9.17 73.55
N PHE K 211 62.54 8.53 73.03
CA PHE K 211 61.15 8.89 73.33
C PHE K 211 60.28 7.68 73.72
N PRO K 212 60.59 7.00 74.87
CA PRO K 212 59.77 5.85 75.29
C PRO K 212 58.31 6.18 75.64
N SER K 213 58.07 7.38 76.24
CA SER K 213 56.72 7.82 76.60
C SER K 213 55.82 8.13 75.36
N ILE K 214 56.43 8.69 74.29
CA ILE K 214 55.70 8.97 73.05
C ILE K 214 55.42 7.64 72.32
N ALA K 215 56.40 6.70 72.33
CA ALA K 215 56.29 5.38 71.69
C ALA K 215 55.17 4.56 72.33
N LYS K 216 55.10 4.61 73.68
CA LYS K 216 54.07 3.96 74.52
C LYS K 216 52.71 4.53 74.11
N ALA K 217 52.60 5.89 74.10
CA ALA K 217 51.41 6.65 73.70
C ALA K 217 50.89 6.23 72.33
N LEU K 218 51.82 5.91 71.39
CA LEU K 218 51.51 5.47 70.01
C LEU K 218 51.42 3.96 69.85
N ASP K 219 51.71 3.20 70.93
CA ASP K 219 51.70 1.73 70.98
C ASP K 219 52.75 1.13 70.01
N TRP K 220 54.05 1.49 70.25
CA TRP K 220 55.19 1.06 69.43
C TRP K 220 56.11 0.01 70.08
N GLY L 6 60.55 43.94 76.99
CA GLY L 6 60.67 42.67 76.28
C GLY L 6 61.96 41.92 76.57
N SER L 7 61.85 40.65 76.96
CA SER L 7 63.01 39.84 77.27
C SER L 7 62.87 38.38 76.77
N ALA L 8 64.02 37.66 76.70
CA ALA L 8 64.07 36.27 76.27
C ALA L 8 64.95 35.41 77.19
N LYS L 9 64.65 34.07 77.22
CA LYS L 9 65.37 33.07 78.00
C LYS L 9 65.56 31.78 77.19
N LEU L 10 66.80 31.22 77.14
CA LEU L 10 67.10 29.96 76.45
C LEU L 10 66.37 28.81 77.15
N ILE L 11 65.67 27.96 76.37
CA ILE L 11 64.90 26.82 76.90
C ILE L 11 65.59 25.48 76.61
N SER L 12 65.95 25.28 75.35
CA SER L 12 66.64 24.09 74.91
C SER L 12 67.40 24.40 73.63
N VAL L 13 68.45 23.64 73.40
CA VAL L 13 69.28 23.76 72.21
C VAL L 13 69.70 22.36 71.82
N THR L 14 69.90 22.16 70.52
CA THR L 14 70.34 20.89 69.95
C THR L 14 71.73 20.49 70.56
N LYS L 15 71.85 19.25 71.09
CA LYS L 15 73.13 18.76 71.64
C LYS L 15 73.63 17.56 70.84
N PRO L 16 74.80 17.68 70.19
CA PRO L 16 75.32 16.53 69.41
C PRO L 16 75.82 15.37 70.27
N VAL L 17 75.53 14.15 69.81
CA VAL L 17 76.01 12.93 70.42
C VAL L 17 77.23 12.42 69.61
N VAL L 18 77.61 13.15 68.55
CA VAL L 18 78.77 12.83 67.69
C VAL L 18 80.09 12.90 68.49
N GLU L 19 80.86 11.80 68.42
CA GLU L 19 82.15 11.62 69.07
C GLU L 19 83.06 12.76 68.65
N GLY L 20 83.40 13.62 69.63
CA GLY L 20 84.29 14.77 69.43
C GLY L 20 83.60 16.05 69.00
N VAL L 21 82.27 16.10 69.13
CA VAL L 21 81.44 17.26 68.80
C VAL L 21 80.51 17.43 70.01
N ASN L 22 80.72 18.55 70.75
CA ASN L 22 80.03 18.85 72.00
C ASN L 22 78.86 19.82 71.92
N THR L 23 78.96 20.88 71.10
CA THR L 23 77.88 21.87 70.97
C THR L 23 77.29 21.86 69.56
N ALA L 24 76.04 22.36 69.43
CA ALA L 24 75.28 22.51 68.19
C ALA L 24 76.12 23.24 67.13
N GLU L 25 76.79 24.36 67.54
CA GLU L 25 77.67 25.14 66.66
C GLU L 25 78.78 24.27 66.10
N GLU L 26 79.37 23.42 66.93
CA GLU L 26 80.44 22.52 66.47
C GLU L 26 79.89 21.55 65.46
N LEU L 27 78.60 21.21 65.59
CA LEU L 27 77.93 20.28 64.71
C LEU L 27 77.67 20.92 63.35
N ILE L 28 77.39 22.25 63.35
CA ILE L 28 77.16 23.04 62.15
C ILE L 28 78.47 23.03 61.32
N ALA L 29 79.61 23.30 62.02
CA ALA L 29 80.98 23.28 61.51
C ALA L 29 81.37 21.88 61.00
N TYR L 30 80.93 20.82 61.72
CA TYR L 30 81.22 19.44 61.37
C TYR L 30 80.45 19.07 60.13
N ALA L 31 79.18 19.51 60.03
CA ALA L 31 78.36 19.26 58.86
C ALA L 31 79.02 19.88 57.62
N ALA L 32 79.54 21.14 57.74
CA ALA L 32 80.24 21.81 56.64
C ALA L 32 81.50 21.03 56.15
N ARG L 33 82.36 20.61 57.10
CA ARG L 33 83.61 19.92 56.85
C ARG L 33 83.53 18.50 56.34
N VAL L 34 82.48 17.76 56.70
CA VAL L 34 82.40 16.38 56.22
C VAL L 34 81.77 16.34 54.86
N SER L 35 80.77 17.20 54.63
CA SER L 35 80.03 17.31 53.37
C SER L 35 80.91 17.77 52.22
N ASN L 36 81.87 18.65 52.52
CA ASN L 36 82.78 19.22 51.51
C ASN L 36 84.25 18.81 51.82
N PRO L 37 84.63 17.49 51.73
CA PRO L 37 85.98 17.09 52.13
C PRO L 37 87.11 17.62 51.26
N GLU L 38 86.92 17.58 49.93
CA GLU L 38 87.89 18.08 48.96
C GLU L 38 87.91 19.62 48.93
N ASN L 39 86.96 20.28 49.63
CA ASN L 39 86.92 21.74 49.66
C ASN L 39 88.06 22.36 50.49
N GLN L 40 88.80 23.30 49.87
CA GLN L 40 89.90 24.05 50.46
C GLN L 40 89.36 24.98 51.56
N ILE L 41 88.04 25.26 51.53
CA ILE L 41 87.30 26.10 52.48
C ILE L 41 87.26 25.45 53.87
N ASN L 42 87.41 24.10 53.94
CA ASN L 42 87.47 23.35 55.19
C ASN L 42 88.62 23.83 56.05
N ASN L 43 89.69 24.37 55.41
CA ASN L 43 90.90 24.81 56.08
C ASN L 43 90.78 26.03 56.97
N LYS L 44 89.88 26.97 56.63
CA LYS L 44 89.67 28.17 57.45
C LYS L 44 89.07 27.93 58.83
N THR L 45 89.07 28.99 59.66
CA THR L 45 88.60 28.98 61.05
C THR L 45 87.15 28.55 61.17
N ALA L 46 86.68 28.34 62.41
CA ALA L 46 85.28 28.00 62.66
C ALA L 46 84.41 29.13 62.09
N SER L 47 84.78 30.40 62.36
CA SER L 47 84.09 31.59 61.93
C SER L 47 84.17 31.82 60.41
N GLY L 48 85.34 31.56 59.81
CA GLY L 48 85.58 31.74 58.38
C GLY L 48 84.72 30.82 57.52
N LEU L 49 84.61 29.55 57.94
CA LEU L 49 83.81 28.52 57.31
C LEU L 49 82.33 28.94 57.27
N LEU L 50 81.79 29.40 58.43
CA LEU L 50 80.39 29.80 58.57
C LEU L 50 80.05 31.09 57.83
N LYS L 51 81.01 32.05 57.79
CA LYS L 51 80.91 33.31 57.05
C LYS L 51 80.83 32.99 55.57
N TYR L 52 81.62 31.98 55.12
CA TYR L 52 81.66 31.52 53.73
C TYR L 52 80.30 30.93 53.35
N CYS L 53 79.83 29.97 54.17
CA CYS L 53 78.56 29.25 54.01
C CYS L 53 77.33 30.11 54.07
N ILE L 54 77.37 31.22 54.81
CA ILE L 54 76.28 32.18 54.86
C ILE L 54 76.30 33.00 53.53
N ARG L 55 77.51 33.35 53.05
CA ARG L 55 77.68 34.14 51.82
C ARG L 55 77.19 33.36 50.61
N HIS L 56 77.65 32.10 50.48
CA HIS L 56 77.32 31.22 49.38
C HIS L 56 75.98 30.43 49.53
N LYS L 57 75.12 30.83 50.49
CA LYS L 57 73.78 30.26 50.75
C LYS L 57 73.64 28.72 50.98
N HIS L 58 74.68 28.09 51.57
CA HIS L 58 74.64 26.68 51.97
C HIS L 58 73.97 26.71 53.35
N TRP L 59 72.64 26.89 53.37
CA TRP L 59 71.87 27.00 54.61
C TRP L 59 71.68 25.75 55.40
N SER L 60 71.55 24.58 54.71
CA SER L 60 71.28 23.31 55.37
C SER L 60 72.13 22.95 56.61
N ILE L 61 73.40 23.40 56.69
CA ILE L 61 74.27 23.12 57.85
C ILE L 61 73.71 23.80 59.12
N PHE L 62 73.16 25.01 58.96
CA PHE L 62 72.54 25.79 60.03
C PHE L 62 71.19 25.20 60.42
N GLU L 63 70.60 24.41 59.54
CA GLU L 63 69.31 23.75 59.77
C GLU L 63 69.47 22.35 60.44
N THR L 64 70.69 22.04 60.93
CA THR L 64 70.98 20.80 61.65
C THR L 64 70.87 21.13 63.16
N ALA L 65 70.84 22.45 63.46
CA ALA L 65 70.75 23.01 64.79
C ALA L 65 69.40 23.69 65.01
N PHE L 66 68.80 23.45 66.21
CA PHE L 66 67.47 23.91 66.64
C PHE L 66 67.46 24.38 68.10
N MET L 67 67.00 25.61 68.29
CA MET L 67 66.99 26.30 69.57
C MET L 67 65.60 26.86 69.93
N THR L 68 65.19 26.63 71.21
CA THR L 68 63.95 27.10 71.80
C THR L 68 64.28 28.22 72.80
N LEU L 69 63.52 29.30 72.72
CA LEU L 69 63.63 30.49 73.56
C LEU L 69 62.27 30.89 74.12
N GLU L 70 62.19 31.15 75.43
CA GLU L 70 60.97 31.64 76.08
C GLU L 70 60.99 33.15 75.91
N LEU L 71 59.89 33.69 75.39
CA LEU L 71 59.79 35.12 75.18
C LEU L 71 58.77 35.74 76.12
N LYS L 72 59.05 36.98 76.56
CA LYS L 72 58.17 37.73 77.42
C LYS L 72 58.03 39.11 76.86
N THR L 73 56.92 39.33 76.13
CA THR L 73 56.56 40.59 75.48
C THR L 73 55.03 40.85 75.61
N SER L 74 54.49 41.84 74.86
CA SER L 74 53.07 42.19 74.81
C SER L 74 52.37 41.37 73.70
N ARG L 75 51.02 41.37 73.65
CA ARG L 75 50.28 40.64 72.61
C ARG L 75 50.45 41.23 71.23
N GLY L 76 50.45 42.55 71.15
CA GLY L 76 50.65 43.31 69.93
C GLY L 76 51.98 42.98 69.29
N ILE L 77 52.99 42.65 70.11
CA ILE L 77 54.31 42.25 69.63
C ILE L 77 54.33 40.74 69.31
N ALA L 78 53.48 39.94 69.99
CA ALA L 78 53.32 38.50 69.69
C ALA L 78 52.56 38.32 68.38
N ALA L 79 51.90 39.41 67.91
CA ALA L 79 51.15 39.46 66.64
C ALA L 79 52.15 39.45 65.50
N GLN L 80 53.25 40.24 65.62
CA GLN L 80 54.34 40.35 64.65
C GLN L 80 55.17 39.04 64.66
N VAL L 81 55.67 38.64 65.87
CA VAL L 81 56.47 37.45 66.12
C VAL L 81 55.91 36.16 65.46
N LEU L 82 54.58 35.90 65.64
CA LEU L 82 53.86 34.72 65.13
C LEU L 82 53.77 34.63 63.59
N ARG L 83 54.12 35.72 62.87
CA ARG L 83 54.14 35.76 61.40
C ARG L 83 55.40 35.06 60.85
N HIS L 84 56.40 34.88 61.72
CA HIS L 84 57.64 34.20 61.38
C HIS L 84 57.39 32.69 61.38
N ARG L 85 56.55 32.26 60.41
CA ARG L 85 56.04 30.93 60.11
C ARG L 85 57.04 29.78 60.05
N SER L 86 58.37 30.04 59.88
CA SER L 86 59.36 28.94 59.90
C SER L 86 59.48 28.38 61.33
N PHE L 87 59.38 29.26 62.34
CA PHE L 87 59.39 28.90 63.77
C PHE L 87 58.06 28.27 64.15
N HIS L 88 58.14 27.45 65.20
CA HIS L 88 57.08 26.72 65.86
C HIS L 88 56.91 27.43 67.19
N PHE L 89 55.68 27.54 67.69
CA PHE L 89 55.43 28.30 68.91
C PHE L 89 54.65 27.53 69.95
N GLN L 90 54.96 27.79 71.21
CA GLN L 90 54.19 27.20 72.31
C GLN L 90 53.71 28.29 73.25
N GLU L 91 52.39 28.44 73.33
CA GLU L 91 51.73 29.44 74.16
C GLU L 91 50.88 28.75 75.24
N PHE L 92 50.45 29.52 76.26
CA PHE L 92 49.54 29.07 77.31
C PHE L 92 48.15 28.88 76.68
N SER L 93 47.37 27.90 77.19
CA SER L 93 46.02 27.60 76.71
C SER L 93 45.11 28.81 76.82
N GLN L 94 44.14 28.91 75.92
CA GLN L 94 43.20 30.02 75.99
C GLN L 94 42.08 29.70 77.00
N ARG L 95 41.87 28.37 77.26
CA ARG L 95 40.90 27.80 78.20
C ARG L 95 41.51 27.67 79.60
N TYR L 96 42.60 26.89 79.72
CA TYR L 96 43.27 26.46 80.94
C TYR L 96 44.27 27.38 81.61
N ALA L 97 44.67 28.47 80.96
CA ALA L 97 45.60 29.39 81.60
C ALA L 97 44.86 30.64 81.99
N SER L 98 45.15 31.12 83.21
CA SER L 98 44.54 32.32 83.79
C SER L 98 45.48 33.51 83.74
N VAL L 99 44.98 34.66 83.28
CA VAL L 99 45.75 35.90 83.21
C VAL L 99 45.74 36.54 84.61
N MET L 100 46.84 36.36 85.36
CA MET L 100 46.97 36.92 86.70
C MET L 100 47.86 38.16 86.73
N GLU L 101 48.38 38.58 85.54
CA GLU L 101 49.25 39.75 85.41
C GLU L 101 48.57 40.96 84.79
N THR L 102 48.76 42.13 85.43
CA THR L 102 48.22 43.43 85.03
C THR L 102 49.00 44.05 83.84
N PRO L 103 48.30 44.63 82.83
CA PRO L 103 49.00 45.22 81.69
C PRO L 103 49.64 46.57 82.03
N PRO L 104 50.91 46.82 81.62
CA PRO L 104 51.56 48.10 81.95
C PRO L 104 51.41 49.18 80.86
N PRO L 105 51.62 50.50 81.16
CA PRO L 105 51.53 51.51 80.09
C PRO L 105 52.70 51.42 79.10
N HIS L 106 52.41 51.49 77.79
CA HIS L 106 53.41 51.43 76.71
C HIS L 106 53.81 52.82 76.23
N GLN L 107 55.06 52.95 75.74
CA GLN L 107 55.59 54.21 75.21
C GLN L 107 54.88 54.64 73.93
N ALA L 108 54.79 55.96 73.68
CA ALA L 108 54.12 56.56 72.52
C ALA L 108 55.08 57.24 71.50
N ARG L 109 54.55 57.65 70.31
CA ARG L 109 55.31 58.31 69.23
C ARG L 109 54.50 59.40 68.52
N PRO L 124 56.99 63.94 73.84
CA PRO L 124 56.42 64.88 74.83
C PRO L 124 56.60 64.40 76.27
N GLU L 125 56.01 65.11 77.24
CA GLU L 125 56.10 64.73 78.64
C GLU L 125 54.71 64.68 79.26
N ASP L 126 53.95 65.78 79.17
CA ASP L 126 52.58 65.89 79.69
C ASP L 126 51.67 64.91 78.95
N ASP L 127 51.88 64.77 77.62
CA ASP L 127 51.15 63.84 76.75
C ASP L 127 51.57 62.42 77.07
N GLN L 128 52.88 62.23 77.37
CA GLN L 128 53.46 60.94 77.77
C GLN L 128 52.89 60.53 79.13
N THR L 129 52.65 61.53 80.01
CA THR L 129 52.02 61.34 81.33
C THR L 129 50.52 61.07 81.11
N TRP L 130 49.90 61.77 80.13
CA TRP L 130 48.49 61.61 79.77
C TRP L 130 48.21 60.18 79.31
N TRP L 131 49.00 59.71 78.32
CA TRP L 131 48.90 58.37 77.73
C TRP L 131 49.06 57.28 78.78
N ALA L 132 50.10 57.39 79.63
CA ALA L 132 50.40 56.47 80.72
C ALA L 132 49.23 56.32 81.70
N THR L 133 48.72 57.46 82.25
CA THR L 133 47.60 57.50 83.21
C THR L 133 46.35 56.89 82.58
N GLU L 134 45.98 57.37 81.36
CA GLU L 134 44.82 56.88 80.59
C GLU L 134 44.88 55.37 80.39
N GLN L 135 46.10 54.84 80.08
CA GLN L 135 46.37 53.41 79.93
C GLN L 135 46.18 52.70 81.27
N GLU L 136 46.95 53.11 82.30
CA GLU L 136 46.88 52.56 83.67
C GLU L 136 45.43 52.52 84.16
N LYS L 137 44.68 53.61 83.89
CA LYS L 137 43.26 53.78 84.24
C LYS L 137 42.41 52.72 83.49
N LEU L 138 42.55 52.65 82.14
CA LEU L 138 41.81 51.70 81.28
C LEU L 138 42.17 50.24 81.53
N TYR L 139 43.45 49.96 81.92
CA TYR L 139 43.92 48.61 82.21
C TYR L 139 43.41 48.11 83.56
N ALA L 140 43.32 49.03 84.57
CA ALA L 140 42.79 48.72 85.89
C ALA L 140 41.32 48.26 85.81
N GLN L 141 40.52 48.98 85.02
CA GLN L 141 39.10 48.75 84.73
C GLN L 141 38.91 47.43 83.97
N SER L 142 39.87 47.13 83.06
CA SER L 142 39.88 45.93 82.22
C SER L 142 40.07 44.64 83.03
N MET L 143 41.07 44.60 83.94
CA MET L 143 41.33 43.46 84.81
C MET L 143 40.11 43.22 85.73
N GLU L 144 39.56 44.33 86.30
CA GLU L 144 38.38 44.38 87.17
C GLU L 144 37.18 43.67 86.54
N LEU L 145 36.90 43.95 85.24
CA LEU L 145 35.81 43.30 84.51
C LEU L 145 36.15 41.85 84.25
N TYR L 146 37.41 41.56 83.84
CA TYR L 146 37.90 40.22 83.53
C TYR L 146 37.77 39.24 84.69
N ASN L 147 38.25 39.62 85.88
CA ASN L 147 38.19 38.82 87.11
C ASN L 147 36.73 38.53 87.52
N LYS L 148 35.83 39.54 87.38
CA LYS L 148 34.40 39.47 87.67
C LYS L 148 33.69 38.46 86.76
N ALA L 149 34.04 38.48 85.46
CA ALA L 149 33.51 37.60 84.42
C ALA L 149 33.96 36.16 84.64
N LEU L 150 35.17 35.97 85.20
CA LEU L 150 35.65 34.62 85.53
C LEU L 150 34.83 34.09 86.70
N GLU L 151 34.64 34.93 87.77
CA GLU L 151 33.89 34.63 88.99
C GLU L 151 32.48 34.11 88.72
N LYS L 152 31.75 34.77 87.78
CA LYS L 152 30.40 34.42 87.33
C LYS L 152 30.33 33.11 86.53
N GLY L 153 31.49 32.47 86.35
CA GLY L 153 31.64 31.20 85.66
C GLY L 153 31.89 31.27 84.16
N ILE L 154 32.10 32.50 83.61
CA ILE L 154 32.38 32.67 82.17
C ILE L 154 33.81 32.19 81.93
N ALA L 155 33.97 31.21 81.02
CA ALA L 155 35.26 30.60 80.68
C ALA L 155 36.28 31.60 80.16
N LYS L 156 37.57 31.34 80.46
CA LYS L 156 38.73 32.17 80.08
C LYS L 156 38.78 32.49 78.58
N GLU L 157 38.38 31.51 77.76
CA GLU L 157 38.29 31.55 76.29
C GLU L 157 37.45 32.74 75.81
N CYS L 158 36.29 32.98 76.45
CA CYS L 158 35.37 34.08 76.11
C CYS L 158 35.79 35.37 76.79
N ALA L 159 36.28 35.27 78.03
CA ALA L 159 36.75 36.35 78.89
C ALA L 159 38.01 37.04 78.36
N ARG L 160 38.75 36.37 77.46
CA ARG L 160 39.97 36.84 76.79
C ARG L 160 39.70 38.07 75.96
N PHE L 161 38.54 38.10 75.28
CA PHE L 161 38.13 39.12 74.32
C PHE L 161 38.11 40.57 74.76
N ILE L 162 38.07 40.85 76.07
CA ILE L 162 38.06 42.23 76.60
C ILE L 162 39.50 42.72 76.87
N LEU L 163 40.45 41.77 77.00
CA LEU L 163 41.88 41.97 77.29
C LEU L 163 42.56 42.88 76.27
N PRO L 164 43.46 43.77 76.69
CA PRO L 164 44.14 44.65 75.70
C PRO L 164 45.30 43.98 74.93
N LEU L 165 45.82 44.65 73.90
CA LEU L 165 46.96 44.15 73.12
C LEU L 165 48.28 44.30 73.89
N SER L 166 48.23 45.03 75.02
CA SER L 166 49.38 45.31 75.89
C SER L 166 49.54 44.23 76.96
N THR L 167 48.61 43.25 76.97
CA THR L 167 48.61 42.12 77.90
C THR L 167 49.97 41.42 77.87
N PRO L 168 50.67 41.25 79.00
CA PRO L 168 51.97 40.56 78.96
C PRO L 168 51.76 39.12 78.54
N THR L 169 52.57 38.68 77.59
CA THR L 169 52.48 37.32 77.05
C THR L 169 53.81 36.60 77.21
N THR L 170 53.72 35.28 77.37
CA THR L 170 54.89 34.43 77.46
C THR L 170 54.77 33.22 76.57
N ILE L 171 55.68 33.16 75.59
CA ILE L 171 55.68 32.10 74.58
C ILE L 171 57.06 31.50 74.29
N TYR L 172 57.07 30.21 73.96
CA TYR L 172 58.27 29.51 73.49
C TYR L 172 58.34 29.72 71.94
N MET L 173 59.54 30.04 71.43
CA MET L 173 59.83 30.22 70.00
C MET L 173 60.96 29.23 69.69
N SER L 174 60.66 28.25 68.85
CA SER L 174 61.63 27.24 68.50
C SER L 174 61.90 27.21 66.97
N GLY L 175 63.18 27.38 66.59
CA GLY L 175 63.58 27.36 65.19
C GLY L 175 65.02 26.96 64.93
N THR L 176 65.34 26.70 63.64
CA THR L 176 66.69 26.35 63.20
C THR L 176 67.61 27.57 63.37
N ILE L 177 68.93 27.35 63.32
CA ILE L 177 69.91 28.43 63.46
C ILE L 177 69.80 29.43 62.33
N ARG L 178 69.61 28.92 61.11
CA ARG L 178 69.38 29.69 59.90
C ARG L 178 68.22 30.70 60.18
N ASP L 179 67.03 30.18 60.67
CA ASP L 179 65.82 30.95 60.98
C ASP L 179 66.05 32.05 62.01
N TRP L 180 66.71 31.72 63.16
CA TRP L 180 67.03 32.68 64.23
C TRP L 180 67.91 33.79 63.69
N ILE L 181 68.86 33.46 62.80
CA ILE L 181 69.76 34.42 62.14
C ILE L 181 68.91 35.46 61.40
N HIS L 182 67.96 35.00 60.59
CA HIS L 182 67.11 35.92 59.83
C HIS L 182 66.09 36.69 60.69
N TYR L 183 65.58 36.07 61.78
CA TYR L 183 64.65 36.73 62.71
C TYR L 183 65.34 37.91 63.42
N ILE L 184 66.58 37.66 63.94
CA ILE L 184 67.42 38.63 64.64
C ILE L 184 67.84 39.69 63.70
N GLU L 185 68.58 39.34 62.63
CA GLU L 185 69.06 40.28 61.61
C GLU L 185 67.96 41.26 61.20
N LEU L 186 66.73 40.73 60.92
CA LEU L 186 65.57 41.53 60.56
C LEU L 186 65.06 42.40 61.69
N ARG L 187 64.63 41.78 62.82
CA ARG L 187 64.02 42.50 63.93
C ARG L 187 64.86 43.52 64.71
N THR L 188 66.18 43.49 64.51
CA THR L 188 67.13 44.41 65.15
C THR L 188 67.45 45.61 64.25
N SER L 189 67.12 45.53 62.94
CA SER L 189 67.35 46.58 61.94
C SER L 189 66.38 47.73 62.12
N ASN L 190 66.87 48.97 61.88
CA ASN L 190 66.18 50.27 62.03
C ASN L 190 64.80 50.32 61.36
N GLY L 191 63.82 50.82 62.12
CA GLY L 191 62.44 50.96 61.65
C GLY L 191 61.44 50.04 62.35
N THR L 192 61.93 48.91 62.91
CA THR L 192 61.11 47.94 63.66
C THR L 192 60.61 48.61 64.93
N GLN L 193 59.38 48.23 65.39
CA GLN L 193 58.75 48.73 66.63
C GLN L 193 59.71 48.46 67.79
N ARG L 194 60.05 49.51 68.58
CA ARG L 194 61.00 49.43 69.70
C ARG L 194 60.74 48.25 70.61
N GLU L 195 59.45 47.97 70.91
CA GLU L 195 59.05 46.86 71.77
C GLU L 195 59.48 45.49 71.22
N HIS L 196 59.70 45.41 69.88
CA HIS L 196 60.17 44.22 69.14
C HIS L 196 61.72 44.21 69.05
N ILE L 197 62.35 45.38 68.80
CA ILE L 197 63.81 45.47 68.74
C ILE L 197 64.41 44.94 70.03
N ASP L 198 63.83 45.31 71.20
CA ASP L 198 64.19 44.87 72.55
C ASP L 198 64.17 43.35 72.69
N LEU L 199 63.04 42.74 72.26
CA LEU L 199 62.78 41.30 72.27
C LEU L 199 63.86 40.57 71.43
N ALA L 200 64.04 40.99 70.16
CA ALA L 200 65.01 40.43 69.22
C ALA L 200 66.46 40.62 69.72
N ASN L 201 66.75 41.78 70.34
CA ASN L 201 68.07 42.04 70.92
C ASN L 201 68.34 41.13 72.14
N ALA L 202 67.27 40.78 72.92
CA ALA L 202 67.32 39.85 74.06
C ALA L 202 67.67 38.49 73.51
N CYS L 203 67.05 38.13 72.38
CA CYS L 203 67.28 36.91 71.63
C CYS L 203 68.70 36.90 71.10
N LYS L 204 69.11 37.98 70.41
CA LYS L 204 70.45 38.18 69.83
C LYS L 204 71.51 37.92 70.87
N GLU L 205 71.36 38.51 72.09
CA GLU L 205 72.28 38.34 73.22
C GLU L 205 72.50 36.86 73.61
N ILE L 206 71.42 36.03 73.55
CA ILE L 206 71.48 34.59 73.83
C ILE L 206 72.22 33.90 72.69
N PHE L 207 71.88 34.26 71.43
CA PHE L 207 72.48 33.72 70.22
C PHE L 207 74.03 33.76 70.27
N ILE L 208 74.60 34.94 70.59
CA ILE L 208 76.05 35.18 70.70
C ILE L 208 76.73 34.30 71.76
N LYS L 209 76.01 34.01 72.83
CA LYS L 209 76.47 33.17 73.93
C LYS L 209 76.51 31.69 73.50
N GLU L 210 75.57 31.25 72.66
CA GLU L 210 75.50 29.85 72.20
C GLU L 210 76.30 29.61 70.91
N PHE L 211 76.25 30.60 70.02
CA PHE L 211 76.89 30.60 68.72
C PHE L 211 77.84 31.79 68.59
N PRO L 212 79.00 31.78 69.30
CA PRO L 212 79.92 32.92 69.16
C PRO L 212 80.64 32.98 67.81
N SER L 213 80.87 31.81 67.20
CA SER L 213 81.53 31.69 65.90
C SER L 213 80.65 32.21 64.73
N ILE L 214 79.31 32.01 64.82
CA ILE L 214 78.36 32.54 63.82
C ILE L 214 78.20 34.05 64.09
N ALA L 215 78.26 34.46 65.38
CA ALA L 215 78.19 35.86 65.78
C ALA L 215 79.40 36.66 65.23
N LYS L 216 80.62 36.03 65.22
CA LYS L 216 81.87 36.60 64.69
C LYS L 216 81.80 36.81 63.16
N ALA L 217 81.23 35.80 62.45
CA ALA L 217 81.01 35.77 61.00
C ALA L 217 80.04 36.86 60.62
N LEU L 218 78.99 37.06 61.44
CA LEU L 218 77.97 38.08 61.19
C LEU L 218 78.33 39.47 61.75
N ASP L 219 79.42 39.57 62.54
CA ASP L 219 79.93 40.81 63.18
C ASP L 219 78.88 41.36 64.14
N TRP L 220 78.52 40.54 65.14
CA TRP L 220 77.50 40.86 66.13
C TRP L 220 78.06 41.31 67.49
N THR M 5 -48.91 -15.22 -69.99
CA THR M 5 -49.95 -16.08 -69.44
C THR M 5 -49.59 -16.75 -68.10
N GLY M 6 -50.52 -17.51 -67.56
CA GLY M 6 -50.47 -17.97 -66.18
C GLY M 6 -49.38 -18.93 -65.82
N SER M 7 -48.84 -18.80 -64.63
CA SER M 7 -47.74 -19.63 -64.24
C SER M 7 -47.74 -20.03 -62.78
N ALA M 8 -47.06 -21.13 -62.51
CA ALA M 8 -47.03 -21.77 -61.21
C ALA M 8 -45.63 -22.23 -60.90
N LYS M 9 -45.22 -22.06 -59.64
CA LYS M 9 -43.90 -22.37 -59.13
C LYS M 9 -44.11 -23.08 -57.79
N LEU M 10 -43.35 -24.18 -57.55
CA LEU M 10 -43.43 -24.94 -56.29
C LEU M 10 -42.75 -24.15 -55.19
N ILE M 11 -43.45 -23.88 -54.06
CA ILE M 11 -42.91 -23.09 -52.92
C ILE M 11 -42.43 -23.98 -51.79
N SER M 12 -43.30 -24.92 -51.39
CA SER M 12 -43.06 -25.90 -50.33
C SER M 12 -43.97 -27.11 -50.51
N VAL M 13 -43.52 -28.22 -50.00
CA VAL M 13 -44.22 -29.49 -49.96
C VAL M 13 -43.82 -30.12 -48.62
N THR M 14 -44.66 -31.03 -48.14
CA THR M 14 -44.48 -31.77 -46.91
C THR M 14 -43.33 -32.75 -47.13
N LYS M 15 -42.51 -32.98 -46.10
CA LYS M 15 -41.43 -33.95 -46.22
C LYS M 15 -41.39 -34.77 -44.93
N PRO M 16 -41.34 -36.12 -45.02
CA PRO M 16 -41.32 -36.94 -43.80
C PRO M 16 -40.00 -36.81 -43.05
N VAL M 17 -40.07 -36.80 -41.73
CA VAL M 17 -38.89 -36.64 -40.87
C VAL M 17 -38.52 -37.95 -40.17
N VAL M 18 -39.04 -39.06 -40.69
CA VAL M 18 -38.94 -40.41 -40.17
C VAL M 18 -38.17 -41.33 -41.15
N GLU M 19 -37.44 -42.33 -40.61
CA GLU M 19 -36.65 -43.27 -41.41
C GLU M 19 -37.55 -44.12 -42.29
N GLY M 20 -37.07 -44.47 -43.48
CA GLY M 20 -37.82 -45.30 -44.41
C GLY M 20 -38.56 -44.52 -45.48
N VAL M 21 -39.27 -43.47 -45.05
CA VAL M 21 -39.99 -42.61 -45.97
C VAL M 21 -39.23 -41.33 -46.18
N ASN M 22 -38.95 -40.99 -47.45
CA ASN M 22 -38.13 -39.83 -47.76
C ASN M 22 -38.85 -38.71 -48.45
N THR M 23 -39.87 -39.03 -49.23
CA THR M 23 -40.64 -38.01 -49.95
C THR M 23 -42.11 -38.07 -49.52
N ALA M 24 -42.85 -36.95 -49.72
CA ALA M 24 -44.29 -36.86 -49.40
C ALA M 24 -45.02 -38.05 -50.00
N GLU M 25 -44.74 -38.35 -51.29
CA GLU M 25 -45.34 -39.50 -51.95
C GLU M 25 -45.00 -40.85 -51.27
N GLU M 26 -43.74 -41.04 -50.82
CA GLU M 26 -43.34 -42.27 -50.12
C GLU M 26 -44.17 -42.49 -48.84
N LEU M 27 -44.57 -41.39 -48.17
CA LEU M 27 -45.38 -41.37 -46.95
C LEU M 27 -46.82 -41.77 -47.26
N ILE M 28 -47.39 -41.25 -48.38
CA ILE M 28 -48.75 -41.56 -48.81
C ILE M 28 -48.82 -43.06 -49.11
N ALA M 29 -47.92 -43.56 -49.98
CA ALA M 29 -47.82 -44.97 -50.33
C ALA M 29 -47.66 -45.80 -49.06
N TYR M 30 -46.90 -45.28 -48.06
CA TYR M 30 -46.69 -45.96 -46.80
C TYR M 30 -48.01 -46.18 -46.09
N ALA M 31 -48.73 -45.08 -45.82
CA ALA M 31 -50.02 -45.12 -45.18
C ALA M 31 -50.97 -46.05 -45.96
N ALA M 32 -50.83 -46.10 -47.30
CA ALA M 32 -51.62 -46.92 -48.24
C ALA M 32 -51.42 -48.41 -48.03
N ARG M 33 -50.15 -48.86 -48.01
CA ARG M 33 -49.76 -50.26 -47.78
C ARG M 33 -50.31 -50.71 -46.41
N VAL M 34 -50.02 -49.90 -45.34
CA VAL M 34 -50.40 -50.08 -43.94
C VAL M 34 -51.92 -50.27 -43.71
N SER M 35 -52.77 -49.58 -44.52
CA SER M 35 -54.25 -49.67 -44.35
C SER M 35 -54.95 -50.63 -45.35
N ASN M 36 -54.20 -51.65 -45.86
CA ASN M 36 -54.65 -52.69 -46.81
C ASN M 36 -53.87 -54.03 -46.67
N LYS M 44 -50.49 -55.72 -55.33
CA LYS M 44 -50.17 -55.13 -56.64
C LYS M 44 -49.13 -53.97 -56.61
N THR M 45 -48.95 -53.26 -57.77
CA THR M 45 -47.99 -52.16 -57.97
C THR M 45 -48.19 -50.90 -57.12
N ALA M 46 -47.11 -50.11 -56.89
CA ALA M 46 -47.11 -48.86 -56.13
C ALA M 46 -48.21 -47.90 -56.60
N SER M 47 -48.24 -47.60 -57.92
CA SER M 47 -49.23 -46.76 -58.60
C SER M 47 -50.62 -47.42 -58.49
N GLY M 48 -50.65 -48.73 -58.65
CA GLY M 48 -51.85 -49.56 -58.57
C GLY M 48 -52.52 -49.49 -57.22
N LEU M 49 -51.72 -49.46 -56.12
CA LEU M 49 -52.24 -49.33 -54.76
C LEU M 49 -52.88 -47.96 -54.63
N LEU M 50 -52.20 -46.92 -55.14
CA LEU M 50 -52.71 -45.56 -55.11
C LEU M 50 -54.00 -45.43 -55.91
N LYS M 51 -54.02 -46.02 -57.11
CA LYS M 51 -55.20 -46.07 -57.99
C LYS M 51 -56.37 -46.73 -57.24
N TYR M 52 -56.11 -47.84 -56.52
CA TYR M 52 -57.10 -48.59 -55.73
C TYR M 52 -57.74 -47.68 -54.65
N CYS M 53 -56.90 -46.99 -53.85
CA CYS M 53 -57.29 -46.07 -52.77
C CYS M 53 -58.16 -44.94 -53.27
N ILE M 54 -57.78 -44.34 -54.41
CA ILE M 54 -58.49 -43.25 -55.08
C ILE M 54 -59.91 -43.71 -55.48
N ARG M 55 -59.98 -44.83 -56.21
CA ARG M 55 -61.19 -45.47 -56.74
C ARG M 55 -62.19 -45.82 -55.65
N HIS M 56 -61.69 -46.30 -54.50
CA HIS M 56 -62.49 -46.74 -53.37
C HIS M 56 -62.80 -45.64 -52.35
N LYS M 57 -62.33 -44.41 -52.63
CA LYS M 57 -62.50 -43.16 -51.87
C LYS M 57 -61.79 -43.08 -50.51
N HIS M 58 -60.71 -43.87 -50.35
CA HIS M 58 -59.83 -43.80 -49.17
C HIS M 58 -58.91 -42.57 -49.38
N TRP M 59 -59.44 -41.35 -49.11
CA TRP M 59 -58.75 -40.08 -49.32
C TRP M 59 -57.76 -39.66 -48.27
N SER M 60 -57.95 -40.07 -47.02
CA SER M 60 -57.06 -39.66 -45.92
C SER M 60 -55.55 -39.93 -46.12
N ILE M 61 -55.18 -40.97 -46.87
CA ILE M 61 -53.76 -41.21 -47.15
C ILE M 61 -53.15 -40.06 -47.99
N PHE M 62 -54.00 -39.30 -48.73
CA PHE M 62 -53.64 -38.17 -49.57
C PHE M 62 -53.70 -36.82 -48.85
N GLU M 63 -54.13 -36.83 -47.59
CA GLU M 63 -54.25 -35.64 -46.75
C GLU M 63 -53.12 -35.53 -45.69
N THR M 64 -52.10 -36.38 -45.83
CA THR M 64 -50.87 -36.43 -45.02
C THR M 64 -49.82 -35.53 -45.68
N ALA M 65 -49.93 -35.35 -47.02
CA ALA M 65 -49.08 -34.42 -47.78
C ALA M 65 -49.82 -33.06 -47.95
N PHE M 66 -49.04 -31.96 -47.99
CA PHE M 66 -49.55 -30.59 -48.14
C PHE M 66 -48.51 -29.78 -48.89
N MET M 67 -48.91 -29.23 -50.03
CA MET M 67 -48.01 -28.50 -50.91
C MET M 67 -48.53 -27.09 -51.22
N THR M 68 -47.59 -26.09 -51.31
CA THR M 68 -47.81 -24.67 -51.60
C THR M 68 -47.23 -24.25 -52.96
N LEU M 69 -48.05 -23.56 -53.77
CA LEU M 69 -47.63 -23.08 -55.08
C LEU M 69 -47.75 -21.60 -55.17
N GLU M 70 -46.88 -20.97 -55.96
CA GLU M 70 -46.96 -19.54 -56.21
C GLU M 70 -47.58 -19.45 -57.58
N LEU M 71 -48.75 -18.83 -57.64
CA LEU M 71 -49.47 -18.67 -58.89
C LEU M 71 -49.40 -17.25 -59.36
N LYS M 72 -48.97 -17.08 -60.60
CA LYS M 72 -48.97 -15.80 -61.27
C LYS M 72 -50.11 -15.90 -62.28
N THR M 73 -51.18 -15.10 -62.04
CA THR M 73 -52.41 -15.03 -62.84
C THR M 73 -53.00 -13.60 -62.81
N SER M 74 -54.34 -13.44 -63.03
CA SER M 74 -55.05 -12.14 -63.01
C SER M 74 -56.08 -12.17 -61.91
N ARG M 75 -56.58 -10.99 -61.46
CA ARG M 75 -57.64 -10.92 -60.43
C ARG M 75 -58.88 -11.69 -60.89
N GLY M 76 -59.17 -11.59 -62.19
CA GLY M 76 -60.28 -12.26 -62.86
C GLY M 76 -60.24 -13.78 -62.77
N ILE M 77 -59.04 -14.34 -62.70
CA ILE M 77 -58.90 -15.79 -62.59
C ILE M 77 -58.82 -16.17 -61.11
N ALA M 78 -58.19 -15.32 -60.29
CA ALA M 78 -58.09 -15.47 -58.84
C ALA M 78 -59.47 -15.71 -58.21
N ALA M 79 -60.49 -14.98 -58.72
CA ALA M 79 -61.89 -15.06 -58.31
C ALA M 79 -62.41 -16.53 -58.39
N GLN M 80 -62.10 -17.20 -59.50
CA GLN M 80 -62.45 -18.61 -59.68
C GLN M 80 -61.62 -19.45 -58.67
N VAL M 81 -60.27 -19.24 -58.64
CA VAL M 81 -59.31 -19.93 -57.76
C VAL M 81 -59.68 -19.77 -56.25
N LEU M 82 -59.98 -18.53 -55.82
CA LEU M 82 -60.35 -18.18 -54.44
C LEU M 82 -61.58 -18.93 -53.96
N ARG M 83 -62.37 -19.47 -54.88
CA ARG M 83 -63.58 -20.19 -54.54
C ARG M 83 -63.39 -21.65 -54.19
N HIS M 84 -62.20 -22.19 -54.46
CA HIS M 84 -61.77 -23.55 -54.09
C HIS M 84 -61.38 -23.51 -52.58
N ARG M 85 -62.39 -23.39 -51.73
CA ARG M 85 -62.36 -23.17 -50.28
C ARG M 85 -61.60 -24.14 -49.35
N SER M 86 -61.22 -25.33 -49.85
CA SER M 86 -60.44 -26.31 -49.06
C SER M 86 -59.01 -25.82 -48.94
N PHE M 87 -58.60 -25.01 -49.93
CA PHE M 87 -57.26 -24.43 -50.02
C PHE M 87 -57.09 -23.21 -49.15
N HIS M 88 -55.85 -22.99 -48.79
CA HIS M 88 -55.41 -21.84 -48.02
C HIS M 88 -54.67 -20.93 -48.99
N PHE M 89 -54.84 -19.62 -48.85
CA PHE M 89 -54.28 -18.63 -49.77
C PHE M 89 -53.46 -17.56 -49.09
N GLN M 90 -52.50 -16.96 -49.84
CA GLN M 90 -51.67 -15.87 -49.37
C GLN M 90 -51.43 -14.93 -50.51
N GLU M 91 -51.86 -13.69 -50.33
CA GLU M 91 -51.75 -12.65 -51.35
C GLU M 91 -51.04 -11.47 -50.75
N PHE M 92 -50.54 -10.59 -51.62
CA PHE M 92 -49.91 -9.35 -51.19
C PHE M 92 -50.91 -8.51 -50.40
N SER M 93 -50.44 -7.71 -49.42
CA SER M 93 -51.28 -6.83 -48.61
C SER M 93 -52.00 -5.85 -49.49
N GLN M 94 -53.28 -5.59 -49.20
CA GLN M 94 -54.07 -4.61 -49.94
C GLN M 94 -53.57 -3.23 -49.54
N ARG M 95 -53.19 -3.07 -48.24
CA ARG M 95 -52.65 -1.86 -47.63
C ARG M 95 -51.21 -1.63 -48.05
N TYR M 96 -50.38 -2.67 -47.91
CA TYR M 96 -48.94 -2.55 -48.08
C TYR M 96 -48.34 -3.04 -49.40
N ALA M 97 -49.08 -3.02 -50.51
CA ALA M 97 -48.49 -3.44 -51.78
C ALA M 97 -48.90 -2.58 -52.96
N SER M 98 -47.90 -2.14 -53.75
CA SER M 98 -48.07 -1.33 -54.96
C SER M 98 -48.03 -2.26 -56.17
N VAL M 99 -49.05 -2.12 -57.04
CA VAL M 99 -49.16 -2.90 -58.27
C VAL M 99 -48.20 -2.31 -59.30
N MET M 100 -47.04 -2.93 -59.41
CA MET M 100 -45.99 -2.49 -60.30
C MET M 100 -46.28 -2.92 -61.74
N GLU M 101 -46.47 -4.25 -61.94
CA GLU M 101 -46.73 -4.90 -63.22
C GLU M 101 -47.95 -4.32 -63.91
N THR M 102 -47.73 -3.80 -65.13
CA THR M 102 -48.77 -3.18 -65.93
C THR M 102 -49.69 -4.24 -66.58
N PRO M 103 -51.03 -4.13 -66.40
CA PRO M 103 -51.93 -5.18 -66.93
C PRO M 103 -51.85 -5.49 -68.43
N PRO M 104 -51.64 -6.78 -68.75
CA PRO M 104 -51.55 -7.17 -70.16
C PRO M 104 -52.93 -7.31 -70.80
N PRO M 105 -53.06 -7.13 -72.14
CA PRO M 105 -54.39 -7.31 -72.74
C PRO M 105 -54.74 -8.79 -72.90
N HIS M 106 -55.99 -9.14 -72.63
CA HIS M 106 -56.45 -10.53 -72.72
C HIS M 106 -57.04 -10.85 -74.09
N GLN M 107 -56.88 -12.11 -74.53
CA GLN M 107 -57.37 -12.63 -75.79
C GLN M 107 -58.91 -12.80 -75.71
N ALA M 108 -59.63 -12.27 -76.71
CA ALA M 108 -61.09 -12.31 -76.80
C ALA M 108 -61.60 -13.59 -77.47
N ARG M 109 -62.80 -14.02 -77.03
CA ARG M 109 -63.53 -15.18 -77.51
C ARG M 109 -65.00 -14.78 -77.75
N PHE M 110 -65.66 -15.51 -78.60
CA PHE M 110 -67.03 -15.27 -78.95
C PHE M 110 -67.95 -16.02 -77.98
N PRO M 124 -62.17 -13.84 -85.27
CA PRO M 124 -62.04 -12.44 -85.71
C PRO M 124 -60.62 -11.88 -85.62
N GLU M 125 -60.33 -10.78 -86.35
CA GLU M 125 -59.00 -10.10 -86.33
C GLU M 125 -59.09 -8.57 -86.40
N ASP M 126 -60.24 -8.06 -86.86
CA ASP M 126 -60.55 -6.63 -86.89
C ASP M 126 -60.75 -6.28 -85.42
N ASP M 127 -61.66 -7.05 -84.78
CA ASP M 127 -62.08 -6.99 -83.39
C ASP M 127 -60.95 -7.37 -82.42
N GLN M 128 -60.10 -8.38 -82.78
CA GLN M 128 -58.95 -8.84 -81.98
C GLN M 128 -57.96 -7.69 -81.81
N THR M 129 -57.65 -7.01 -82.92
CA THR M 129 -56.80 -5.83 -82.99
C THR M 129 -57.48 -4.71 -82.20
N TRP M 130 -58.82 -4.58 -82.34
CA TRP M 130 -59.62 -3.58 -81.65
C TRP M 130 -59.58 -3.77 -80.13
N TRP M 131 -59.86 -5.00 -79.66
CA TRP M 131 -59.89 -5.39 -78.25
C TRP M 131 -58.57 -5.13 -77.54
N ALA M 132 -57.46 -5.62 -78.12
CA ALA M 132 -56.11 -5.43 -77.58
C ALA M 132 -55.79 -3.93 -77.39
N THR M 133 -55.86 -3.15 -78.49
CA THR M 133 -55.59 -1.72 -78.59
C THR M 133 -56.39 -0.88 -77.58
N GLU M 134 -57.71 -1.20 -77.46
CA GLU M 134 -58.61 -0.51 -76.55
C GLU M 134 -58.30 -0.89 -75.09
N GLN M 135 -57.95 -2.18 -74.84
CA GLN M 135 -57.52 -2.66 -73.51
C GLN M 135 -56.21 -1.95 -73.08
N GLU M 136 -55.20 -1.89 -73.99
CA GLU M 136 -53.90 -1.22 -73.77
C GLU M 136 -54.12 0.27 -73.40
N LYS M 137 -54.97 0.96 -74.19
CA LYS M 137 -55.36 2.36 -74.03
C LYS M 137 -56.03 2.58 -72.65
N LEU M 138 -56.97 1.68 -72.27
CA LEU M 138 -57.64 1.77 -70.97
C LEU M 138 -56.65 1.43 -69.85
N TYR M 139 -55.92 0.32 -69.98
CA TYR M 139 -54.98 -0.08 -68.94
C TYR M 139 -53.88 0.95 -68.71
N ALA M 140 -53.47 1.70 -69.75
CA ALA M 140 -52.45 2.75 -69.64
C ALA M 140 -52.99 3.88 -68.77
N GLN M 141 -54.21 4.32 -69.11
CA GLN M 141 -55.00 5.37 -68.48
C GLN M 141 -55.21 5.10 -66.98
N SER M 142 -55.68 3.89 -66.62
CA SER M 142 -55.92 3.51 -65.22
C SER M 142 -54.62 3.42 -64.40
N MET M 143 -53.50 3.02 -65.06
CA MET M 143 -52.21 2.90 -64.41
C MET M 143 -51.60 4.28 -64.13
N GLU M 144 -51.93 5.26 -65.00
CA GLU M 144 -51.50 6.64 -64.84
C GLU M 144 -52.22 7.20 -63.61
N LEU M 145 -53.55 7.07 -63.58
CA LEU M 145 -54.42 7.50 -62.49
C LEU M 145 -54.08 6.78 -61.18
N TYR M 146 -53.72 5.48 -61.24
CA TYR M 146 -53.33 4.71 -60.04
C TYR M 146 -52.15 5.34 -59.34
N ASN M 147 -51.04 5.51 -60.07
CA ASN M 147 -49.82 6.14 -59.58
C ASN M 147 -50.06 7.60 -59.19
N LYS M 148 -50.86 8.37 -60.00
CA LYS M 148 -51.24 9.76 -59.73
C LYS M 148 -51.92 9.94 -58.37
N ALA M 149 -52.66 8.90 -57.93
CA ALA M 149 -53.37 8.83 -56.66
C ALA M 149 -52.38 8.58 -55.53
N LEU M 150 -51.48 7.62 -55.72
CA LEU M 150 -50.43 7.27 -54.77
C LEU M 150 -49.49 8.47 -54.56
N GLU M 151 -49.27 9.26 -55.65
CA GLU M 151 -48.49 10.50 -55.64
C GLU M 151 -49.18 11.43 -54.65
N LYS M 152 -50.50 11.63 -54.80
CA LYS M 152 -51.30 12.49 -53.94
C LYS M 152 -51.54 11.93 -52.51
N GLY M 153 -50.84 10.84 -52.18
CA GLY M 153 -50.92 10.21 -50.86
C GLY M 153 -52.25 9.56 -50.53
N ILE M 154 -52.92 9.03 -51.56
CA ILE M 154 -54.18 8.28 -51.43
C ILE M 154 -53.80 6.84 -51.03
N ALA M 155 -54.54 6.23 -50.06
CA ALA M 155 -54.33 4.86 -49.56
C ALA M 155 -54.32 3.81 -50.69
N LYS M 156 -53.35 2.86 -50.66
CA LYS M 156 -53.25 1.79 -51.69
C LYS M 156 -54.51 0.92 -51.73
N GLU M 157 -55.15 0.73 -50.55
CA GLU M 157 -56.40 -0.01 -50.37
C GLU M 157 -57.55 0.70 -51.06
N CYS M 158 -57.42 2.03 -51.26
CA CYS M 158 -58.41 2.88 -51.90
C CYS M 158 -58.17 3.07 -53.40
N ALA M 159 -56.91 3.19 -53.81
CA ALA M 159 -56.50 3.32 -55.21
C ALA M 159 -56.63 1.97 -55.92
N ARG M 160 -56.90 0.90 -55.17
CA ARG M 160 -57.11 -0.47 -55.63
C ARG M 160 -58.31 -0.56 -56.55
N PHE M 161 -59.42 0.11 -56.17
CA PHE M 161 -60.74 0.06 -56.80
C PHE M 161 -60.81 0.33 -58.28
N ILE M 162 -59.90 1.19 -58.77
CA ILE M 162 -59.80 1.60 -60.18
C ILE M 162 -59.06 0.60 -61.05
N LEU M 163 -58.41 -0.37 -60.44
CA LEU M 163 -57.65 -1.42 -61.12
C LEU M 163 -58.56 -2.40 -61.87
N PRO M 164 -58.18 -2.81 -63.10
CA PRO M 164 -59.01 -3.76 -63.85
C PRO M 164 -58.95 -5.17 -63.30
N LEU M 165 -59.82 -6.06 -63.80
CA LEU M 165 -59.82 -7.46 -63.38
C LEU M 165 -58.61 -8.18 -64.04
N SER M 166 -58.08 -7.64 -65.14
CA SER M 166 -56.90 -8.16 -65.85
C SER M 166 -55.58 -7.81 -65.08
N THR M 167 -55.70 -7.16 -63.89
CA THR M 167 -54.57 -6.79 -63.04
C THR M 167 -53.75 -8.02 -62.70
N PRO M 168 -52.43 -8.03 -63.00
CA PRO M 168 -51.62 -9.22 -62.73
C PRO M 168 -51.52 -9.44 -61.24
N THR M 169 -51.80 -10.66 -60.84
CA THR M 169 -51.76 -11.00 -59.43
C THR M 169 -50.82 -12.17 -59.18
N THR M 170 -50.20 -12.16 -58.03
CA THR M 170 -49.35 -13.27 -57.64
C THR M 170 -49.80 -13.71 -56.25
N ILE M 171 -50.16 -15.01 -56.13
CA ILE M 171 -50.75 -15.57 -54.92
C ILE M 171 -50.21 -16.98 -54.59
N TYR M 172 -50.16 -17.33 -53.28
CA TYR M 172 -49.76 -18.67 -52.85
C TYR M 172 -51.01 -19.50 -52.57
N MET M 173 -51.13 -20.66 -53.23
CA MET M 173 -52.22 -21.61 -53.06
C MET M 173 -51.63 -22.83 -52.33
N SER M 174 -52.15 -23.12 -51.11
CA SER M 174 -51.71 -24.24 -50.28
C SER M 174 -52.90 -25.12 -49.88
N GLY M 175 -52.75 -26.43 -50.12
CA GLY M 175 -53.74 -27.45 -49.79
C GLY M 175 -53.16 -28.85 -49.74
N THR M 176 -53.99 -29.87 -49.39
CA THR M 176 -53.56 -31.27 -49.35
C THR M 176 -53.44 -31.81 -50.77
N ILE M 177 -52.78 -32.96 -50.96
CA ILE M 177 -52.61 -33.56 -52.29
C ILE M 177 -53.97 -33.94 -52.83
N ARG M 178 -54.82 -34.49 -51.95
CA ARG M 178 -56.22 -34.81 -52.22
C ARG M 178 -56.91 -33.56 -52.89
N ASP M 179 -56.75 -32.37 -52.29
CA ASP M 179 -57.27 -31.08 -52.74
C ASP M 179 -56.69 -30.67 -54.09
N TRP M 180 -55.36 -30.84 -54.28
CA TRP M 180 -54.65 -30.55 -55.53
C TRP M 180 -55.09 -31.45 -56.65
N ILE M 181 -55.42 -32.71 -56.36
CA ILE M 181 -55.89 -33.69 -57.35
C ILE M 181 -57.20 -33.23 -57.87
N HIS M 182 -58.12 -32.85 -56.97
CA HIS M 182 -59.46 -32.47 -57.40
C HIS M 182 -59.50 -31.12 -58.02
N TYR M 183 -58.49 -30.26 -57.73
CA TYR M 183 -58.45 -28.92 -58.32
C TYR M 183 -58.01 -29.04 -59.79
N ILE M 184 -56.84 -29.69 -59.99
CA ILE M 184 -56.24 -29.94 -61.29
C ILE M 184 -57.24 -30.64 -62.21
N GLU M 185 -57.80 -31.78 -61.76
CA GLU M 185 -58.78 -32.55 -62.55
C GLU M 185 -59.97 -31.73 -63.09
N LEU M 186 -60.47 -30.75 -62.30
CA LEU M 186 -61.58 -29.85 -62.63
C LEU M 186 -61.20 -28.66 -63.54
N ARG M 187 -60.04 -28.03 -63.30
CA ARG M 187 -59.60 -26.87 -64.09
C ARG M 187 -58.81 -27.20 -65.35
N THR M 188 -58.63 -28.48 -65.64
CA THR M 188 -57.99 -28.92 -66.88
C THR M 188 -59.12 -29.47 -67.74
N SER M 189 -60.27 -29.71 -67.12
CA SER M 189 -61.43 -30.25 -67.81
C SER M 189 -62.07 -29.24 -68.76
N ASN M 190 -62.67 -29.75 -69.84
CA ASN M 190 -63.31 -28.95 -70.89
C ASN M 190 -64.38 -28.04 -70.34
N GLY M 191 -64.43 -26.83 -70.89
CA GLY M 191 -65.38 -25.80 -70.51
C GLY M 191 -64.90 -24.82 -69.48
N THR M 192 -63.60 -24.92 -69.09
CA THR M 192 -62.93 -24.03 -68.13
C THR M 192 -62.40 -22.85 -68.96
N GLN M 193 -62.40 -21.60 -68.42
CA GLN M 193 -61.88 -20.42 -69.13
C GLN M 193 -60.38 -20.61 -69.40
N ARG M 194 -59.94 -20.47 -70.67
CA ARG M 194 -58.55 -20.72 -71.13
C ARG M 194 -57.42 -20.33 -70.18
N GLU M 195 -57.41 -19.08 -69.72
CA GLU M 195 -56.41 -18.57 -68.78
C GLU M 195 -56.32 -19.43 -67.53
N HIS M 196 -57.46 -20.04 -67.09
CA HIS M 196 -57.48 -20.92 -65.93
C HIS M 196 -56.92 -22.29 -66.27
N ILE M 197 -57.25 -22.86 -67.45
CA ILE M 197 -56.71 -24.17 -67.90
C ILE M 197 -55.20 -24.07 -67.97
N ASP M 198 -54.66 -22.94 -68.43
CA ASP M 198 -53.23 -22.72 -68.51
C ASP M 198 -52.57 -22.72 -67.12
N LEU M 199 -53.22 -22.03 -66.12
CA LEU M 199 -52.82 -21.95 -64.71
C LEU M 199 -52.83 -23.37 -64.13
N ALA M 200 -53.97 -24.05 -64.28
CA ALA M 200 -54.16 -25.42 -63.82
C ALA M 200 -53.15 -26.38 -64.45
N ASN M 201 -52.84 -26.21 -65.76
CA ASN M 201 -51.83 -27.03 -66.47
C ASN M 201 -50.44 -26.83 -65.93
N ALA M 202 -50.13 -25.59 -65.50
CA ALA M 202 -48.86 -25.24 -64.88
C ALA M 202 -48.72 -25.90 -63.46
N CYS M 203 -49.87 -26.15 -62.74
CA CYS M 203 -49.89 -26.84 -61.43
C CYS M 203 -49.72 -28.33 -61.66
N LYS M 204 -50.34 -28.84 -62.76
CA LYS M 204 -50.30 -30.24 -63.15
C LYS M 204 -48.86 -30.69 -63.42
N GLU M 205 -48.07 -29.85 -64.13
CA GLU M 205 -46.67 -30.09 -64.49
C GLU M 205 -45.86 -30.38 -63.23
N ILE M 206 -46.05 -29.54 -62.19
CA ILE M 206 -45.37 -29.64 -60.88
C ILE M 206 -45.85 -30.88 -60.13
N PHE M 207 -47.18 -31.09 -60.08
CA PHE M 207 -47.76 -32.22 -59.38
C PHE M 207 -47.09 -33.49 -59.87
N ILE M 208 -47.03 -33.68 -61.21
CA ILE M 208 -46.41 -34.83 -61.87
C ILE M 208 -44.93 -35.00 -61.44
N LYS M 209 -44.20 -33.90 -61.33
CA LYS M 209 -42.82 -33.96 -60.88
C LYS M 209 -42.80 -34.40 -59.41
N GLU M 210 -43.66 -33.79 -58.57
CA GLU M 210 -43.72 -34.06 -57.13
C GLU M 210 -44.38 -35.35 -56.71
N PHE M 211 -45.33 -35.86 -57.53
CA PHE M 211 -46.06 -37.10 -57.23
C PHE M 211 -46.13 -38.04 -58.46
N PRO M 212 -44.96 -38.58 -58.93
CA PRO M 212 -44.98 -39.45 -60.13
C PRO M 212 -45.97 -40.63 -60.09
N SER M 213 -46.04 -41.35 -58.95
CA SER M 213 -46.91 -42.52 -58.75
C SER M 213 -48.42 -42.14 -58.76
N ILE M 214 -48.76 -40.95 -58.24
CA ILE M 214 -50.14 -40.46 -58.25
C ILE M 214 -50.51 -40.08 -59.68
N ALA M 215 -49.60 -39.39 -60.41
CA ALA M 215 -49.80 -39.04 -61.82
C ALA M 215 -49.98 -40.29 -62.69
N LYS M 216 -49.27 -41.39 -62.38
CA LYS M 216 -49.38 -42.69 -63.08
C LYS M 216 -50.74 -43.34 -62.75
N ALA M 217 -51.18 -43.23 -61.48
CA ALA M 217 -52.48 -43.74 -61.01
C ALA M 217 -53.66 -42.88 -61.53
N LEU M 218 -53.39 -41.62 -61.93
CA LEU M 218 -54.41 -40.72 -62.46
C LEU M 218 -54.44 -40.64 -64.00
N ASP M 219 -53.44 -41.30 -64.68
CA ASP M 219 -53.20 -41.37 -66.14
C ASP M 219 -52.77 -39.98 -66.65
N TRP M 220 -52.16 -39.16 -65.78
CA TRP M 220 -51.76 -37.78 -66.04
C TRP M 220 -50.56 -37.52 -66.96
N VAL M 221 -50.74 -36.51 -67.86
CA VAL M 221 -49.84 -35.97 -68.90
C VAL M 221 -48.64 -36.84 -69.25
N GLY N 6 -50.36 -40.78 -22.63
CA GLY N 6 -50.14 -40.83 -24.07
C GLY N 6 -49.17 -39.77 -24.58
N SER N 7 -48.45 -40.11 -25.66
CA SER N 7 -47.45 -39.24 -26.27
C SER N 7 -47.74 -38.86 -27.75
N ALA N 8 -46.74 -38.30 -28.41
CA ALA N 8 -46.76 -37.90 -29.78
C ALA N 8 -45.36 -38.03 -30.39
N LYS N 9 -45.32 -38.17 -31.70
CA LYS N 9 -44.10 -38.29 -32.48
C LYS N 9 -44.30 -37.49 -33.75
N LEU N 10 -43.31 -36.69 -34.13
CA LEU N 10 -43.36 -35.92 -35.37
C LEU N 10 -43.07 -36.86 -36.57
N ILE N 11 -43.99 -36.87 -37.55
CA ILE N 11 -43.88 -37.68 -38.76
C ILE N 11 -43.40 -36.87 -39.98
N SER N 12 -44.07 -35.74 -40.26
CA SER N 12 -43.80 -34.86 -41.40
C SER N 12 -44.20 -33.43 -41.09
N VAL N 13 -43.56 -32.50 -41.77
CA VAL N 13 -43.81 -31.07 -41.70
C VAL N 13 -43.46 -30.51 -43.10
N THR N 14 -44.04 -29.36 -43.44
CA THR N 14 -43.80 -28.63 -44.70
C THR N 14 -42.30 -28.20 -44.83
N LYS N 15 -41.72 -28.36 -46.03
CA LYS N 15 -40.35 -27.93 -46.30
C LYS N 15 -40.21 -26.93 -47.50
N PRO N 16 -39.76 -25.67 -47.28
CA PRO N 16 -39.63 -24.74 -48.42
C PRO N 16 -38.44 -25.03 -49.36
N VAL N 17 -38.67 -24.87 -50.68
CA VAL N 17 -37.69 -25.13 -51.76
C VAL N 17 -37.09 -23.83 -52.31
N VAL N 18 -37.59 -22.69 -51.80
CA VAL N 18 -37.19 -21.31 -52.13
C VAL N 18 -35.76 -21.05 -51.61
N GLU N 19 -34.92 -20.37 -52.42
CA GLU N 19 -33.55 -20.01 -52.05
C GLU N 19 -33.57 -19.04 -50.87
N GLY N 20 -32.74 -19.31 -49.88
CA GLY N 20 -32.66 -18.50 -48.66
C GLY N 20 -33.71 -18.86 -47.63
N VAL N 21 -34.59 -19.82 -47.96
CA VAL N 21 -35.65 -20.27 -47.05
C VAL N 21 -35.56 -21.80 -46.92
N ASN N 22 -35.29 -22.30 -45.69
CA ASN N 22 -35.17 -23.72 -45.46
C ASN N 22 -36.16 -24.36 -44.48
N THR N 23 -36.70 -23.61 -43.52
CA THR N 23 -37.71 -24.15 -42.62
C THR N 23 -39.10 -23.56 -42.84
N ALA N 24 -40.13 -24.28 -42.36
CA ALA N 24 -41.52 -23.86 -42.46
C ALA N 24 -41.69 -22.54 -41.69
N GLU N 25 -41.00 -22.37 -40.57
CA GLU N 25 -41.07 -21.14 -39.80
C GLU N 25 -40.50 -19.99 -40.59
N GLU N 26 -39.35 -20.23 -41.25
CA GLU N 26 -38.66 -19.27 -42.12
C GLU N 26 -39.53 -18.92 -43.30
N LEU N 27 -40.41 -19.85 -43.71
CA LEU N 27 -41.39 -19.69 -44.79
C LEU N 27 -42.59 -18.84 -44.30
N ILE N 28 -43.08 -19.09 -43.05
CA ILE N 28 -44.19 -18.33 -42.43
C ILE N 28 -43.70 -16.89 -42.25
N ALA N 29 -42.46 -16.73 -41.73
CA ALA N 29 -41.84 -15.43 -41.50
C ALA N 29 -41.67 -14.68 -42.82
N TYR N 30 -41.31 -15.39 -43.90
CA TYR N 30 -41.10 -14.84 -45.22
C TYR N 30 -42.41 -14.29 -45.76
N ALA N 31 -43.48 -15.10 -45.71
CA ALA N 31 -44.84 -14.75 -46.13
C ALA N 31 -45.36 -13.55 -45.35
N ALA N 32 -44.95 -13.40 -44.07
CA ALA N 32 -45.34 -12.27 -43.21
C ALA N 32 -44.68 -10.96 -43.66
N ARG N 33 -43.32 -10.97 -43.80
CA ARG N 33 -42.51 -9.83 -44.26
C ARG N 33 -42.97 -9.34 -45.63
N VAL N 34 -43.17 -10.28 -46.61
CA VAL N 34 -43.75 -9.99 -47.93
C VAL N 34 -45.22 -9.79 -47.53
N SER N 35 -45.90 -8.70 -47.94
CA SER N 35 -47.29 -8.39 -47.54
C SER N 35 -47.43 -8.06 -46.03
N THR N 45 -38.23 -7.64 -35.19
CA THR N 45 -37.60 -8.94 -34.95
C THR N 45 -38.54 -10.05 -35.31
N ALA N 46 -38.03 -11.11 -35.97
CA ALA N 46 -38.77 -12.31 -36.42
C ALA N 46 -39.98 -12.68 -35.55
N SER N 47 -39.77 -13.05 -34.26
CA SER N 47 -40.86 -13.41 -33.34
C SER N 47 -41.91 -12.30 -33.16
N GLY N 48 -41.45 -11.05 -33.06
CA GLY N 48 -42.31 -9.86 -32.93
C GLY N 48 -43.30 -9.70 -34.07
N LEU N 49 -42.83 -9.96 -35.33
CA LEU N 49 -43.63 -9.91 -36.56
C LEU N 49 -44.83 -10.84 -36.42
N LEU N 50 -44.57 -12.11 -36.06
CA LEU N 50 -45.61 -13.14 -35.92
C LEU N 50 -46.58 -12.80 -34.82
N LYS N 51 -46.08 -12.24 -33.72
CA LYS N 51 -46.88 -11.78 -32.59
C LYS N 51 -47.95 -10.80 -33.11
N TYR N 52 -47.52 -9.77 -33.89
CA TYR N 52 -48.38 -8.74 -34.52
C TYR N 52 -49.40 -9.40 -35.47
N CYS N 53 -48.96 -10.38 -36.27
CA CYS N 53 -49.83 -11.13 -37.17
C CYS N 53 -50.88 -11.97 -36.43
N ILE N 54 -50.55 -12.46 -35.21
CA ILE N 54 -51.51 -13.20 -34.36
C ILE N 54 -52.47 -12.22 -33.69
N ARG N 55 -51.95 -11.10 -33.17
CA ARG N 55 -52.73 -10.04 -32.52
C ARG N 55 -53.69 -9.39 -33.54
N HIS N 56 -53.21 -9.19 -34.78
CA HIS N 56 -53.97 -8.61 -35.88
C HIS N 56 -54.61 -9.68 -36.81
N LYS N 57 -54.78 -10.92 -36.30
CA LYS N 57 -55.47 -12.06 -36.94
C LYS N 57 -55.10 -12.38 -38.40
N HIS N 58 -53.87 -12.02 -38.86
CA HIS N 58 -53.43 -12.30 -40.21
C HIS N 58 -52.95 -13.76 -40.26
N TRP N 59 -53.94 -14.67 -40.17
CA TRP N 59 -53.85 -16.11 -40.07
C TRP N 59 -53.29 -16.86 -41.24
N SER N 60 -53.41 -16.30 -42.43
CA SER N 60 -53.01 -17.01 -43.64
C SER N 60 -51.50 -17.28 -43.79
N ILE N 61 -50.67 -16.55 -43.05
CA ILE N 61 -49.23 -16.80 -43.06
C ILE N 61 -48.86 -18.16 -42.40
N PHE N 62 -49.65 -18.54 -41.37
CA PHE N 62 -49.57 -19.75 -40.54
C PHE N 62 -50.21 -20.94 -41.25
N GLU N 63 -50.86 -20.67 -42.41
CA GLU N 63 -51.57 -21.66 -43.22
C GLU N 63 -50.75 -22.10 -44.47
N THR N 64 -49.54 -21.55 -44.62
CA THR N 64 -48.54 -21.90 -45.66
C THR N 64 -47.75 -23.16 -45.17
N ALA N 65 -47.81 -23.41 -43.85
CA ALA N 65 -47.14 -24.53 -43.22
C ALA N 65 -48.15 -25.47 -42.63
N PHE N 66 -47.78 -26.76 -42.67
CA PHE N 66 -48.58 -27.91 -42.24
C PHE N 66 -47.65 -28.90 -41.60
N MET N 67 -48.19 -29.73 -40.70
CA MET N 67 -47.40 -30.68 -39.93
C MET N 67 -48.22 -31.88 -39.52
N THR N 68 -47.62 -33.07 -39.59
CA THR N 68 -48.21 -34.36 -39.21
C THR N 68 -47.56 -34.91 -37.94
N LEU N 69 -48.37 -35.44 -37.03
CA LEU N 69 -47.95 -35.99 -35.76
C LEU N 69 -48.61 -37.35 -35.49
N GLU N 70 -47.79 -38.37 -35.18
CA GLU N 70 -48.28 -39.71 -34.82
C GLU N 70 -48.53 -39.62 -33.33
N LEU N 71 -49.80 -39.73 -32.95
CA LEU N 71 -50.17 -39.63 -31.54
C LEU N 71 -50.54 -40.98 -31.04
N LYS N 72 -50.10 -41.27 -29.82
CA LYS N 72 -50.41 -42.51 -29.11
C LYS N 72 -51.30 -42.10 -27.93
N THR N 73 -52.53 -42.68 -27.87
CA THR N 73 -53.58 -42.42 -26.86
C THR N 73 -54.67 -43.52 -26.86
N SER N 74 -55.77 -43.27 -26.15
CA SER N 74 -56.94 -44.16 -26.05
C SER N 74 -58.02 -43.72 -27.05
N ARG N 75 -58.92 -44.66 -27.42
CA ARG N 75 -60.09 -44.39 -28.27
C ARG N 75 -60.96 -43.26 -27.65
N GLY N 76 -60.96 -43.19 -26.32
CA GLY N 76 -61.69 -42.20 -25.53
C GLY N 76 -61.22 -40.77 -25.71
N ILE N 77 -59.89 -40.58 -25.79
CA ILE N 77 -59.30 -39.26 -26.02
C ILE N 77 -59.29 -38.96 -27.55
N ALA N 78 -59.28 -40.03 -28.40
CA ALA N 78 -59.35 -39.95 -29.85
C ALA N 78 -60.70 -39.34 -30.25
N ALA N 79 -61.76 -39.65 -29.44
CA ALA N 79 -63.15 -39.18 -29.57
C ALA N 79 -63.28 -37.67 -29.39
N GLN N 80 -62.33 -37.05 -28.69
CA GLN N 80 -62.22 -35.61 -28.45
C GLN N 80 -61.36 -34.97 -29.57
N VAL N 81 -60.29 -35.68 -29.98
CA VAL N 81 -59.32 -35.27 -30.99
C VAL N 81 -59.94 -35.15 -32.38
N LEU N 82 -60.70 -36.18 -32.80
CA LEU N 82 -61.36 -36.27 -34.11
C LEU N 82 -62.39 -35.14 -34.38
N ARG N 83 -62.85 -34.49 -33.30
CA ARG N 83 -63.78 -33.39 -33.30
C ARG N 83 -63.16 -32.08 -33.78
N HIS N 84 -61.82 -32.03 -33.83
CA HIS N 84 -61.08 -30.90 -34.36
C HIS N 84 -61.05 -31.13 -35.88
N ARG N 85 -62.16 -30.74 -36.53
CA ARG N 85 -62.47 -30.97 -37.94
C ARG N 85 -61.62 -30.27 -38.99
N SER N 86 -60.83 -29.24 -38.62
CA SER N 86 -59.89 -28.54 -39.53
C SER N 86 -58.70 -29.47 -39.86
N PHE N 87 -58.46 -30.47 -38.99
CA PHE N 87 -57.42 -31.47 -39.11
C PHE N 87 -57.91 -32.67 -39.90
N HIS N 88 -56.94 -33.35 -40.50
CA HIS N 88 -57.06 -34.56 -41.30
C HIS N 88 -56.42 -35.67 -40.46
N PHE N 89 -57.03 -36.84 -40.43
CA PHE N 89 -56.51 -37.96 -39.66
C PHE N 89 -56.25 -39.20 -40.52
N GLN N 90 -55.49 -40.15 -39.99
CA GLN N 90 -55.19 -41.41 -40.66
C GLN N 90 -55.05 -42.44 -39.57
N GLU N 91 -55.93 -43.45 -39.59
CA GLU N 91 -55.97 -44.51 -38.58
C GLU N 91 -55.69 -45.87 -39.24
N PHE N 92 -55.45 -46.89 -38.42
CA PHE N 92 -55.30 -48.27 -38.89
C PHE N 92 -56.60 -48.78 -39.47
N SER N 93 -56.54 -49.71 -40.46
CA SER N 93 -57.75 -50.24 -41.06
C SER N 93 -58.68 -50.87 -40.05
N GLN N 94 -59.99 -50.62 -40.24
CA GLN N 94 -61.08 -51.12 -39.40
C GLN N 94 -61.21 -52.64 -39.59
N ARG N 95 -60.80 -53.16 -40.77
CA ARG N 95 -60.88 -54.57 -41.17
C ARG N 95 -59.53 -55.32 -41.29
N TYR N 96 -58.39 -54.62 -41.13
CA TYR N 96 -57.06 -55.23 -41.24
C TYR N 96 -56.18 -55.01 -39.96
N ALA N 97 -54.98 -55.65 -39.81
CA ALA N 97 -54.26 -56.52 -40.77
C ALA N 97 -54.89 -57.89 -41.00
N GLN N 128 -59.64 -46.18 -5.16
CA GLN N 128 -58.76 -45.85 -6.27
C GLN N 128 -58.07 -47.09 -6.84
N THR N 129 -57.57 -48.00 -5.96
CA THR N 129 -56.91 -49.25 -6.35
C THR N 129 -57.94 -50.26 -6.88
N TRP N 130 -59.20 -50.21 -6.39
CA TRP N 130 -60.30 -51.07 -6.84
C TRP N 130 -60.66 -50.77 -8.30
N TRP N 131 -60.74 -49.45 -8.64
CA TRP N 131 -61.07 -48.93 -9.97
C TRP N 131 -60.07 -49.42 -11.03
N ALA N 132 -58.76 -49.43 -10.69
CA ALA N 132 -57.69 -49.90 -11.57
C ALA N 132 -57.67 -51.43 -11.70
N THR N 133 -58.02 -52.16 -10.61
CA THR N 133 -58.02 -53.63 -10.54
C THR N 133 -59.09 -54.30 -11.41
N GLU N 134 -60.39 -53.99 -11.15
CA GLU N 134 -61.53 -54.55 -11.91
C GLU N 134 -61.43 -54.20 -13.40
N GLN N 135 -60.85 -53.03 -13.68
CA GLN N 135 -60.57 -52.49 -15.01
C GLN N 135 -59.78 -53.51 -15.81
N GLU N 136 -58.57 -53.85 -15.31
CA GLU N 136 -57.61 -54.80 -15.88
C GLU N 136 -58.22 -56.18 -16.10
N LYS N 137 -59.11 -56.60 -15.18
CA LYS N 137 -59.84 -57.86 -15.22
C LYS N 137 -60.79 -57.86 -16.42
N LEU N 138 -61.60 -56.79 -16.56
CA LEU N 138 -62.56 -56.61 -17.66
C LEU N 138 -61.84 -56.54 -19.01
N TYR N 139 -60.69 -55.83 -19.05
CA TYR N 139 -59.86 -55.67 -20.25
C TYR N 139 -59.28 -57.01 -20.68
N ALA N 140 -58.88 -57.86 -19.69
CA ALA N 140 -58.35 -59.20 -19.92
C ALA N 140 -59.41 -60.09 -20.58
N GLN N 141 -60.70 -59.88 -20.24
CA GLN N 141 -61.84 -60.58 -20.81
C GLN N 141 -62.18 -60.03 -22.20
N SER N 142 -62.02 -58.70 -22.38
CA SER N 142 -62.22 -58.00 -23.65
C SER N 142 -61.21 -58.58 -24.64
N MET N 143 -59.91 -58.58 -24.26
CA MET N 143 -58.82 -59.13 -25.07
C MET N 143 -58.93 -60.61 -25.36
N GLU N 144 -59.33 -61.42 -24.36
CA GLU N 144 -59.53 -62.87 -24.51
C GLU N 144 -60.68 -63.17 -25.47
N LEU N 145 -61.79 -62.39 -25.38
CA LEU N 145 -62.94 -62.58 -26.25
C LEU N 145 -62.67 -62.12 -27.68
N TYR N 146 -61.91 -61.01 -27.84
CA TYR N 146 -61.53 -60.43 -29.13
C TYR N 146 -60.63 -61.40 -29.92
N ASN N 147 -59.57 -61.90 -29.27
CA ASN N 147 -58.62 -62.82 -29.86
C ASN N 147 -59.28 -64.17 -30.22
N LYS N 148 -60.17 -64.70 -29.34
CA LYS N 148 -60.94 -65.95 -29.50
C LYS N 148 -61.85 -65.91 -30.74
N ALA N 149 -62.54 -64.76 -30.93
CA ALA N 149 -63.43 -64.50 -32.07
C ALA N 149 -62.63 -64.49 -33.38
N LEU N 150 -61.37 -64.00 -33.37
CA LEU N 150 -60.51 -63.98 -34.55
C LEU N 150 -60.01 -65.37 -34.90
N GLU N 151 -59.79 -66.23 -33.88
CA GLU N 151 -59.37 -67.64 -34.02
C GLU N 151 -60.47 -68.43 -34.74
N LYS N 152 -61.74 -68.06 -34.46
CA LYS N 152 -62.96 -68.63 -35.05
C LYS N 152 -63.05 -68.32 -36.55
N GLY N 153 -62.70 -67.09 -36.92
CA GLY N 153 -62.74 -66.61 -38.30
C GLY N 153 -63.47 -65.30 -38.50
N ILE N 154 -64.05 -64.73 -37.42
CA ILE N 154 -64.78 -63.45 -37.42
C ILE N 154 -63.86 -62.32 -37.89
N ALA N 155 -64.41 -61.41 -38.73
CA ALA N 155 -63.75 -60.23 -39.28
C ALA N 155 -63.35 -59.21 -38.21
N LYS N 156 -62.25 -58.47 -38.45
CA LYS N 156 -61.71 -57.43 -37.55
C LYS N 156 -62.74 -56.36 -37.24
N GLU N 157 -63.61 -56.06 -38.23
CA GLU N 157 -64.72 -55.09 -38.21
C GLU N 157 -65.66 -55.31 -37.01
N CYS N 158 -66.14 -56.55 -36.87
CA CYS N 158 -67.08 -57.02 -35.83
C CYS N 158 -66.45 -57.08 -34.45
N ALA N 159 -65.27 -57.73 -34.36
CA ALA N 159 -64.50 -57.92 -33.13
C ALA N 159 -64.16 -56.62 -32.38
N ARG N 160 -64.27 -55.48 -33.06
CA ARG N 160 -64.04 -54.13 -32.51
C ARG N 160 -65.11 -53.76 -31.50
N PHE N 161 -66.35 -54.21 -31.73
CA PHE N 161 -67.50 -53.85 -30.92
C PHE N 161 -67.40 -54.12 -29.41
N ILE N 162 -66.72 -55.22 -29.02
CA ILE N 162 -66.51 -55.57 -27.60
C ILE N 162 -65.42 -54.71 -26.95
N LEU N 163 -64.45 -54.26 -27.77
CA LEU N 163 -63.31 -53.46 -27.34
C LEU N 163 -63.74 -52.20 -26.58
N PRO N 164 -63.16 -51.94 -25.39
CA PRO N 164 -63.56 -50.74 -24.64
C PRO N 164 -62.99 -49.46 -25.24
N LEU N 165 -63.42 -48.30 -24.71
CA LEU N 165 -62.96 -46.97 -25.09
C LEU N 165 -61.51 -46.73 -24.66
N SER N 166 -61.01 -47.54 -23.73
CA SER N 166 -59.64 -47.49 -23.19
C SER N 166 -58.59 -48.11 -24.13
N THR N 167 -59.06 -48.78 -25.21
CA THR N 167 -58.22 -49.42 -26.22
C THR N 167 -57.22 -48.41 -26.78
N PRO N 168 -55.92 -48.78 -26.81
CA PRO N 168 -54.90 -47.85 -27.36
C PRO N 168 -55.11 -47.60 -28.85
N THR N 169 -54.86 -46.36 -29.24
CA THR N 169 -55.01 -45.94 -30.62
C THR N 169 -53.85 -45.07 -31.08
N THR N 170 -53.35 -45.40 -32.26
CA THR N 170 -52.29 -44.63 -32.88
C THR N 170 -52.83 -44.02 -34.16
N ILE N 171 -52.92 -42.69 -34.15
CA ILE N 171 -53.46 -41.92 -35.27
C ILE N 171 -52.52 -40.83 -35.72
N TYR N 172 -52.56 -40.53 -37.01
CA TYR N 172 -51.79 -39.45 -37.60
C TYR N 172 -52.69 -38.22 -37.58
N MET N 173 -52.28 -37.15 -36.89
CA MET N 173 -53.04 -35.90 -36.85
C MET N 173 -52.31 -34.89 -37.72
N SER N 174 -52.90 -34.53 -38.88
CA SER N 174 -52.31 -33.56 -39.81
C SER N 174 -53.14 -32.29 -39.91
N GLY N 175 -52.48 -31.13 -39.97
CA GLY N 175 -53.18 -29.85 -40.10
C GLY N 175 -52.25 -28.67 -40.20
N THR N 176 -52.80 -27.47 -40.41
CA THR N 176 -51.93 -26.28 -40.55
C THR N 176 -51.35 -25.85 -39.23
N ILE N 177 -50.28 -25.04 -39.27
CA ILE N 177 -49.69 -24.50 -38.05
C ILE N 177 -50.72 -23.64 -37.30
N ARG N 178 -51.64 -22.94 -38.04
CA ARG N 178 -52.75 -22.15 -37.48
C ARG N 178 -53.63 -23.04 -36.62
N ASP N 179 -53.96 -24.22 -37.12
CA ASP N 179 -54.78 -25.21 -36.45
C ASP N 179 -54.06 -25.82 -35.25
N TRP N 180 -52.72 -25.98 -35.34
CA TRP N 180 -51.93 -26.53 -34.24
C TRP N 180 -51.89 -25.55 -33.08
N ILE N 181 -51.67 -24.26 -33.38
CA ILE N 181 -51.70 -23.21 -32.37
C ILE N 181 -53.02 -23.33 -31.55
N HIS N 182 -54.16 -23.35 -32.25
CA HIS N 182 -55.48 -23.40 -31.64
C HIS N 182 -55.88 -24.70 -31.01
N TYR N 183 -55.25 -25.81 -31.40
CA TYR N 183 -55.52 -27.10 -30.75
C TYR N 183 -54.71 -27.13 -29.47
N ILE N 184 -53.41 -26.77 -29.56
CA ILE N 184 -52.52 -26.71 -28.40
C ILE N 184 -53.06 -25.77 -27.32
N GLU N 185 -53.34 -24.48 -27.66
CA GLU N 185 -53.86 -23.46 -26.74
C GLU N 185 -55.09 -23.93 -26.01
N LEU N 186 -56.06 -24.49 -26.74
CA LEU N 186 -57.30 -24.98 -26.16
C LEU N 186 -57.09 -26.21 -25.29
N ARG N 187 -56.43 -27.22 -25.82
CA ARG N 187 -56.29 -28.50 -25.13
C ARG N 187 -55.21 -28.64 -24.04
N THR N 188 -54.44 -27.57 -23.76
CA THR N 188 -53.45 -27.47 -22.68
C THR N 188 -54.01 -26.50 -21.62
N SER N 189 -55.27 -26.08 -21.79
CA SER N 189 -55.95 -25.17 -20.87
C SER N 189 -56.64 -25.97 -19.77
N ASN N 190 -56.59 -25.41 -18.54
CA ASN N 190 -57.14 -25.99 -17.31
C ASN N 190 -58.62 -26.29 -17.45
N GLY N 191 -58.97 -27.57 -17.31
CA GLY N 191 -60.35 -28.04 -17.43
C GLY N 191 -60.51 -29.23 -18.36
N THR N 192 -59.52 -29.46 -19.24
CA THR N 192 -59.57 -30.58 -20.18
C THR N 192 -59.21 -31.87 -19.44
N GLN N 193 -59.71 -33.04 -19.93
CA GLN N 193 -59.36 -34.33 -19.36
C GLN N 193 -57.83 -34.36 -19.39
N ARG N 194 -57.21 -34.62 -18.21
CA ARG N 194 -55.74 -34.61 -18.02
C ARG N 194 -54.98 -35.41 -19.07
N GLU N 195 -55.53 -36.58 -19.45
CA GLU N 195 -54.98 -37.46 -20.48
C GLU N 195 -54.83 -36.78 -21.85
N HIS N 196 -55.77 -35.87 -22.17
CA HIS N 196 -55.78 -35.08 -23.39
C HIS N 196 -54.74 -33.97 -23.27
N ILE N 197 -54.60 -33.36 -22.07
CA ILE N 197 -53.65 -32.27 -21.79
C ILE N 197 -52.21 -32.71 -22.02
N ASP N 198 -51.83 -33.87 -21.47
CA ASP N 198 -50.47 -34.39 -21.62
C ASP N 198 -50.20 -34.72 -23.10
N LEU N 199 -51.26 -35.18 -23.82
CA LEU N 199 -51.21 -35.48 -25.24
C LEU N 199 -50.97 -34.16 -25.99
N ALA N 200 -51.72 -33.09 -25.60
CA ALA N 200 -51.58 -31.75 -26.14
C ALA N 200 -50.21 -31.15 -25.78
N ASN N 201 -49.63 -31.54 -24.64
CA ASN N 201 -48.31 -31.05 -24.27
C ASN N 201 -47.24 -31.80 -25.07
N ALA N 202 -47.47 -33.13 -25.32
CA ALA N 202 -46.56 -33.91 -26.15
C ALA N 202 -46.48 -33.19 -27.52
N CYS N 203 -47.64 -32.78 -28.05
CA CYS N 203 -47.73 -31.99 -29.27
C CYS N 203 -47.07 -30.60 -29.11
N LYS N 204 -47.29 -29.93 -27.95
CA LYS N 204 -46.71 -28.62 -27.63
C LYS N 204 -45.19 -28.62 -27.71
N GLU N 205 -44.54 -29.69 -27.18
CA GLU N 205 -43.09 -29.86 -27.18
C GLU N 205 -42.54 -29.86 -28.61
N ILE N 206 -43.02 -30.81 -29.44
CA ILE N 206 -42.66 -31.02 -30.86
C ILE N 206 -42.72 -29.69 -31.64
N PHE N 207 -43.80 -28.93 -31.38
CA PHE N 207 -44.08 -27.62 -31.93
C PHE N 207 -43.00 -26.64 -31.53
N ILE N 208 -42.71 -26.45 -30.22
CA ILE N 208 -41.67 -25.51 -29.76
C ILE N 208 -40.34 -25.77 -30.48
N LYS N 209 -39.99 -27.06 -30.65
CA LYS N 209 -38.75 -27.44 -31.34
C LYS N 209 -38.84 -27.03 -32.83
N GLU N 210 -39.95 -27.36 -33.49
CA GLU N 210 -40.16 -27.02 -34.90
C GLU N 210 -40.41 -25.55 -35.17
N PHE N 211 -41.07 -24.84 -34.22
CA PHE N 211 -41.42 -23.42 -34.35
C PHE N 211 -40.95 -22.50 -33.17
N PRO N 212 -39.62 -22.34 -32.95
CA PRO N 212 -39.14 -21.46 -31.85
C PRO N 212 -39.65 -20.02 -31.88
N SER N 213 -39.57 -19.36 -33.04
CA SER N 213 -39.99 -17.96 -33.25
C SER N 213 -41.50 -17.77 -32.94
N ILE N 214 -42.35 -18.76 -33.32
CA ILE N 214 -43.79 -18.81 -33.05
C ILE N 214 -43.98 -19.03 -31.53
N ALA N 215 -43.22 -20.01 -30.96
CA ALA N 215 -43.22 -20.35 -29.53
C ALA N 215 -42.85 -19.15 -28.68
N LYS N 216 -41.92 -18.30 -29.19
CA LYS N 216 -41.50 -17.06 -28.52
C LYS N 216 -42.68 -16.05 -28.53
N ALA N 217 -43.23 -15.75 -29.74
CA ALA N 217 -44.36 -14.82 -29.95
C ALA N 217 -45.63 -15.21 -29.17
N LEU N 218 -45.93 -16.53 -29.07
CA LEU N 218 -47.11 -17.06 -28.38
C LEU N 218 -46.95 -17.06 -26.88
N ASP N 219 -45.67 -17.11 -26.41
CA ASP N 219 -45.24 -17.16 -24.99
C ASP N 219 -45.23 -18.62 -24.46
N TRP N 220 -44.84 -19.55 -25.33
CA TRP N 220 -44.80 -20.98 -25.03
C TRP N 220 -43.43 -21.44 -24.53
N VAL N 221 -43.43 -22.15 -23.38
CA VAL N 221 -42.23 -22.67 -22.72
C VAL N 221 -42.27 -24.21 -22.53
N GLY O 6 -71.95 -0.29 -48.51
CA GLY O 6 -72.53 -1.59 -48.83
C GLY O 6 -73.85 -1.91 -48.13
N SER O 7 -74.44 -3.10 -48.43
CA SER O 7 -75.71 -3.55 -47.83
C SER O 7 -75.82 -5.06 -47.75
N ALA O 8 -76.83 -5.55 -46.98
CA ALA O 8 -77.16 -6.97 -46.83
C ALA O 8 -78.65 -7.23 -46.59
N LYS O 9 -79.07 -8.49 -46.77
CA LYS O 9 -80.47 -8.95 -46.69
C LYS O 9 -80.46 -10.46 -46.31
N LEU O 10 -81.44 -10.93 -45.51
CA LEU O 10 -81.54 -12.35 -45.17
C LEU O 10 -82.15 -13.11 -46.36
N ILE O 11 -81.67 -14.33 -46.65
CA ILE O 11 -82.15 -15.15 -47.76
C ILE O 11 -82.72 -16.45 -47.20
N SER O 12 -81.96 -17.08 -46.29
CA SER O 12 -82.35 -18.32 -45.62
C SER O 12 -81.67 -18.39 -44.26
N VAL O 13 -82.27 -19.17 -43.38
CA VAL O 13 -81.79 -19.46 -42.04
C VAL O 13 -82.40 -20.81 -41.67
N THR O 14 -81.63 -21.66 -40.97
CA THR O 14 -82.04 -23.03 -40.58
C THR O 14 -83.35 -23.00 -39.78
N LYS O 15 -84.24 -23.94 -40.04
CA LYS O 15 -85.51 -23.99 -39.31
C LYS O 15 -85.77 -25.34 -38.65
N PRO O 16 -85.84 -25.35 -37.30
CA PRO O 16 -86.01 -26.62 -36.56
C PRO O 16 -87.34 -27.30 -36.77
N VAL O 17 -87.35 -28.63 -36.59
CA VAL O 17 -88.53 -29.48 -36.73
C VAL O 17 -88.84 -30.22 -35.37
N VAL O 18 -88.04 -29.89 -34.32
CA VAL O 18 -88.14 -30.44 -32.96
C VAL O 18 -89.36 -29.82 -32.23
N GLU O 19 -90.24 -30.68 -31.69
CA GLU O 19 -91.41 -30.25 -30.94
C GLU O 19 -90.98 -29.33 -29.79
N GLY O 20 -91.40 -28.07 -29.85
CA GLY O 20 -91.06 -27.07 -28.85
C GLY O 20 -89.98 -26.11 -29.29
N VAL O 21 -89.21 -26.51 -30.33
CA VAL O 21 -88.15 -25.67 -30.87
C VAL O 21 -88.62 -25.07 -32.19
N ASN O 22 -88.63 -23.72 -32.26
CA ASN O 22 -89.12 -23.00 -33.43
C ASN O 22 -88.07 -22.22 -34.21
N THR O 23 -87.17 -21.51 -33.51
CA THR O 23 -86.13 -20.72 -34.18
C THR O 23 -84.77 -21.43 -34.20
N ALA O 24 -83.82 -20.91 -35.00
CA ALA O 24 -82.46 -21.44 -35.10
C ALA O 24 -81.75 -21.27 -33.75
N GLU O 25 -81.93 -20.08 -33.12
CA GLU O 25 -81.42 -19.70 -31.79
C GLU O 25 -81.97 -20.66 -30.71
N GLU O 26 -83.25 -21.03 -30.81
CA GLU O 26 -83.90 -21.96 -29.90
C GLU O 26 -83.24 -23.33 -30.00
N LEU O 27 -82.84 -23.77 -31.23
CA LEU O 27 -82.20 -25.07 -31.42
C LEU O 27 -80.80 -25.11 -30.84
N ILE O 28 -80.03 -24.01 -31.00
CA ILE O 28 -78.68 -23.89 -30.49
C ILE O 28 -78.72 -24.06 -28.96
N ALA O 29 -79.61 -23.29 -28.28
CA ALA O 29 -79.79 -23.34 -26.82
C ALA O 29 -80.31 -24.71 -26.40
N TYR O 30 -81.20 -25.31 -27.21
CA TYR O 30 -81.74 -26.65 -26.99
C TYR O 30 -80.60 -27.69 -27.12
N ALA O 31 -79.70 -27.48 -28.10
CA ALA O 31 -78.57 -28.39 -28.34
C ALA O 31 -77.60 -28.40 -27.15
N ALA O 32 -77.47 -27.25 -26.46
CA ALA O 32 -76.63 -27.10 -25.26
C ALA O 32 -77.23 -27.85 -24.06
N ARG O 33 -78.57 -27.74 -23.86
CA ARG O 33 -79.29 -28.38 -22.76
C ARG O 33 -79.36 -29.90 -22.89
N VAL O 34 -79.64 -30.42 -24.09
CA VAL O 34 -79.77 -31.86 -24.34
C VAL O 34 -78.42 -32.60 -24.35
N SER O 35 -77.31 -31.89 -24.71
CA SER O 35 -75.96 -32.47 -24.68
C SER O 35 -75.52 -32.73 -23.25
N ASN O 36 -75.89 -31.83 -22.33
CA ASN O 36 -75.57 -31.93 -20.91
C ASN O 36 -76.86 -32.07 -20.06
N PRO O 37 -77.52 -33.27 -19.99
CA PRO O 37 -78.74 -33.38 -19.17
C PRO O 37 -78.46 -33.35 -17.67
N GLU O 38 -77.35 -33.98 -17.24
CA GLU O 38 -76.87 -34.04 -15.85
C GLU O 38 -76.17 -32.72 -15.44
N ASN O 39 -76.65 -31.59 -16.01
CA ASN O 39 -76.14 -30.24 -15.72
C ASN O 39 -77.24 -29.39 -15.10
N GLN O 40 -76.92 -28.80 -13.92
CA GLN O 40 -77.79 -27.93 -13.14
C GLN O 40 -77.68 -26.48 -13.63
N ILE O 41 -76.56 -26.13 -14.31
CA ILE O 41 -76.31 -24.77 -14.82
C ILE O 41 -77.09 -24.46 -16.13
N ASN O 42 -77.86 -25.47 -16.63
CA ASN O 42 -78.75 -25.35 -17.80
C ASN O 42 -79.93 -24.42 -17.45
N ASN O 43 -80.37 -24.45 -16.17
CA ASN O 43 -81.46 -23.68 -15.56
C ASN O 43 -81.38 -22.14 -15.65
N LYS O 44 -80.33 -21.58 -16.29
CA LYS O 44 -80.22 -20.12 -16.43
C LYS O 44 -80.83 -19.56 -17.71
N THR O 45 -80.78 -18.20 -17.86
CA THR O 45 -81.27 -17.46 -19.04
C THR O 45 -80.54 -17.98 -20.29
N ALA O 46 -81.30 -18.22 -21.40
CA ALA O 46 -80.74 -18.73 -22.66
C ALA O 46 -79.49 -17.98 -23.07
N SER O 47 -79.51 -16.63 -22.99
CA SER O 47 -78.35 -15.77 -23.30
C SER O 47 -77.12 -16.11 -22.46
N GLY O 48 -77.32 -16.32 -21.16
CA GLY O 48 -76.29 -16.68 -20.19
C GLY O 48 -75.71 -18.06 -20.44
N LEU O 49 -76.56 -19.01 -20.90
CA LEU O 49 -76.15 -20.39 -21.21
C LEU O 49 -75.10 -20.34 -22.33
N LEU O 50 -75.46 -19.67 -23.42
CA LEU O 50 -74.65 -19.51 -24.64
C LEU O 50 -73.39 -18.70 -24.40
N LYS O 51 -73.49 -17.56 -23.66
CA LYS O 51 -72.35 -16.69 -23.30
C LYS O 51 -71.27 -17.57 -22.61
N TYR O 52 -71.74 -18.49 -21.74
CA TYR O 52 -70.94 -19.44 -21.00
C TYR O 52 -70.24 -20.39 -21.98
N CYS O 53 -71.00 -20.94 -22.96
CA CYS O 53 -70.47 -21.83 -24.01
C CYS O 53 -69.45 -21.14 -24.93
N ILE O 54 -69.68 -19.86 -25.25
CA ILE O 54 -68.78 -19.05 -26.07
C ILE O 54 -67.40 -18.91 -25.39
N ARG O 55 -67.41 -18.62 -24.07
CA ARG O 55 -66.21 -18.43 -23.23
C ARG O 55 -65.38 -19.73 -23.13
N HIS O 56 -66.06 -20.87 -22.88
CA HIS O 56 -65.43 -22.18 -22.73
C HIS O 56 -65.21 -22.94 -24.02
N LYS O 57 -65.54 -22.29 -25.15
CA LYS O 57 -65.38 -22.78 -26.53
C LYS O 57 -66.06 -24.13 -26.91
N HIS O 58 -67.34 -24.34 -26.46
CA HIS O 58 -68.20 -25.49 -26.83
C HIS O 58 -68.88 -25.02 -28.15
N TRP O 59 -68.06 -24.86 -29.20
CA TRP O 59 -68.43 -24.32 -30.50
C TRP O 59 -69.52 -25.07 -31.30
N SER O 60 -69.63 -26.39 -31.14
CA SER O 60 -70.56 -27.18 -31.92
C SER O 60 -72.07 -26.89 -31.78
N ILE O 61 -72.51 -26.23 -30.68
CA ILE O 61 -73.93 -25.87 -30.53
C ILE O 61 -74.35 -24.79 -31.56
N PHE O 62 -73.40 -23.91 -31.95
CA PHE O 62 -73.59 -22.84 -32.93
C PHE O 62 -73.41 -23.33 -34.39
N GLU O 63 -72.91 -24.56 -34.57
CA GLU O 63 -72.69 -25.19 -35.88
C GLU O 63 -73.91 -26.10 -36.30
N THR O 64 -74.99 -26.08 -35.46
CA THR O 64 -76.27 -26.79 -35.68
C THR O 64 -77.27 -25.92 -36.46
N ALA O 65 -76.96 -24.60 -36.51
CA ALA O 65 -77.68 -23.55 -37.21
C ALA O 65 -76.85 -23.00 -38.36
N PHE O 66 -77.51 -22.63 -39.45
CA PHE O 66 -76.86 -22.14 -40.66
C PHE O 66 -77.59 -20.91 -41.22
N MET O 67 -76.84 -19.93 -41.74
CA MET O 67 -77.50 -18.75 -42.26
C MET O 67 -76.94 -18.26 -43.61
N THR O 68 -77.85 -17.92 -44.55
CA THR O 68 -77.56 -17.37 -45.88
C THR O 68 -77.99 -15.90 -45.93
N LEU O 69 -77.05 -15.02 -46.27
CA LEU O 69 -77.23 -13.56 -46.41
C LEU O 69 -76.82 -13.12 -47.83
N GLU O 70 -77.46 -12.06 -48.36
CA GLU O 70 -77.18 -11.51 -49.68
C GLU O 70 -76.40 -10.24 -49.45
N LEU O 71 -75.15 -10.23 -49.90
CA LEU O 71 -74.30 -9.05 -49.74
C LEU O 71 -74.24 -8.20 -51.01
N LYS O 72 -74.32 -6.88 -50.86
CA LYS O 72 -74.19 -5.95 -51.99
C LYS O 72 -72.97 -5.06 -51.72
N THR O 73 -71.87 -5.34 -52.41
CA THR O 73 -70.57 -4.68 -52.25
C THR O 73 -69.82 -4.50 -53.60
N SER O 74 -68.49 -4.29 -53.55
CA SER O 74 -67.59 -4.14 -54.69
C SER O 74 -66.75 -5.42 -54.84
N ARG O 75 -66.13 -5.64 -56.00
CA ARG O 75 -65.25 -6.82 -56.21
C ARG O 75 -64.00 -6.72 -55.31
N GLY O 76 -63.60 -5.49 -54.98
CA GLY O 76 -62.50 -5.21 -54.08
C GLY O 76 -62.81 -5.69 -52.67
N ILE O 77 -64.00 -5.34 -52.15
CA ILE O 77 -64.40 -5.77 -50.81
C ILE O 77 -64.75 -7.27 -50.80
N ALA O 78 -65.28 -7.79 -51.94
CA ALA O 78 -65.58 -9.21 -52.10
C ALA O 78 -64.31 -10.02 -52.19
N ALA O 79 -63.17 -9.32 -52.42
CA ALA O 79 -61.84 -9.92 -52.46
C ALA O 79 -61.44 -10.38 -51.06
N GLN O 80 -61.85 -9.61 -50.02
CA GLN O 80 -61.60 -9.89 -48.61
C GLN O 80 -62.60 -10.96 -48.12
N VAL O 81 -63.91 -10.74 -48.34
CA VAL O 81 -64.99 -11.61 -47.91
C VAL O 81 -64.75 -13.08 -48.29
N LEU O 82 -64.35 -13.34 -49.54
CA LEU O 82 -64.12 -14.67 -50.11
C LEU O 82 -62.97 -15.45 -49.46
N ARG O 83 -62.12 -14.74 -48.73
CA ARG O 83 -61.04 -15.34 -47.96
C ARG O 83 -61.56 -16.00 -46.65
N HIS O 84 -62.84 -15.78 -46.30
CA HIS O 84 -63.47 -16.38 -45.13
C HIS O 84 -63.96 -17.77 -45.51
N ARG O 85 -62.96 -18.62 -45.86
CA ARG O 85 -63.05 -20.00 -46.33
C ARG O 85 -63.98 -20.97 -45.59
N SER O 86 -64.46 -20.64 -44.37
CA SER O 86 -65.43 -21.47 -43.62
C SER O 86 -66.84 -21.27 -44.25
N PHE O 87 -67.01 -20.14 -44.96
CA PHE O 87 -68.24 -19.80 -45.65
C PHE O 87 -68.31 -20.45 -47.05
N HIS O 88 -69.51 -20.47 -47.60
CA HIS O 88 -69.85 -20.99 -48.91
C HIS O 88 -70.41 -19.82 -49.62
N PHE O 89 -70.06 -19.65 -50.88
CA PHE O 89 -70.54 -18.49 -51.62
C PHE O 89 -71.29 -18.82 -52.91
N GLN O 90 -72.21 -17.95 -53.30
CA GLN O 90 -72.90 -18.05 -54.57
C GLN O 90 -72.92 -16.67 -55.26
N GLU O 91 -72.27 -16.63 -56.42
CA GLU O 91 -72.12 -15.44 -57.24
C GLU O 91 -72.71 -15.67 -58.63
N PHE O 92 -72.88 -14.57 -59.34
CA PHE O 92 -73.33 -14.60 -60.73
C PHE O 92 -72.30 -15.33 -61.59
N SER O 93 -72.77 -16.01 -62.65
CA SER O 93 -71.90 -16.67 -63.61
C SER O 93 -71.04 -15.61 -64.26
N GLN O 94 -69.76 -15.89 -64.40
CA GLN O 94 -68.84 -14.99 -65.08
C GLN O 94 -69.20 -15.03 -66.59
N ARG O 95 -69.67 -16.21 -67.10
CA ARG O 95 -70.11 -16.50 -68.48
C ARG O 95 -71.50 -15.99 -68.83
N TYR O 96 -72.46 -16.11 -67.90
CA TYR O 96 -73.86 -15.82 -68.20
C TYR O 96 -74.45 -14.55 -67.69
N ALA O 97 -73.87 -13.92 -66.67
CA ALA O 97 -74.43 -12.67 -66.16
C ALA O 97 -73.63 -11.48 -66.66
N SER O 98 -74.32 -10.34 -66.91
CA SER O 98 -73.73 -9.11 -67.44
C SER O 98 -73.78 -7.96 -66.44
N VAL O 99 -72.74 -7.12 -66.46
CA VAL O 99 -72.60 -5.95 -65.59
C VAL O 99 -73.45 -4.81 -66.11
N MET O 100 -74.44 -4.43 -65.30
CA MET O 100 -75.43 -3.40 -65.65
C MET O 100 -75.15 -2.10 -64.90
N GLU O 101 -75.03 -2.19 -63.55
CA GLU O 101 -74.76 -1.07 -62.65
C GLU O 101 -73.35 -0.51 -62.93
N THR O 102 -73.24 0.77 -63.31
CA THR O 102 -71.94 1.42 -63.51
C THR O 102 -71.29 1.58 -62.13
N PRO O 103 -69.98 1.26 -61.98
CA PRO O 103 -69.35 1.32 -60.64
C PRO O 103 -69.36 2.72 -60.04
N PRO O 104 -69.87 2.90 -58.81
CA PRO O 104 -69.91 4.26 -58.22
C PRO O 104 -68.55 4.69 -57.65
N PRO O 105 -68.24 6.01 -57.56
CA PRO O 105 -66.93 6.41 -57.02
C PRO O 105 -66.79 6.18 -55.50
N HIS O 106 -65.66 5.55 -55.09
CA HIS O 106 -65.30 5.26 -53.70
C HIS O 106 -64.51 6.40 -53.07
N GLN O 107 -64.55 6.50 -51.74
CA GLN O 107 -63.84 7.57 -51.04
C GLN O 107 -62.39 7.25 -50.68
N ALA O 108 -61.53 8.26 -50.83
CA ALA O 108 -60.09 8.20 -50.55
C ALA O 108 -59.82 8.54 -49.10
N ARG O 109 -58.75 7.93 -48.55
CA ARG O 109 -58.22 8.11 -47.19
C ARG O 109 -56.69 7.99 -47.22
N GLU O 125 -60.01 17.61 -48.90
CA GLU O 125 -61.26 17.46 -49.64
C GLU O 125 -61.12 17.91 -51.12
N ASP O 126 -60.08 18.72 -51.43
CA ASP O 126 -59.76 19.20 -52.79
C ASP O 126 -59.27 18.02 -53.64
N ASP O 127 -58.56 17.07 -52.99
CA ASP O 127 -58.05 15.83 -53.58
C ASP O 127 -59.22 14.86 -53.79
N GLN O 128 -60.16 14.81 -52.80
CA GLN O 128 -61.34 13.93 -52.83
C GLN O 128 -62.23 14.20 -54.03
N THR O 129 -62.47 15.49 -54.29
CA THR O 129 -63.25 15.99 -55.42
C THR O 129 -62.59 15.49 -56.71
N TRP O 130 -61.22 15.52 -56.75
CA TRP O 130 -60.44 15.05 -57.88
C TRP O 130 -60.56 13.55 -57.99
N TRP O 131 -60.47 12.84 -56.84
CA TRP O 131 -60.56 11.38 -56.82
C TRP O 131 -61.89 10.92 -57.35
N ALA O 132 -62.99 11.55 -56.90
CA ALA O 132 -64.35 11.25 -57.40
C ALA O 132 -64.50 11.58 -58.89
N THR O 133 -64.03 12.77 -59.32
CA THR O 133 -64.09 13.25 -60.71
C THR O 133 -63.41 12.29 -61.69
N GLU O 134 -62.16 11.93 -61.42
CA GLU O 134 -61.36 11.05 -62.28
C GLU O 134 -61.90 9.64 -62.39
N GLN O 135 -62.51 9.14 -61.30
CA GLN O 135 -63.13 7.82 -61.24
C GLN O 135 -64.29 7.76 -62.20
N GLU O 136 -65.17 8.82 -62.17
CA GLU O 136 -66.34 8.98 -63.05
C GLU O 136 -65.91 8.86 -64.53
N LYS O 137 -64.82 9.57 -64.92
CA LYS O 137 -64.27 9.51 -66.28
C LYS O 137 -63.89 8.07 -66.64
N LEU O 138 -63.00 7.44 -65.83
CA LEU O 138 -62.48 6.07 -66.02
C LEU O 138 -63.59 5.04 -66.10
N TYR O 139 -64.53 5.08 -65.14
CA TYR O 139 -65.62 4.12 -65.00
C TYR O 139 -66.59 4.13 -66.14
N ALA O 140 -66.88 5.35 -66.66
CA ALA O 140 -67.79 5.56 -67.78
C ALA O 140 -67.19 4.98 -69.03
N GLN O 141 -65.88 5.20 -69.21
CA GLN O 141 -65.07 4.72 -70.32
C GLN O 141 -64.96 3.21 -70.28
N SER O 142 -64.73 2.66 -69.08
CA SER O 142 -64.67 1.23 -68.85
C SER O 142 -66.00 0.60 -69.25
N MET O 143 -67.13 1.20 -68.80
CA MET O 143 -68.48 0.73 -69.12
C MET O 143 -68.77 0.78 -70.61
N GLU O 144 -68.53 1.95 -71.26
CA GLU O 144 -68.75 2.16 -72.69
C GLU O 144 -68.01 1.07 -73.49
N LEU O 145 -66.72 0.84 -73.14
CA LEU O 145 -65.89 -0.20 -73.76
C LEU O 145 -66.40 -1.63 -73.45
N TYR O 146 -66.96 -1.85 -72.23
CA TYR O 146 -67.51 -3.15 -71.81
C TYR O 146 -68.71 -3.52 -72.66
N ASN O 147 -69.60 -2.55 -72.90
CA ASN O 147 -70.82 -2.75 -73.68
C ASN O 147 -70.56 -2.93 -75.17
N LYS O 148 -69.53 -2.22 -75.73
CA LYS O 148 -69.11 -2.31 -77.13
C LYS O 148 -68.61 -3.72 -77.38
N ALA O 149 -67.77 -4.24 -76.46
CA ALA O 149 -67.21 -5.58 -76.53
C ALA O 149 -68.32 -6.62 -76.62
N LEU O 150 -69.37 -6.43 -75.80
CA LEU O 150 -70.54 -7.30 -75.75
C LEU O 150 -71.30 -7.29 -77.07
N GLU O 151 -71.43 -6.09 -77.73
CA GLU O 151 -72.09 -5.94 -79.04
C GLU O 151 -71.24 -6.64 -80.07
N LYS O 152 -69.91 -6.44 -79.99
CA LYS O 152 -68.98 -7.05 -80.94
C LYS O 152 -68.96 -8.58 -80.89
N GLY O 153 -69.79 -9.15 -80.00
CA GLY O 153 -69.93 -10.59 -79.84
C GLY O 153 -68.95 -11.24 -78.88
N ILE O 154 -68.02 -10.44 -78.28
CA ILE O 154 -67.02 -10.94 -77.31
C ILE O 154 -67.74 -11.52 -76.09
N ALA O 155 -67.38 -12.77 -75.73
CA ALA O 155 -67.88 -13.51 -74.57
C ALA O 155 -67.74 -12.67 -73.27
N LYS O 156 -68.80 -12.64 -72.44
CA LYS O 156 -68.80 -11.84 -71.20
C LYS O 156 -67.77 -12.22 -70.14
N GLU O 157 -67.26 -13.47 -70.16
CA GLU O 157 -66.17 -13.94 -69.27
C GLU O 157 -64.84 -13.35 -69.75
N CYS O 158 -64.80 -12.93 -71.03
CA CYS O 158 -63.66 -12.28 -71.66
C CYS O 158 -63.77 -10.78 -71.46
N ALA O 159 -64.97 -10.17 -71.65
CA ALA O 159 -65.14 -8.71 -71.52
C ALA O 159 -64.98 -8.22 -70.08
N ARG O 160 -65.29 -9.12 -69.11
CA ARG O 160 -65.20 -8.98 -67.66
C ARG O 160 -63.89 -8.31 -67.19
N PHE O 161 -62.73 -8.72 -67.80
CA PHE O 161 -61.34 -8.32 -67.50
C PHE O 161 -61.00 -6.82 -67.49
N ILE O 162 -61.80 -5.97 -68.17
CA ILE O 162 -61.61 -4.51 -68.23
C ILE O 162 -62.35 -3.80 -67.08
N LEU O 163 -63.28 -4.51 -66.42
CA LEU O 163 -64.04 -4.00 -65.29
C LEU O 163 -63.11 -3.65 -64.13
N PRO O 164 -63.37 -2.56 -63.38
CA PRO O 164 -62.49 -2.24 -62.26
C PRO O 164 -62.87 -3.04 -61.01
N LEU O 165 -62.06 -2.93 -59.92
CA LEU O 165 -62.34 -3.64 -58.66
C LEU O 165 -63.56 -3.03 -57.96
N SER O 166 -63.95 -1.81 -58.38
CA SER O 166 -65.09 -1.03 -57.89
C SER O 166 -66.45 -1.49 -58.47
N THR O 167 -66.44 -2.52 -59.37
CA THR O 167 -67.66 -3.09 -59.99
C THR O 167 -68.58 -3.64 -58.90
N PRO O 168 -69.86 -3.18 -58.85
CA PRO O 168 -70.78 -3.67 -57.83
C PRO O 168 -71.08 -5.14 -58.02
N THR O 169 -71.05 -5.87 -56.92
CA THR O 169 -71.25 -7.31 -56.85
C THR O 169 -72.26 -7.65 -55.77
N THR O 170 -73.12 -8.66 -56.06
CA THR O 170 -74.15 -9.18 -55.17
C THR O 170 -73.85 -10.65 -54.97
N ILE O 171 -73.65 -11.08 -53.70
CA ILE O 171 -73.25 -12.47 -53.41
C ILE O 171 -74.00 -13.15 -52.23
N TYR O 172 -74.28 -14.47 -52.38
CA TYR O 172 -74.89 -15.28 -51.31
C TYR O 172 -73.71 -15.85 -50.48
N MET O 173 -73.65 -15.48 -49.18
CA MET O 173 -72.64 -15.91 -48.23
C MET O 173 -73.37 -16.83 -47.25
N SER O 174 -72.92 -18.08 -47.19
CA SER O 174 -73.53 -19.06 -46.32
C SER O 174 -72.53 -19.67 -45.35
N GLY O 175 -72.91 -19.69 -44.08
CA GLY O 175 -72.08 -20.18 -42.99
C GLY O 175 -72.85 -20.46 -41.72
N THR O 176 -72.22 -21.24 -40.83
CA THR O 176 -72.79 -21.61 -39.53
C THR O 176 -72.84 -20.38 -38.67
N ILE O 177 -73.70 -20.40 -37.65
CA ILE O 177 -73.79 -19.29 -36.73
C ILE O 177 -72.42 -19.01 -36.06
N ARG O 178 -71.68 -20.10 -35.68
CA ARG O 178 -70.32 -19.99 -35.14
C ARG O 178 -69.48 -19.10 -36.06
N ASP O 179 -69.40 -19.47 -37.36
CA ASP O 179 -68.64 -18.77 -38.41
C ASP O 179 -69.10 -17.33 -38.61
N TRP O 180 -70.43 -17.07 -38.54
CA TRP O 180 -70.99 -15.71 -38.63
C TRP O 180 -70.48 -14.78 -37.48
N ILE O 181 -70.53 -15.27 -36.20
CA ILE O 181 -70.07 -14.57 -34.96
C ILE O 181 -68.65 -14.05 -35.21
N HIS O 182 -67.74 -15.00 -35.57
CA HIS O 182 -66.32 -14.73 -35.82
C HIS O 182 -66.06 -13.83 -37.01
N TYR O 183 -66.90 -13.93 -38.05
CA TYR O 183 -66.78 -13.05 -39.21
C TYR O 183 -67.15 -11.64 -38.80
N ILE O 184 -68.33 -11.49 -38.19
CA ILE O 184 -68.83 -10.19 -37.74
C ILE O 184 -67.81 -9.47 -36.86
N GLU O 185 -67.40 -10.12 -35.75
CA GLU O 185 -66.41 -9.65 -34.77
C GLU O 185 -65.12 -9.15 -35.44
N LEU O 186 -64.56 -9.96 -36.38
CA LEU O 186 -63.36 -9.55 -37.12
C LEU O 186 -63.57 -8.30 -37.96
N ARG O 187 -64.60 -8.30 -38.81
CA ARG O 187 -64.87 -7.21 -39.74
C ARG O 187 -65.53 -5.94 -39.19
N THR O 188 -65.98 -5.96 -37.90
CA THR O 188 -66.49 -4.77 -37.18
C THR O 188 -65.39 -4.12 -36.33
N SER O 189 -64.23 -4.79 -36.21
CA SER O 189 -63.07 -4.31 -35.45
C SER O 189 -62.46 -3.07 -36.10
N ASN O 190 -61.79 -2.23 -35.29
CA ASN O 190 -61.13 -1.01 -35.75
C ASN O 190 -60.00 -1.36 -36.74
N GLY O 191 -59.72 -0.47 -37.67
CA GLY O 191 -58.66 -0.67 -38.66
C GLY O 191 -59.11 -1.39 -39.93
N THR O 192 -60.26 -2.11 -39.89
CA THR O 192 -60.83 -2.81 -41.05
C THR O 192 -61.08 -1.78 -42.17
N GLN O 193 -61.14 -2.21 -43.45
CA GLN O 193 -61.41 -1.27 -44.53
C GLN O 193 -62.82 -0.71 -44.34
N ARG O 194 -62.99 0.63 -44.40
CA ARG O 194 -64.24 1.35 -44.16
C ARG O 194 -65.47 0.72 -44.84
N GLU O 195 -65.34 0.44 -46.16
CA GLU O 195 -66.36 -0.19 -46.99
C GLU O 195 -66.71 -1.59 -46.50
N HIS O 196 -65.72 -2.32 -45.89
CA HIS O 196 -65.92 -3.65 -45.29
C HIS O 196 -66.59 -3.55 -43.90
N ILE O 197 -66.32 -2.46 -43.13
CA ILE O 197 -66.96 -2.26 -41.80
C ILE O 197 -68.44 -2.05 -42.02
N ASP O 198 -68.80 -1.32 -43.09
CA ASP O 198 -70.19 -1.05 -43.47
C ASP O 198 -70.93 -2.35 -43.79
N LEU O 199 -70.28 -3.23 -44.57
CA LEU O 199 -70.83 -4.53 -44.95
C LEU O 199 -70.99 -5.46 -43.75
N ALA O 200 -70.02 -5.41 -42.82
CA ALA O 200 -70.00 -6.24 -41.62
C ALA O 200 -71.16 -5.89 -40.69
N ASN O 201 -71.39 -4.57 -40.48
CA ASN O 201 -72.50 -4.08 -39.67
C ASN O 201 -73.87 -4.41 -40.29
N ALA O 202 -73.96 -4.37 -41.65
CA ALA O 202 -75.16 -4.72 -42.43
C ALA O 202 -75.62 -6.11 -42.07
N CYS O 203 -74.64 -7.01 -41.80
CA CYS O 203 -74.83 -8.41 -41.41
C CYS O 203 -75.08 -8.51 -39.91
N LYS O 204 -74.40 -7.65 -39.13
CA LYS O 204 -74.53 -7.59 -37.68
C LYS O 204 -75.99 -7.38 -37.31
N GLU O 205 -76.64 -6.39 -37.93
CA GLU O 205 -78.07 -6.08 -37.75
C GLU O 205 -78.99 -7.31 -37.95
N ILE O 206 -78.76 -8.08 -39.04
CA ILE O 206 -79.52 -9.28 -39.41
C ILE O 206 -79.21 -10.40 -38.42
N PHE O 207 -77.96 -10.45 -37.89
CA PHE O 207 -77.61 -11.44 -36.89
C PHE O 207 -78.34 -11.05 -35.61
N ILE O 208 -78.23 -9.77 -35.19
CA ILE O 208 -78.86 -9.16 -34.02
C ILE O 208 -80.39 -9.40 -33.96
N LYS O 209 -81.10 -9.22 -35.11
CA LYS O 209 -82.54 -9.45 -35.25
C LYS O 209 -82.87 -10.97 -35.14
N GLU O 210 -82.18 -11.83 -35.93
CA GLU O 210 -82.40 -13.29 -35.92
C GLU O 210 -81.86 -13.98 -34.65
N PHE O 211 -80.82 -13.38 -34.01
CA PHE O 211 -80.15 -13.93 -32.82
C PHE O 211 -79.99 -12.90 -31.68
N PRO O 212 -81.11 -12.48 -31.02
CA PRO O 212 -81.00 -11.52 -29.91
C PRO O 212 -80.38 -12.11 -28.62
N SER O 213 -80.66 -13.39 -28.34
CA SER O 213 -80.11 -14.07 -27.17
C SER O 213 -78.57 -14.17 -27.27
N ILE O 214 -78.05 -14.48 -28.48
CA ILE O 214 -76.61 -14.53 -28.76
C ILE O 214 -76.00 -13.10 -28.81
N ALA O 215 -76.70 -12.11 -29.44
CA ALA O 215 -76.23 -10.71 -29.55
C ALA O 215 -75.97 -10.07 -28.18
N LYS O 216 -76.84 -10.40 -27.19
CA LYS O 216 -76.78 -9.96 -25.79
C LYS O 216 -75.58 -10.66 -25.13
N ALA O 217 -75.45 -11.99 -25.39
CA ALA O 217 -74.36 -12.85 -24.91
C ALA O 217 -72.99 -12.31 -25.35
N LEU O 218 -72.87 -11.79 -26.59
CA LEU O 218 -71.64 -11.18 -27.12
C LEU O 218 -71.57 -9.69 -26.81
N ASP O 219 -72.67 -9.13 -26.25
CA ASP O 219 -72.85 -7.72 -25.86
C ASP O 219 -72.87 -6.75 -27.07
N TRP O 220 -73.80 -7.00 -28.03
CA TRP O 220 -73.95 -6.21 -29.26
C TRP O 220 -75.19 -5.30 -29.23
N GLY P 6 -79.32 -48.62 -36.14
CA GLY P 6 -79.18 -47.91 -37.42
C GLY P 6 -80.43 -47.18 -37.85
N SER P 7 -80.59 -45.91 -37.37
CA SER P 7 -81.73 -45.05 -37.63
C SER P 7 -81.41 -43.55 -37.50
N ALA P 8 -82.12 -42.73 -38.28
CA ALA P 8 -81.94 -41.28 -38.28
C ALA P 8 -83.29 -40.55 -38.27
N LYS P 9 -83.26 -39.27 -37.82
CA LYS P 9 -84.42 -38.39 -37.71
C LYS P 9 -83.99 -36.93 -37.98
N LEU P 10 -84.78 -36.19 -38.80
CA LEU P 10 -84.56 -34.79 -39.15
C LEU P 10 -84.77 -33.91 -37.92
N ILE P 11 -83.85 -32.94 -37.71
CA ILE P 11 -83.82 -32.00 -36.59
C ILE P 11 -84.09 -30.58 -37.10
N SER P 12 -83.35 -30.19 -38.16
CA SER P 12 -83.46 -28.88 -38.81
C SER P 12 -83.04 -28.95 -40.29
N VAL P 13 -83.68 -28.12 -41.11
CA VAL P 13 -83.39 -27.95 -42.52
C VAL P 13 -83.44 -26.44 -42.76
N THR P 14 -82.65 -25.93 -43.74
CA THR P 14 -82.63 -24.48 -44.02
C THR P 14 -83.97 -24.06 -44.64
N LYS P 15 -84.46 -22.86 -44.32
CA LYS P 15 -85.71 -22.42 -44.93
C LYS P 15 -85.58 -21.01 -45.50
N PRO P 16 -85.90 -20.82 -46.81
CA PRO P 16 -85.80 -19.47 -47.40
C PRO P 16 -86.85 -18.48 -46.94
N VAL P 17 -86.49 -17.20 -46.94
CA VAL P 17 -87.37 -16.10 -46.58
C VAL P 17 -87.80 -15.29 -47.85
N VAL P 18 -87.03 -15.46 -48.98
CA VAL P 18 -87.26 -14.84 -50.30
C VAL P 18 -88.69 -15.17 -50.76
N GLU P 19 -89.42 -14.14 -51.26
CA GLU P 19 -90.78 -14.30 -51.74
C GLU P 19 -90.80 -15.20 -52.97
N GLY P 20 -91.67 -16.20 -52.93
CA GLY P 20 -91.82 -17.17 -54.02
C GLY P 20 -90.94 -18.39 -53.87
N VAL P 21 -90.11 -18.40 -52.80
CA VAL P 21 -89.20 -19.49 -52.44
C VAL P 21 -89.59 -19.92 -51.03
N ASN P 22 -90.02 -21.18 -50.88
CA ASN P 22 -90.51 -21.67 -49.60
C ASN P 22 -89.72 -22.84 -49.00
N THR P 23 -89.09 -23.66 -49.85
CA THR P 23 -88.30 -24.80 -49.38
C THR P 23 -86.83 -24.64 -49.73
N ALA P 24 -85.94 -25.44 -49.06
CA ALA P 24 -84.48 -25.47 -49.25
C ALA P 24 -84.17 -25.86 -50.69
N GLU P 25 -84.81 -26.95 -51.18
CA GLU P 25 -84.66 -27.41 -52.55
C GLU P 25 -85.03 -26.30 -53.55
N GLU P 26 -86.15 -25.58 -53.27
CA GLU P 26 -86.60 -24.46 -54.11
C GLU P 26 -85.52 -23.42 -54.16
N LEU P 27 -84.81 -23.22 -53.05
CA LEU P 27 -83.76 -22.20 -52.96
C LEU P 27 -82.50 -22.54 -53.76
N ILE P 28 -82.16 -23.86 -53.84
CA ILE P 28 -81.00 -24.41 -54.53
C ILE P 28 -81.15 -24.15 -56.04
N ALA P 29 -82.29 -24.56 -56.60
CA ALA P 29 -82.64 -24.37 -58.00
C ALA P 29 -82.89 -22.87 -58.31
N TYR P 30 -83.32 -22.08 -57.30
CA TYR P 30 -83.56 -20.66 -57.48
C TYR P 30 -82.21 -20.01 -57.65
N ALA P 31 -81.27 -20.33 -56.72
CA ALA P 31 -79.88 -19.87 -56.77
C ALA P 31 -79.26 -20.20 -58.15
N ALA P 32 -79.56 -21.39 -58.71
CA ALA P 32 -79.04 -21.80 -60.02
C ALA P 32 -79.59 -20.90 -61.13
N ARG P 33 -80.92 -20.72 -61.15
CA ARG P 33 -81.63 -19.90 -62.11
C ARG P 33 -81.21 -18.44 -62.06
N VAL P 34 -81.14 -17.84 -60.87
CA VAL P 34 -80.75 -16.42 -60.74
C VAL P 34 -79.31 -16.13 -61.13
N SER P 35 -78.37 -17.01 -60.73
CA SER P 35 -76.93 -16.89 -60.97
C SER P 35 -76.53 -17.01 -62.43
N ASN P 36 -77.22 -17.89 -63.18
CA ASN P 36 -76.97 -18.20 -64.60
C ASN P 36 -78.18 -17.73 -65.51
N PRO P 37 -78.38 -16.41 -65.77
CA PRO P 37 -79.58 -16.00 -66.54
C PRO P 37 -79.58 -16.27 -68.04
N GLU P 38 -78.49 -15.88 -68.73
CA GLU P 38 -78.28 -16.08 -70.16
C GLU P 38 -78.10 -17.57 -70.49
N ASN P 39 -78.27 -18.42 -69.47
CA ASN P 39 -78.13 -19.85 -69.60
C ASN P 39 -79.45 -20.48 -70.02
N GLN P 40 -79.48 -21.10 -71.21
CA GLN P 40 -80.60 -21.84 -71.80
C GLN P 40 -80.97 -23.02 -70.88
N ILE P 41 -79.99 -23.52 -70.09
CA ILE P 41 -80.16 -24.61 -69.12
C ILE P 41 -81.07 -24.24 -67.92
N ASN P 42 -81.55 -23.00 -67.86
CA ASN P 42 -82.50 -22.57 -66.84
C ASN P 42 -83.88 -23.10 -67.22
N ASN P 43 -84.08 -23.35 -68.53
CA ASN P 43 -85.34 -23.82 -69.11
C ASN P 43 -85.77 -25.22 -68.74
N LYS P 44 -84.81 -26.12 -68.41
CA LYS P 44 -85.13 -27.48 -67.99
C LYS P 44 -85.85 -27.55 -66.63
N THR P 45 -86.32 -28.75 -66.29
CA THR P 45 -87.02 -29.01 -65.03
C THR P 45 -86.11 -28.72 -63.86
N ALA P 46 -86.69 -28.44 -62.67
CA ALA P 46 -85.95 -28.19 -61.44
C ALA P 46 -84.99 -29.38 -61.21
N SER P 47 -85.46 -30.61 -61.46
CA SER P 47 -84.67 -31.82 -61.37
C SER P 47 -83.59 -31.88 -62.47
N GLY P 48 -83.91 -31.39 -63.67
CA GLY P 48 -83.03 -31.37 -64.83
C GLY P 48 -81.91 -30.37 -64.66
N LEU P 49 -82.26 -29.23 -64.05
CA LEU P 49 -81.37 -28.12 -63.70
C LEU P 49 -80.32 -28.69 -62.75
N LEU P 50 -80.81 -29.24 -61.62
CA LEU P 50 -80.01 -29.84 -60.56
C LEU P 50 -79.13 -30.97 -61.01
N LYS P 51 -79.69 -31.92 -61.81
CA LYS P 51 -78.98 -33.06 -62.43
C LYS P 51 -77.79 -32.57 -63.30
N TYR P 52 -77.96 -31.40 -63.99
CA TYR P 52 -76.96 -30.76 -64.85
C TYR P 52 -75.80 -30.25 -63.99
N CYS P 53 -76.12 -29.40 -62.97
CA CYS P 53 -75.21 -28.76 -62.03
C CYS P 53 -74.33 -29.74 -61.28
N ILE P 54 -74.88 -30.89 -60.86
CA ILE P 54 -74.15 -31.97 -60.18
C ILE P 54 -73.08 -32.51 -61.16
N ARG P 55 -73.49 -32.72 -62.43
CA ARG P 55 -72.66 -33.27 -63.49
C ARG P 55 -71.59 -32.29 -63.89
N HIS P 56 -71.92 -31.00 -63.89
CA HIS P 56 -70.97 -29.95 -64.24
C HIS P 56 -70.25 -29.36 -63.02
N LYS P 57 -70.28 -30.09 -61.89
CA LYS P 57 -69.63 -29.71 -60.62
C LYS P 57 -69.86 -28.25 -60.13
N HIS P 58 -71.07 -27.66 -60.33
CA HIS P 58 -71.41 -26.30 -59.83
C HIS P 58 -72.05 -26.53 -58.46
N TRP P 59 -71.23 -26.88 -57.48
CA TRP P 59 -71.66 -27.24 -56.12
C TRP P 59 -72.21 -26.19 -55.23
N SER P 60 -71.76 -24.95 -55.37
CA SER P 60 -72.13 -23.86 -54.45
C SER P 60 -73.63 -23.66 -54.15
N ILE P 61 -74.52 -24.04 -55.11
CA ILE P 61 -75.98 -23.98 -54.99
C ILE P 61 -76.48 -25.05 -54.00
N PHE P 62 -75.65 -26.06 -53.72
CA PHE P 62 -75.95 -27.13 -52.76
C PHE P 62 -75.33 -26.77 -51.42
N GLU P 63 -74.74 -25.61 -51.34
CA GLU P 63 -74.10 -25.15 -50.11
C GLU P 63 -74.85 -23.95 -49.52
N THR P 64 -75.99 -23.60 -50.16
CA THR P 64 -76.94 -22.57 -49.71
C THR P 64 -77.96 -23.28 -48.79
N ALA P 65 -77.97 -24.63 -48.84
CA ALA P 65 -78.87 -25.49 -48.07
C ALA P 65 -78.09 -26.36 -47.08
N PHE P 66 -78.64 -26.49 -45.86
CA PHE P 66 -78.05 -27.17 -44.72
C PHE P 66 -79.09 -27.92 -43.86
N MET P 67 -78.83 -29.18 -43.64
CA MET P 67 -79.68 -30.08 -42.91
C MET P 67 -78.93 -30.70 -41.71
N THR P 68 -79.63 -30.80 -40.56
CA THR P 68 -79.18 -31.43 -39.33
C THR P 68 -80.04 -32.70 -39.15
N LEU P 69 -79.38 -33.82 -38.85
CA LEU P 69 -80.04 -35.11 -38.59
C LEU P 69 -79.55 -35.67 -37.27
N GLU P 70 -80.46 -36.29 -36.49
CA GLU P 70 -80.14 -36.93 -35.22
C GLU P 70 -79.86 -38.38 -35.57
N LEU P 71 -78.61 -38.84 -35.33
CA LEU P 71 -78.24 -40.21 -35.65
C LEU P 71 -78.16 -41.08 -34.41
N LYS P 72 -78.96 -42.15 -34.40
CA LYS P 72 -78.98 -43.17 -33.34
C LYS P 72 -78.26 -44.38 -33.93
N THR P 73 -77.01 -44.55 -33.48
CA THR P 73 -76.08 -45.59 -33.93
C THR P 73 -75.20 -46.10 -32.78
N SER P 74 -74.22 -46.98 -33.09
CA SER P 74 -73.23 -47.56 -32.19
C SER P 74 -71.95 -46.70 -32.24
N ARG P 75 -71.13 -46.74 -31.17
CA ARG P 75 -69.87 -45.97 -31.11
C ARG P 75 -68.80 -46.39 -32.14
N GLY P 76 -68.81 -47.64 -32.58
CA GLY P 76 -67.87 -48.17 -33.57
C GLY P 76 -68.09 -47.57 -34.93
N ILE P 77 -69.37 -47.30 -35.27
CA ILE P 77 -69.82 -46.69 -36.52
C ILE P 77 -69.72 -45.16 -36.45
N ALA P 78 -69.89 -44.58 -35.25
CA ALA P 78 -69.74 -43.14 -35.03
C ALA P 78 -68.26 -42.71 -35.10
N ALA P 79 -67.33 -43.70 -35.11
CA ALA P 79 -65.88 -43.50 -35.25
C ALA P 79 -65.60 -43.24 -36.75
N GLN P 80 -66.39 -43.89 -37.63
CA GLN P 80 -66.33 -43.72 -39.08
C GLN P 80 -66.97 -42.39 -39.48
N VAL P 81 -68.22 -42.17 -39.00
CA VAL P 81 -69.06 -40.99 -39.25
C VAL P 81 -68.31 -39.69 -38.97
N LEU P 82 -67.61 -39.62 -37.82
CA LEU P 82 -66.82 -38.45 -37.39
C LEU P 82 -65.67 -38.10 -38.34
N ARG P 83 -65.25 -39.07 -39.18
CA ARG P 83 -64.21 -38.90 -40.21
C ARG P 83 -64.65 -38.05 -41.41
N HIS P 84 -65.97 -37.84 -41.56
CA HIS P 84 -66.59 -37.02 -42.61
C HIS P 84 -66.59 -35.55 -42.15
N ARG P 85 -65.38 -34.99 -42.10
CA ARG P 85 -64.95 -33.68 -41.59
C ARG P 85 -65.61 -32.39 -42.13
N SER P 86 -66.40 -32.46 -43.24
CA SER P 86 -67.08 -31.25 -43.74
C SER P 86 -68.30 -30.99 -42.83
N PHE P 87 -68.92 -32.09 -42.35
CA PHE P 87 -70.01 -32.09 -41.38
C PHE P 87 -69.53 -31.58 -40.03
N HIS P 88 -70.48 -31.17 -39.21
CA HIS P 88 -70.28 -30.64 -37.86
C HIS P 88 -71.08 -31.57 -37.00
N PHE P 89 -70.60 -31.82 -35.78
CA PHE P 89 -71.24 -32.80 -34.89
C PHE P 89 -71.65 -32.26 -33.56
N GLN P 90 -72.72 -32.85 -33.00
CA GLN P 90 -73.17 -32.51 -31.66
C GLN P 90 -73.53 -33.79 -30.94
N GLU P 91 -72.58 -34.29 -30.11
CA GLU P 91 -72.69 -35.49 -29.30
C GLU P 91 -73.11 -35.11 -27.87
N PHE P 92 -73.59 -36.10 -27.07
CA PHE P 92 -73.91 -35.91 -25.64
C PHE P 92 -72.59 -35.70 -24.89
N SER P 93 -72.59 -34.88 -23.83
CA SER P 93 -71.36 -34.59 -23.06
C SER P 93 -70.68 -35.84 -22.47
N GLN P 94 -69.37 -35.79 -22.32
CA GLN P 94 -68.58 -36.87 -21.75
C GLN P 94 -68.56 -36.68 -20.22
N ARG P 95 -68.51 -35.40 -19.81
CA ARG P 95 -68.45 -34.85 -18.47
C ARG P 95 -69.81 -34.80 -17.73
N TYR P 96 -70.91 -34.43 -18.45
CA TYR P 96 -72.24 -34.27 -17.84
C TYR P 96 -73.35 -35.14 -18.44
N ALA P 97 -73.06 -36.42 -18.71
CA ALA P 97 -74.07 -37.33 -19.27
C ALA P 97 -73.82 -38.79 -18.93
N SER P 98 -74.88 -39.48 -18.49
CA SER P 98 -74.87 -40.90 -18.10
C SER P 98 -75.48 -41.78 -19.19
N VAL P 99 -74.77 -42.87 -19.55
CA VAL P 99 -75.27 -43.78 -20.59
C VAL P 99 -76.17 -44.82 -19.92
N MET P 100 -77.48 -44.53 -19.88
CA MET P 100 -78.50 -45.38 -19.29
C MET P 100 -78.72 -46.63 -20.16
N GLU P 101 -78.51 -46.47 -21.50
CA GLU P 101 -78.67 -47.49 -22.54
C GLU P 101 -77.69 -48.65 -22.35
N THR P 102 -78.20 -49.90 -22.42
CA THR P 102 -77.37 -51.10 -22.35
C THR P 102 -77.00 -51.54 -23.79
N PRO P 103 -75.70 -51.84 -24.05
CA PRO P 103 -75.29 -52.19 -25.43
C PRO P 103 -75.87 -53.48 -26.02
N PRO P 104 -76.29 -53.48 -27.31
CA PRO P 104 -76.91 -54.66 -27.91
C PRO P 104 -75.93 -55.59 -28.67
N PRO P 105 -76.32 -56.85 -29.04
CA PRO P 105 -75.37 -57.72 -29.77
C PRO P 105 -75.33 -57.52 -31.29
N HIS P 106 -74.13 -57.19 -31.81
CA HIS P 106 -73.88 -56.97 -33.25
C HIS P 106 -73.51 -58.29 -33.94
N GLN P 107 -73.92 -58.47 -35.21
CA GLN P 107 -73.64 -59.69 -35.99
C GLN P 107 -72.25 -59.66 -36.62
N ASP P 126 -74.47 -71.58 -35.44
CA ASP P 126 -74.19 -71.67 -34.01
C ASP P 126 -73.09 -70.71 -33.56
N ASP P 127 -72.15 -70.38 -34.47
CA ASP P 127 -71.05 -69.46 -34.19
C ASP P 127 -71.58 -68.05 -33.92
N GLN P 128 -72.72 -67.68 -34.55
CA GLN P 128 -73.39 -66.40 -34.33
C GLN P 128 -73.92 -66.38 -32.89
N THR P 129 -74.56 -67.50 -32.46
CA THR P 129 -75.11 -67.69 -31.11
C THR P 129 -73.97 -67.60 -30.07
N TRP P 130 -72.75 -68.10 -30.44
CA TRP P 130 -71.56 -68.04 -29.60
C TRP P 130 -71.21 -66.58 -29.32
N TRP P 131 -71.03 -65.78 -30.39
CA TRP P 131 -70.66 -64.36 -30.36
C TRP P 131 -71.67 -63.45 -29.63
N ALA P 132 -72.99 -63.73 -29.78
CA ALA P 132 -74.09 -62.98 -29.17
C ALA P 132 -74.10 -63.04 -27.64
N THR P 133 -74.15 -64.27 -27.08
CA THR P 133 -74.16 -64.58 -25.65
C THR P 133 -72.93 -64.00 -24.91
N GLU P 134 -71.74 -64.22 -25.49
CA GLU P 134 -70.42 -63.78 -25.01
C GLU P 134 -70.35 -62.25 -24.89
N GLN P 135 -70.91 -61.52 -25.88
CA GLN P 135 -70.97 -60.05 -25.93
C GLN P 135 -71.83 -59.60 -24.76
N GLU P 136 -73.07 -60.16 -24.67
CA GLU P 136 -74.07 -59.88 -23.63
C GLU P 136 -73.51 -60.09 -22.23
N LYS P 137 -72.59 -61.08 -22.08
CA LYS P 137 -71.89 -61.37 -20.83
C LYS P 137 -71.00 -60.16 -20.47
N LEU P 138 -70.07 -59.78 -21.38
CA LEU P 138 -69.15 -58.66 -21.18
C LEU P 138 -69.83 -57.30 -21.11
N TYR P 139 -70.93 -57.11 -21.85
CA TYR P 139 -71.65 -55.85 -21.83
C TYR P 139 -72.33 -55.65 -20.48
N ALA P 140 -73.06 -56.68 -20.00
CA ALA P 140 -73.72 -56.66 -18.69
C ALA P 140 -72.69 -56.46 -17.56
N GLN P 141 -71.52 -57.13 -17.70
CA GLN P 141 -70.34 -57.06 -16.81
C GLN P 141 -69.81 -55.63 -16.71
N SER P 142 -69.68 -54.97 -17.89
CA SER P 142 -69.22 -53.59 -18.01
C SER P 142 -70.24 -52.64 -17.42
N MET P 143 -71.53 -52.78 -17.78
CA MET P 143 -72.62 -51.96 -17.26
C MET P 143 -72.62 -51.99 -15.73
N GLU P 144 -72.42 -53.20 -15.15
CA GLU P 144 -72.32 -53.48 -13.72
C GLU P 144 -71.16 -52.69 -13.12
N LEU P 145 -69.96 -52.77 -13.72
CA LEU P 145 -68.79 -52.04 -13.21
C LEU P 145 -68.99 -50.53 -13.37
N TYR P 146 -69.54 -50.11 -14.53
CA TYR P 146 -69.81 -48.72 -14.90
C TYR P 146 -70.67 -48.01 -13.85
N ASN P 147 -71.85 -48.60 -13.54
CA ASN P 147 -72.77 -48.04 -12.55
C ASN P 147 -72.18 -48.09 -11.14
N LYS P 148 -71.34 -49.11 -10.85
CA LYS P 148 -70.64 -49.26 -9.58
C LYS P 148 -69.59 -48.15 -9.40
N ALA P 149 -68.86 -47.83 -10.49
CA ALA P 149 -67.82 -46.80 -10.50
C ALA P 149 -68.38 -45.40 -10.26
N LEU P 150 -69.54 -45.10 -10.87
CA LEU P 150 -70.24 -43.82 -10.70
C LEU P 150 -70.73 -43.72 -9.24
N GLU P 151 -71.22 -44.86 -8.68
CA GLU P 151 -71.67 -44.99 -7.29
C GLU P 151 -70.54 -44.72 -6.28
N LYS P 152 -69.29 -45.04 -6.64
CA LYS P 152 -68.09 -44.82 -5.83
C LYS P 152 -67.54 -43.38 -5.98
N GLY P 153 -68.23 -42.56 -6.80
CA GLY P 153 -67.87 -41.17 -7.06
C GLY P 153 -66.82 -40.94 -8.14
N ILE P 154 -66.65 -41.92 -9.05
CA ILE P 154 -65.72 -41.80 -10.18
C ILE P 154 -66.46 -41.06 -11.28
N ALA P 155 -65.91 -39.89 -11.70
CA ALA P 155 -66.48 -39.00 -12.73
C ALA P 155 -66.90 -39.70 -14.02
N LYS P 156 -68.02 -39.24 -14.64
CA LYS P 156 -68.61 -39.79 -15.89
C LYS P 156 -67.57 -39.87 -17.03
N GLU P 157 -66.74 -38.81 -17.14
CA GLU P 157 -65.62 -38.61 -18.07
C GLU P 157 -64.61 -39.74 -17.95
N CYS P 158 -64.37 -40.23 -16.72
CA CYS P 158 -63.44 -41.33 -16.41
C CYS P 158 -64.10 -42.71 -16.61
N ALA P 159 -65.38 -42.83 -16.22
CA ALA P 159 -66.20 -44.06 -16.28
C ALA P 159 -66.34 -44.62 -17.69
N ARG P 160 -66.33 -43.74 -18.73
CA ARG P 160 -66.46 -44.02 -20.17
C ARG P 160 -65.51 -45.08 -20.69
N PHE P 161 -64.28 -45.09 -20.20
CA PHE P 161 -63.19 -45.95 -20.65
C PHE P 161 -63.40 -47.46 -20.66
N ILE P 162 -64.28 -48.00 -19.79
CA ILE P 162 -64.57 -49.44 -19.76
C ILE P 162 -65.74 -49.84 -20.67
N LEU P 163 -66.43 -48.82 -21.23
CA LEU P 163 -67.58 -48.95 -22.12
C LEU P 163 -67.16 -49.56 -23.46
N PRO P 164 -67.93 -50.47 -24.06
CA PRO P 164 -67.49 -51.03 -25.35
C PRO P 164 -67.73 -50.09 -26.55
N LEU P 165 -67.22 -50.48 -27.73
CA LEU P 165 -67.41 -49.73 -28.99
C LEU P 165 -68.85 -49.94 -29.53
N SER P 166 -69.62 -50.86 -28.90
CA SER P 166 -71.01 -51.21 -29.24
C SER P 166 -72.01 -50.34 -28.50
N THR P 167 -71.52 -49.50 -27.56
CA THR P 167 -72.31 -48.56 -26.78
C THR P 167 -73.15 -47.67 -27.71
N PRO P 168 -74.49 -47.74 -27.61
CA PRO P 168 -75.34 -46.91 -28.48
C PRO P 168 -75.10 -45.42 -28.27
N THR P 169 -75.14 -44.65 -29.37
CA THR P 169 -74.87 -43.21 -29.34
C THR P 169 -75.87 -42.39 -30.15
N THR P 170 -76.25 -41.24 -29.59
CA THR P 170 -77.11 -40.30 -30.28
C THR P 170 -76.28 -39.06 -30.57
N ILE P 171 -76.14 -38.76 -31.89
CA ILE P 171 -75.34 -37.65 -32.41
C ILE P 171 -76.10 -36.79 -33.45
N TYR P 172 -75.87 -35.47 -33.41
CA TYR P 172 -76.41 -34.51 -34.39
C TYR P 172 -75.34 -34.35 -35.49
N MET P 173 -75.66 -34.80 -36.72
CA MET P 173 -74.78 -34.68 -37.90
C MET P 173 -75.35 -33.51 -38.70
N SER P 174 -74.55 -32.48 -38.97
CA SER P 174 -75.01 -31.30 -39.74
C SER P 174 -74.05 -30.88 -40.87
N GLY P 175 -74.58 -30.74 -42.08
CA GLY P 175 -73.83 -30.28 -43.23
C GLY P 175 -74.68 -29.77 -44.38
N THR P 176 -74.02 -29.16 -45.40
CA THR P 176 -74.62 -28.65 -46.61
C THR P 176 -75.27 -29.82 -47.36
N ILE P 177 -76.13 -29.53 -48.36
CA ILE P 177 -76.81 -30.58 -49.12
C ILE P 177 -75.83 -31.39 -49.97
N ARG P 178 -74.80 -30.72 -50.50
CA ARG P 178 -73.69 -31.33 -51.25
C ARG P 178 -73.05 -32.40 -50.34
N ASP P 179 -72.62 -31.98 -49.10
CA ASP P 179 -72.01 -32.87 -48.11
C ASP P 179 -72.79 -34.18 -47.95
N TRP P 180 -74.10 -34.07 -47.64
CA TRP P 180 -75.04 -35.16 -47.46
C TRP P 180 -75.14 -36.01 -48.72
N ILE P 181 -75.13 -35.38 -49.93
CA ILE P 181 -75.17 -36.12 -51.20
C ILE P 181 -73.99 -37.10 -51.25
N HIS P 182 -72.76 -36.59 -51.01
CA HIS P 182 -71.55 -37.43 -51.06
C HIS P 182 -71.42 -38.45 -49.95
N TYR P 183 -71.97 -38.13 -48.75
CA TYR P 183 -71.99 -39.03 -47.59
C TYR P 183 -72.87 -40.24 -47.93
N ILE P 184 -74.14 -39.96 -48.25
CA ILE P 184 -75.16 -40.94 -48.63
C ILE P 184 -74.69 -41.79 -49.80
N GLU P 185 -74.11 -41.17 -50.85
CA GLU P 185 -73.61 -41.86 -52.05
C GLU P 185 -72.61 -42.97 -51.73
N LEU P 186 -71.56 -42.64 -50.93
CA LEU P 186 -70.48 -43.51 -50.49
C LEU P 186 -70.94 -44.57 -49.47
N ARG P 187 -71.64 -44.16 -48.38
CA ARG P 187 -72.04 -45.13 -47.36
C ARG P 187 -73.17 -46.10 -47.72
N THR P 188 -73.95 -45.80 -48.79
CA THR P 188 -75.02 -46.68 -49.26
C THR P 188 -74.42 -47.66 -50.28
N SER P 189 -73.23 -47.34 -50.83
CA SER P 189 -72.54 -48.16 -51.84
C SER P 189 -71.94 -49.44 -51.24
N ASN P 190 -71.73 -50.46 -52.11
CA ASN P 190 -71.19 -51.77 -51.74
C ASN P 190 -69.75 -51.69 -51.17
N GLY P 191 -69.52 -52.46 -50.09
CA GLY P 191 -68.25 -52.50 -49.39
C GLY P 191 -68.29 -51.87 -48.00
N THR P 192 -69.32 -51.04 -47.74
CA THR P 192 -69.53 -50.34 -46.46
C THR P 192 -70.00 -51.38 -45.42
N GLN P 193 -69.63 -51.17 -44.13
CA GLN P 193 -70.02 -52.08 -43.04
C GLN P 193 -71.53 -52.01 -42.88
N ARG P 194 -72.23 -53.17 -42.96
CA ARG P 194 -73.70 -53.27 -42.89
C ARG P 194 -74.36 -52.25 -41.94
N GLU P 195 -73.85 -52.16 -40.71
CA GLU P 195 -74.32 -51.24 -39.67
C GLU P 195 -74.23 -49.72 -40.04
N HIS P 196 -73.38 -49.37 -41.04
CA HIS P 196 -73.22 -48.02 -41.62
C HIS P 196 -74.11 -47.88 -42.87
N ILE P 197 -74.32 -48.98 -43.64
CA ILE P 197 -75.19 -48.97 -44.82
C ILE P 197 -76.61 -48.65 -44.33
N ASP P 198 -77.01 -49.24 -43.22
CA ASP P 198 -78.30 -49.02 -42.59
C ASP P 198 -78.43 -47.57 -42.13
N LEU P 199 -77.36 -47.02 -41.52
CA LEU P 199 -77.33 -45.63 -41.05
C LEU P 199 -77.47 -44.66 -42.23
N ALA P 200 -76.80 -44.98 -43.36
CA ALA P 200 -76.77 -44.20 -44.60
C ALA P 200 -78.12 -44.19 -45.32
N ASN P 201 -78.78 -45.37 -45.42
CA ASN P 201 -80.09 -45.57 -46.03
C ASN P 201 -81.18 -44.87 -45.22
N ALA P 202 -81.00 -44.80 -43.88
CA ALA P 202 -81.90 -44.13 -42.92
C ALA P 202 -81.87 -42.64 -43.19
N CYS P 203 -80.67 -42.12 -43.50
CA CYS P 203 -80.45 -40.73 -43.88
C CYS P 203 -80.98 -40.51 -45.29
N LYS P 204 -80.69 -41.46 -46.22
CA LYS P 204 -81.14 -41.42 -47.60
C LYS P 204 -82.67 -41.14 -47.67
N GLU P 205 -83.45 -41.92 -46.88
CA GLU P 205 -84.91 -41.81 -46.73
C GLU P 205 -85.37 -40.39 -46.38
N ILE P 206 -84.67 -39.73 -45.44
CA ILE P 206 -85.00 -38.36 -45.02
C ILE P 206 -84.64 -37.35 -46.10
N PHE P 207 -83.45 -37.50 -46.73
CA PHE P 207 -82.95 -36.66 -47.83
C PHE P 207 -83.99 -36.63 -48.98
N ILE P 208 -84.37 -37.81 -49.52
CA ILE P 208 -85.37 -37.99 -50.58
C ILE P 208 -86.70 -37.27 -50.26
N LYS P 209 -87.11 -37.32 -48.97
CA LYS P 209 -88.34 -36.69 -48.48
C LYS P 209 -88.23 -35.18 -48.51
N GLU P 210 -87.02 -34.65 -48.31
CA GLU P 210 -86.75 -33.20 -48.29
C GLU P 210 -86.26 -32.70 -49.66
N PHE P 211 -85.56 -33.56 -50.40
CA PHE P 211 -85.00 -33.22 -51.70
C PHE P 211 -85.43 -34.22 -52.78
N PRO P 212 -86.74 -34.28 -53.10
CA PRO P 212 -87.20 -35.24 -54.12
C PRO P 212 -86.69 -34.93 -55.53
N SER P 213 -86.51 -33.62 -55.85
CA SER P 213 -86.01 -33.17 -57.14
C SER P 213 -84.53 -33.56 -57.30
N ILE P 214 -83.69 -33.37 -56.24
CA ILE P 214 -82.29 -33.84 -56.22
C ILE P 214 -82.25 -35.39 -56.26
N ALA P 215 -83.16 -36.06 -55.53
CA ALA P 215 -83.28 -37.52 -55.53
C ALA P 215 -83.54 -38.08 -56.95
N LYS P 216 -84.43 -37.42 -57.76
CA LYS P 216 -84.79 -37.80 -59.14
C LYS P 216 -83.58 -37.56 -60.08
N ALA P 217 -82.86 -36.48 -59.80
CA ALA P 217 -81.65 -36.08 -60.50
C ALA P 217 -80.59 -37.16 -60.27
N LEU P 218 -80.51 -37.69 -59.04
CA LEU P 218 -79.54 -38.73 -58.64
C LEU P 218 -80.00 -40.16 -58.92
N ASP P 219 -81.33 -40.34 -59.16
CA ASP P 219 -81.99 -41.64 -59.42
C ASP P 219 -81.89 -42.47 -58.14
N TRP P 220 -82.65 -42.05 -57.12
CA TRP P 220 -82.64 -42.67 -55.81
C TRP P 220 -83.97 -43.34 -55.46
PA FAD Q . 3.87 23.96 27.39
O1A FAD Q . 4.25 25.18 26.61
O2A FAD Q . 2.62 24.07 28.22
O5B FAD Q . 3.78 22.71 26.39
C5B FAD Q . 4.61 22.63 25.24
C4B FAD Q . 3.86 21.95 24.10
O4B FAD Q . 3.44 20.64 24.54
C3B FAD Q . 2.64 22.74 23.63
O3B FAD Q . 2.62 22.84 22.17
C2B FAD Q . 1.49 21.96 24.24
O2B FAD Q . 0.21 22.07 23.63
C1B FAD Q . 2.03 20.54 24.21
N9A FAD Q . 1.24 19.71 25.07
C8A FAD Q . 1.27 19.63 26.42
N7A FAD Q . 0.39 18.76 26.90
C5A FAD Q . -0.21 18.26 25.79
C6A FAD Q . -1.19 17.29 25.58
N6A FAD Q . -1.78 16.61 26.63
N1A FAD Q . -1.54 17.00 24.29
C2A FAD Q . -0.99 17.63 23.23
N3A FAD Q . -0.08 18.55 23.33
C4A FAD Q . 0.30 18.84 24.62
N1 FAD Q . 10.44 21.88 36.45
C2 FAD Q . 11.71 21.83 37.05
O2 FAD Q . 12.67 22.47 36.56
N3 FAD Q . 11.87 21.11 38.20
C4 FAD Q . 10.86 20.34 38.85
O4 FAD Q . 11.00 19.66 39.94
C4X FAD Q . 9.50 20.39 38.16
N5 FAD Q . 8.50 19.74 38.70
C5X FAD Q . 7.19 19.83 38.15
C6 FAD Q . 6.12 19.14 38.80
C7 FAD Q . 4.79 19.27 38.30
C7M FAD Q . 3.62 18.50 38.99
C8 FAD Q . 4.57 20.09 37.12
C8M FAD Q . 3.22 20.25 36.48
C9 FAD Q . 5.61 20.75 36.48
C9A FAD Q . 6.93 20.62 36.93
N10 FAD Q . 8.05 21.30 36.34
C10 FAD Q . 9.35 21.24 36.92
C1' FAD Q . 7.81 22.04 35.12
C2' FAD Q . 7.67 20.97 33.94
O2' FAD Q . 8.50 19.76 33.75
C3' FAD Q . 7.50 21.74 32.64
O3' FAD Q . 8.77 22.26 32.26
C4' FAD Q . 6.43 22.84 32.75
O4' FAD Q . 5.21 22.24 33.25
C5' FAD Q . 6.19 23.37 31.29
O5' FAD Q . 5.45 22.39 30.50
P FAD Q . 5.62 22.15 28.93
O1P FAD Q . 7.04 22.01 28.43
O2P FAD Q . 4.64 21.09 28.76
O3P FAD Q . 5.11 23.47 28.26
PA FAD R . 4.52 16.99 17.91
O1A FAD R . 5.88 17.49 17.53
O2A FAD R . 4.38 15.48 18.02
O5B FAD R . 4.07 17.69 19.27
C5B FAD R . 4.49 19.02 19.59
C4B FAD R . 4.69 19.16 21.09
O4B FAD R . 3.47 18.82 21.76
C3B FAD R . 5.81 18.27 21.63
O3B FAD R . 6.70 19.03 22.50
C2B FAD R . 5.05 17.14 22.31
O2B FAD R . 5.70 16.41 23.34
C1B FAD R . 3.81 17.87 22.81
N9A FAD R . 2.80 16.92 23.16
C8A FAD R . 1.98 16.22 22.32
N7A FAD R . 1.17 15.41 22.97
C5A FAD R . 1.48 15.62 24.28
C6A FAD R . 0.98 15.12 25.47
N6A FAD R . -0.05 14.18 25.51
N1A FAD R . 1.51 15.59 26.65
C2A FAD R . 2.50 16.50 26.67
N3A FAD R . 3.05 17.00 25.60
C4A FAD R . 2.50 16.57 24.43
N1 FAD R . -3.32 17.80 9.70
C2 FAD R . -3.92 18.52 8.66
O2 FAD R . -3.29 19.45 8.09
N3 FAD R . -5.17 18.16 8.23
C4 FAD R . -5.98 17.12 8.78
O4 FAD R . -7.14 16.77 8.40
C4X FAD R . -5.32 16.38 9.96
N5 FAD R . -5.96 15.40 10.52
C5X FAD R . -5.35 14.60 11.54
C6 FAD R . -6.08 13.52 12.09
C7 FAD R . -5.47 12.68 13.07
C7M FAD R . -6.27 11.49 13.70
C8 FAD R . -4.11 12.99 13.49
C8M FAD R . -3.39 12.20 14.55
C9 FAD R . -3.41 14.05 12.97
C9A FAD R . -3.99 14.91 12.02
N10 FAD R . -3.31 16.02 11.41
C10 FAD R . -3.91 16.77 10.35
C1' FAD R . -1.99 16.34 11.92
C2' FAD R . -2.19 17.07 13.31
O2' FAD R . -3.22 18.09 13.64
C3' FAD R . -0.82 17.50 13.81
O3' FAD R . -0.41 18.66 13.06
C4' FAD R . 0.21 16.37 13.73
O4' FAD R . -0.34 15.21 14.41
C5' FAD R . 1.48 16.87 14.49
O5' FAD R . 1.25 16.88 15.93
P FAD R . 1.89 17.91 16.96
O1P FAD R . 1.80 19.37 16.57
O2P FAD R . 1.29 17.41 18.20
O3P FAD R . 3.43 17.62 16.95
C01 0VJ S . 11.18 24.83 39.10
C02 0VJ S . 10.51 25.61 37.90
C03 0VJ S . 9.18 25.42 37.54
C04 0VJ S . 8.39 24.46 38.39
C05 0VJ S . 8.97 23.77 39.49
C06 0VJ S . 10.39 23.94 39.81
C07 0VJ S . 6.85 24.22 38.09
C08 0VJ S . 6.03 23.27 38.96
C09 0VJ S . 6.71 22.66 39.99
C10 0VJ S . 8.19 22.82 40.37
C11 0VJ S . 5.88 21.72 40.90
C12 0VJ S . 5.34 22.60 41.90
C13 0VJ S . 4.32 21.88 42.42
C14 0VJ S . 3.57 22.47 43.48
C15 0VJ S . 3.79 23.74 44.04
C16 0VJ S . 4.86 24.56 43.54
C17 0VJ S . 5.69 24.02 42.44
O01 0VJ S . 2.86 24.16 45.17
O02 0VJ S . 8.71 22.17 41.35
O03 0VJ S . 6.36 24.77 37.21
O 0VJ S . 4.60 23.03 38.70
C 0VJ S . 1.83 23.30 45.71
S DMS T . 3.89 44.39 29.51
O DMS T . 4.36 44.11 30.83
C1 DMS T . 2.57 45.67 29.59
C2 DMS T . 5.22 45.09 28.47
C01 0VJ U . 12.63 41.12 30.35
C02 0VJ U . 13.10 39.64 29.93
C03 0VJ U . 14.33 39.43 29.28
C04 0VJ U . 15.16 40.68 28.99
C05 0VJ U . 14.77 41.97 29.37
C06 0VJ U . 13.48 42.19 30.09
C07 0VJ U . 16.54 40.56 28.20
C08 0VJ U . 17.38 41.79 27.89
C09 0VJ U . 16.90 42.99 28.30
C10 0VJ U . 15.62 43.22 29.05
C11 0VJ U . 17.75 44.22 27.94
C12 0VJ U . 18.71 44.35 28.96
C13 0VJ U . 19.77 44.93 28.35
C14 0VJ U . 20.89 45.27 29.18
C15 0VJ U . 20.97 44.97 30.60
C16 0VJ U . 19.88 44.34 31.30
C17 0VJ U . 18.69 43.99 30.49
O01 0VJ U . 22.24 45.35 31.29
O02 0VJ U . 15.31 44.40 29.36
O03 0VJ U . 16.90 39.56 27.80
O 0VJ U . 18.65 41.69 27.14
C 0VJ U . 22.78 46.67 31.21
PA FAD V . 11.83 28.65 10.71
O1A FAD V . 10.48 28.15 11.13
O2A FAD V . 11.87 29.79 9.73
O5B FAD V . 12.84 28.94 11.95
C5B FAD V . 12.63 28.53 13.30
C4B FAD V . 12.93 29.80 14.14
O4B FAD V . 14.27 30.37 13.93
C3B FAD V . 11.91 30.95 13.93
O3B FAD V . 11.46 31.21 15.25
C2B FAD V . 12.74 32.13 13.39
O2B FAD V . 12.38 33.50 13.57
C1B FAD V . 14.10 31.86 13.99
N9A FAD V . 15.02 32.63 13.14
C8A FAD V . 15.47 32.24 11.91
N7A FAD V . 16.28 33.09 11.33
C5A FAD V . 16.38 34.09 12.27
C6A FAD V . 17.12 35.29 12.25
N6A FAD V . 17.90 35.58 11.13
N1A FAD V . 17.06 36.14 13.40
C2A FAD V . 16.24 35.78 14.44
N3A FAD V . 15.50 34.68 14.51
C4A FAD V . 15.60 33.85 13.41
N1 FAD V . 17.37 20.84 4.78
C2 FAD V . 17.75 19.51 4.59
O2 FAD V . 17.22 18.63 5.27
N3 FAD V . 18.69 19.16 3.63
C4 FAD V . 19.35 20.03 2.80
O4 FAD V . 20.18 19.69 1.96
C4X FAD V . 18.97 21.50 3.00
N5 FAD V . 19.55 22.44 2.28
C5X FAD V . 19.18 23.81 2.47
C6 FAD V . 19.83 24.77 1.69
C7 FAD V . 19.50 26.16 1.81
C7M FAD V . 20.19 27.17 0.94
C8 FAD V . 18.53 26.55 2.76
C8M FAD V . 18.11 27.96 2.99
C9 FAD V . 17.92 25.56 3.53
C9A FAD V . 18.19 24.20 3.43
N10 FAD V . 17.55 23.22 4.23
C10 FAD V . 17.90 21.84 4.08
C1' FAD V . 16.57 23.62 5.20
C2' FAD V . 17.12 24.21 6.51
O2' FAD V . 18.12 23.40 7.14
C3' FAD V . 15.95 24.43 7.49
O3' FAD V . 15.47 23.13 7.89
C4' FAD V . 14.73 25.14 6.84
O4' FAD V . 15.08 26.17 5.84
C5' FAD V . 13.79 25.65 7.95
O5' FAD V . 14.52 26.62 8.68
P FAD V . 14.26 26.97 10.24
O1P FAD V . 14.41 25.86 11.25
O2P FAD V . 15.22 28.12 10.22
O3P FAD V . 12.71 27.38 10.24
S DMS W . -7.19 24.38 3.99
O DMS W . -5.77 24.46 3.89
C1 DMS W . -8.03 25.11 2.52
C2 DMS W . -7.32 22.64 3.55
C01 0VJ X . -2.83 16.27 6.02
C02 0VJ X . -1.37 16.39 6.68
C03 0VJ X . -0.91 15.59 7.70
C04 0VJ X . -1.97 14.55 8.20
C05 0VJ X . -3.27 14.42 7.61
C06 0VJ X . -3.72 15.29 6.47
C07 0VJ X . -1.61 13.60 9.44
C08 0VJ X . -2.77 12.59 9.91
C09 0VJ X . -3.97 12.59 9.24
C10 0VJ X . -4.30 13.43 8.09
C11 0VJ X . -5.11 11.61 9.59
C12 0VJ X . -4.82 10.52 8.79
C13 0VJ X . -5.66 9.57 9.27
C14 0VJ X . -5.61 8.23 8.63
C15 0VJ X . -4.73 7.91 7.53
C16 0VJ X . -3.78 8.90 7.01
C17 0VJ X . -3.78 10.21 7.63
O01 0VJ X . -4.85 6.47 6.97
O02 0VJ X . -5.45 13.28 7.58
O03 0VJ X . -0.53 13.73 9.93
O 0VJ X . -2.69 11.67 10.98
C 0VJ X . -5.33 5.33 7.74
PA FAD Y . 16.16 31.74 21.36
O1A FAD Y . 15.42 30.53 21.94
O2A FAD Y . 17.67 32.00 21.67
O5B FAD Y . 15.99 31.71 19.76
C5B FAD Y . 14.74 31.20 19.26
C4B FAD Y . 15.00 30.47 17.96
O4B FAD Y . 15.45 31.39 16.96
C3B FAD Y . 16.06 29.37 18.01
O3B FAD Y . 15.49 28.18 17.42
C2B FAD Y . 17.30 29.99 17.35
O2B FAD Y . 18.23 29.10 16.73
C1B FAD Y . 16.64 30.86 16.32
N9A FAD Y . 17.48 31.97 15.98
C8A FAD Y . 17.73 33.05 16.81
N7A FAD Y . 18.52 33.88 16.22
C5A FAD Y . 18.79 33.36 14.97
C6A FAD Y . 19.57 33.83 13.87
N6A FAD Y . 20.24 35.02 13.93
N1A FAD Y . 19.63 33.06 12.65
C2A FAD Y . 18.95 31.84 12.62
N3A FAD Y . 18.19 31.36 13.65
C4A FAD Y . 18.15 32.16 14.78
N1 FAD Y . 12.06 41.08 26.50
C2 FAD Y . 11.00 41.68 27.11
O2 FAD Y . 10.05 40.94 27.43
N3 FAD Y . 11.09 43.03 27.41
C4 FAD Y . 12.14 43.88 27.06
O4 FAD Y . 12.16 45.08 27.38
C4X FAD Y . 13.32 43.22 26.31
N5 FAD Y . 14.40 43.88 25.90
C5X FAD Y . 15.42 43.10 25.25
C6 FAD Y . 16.56 43.80 24.77
C7 FAD Y . 17.64 43.14 24.11
C7M FAD Y . 18.80 43.98 23.61
C8 FAD Y . 17.59 41.71 23.92
C8M FAD Y . 18.67 40.91 23.24
C9 FAD Y . 16.47 41.01 24.39
C9A FAD Y . 15.36 41.65 25.05
N10 FAD Y . 14.20 40.94 25.48
C10 FAD Y . 13.17 41.68 26.09
C1' FAD Y . 14.07 39.48 25.29
C2' FAD Y . 13.91 39.14 23.79
O2' FAD Y . 12.74 39.77 23.27
C3' FAD Y . 13.82 37.63 23.45
O3' FAD Y . 12.50 37.15 23.62
C4' FAD Y . 14.80 36.69 24.17
O4' FAD Y . 16.08 37.24 23.81
C5' FAD Y . 14.72 35.25 23.62
O5' FAD Y . 15.23 35.29 22.24
P FAD Y . 14.68 34.29 21.08
O1P FAD Y . 13.18 34.19 21.26
O2P FAD Y . 15.34 34.66 19.75
O3P FAD Y . 15.30 33.02 21.76
S DMS Z . 19.30 21.28 38.42
O DMS Z . 20.68 21.25 38.87
C1 DMS Z . 18.44 19.67 38.45
C2 DMS Z . 18.34 22.14 39.64
C01 0VJ AA . 15.18 18.81 1.69
C02 0VJ AA . 14.05 19.61 2.48
C03 0VJ AA . 13.98 20.99 2.43
C04 0VJ AA . 15.03 21.70 1.59
C05 0VJ AA . 16.05 21.01 0.89
C06 0VJ AA . 16.12 19.50 0.96
C07 0VJ AA . 15.02 23.24 1.45
C08 0VJ AA . 16.07 23.99 0.58
C09 0VJ AA . 17.03 23.21 -0.04
C10 0VJ AA . 17.10 21.70 0.05
C11 0VJ AA . 18.12 23.88 -0.95
C12 0VJ AA . 17.54 24.01 -2.24
C13 0VJ AA . 18.03 25.18 -2.67
C14 0VJ AA . 17.66 25.68 -3.99
C15 0VJ AA . 16.77 25.01 -4.87
C16 0VJ AA . 16.19 23.72 -4.47
C17 0VJ AA . 16.59 23.19 -3.12
O01 0VJ AA . 16.50 25.72 -6.18
O02 0VJ AA . 18.00 21.08 -0.58
O03 0VJ AA . 14.19 23.82 2.01
O 0VJ AA . 16.03 25.45 0.44
C 0VJ AA . 17.52 26.15 -7.05
S DMS BA . 20.23 11.79 5.23
O DMS BA . 19.51 11.11 6.24
C1 DMS BA . 18.99 12.39 4.06
C2 DMS BA . 21.07 13.30 5.82
PA FAD CA . -9.62 -30.49 -36.16
O1A FAD CA . -9.92 -29.35 -35.23
O2A FAD CA . -10.69 -30.80 -37.19
O5B FAD CA . -8.22 -30.20 -36.88
C5B FAD CA . -7.18 -29.48 -36.22
C4B FAD CA . -6.40 -28.65 -37.22
O4B FAD CA . -5.87 -29.51 -38.24
C3B FAD CA . -7.25 -27.56 -37.88
O3B FAD CA . -6.55 -26.28 -37.85
C2B FAD CA . -7.50 -28.13 -39.26
O2B FAD CA . -7.79 -27.23 -40.32
C1B FAD CA . -6.22 -28.91 -39.51
N9A FAD CA . -6.40 -29.82 -40.61
C8A FAD CA . -7.08 -31.01 -40.60
N7A FAD CA . -7.07 -31.59 -41.80
C5A FAD CA . -6.37 -30.73 -42.57
C6A FAD CA . -5.98 -30.75 -43.91
N6A FAD CA . -6.30 -31.80 -44.76
N1A FAD CA . -5.22 -29.70 -44.37
C2A FAD CA . -4.87 -28.67 -43.58
N3A FAD CA . -5.21 -28.55 -42.34
C4A FAD CA . -5.94 -29.60 -41.85
N1 FAD CA . -10.17 -40.83 -31.44
C2 FAD CA . -9.91 -41.68 -30.37
O2 FAD CA . -9.69 -41.23 -29.23
N3 FAD CA . -9.94 -43.04 -30.59
C4 FAD CA . -10.17 -43.69 -31.83
O4 FAD CA . -10.19 -44.95 -32.06
C4X FAD CA . -10.41 -42.72 -33.01
N5 FAD CA . -10.65 -43.22 -34.18
C5X FAD CA . -10.99 -42.36 -35.28
C6 FAD CA . -11.28 -42.96 -36.54
C7 FAD CA . -11.68 -42.12 -37.63
C7M FAD CA . -12.00 -42.76 -39.02
C8 FAD CA . -11.74 -40.68 -37.42
C8M FAD CA . -12.10 -39.72 -38.51
C9 FAD CA . -11.42 -40.12 -36.20
C9A FAD CA . -11.02 -40.90 -35.11
N10 FAD CA . -10.72 -40.37 -33.81
C10 FAD CA . -10.42 -41.24 -32.70
C1' FAD CA . -10.70 -38.93 -33.67
C2' FAD CA . -9.35 -38.40 -34.33
O2' FAD CA . -8.01 -39.04 -34.21
C3' FAD CA . -9.28 -36.90 -34.10
O3' FAD CA . -8.90 -36.67 -32.74
C4' FAD CA . -10.59 -36.19 -34.48
O4' FAD CA . -10.95 -36.58 -35.83
C5' FAD CA . -10.30 -34.66 -34.43
O5' FAD CA . -9.48 -34.26 -35.55
P FAD CA . -8.40 -33.09 -35.56
O1P FAD CA . -7.42 -33.10 -34.40
O2P FAD CA . -7.95 -33.18 -36.94
O3P FAD CA . -9.20 -31.76 -35.33
C01 0VJ DA . -13.31 -41.75 -29.34
C02 0VJ DA . -13.45 -40.15 -29.60
C03 0VJ DA . -13.70 -39.63 -30.89
C04 0VJ DA . -13.85 -40.66 -32.01
C05 0VJ DA . -13.76 -42.09 -31.83
C06 0VJ DA . -13.47 -42.65 -30.42
C07 0VJ DA . -14.14 -40.18 -33.49
C08 0VJ DA . -14.33 -41.22 -34.63
C09 0VJ DA . -14.22 -42.54 -34.35
C10 0VJ DA . -13.93 -43.10 -32.97
C11 0VJ DA . -14.43 -43.50 -35.58
C12 0VJ DA . -15.84 -43.86 -35.62
C13 0VJ DA . -16.11 -44.34 -36.89
C14 0VJ DA . -17.48 -44.78 -37.18
C15 0VJ DA . -18.53 -44.74 -36.18
C16 0VJ DA . -18.30 -44.26 -34.86
C17 0VJ DA . -16.95 -43.80 -34.53
O01 0VJ DA . -19.88 -45.23 -36.57
O02 0VJ DA . -13.86 -44.36 -32.82
O03 0VJ DA . -14.22 -39.04 -33.67
O 0VJ DA . -14.57 -40.89 -35.99
C 0VJ DA . -20.13 -45.47 -37.95
S DMS EA . -25.55 -22.88 -25.48
O DMS EA . -24.40 -22.05 -25.76
C1 DMS EA . -26.69 -23.13 -26.88
C2 DMS EA . -25.18 -24.59 -25.14
PA FAD FA . -0.82 -16.34 -26.96
O1A FAD FA . -1.11 -16.93 -28.33
O2A FAD FA . -1.01 -14.94 -26.67
O5B FAD FA . -1.73 -17.13 -25.92
C5B FAD FA . -1.83 -18.58 -26.18
C4B FAD FA . -3.05 -19.15 -25.49
O4B FAD FA . -2.77 -18.91 -24.13
C3B FAD FA . -4.32 -18.34 -25.79
O3B FAD FA . -5.51 -19.15 -26.02
C2B FAD FA . -4.49 -17.34 -24.62
O2B FAD FA . -5.82 -16.87 -24.30
C1B FAD FA . -3.92 -18.24 -23.55
N9A FAD FA . -3.58 -17.40 -22.45
C8A FAD FA . -2.57 -16.60 -22.39
N7A FAD FA . -2.59 -15.98 -21.26
C5A FAD FA . -3.65 -16.41 -20.55
C6A FAD FA . -4.19 -16.12 -19.24
N6A FAD FA . -3.63 -15.19 -18.33
N1A FAD FA . -5.31 -16.80 -18.82
C2A FAD FA . -5.87 -17.67 -19.66
N3A FAD FA . -5.41 -17.95 -20.94
C4A FAD FA . -4.30 -17.30 -21.29
N1 FAD FA . 10.43 -16.61 -26.39
C2 FAD FA . 11.63 -17.09 -26.79
O2 FAD FA . 11.70 -17.88 -27.71
N3 FAD FA . 12.80 -16.73 -26.19
C4 FAD FA . 12.91 -15.87 -25.18
O4 FAD FA . 13.97 -15.58 -24.65
C4X FAD FA . 11.56 -15.31 -24.75
N5 FAD FA . 11.52 -14.46 -23.76
C5X FAD FA . 10.28 -13.92 -23.28
C6 FAD FA . 10.32 -13.00 -22.20
C7 FAD FA . 9.14 -12.39 -21.78
C7M FAD FA . 9.19 -11.38 -20.67
C8 FAD FA . 7.91 -12.75 -22.42
C8M FAD FA . 6.52 -12.23 -22.07
C9 FAD FA . 7.91 -13.67 -23.47
C9A FAD FA . 9.05 -14.31 -23.91
N10 FAD FA . 9.07 -15.25 -24.98
C10 FAD FA . 10.30 -15.76 -25.44
C1' FAD FA . 7.77 -15.61 -25.58
C2' FAD FA . 6.84 -16.51 -24.68
O2' FAD FA . 7.55 -17.66 -24.02
C3' FAD FA . 5.65 -16.97 -25.62
O3' FAD FA . 6.22 -17.92 -26.60
C4' FAD FA . 4.98 -15.78 -26.44
O4' FAD FA . 4.96 -14.52 -25.75
C5' FAD FA . 3.50 -16.08 -26.95
O5' FAD FA . 2.79 -16.26 -25.77
P FAD FA . 1.67 -17.39 -25.59
O1P FAD FA . 2.25 -18.60 -26.22
O2P FAD FA . 1.03 -17.37 -24.20
O3P FAD FA . 0.68 -16.90 -26.75
PA FAD GA . -6.79 -25.07 -21.78
O1A FAD GA . -6.35 -26.11 -22.78
O2A FAD GA . -6.58 -25.44 -20.33
O5B FAD GA . -6.08 -23.68 -22.12
C5B FAD GA . -5.77 -23.33 -23.47
C4B FAD GA . -4.48 -22.52 -23.50
O4B FAD GA . -4.64 -21.35 -22.68
C3B FAD GA . -3.26 -23.32 -23.03
O3B FAD GA . -2.15 -23.16 -23.96
C2B FAD GA . -3.03 -22.75 -21.64
O2B FAD GA . -1.72 -22.85 -21.08
C1B FAD GA . -3.47 -21.31 -21.81
N9A FAD GA . -3.67 -20.71 -20.54
C8A FAD GA . -4.72 -20.87 -19.67
N7A FAD GA . -4.57 -20.18 -18.56
C5A FAD GA . -3.39 -19.54 -18.72
C6A FAD GA . -2.67 -18.64 -17.95
N6A FAD GA . -3.12 -18.19 -16.71
N1A FAD GA . -1.49 -18.14 -18.45
C2A FAD GA . -1.01 -18.52 -19.65
N3A FAD GA . -1.60 -19.38 -20.43
C4A FAD GA . -2.79 -19.85 -19.95
N1 FAD GA . -18.06 -24.12 -20.58
C2 FAD GA . -19.35 -24.09 -21.14
O2 FAD GA . -19.56 -24.54 -22.28
N3 FAD GA . -20.39 -23.56 -20.39
C4 FAD GA . -20.28 -23.02 -19.08
O4 FAD GA . -21.23 -22.53 -18.39
C4X FAD GA . -18.86 -23.05 -18.51
N5 FAD GA . -18.66 -22.58 -17.31
C5X FAD GA . -17.37 -22.68 -16.69
C6 FAD GA . -17.23 -22.20 -15.36
C7 FAD GA . -15.97 -22.35 -14.70
C7M FAD GA . -15.78 -21.82 -13.24
C8 FAD GA . -14.87 -22.96 -15.43
C8M FAD GA . -13.50 -23.12 -14.85
C9 FAD GA . -15.02 -23.41 -16.73
C9A FAD GA . -16.23 -23.27 -17.42
N10 FAD GA . -16.45 -23.73 -18.75
C10 FAD GA . -17.76 -23.67 -19.35
C1' FAD GA . -15.32 -24.26 -19.47
C2' FAD GA . -14.44 -23.02 -19.93
O2' FAD GA . -14.95 -21.73 -20.46
C3' FAD GA . -13.29 -23.55 -20.77
O3' FAD GA . -13.80 -23.89 -22.06
C4' FAD GA . -12.58 -24.73 -20.09
O4' FAD GA . -12.21 -24.32 -18.75
C5' FAD GA . -11.29 -25.01 -20.93
O5' FAD GA . -10.29 -23.97 -20.71
P FAD GA . -9.24 -23.45 -21.78
O1P FAD GA . -9.81 -23.10 -23.15
O2P FAD GA . -8.56 -22.45 -20.97
O3P FAD GA . -8.29 -24.65 -22.08
S DMS HA . -1.83 -7.85 -46.03
O DMS HA . -2.92 -8.76 -46.12
C1 DMS HA . -1.87 -6.80 -44.55
C2 DMS HA . -0.30 -8.69 -45.68
C01 0VJ IA . 4.77 -14.24 -45.81
C02 0VJ IA . 5.05 -15.21 -44.59
C03 0VJ IA . 5.26 -16.55 -44.76
C04 0VJ IA . 5.20 -17.09 -46.18
C05 0VJ IA . 4.94 -16.25 -47.29
C06 0VJ IA . 4.71 -14.77 -47.09
C07 0VJ IA . 5.43 -18.61 -46.45
C08 0VJ IA . 5.37 -19.14 -47.94
C09 0VJ IA . 5.10 -18.22 -48.93
C10 0VJ IA . 4.87 -16.73 -48.72
C11 0VJ IA . 5.07 -18.68 -50.42
C12 0VJ IA . 6.44 -18.66 -50.81
C13 0VJ IA . 6.52 -19.57 -51.81
C14 0VJ IA . 7.83 -19.80 -52.44
C15 0VJ IA . 9.03 -19.12 -52.04
C16 0VJ IA . 9.01 -18.15 -50.97
C17 0VJ IA . 7.71 -17.89 -50.31
O01 0VJ IA . 10.28 -19.47 -52.78
O02 0VJ IA . 4.64 -15.97 -49.72
O03 0VJ IA . 5.63 -19.30 -45.51
O 0VJ IA . 5.57 -20.54 -48.35
C 0VJ IA . 10.34 -20.27 -53.95
C01 0VJ JA . -20.48 -27.51 -20.20
C02 0VJ JA . -19.10 -28.23 -20.57
C03 0VJ JA . -17.98 -28.13 -19.75
C04 0VJ JA . -18.17 -27.34 -18.44
C05 0VJ JA . -19.39 -26.72 -18.07
C06 0VJ JA . -20.58 -26.81 -18.99
C07 0VJ JA . -16.94 -27.21 -17.43
C08 0VJ JA . -17.15 -26.46 -16.10
C09 0VJ JA . -18.38 -25.90 -15.85
C10 0VJ JA . -19.60 -25.95 -16.78
C11 0VJ JA . -18.57 -25.12 -14.50
C12 0VJ JA . -18.92 -26.12 -13.55
C13 0VJ JA . -18.57 -25.61 -12.34
C14 0VJ JA . -18.80 -26.44 -11.14
C15 0VJ JA . -19.36 -27.74 -11.16
C16 0VJ JA . -19.72 -28.33 -12.40
C17 0VJ JA . -19.53 -27.54 -13.63
O01 0VJ JA . -19.57 -28.47 -9.82
O02 0VJ JA . -20.72 -25.37 -16.43
O03 0VJ JA . -15.92 -27.71 -17.70
O 0VJ JA . -16.08 -26.32 -15.12
C 0VJ JA . -19.25 -27.97 -8.51
S DMS KA . -6.43 -45.39 -24.52
O DMS KA . -7.59 -44.73 -23.99
C1 DMS KA . -6.12 -46.94 -23.60
C2 DMS KA . -6.72 -46.00 -26.23
C01 0VJ LA . 12.68 -14.28 -29.05
C02 0VJ LA . 11.20 -14.27 -29.66
C03 0VJ LA . 10.13 -13.62 -29.07
C04 0VJ LA . 10.48 -12.83 -27.83
C05 0VJ LA . 11.81 -12.78 -27.26
C06 0VJ LA . 12.92 -13.54 -27.92
C07 0VJ LA . 9.33 -12.03 -27.09
C08 0VJ LA . 9.73 -11.21 -25.82
C09 0VJ LA . 11.04 -11.24 -25.35
C10 0VJ LA . 12.18 -12.00 -26.00
C11 0VJ LA . 11.45 -10.43 -24.09
C12 0VJ LA . 11.80 -9.13 -24.54
C13 0VJ LA . 11.80 -8.31 -23.41
C14 0VJ LA . 12.14 -6.87 -23.53
C15 0VJ LA . 12.45 -6.31 -24.83
C16 0VJ LA . 12.45 -7.12 -26.03
C17 0VJ LA . 12.13 -8.54 -25.94
O01 0VJ LA . 12.76 -4.85 -24.90
O02 0VJ LA . 13.37 -11.96 -25.49
O03 0VJ LA . 8.26 -12.06 -27.54
O 0VJ LA . 8.75 -10.44 -25.13
C 0VJ LA . 12.70 -3.95 -23.78
PA FAD MA . 0.85 -25.94 -39.17
O1A FAD MA . 1.07 -25.47 -37.77
O2A FAD MA . 1.90 -26.83 -39.80
O5B FAD MA . -0.59 -26.65 -39.29
C5B FAD MA . -1.61 -26.35 -38.36
C4B FAD MA . -2.31 -27.64 -38.02
O4B FAD MA . -3.08 -28.17 -39.13
C3B FAD MA . -1.40 -28.75 -37.48
O3B FAD MA . -2.04 -29.30 -36.29
C2B FAD MA . -1.30 -29.67 -38.71
O2B FAD MA . -0.99 -31.03 -38.47
C1B FAD MA . -2.72 -29.59 -39.22
N9A FAD MA . -2.75 -30.05 -40.60
C8A FAD MA . -2.24 -29.35 -41.68
N7A FAD MA . -2.38 -30.03 -42.79
C5A FAD MA . -3.05 -31.19 -42.44
C6A FAD MA . -3.52 -32.29 -43.19
N6A FAD MA . -3.34 -32.37 -44.55
N1A FAD MA . -4.20 -33.30 -42.54
C2A FAD MA . -4.37 -33.22 -41.17
N3A FAD MA . -3.93 -32.24 -40.36
C4A FAD MA . -3.29 -31.24 -41.06
N1 FAD MA . 1.28 -16.72 -45.72
C2 FAD MA . 1.08 -15.38 -45.98
O2 FAD MA . 0.89 -14.56 -45.09
N3 FAD MA . 1.16 -14.94 -47.27
C4 FAD MA . 1.34 -15.69 -48.41
O4 FAD MA . 1.40 -15.27 -49.56
C4X FAD MA . 1.47 -17.13 -48.15
N5 FAD MA . 1.64 -17.90 -49.16
C5X FAD MA . 1.85 -19.22 -48.98
C6 FAD MA . 2.01 -19.92 -50.15
C7 FAD MA . 2.27 -21.33 -50.10
C7M FAD MA . 2.45 -22.12 -51.38
C8 FAD MA . 2.36 -21.96 -48.81
C8M FAD MA . 2.61 -23.44 -48.65
C9 FAD MA . 2.19 -21.20 -47.64
C9A FAD MA . 1.92 -19.81 -47.68
N10 FAD MA . 1.71 -18.99 -46.52
C10 FAD MA . 1.48 -17.61 -46.69
C1' FAD MA . 1.74 -19.56 -45.17
C2' FAD MA . 0.40 -20.34 -44.92
O2' FAD MA . -0.74 -19.47 -45.15
C3' FAD MA . 0.34 -21.00 -43.51
O3' FAD MA . -0.06 -20.05 -42.50
C4' FAD MA . 1.69 -21.57 -43.01
O4' FAD MA . 2.30 -22.41 -44.04
C5' FAD MA . 1.51 -22.35 -41.68
O5' FAD MA . 0.51 -23.32 -42.02
P FAD MA . -0.46 -24.12 -41.00
O1P FAD MA . -1.30 -23.15 -40.20
O2P FAD MA . -1.04 -25.14 -41.88
O3P FAD MA . 0.70 -24.69 -40.13
S DMS NA . 18.09 -21.58 -28.39
O DMS NA . 17.55 -21.38 -29.69
C1 DMS NA . 17.17 -22.94 -27.62
C2 DMS NA . 19.77 -22.33 -28.37
PA FAD OA . 64.26 27.44 49.48
O1A FAD OA . 62.96 26.71 49.39
O2A FAD OA . 64.75 28.09 48.20
O5B FAD OA . 64.17 28.54 50.65
C5B FAD OA . 63.37 28.30 51.81
C4B FAD OA . 62.77 29.61 52.29
O4B FAD OA . 63.83 30.54 52.57
C3B FAD OA . 61.80 30.25 51.29
O3B FAD OA . 60.56 30.65 51.94
C2B FAD OA . 62.63 31.38 50.70
O2B FAD OA . 61.95 32.49 50.14
C1B FAD OA . 63.48 31.78 51.90
N9A FAD OA . 64.58 32.59 51.47
C8A FAD OA . 65.73 32.19 50.85
N7A FAD OA . 66.54 33.20 50.57
C5A FAD OA . 65.87 34.28 51.04
C6A FAD OA . 66.15 35.64 51.07
N6A FAD OA . 67.34 36.16 50.57
N1A FAD OA . 65.24 36.48 51.68
C2A FAD OA . 64.09 36.03 52.19
N3A FAD OA . 63.71 34.79 52.16
C4A FAD OA . 64.63 33.94 51.60
N1 FAD OA . 73.45 20.79 50.37
C2 FAD OA . 74.09 19.67 50.90
O2 FAD OA . 73.42 18.73 51.39
N3 FAD OA . 75.47 19.60 50.85
C4 FAD OA . 76.33 20.59 50.34
O4 FAD OA . 77.62 20.54 50.30
C4X FAD OA . 75.61 21.83 49.79
N5 FAD OA . 76.32 22.79 49.27
C5X FAD OA . 75.70 23.91 48.65
C6 FAD OA . 76.51 24.92 48.07
C7 FAD OA . 75.90 26.01 47.39
C7M FAD OA . 76.79 27.13 46.75
C8 FAD OA . 74.45 26.09 47.35
C8M FAD OA . 73.71 27.22 46.72
C9 FAD OA . 73.66 25.12 47.95
C9A FAD OA . 74.22 24.04 48.63
N10 FAD OA . 73.46 22.99 49.24
C10 FAD OA . 74.10 21.84 49.82
C1' FAD OA . 72.02 23.13 49.26
C2' FAD OA . 71.68 24.21 50.38
O2' FAD OA . 72.30 24.31 51.73
C3' FAD OA . 70.16 24.30 50.47
O3' FAD OA . 69.67 23.15 51.17
C4' FAD OA . 69.50 24.47 49.10
O4' FAD OA . 70.13 25.58 48.43
C5' FAD OA . 68.00 24.80 49.36
O5' FAD OA . 67.85 26.15 49.85
P FAD OA . 66.73 26.66 50.88
O1P FAD OA . 66.55 25.81 52.11
O2P FAD OA . 67.11 28.06 50.98
O3P FAD OA . 65.37 26.51 50.12
PA FAD PA . 60.49 33.91 58.64
O1A FAD PA . 60.02 32.70 59.40
O2A FAD PA . 61.41 34.84 59.40
O5B FAD PA . 61.15 33.46 57.27
C5B FAD PA . 60.68 32.28 56.58
C4B FAD PA . 61.86 31.61 55.88
O4B FAD PA . 62.46 32.54 54.98
C3B FAD PA . 62.92 31.08 56.86
O3B FAD PA . 63.28 29.70 56.53
C2B FAD PA . 64.03 32.10 56.71
O2B FAD PA . 65.36 31.71 57.04
C1B FAD PA . 63.89 32.49 55.24
N9A FAD PA . 64.61 33.70 54.99
C8A FAD PA . 64.25 34.98 55.31
N7A FAD PA . 65.16 35.87 54.96
C5A FAD PA . 66.14 35.12 54.37
C6A FAD PA . 67.34 35.43 53.77
N6A FAD PA . 67.81 36.73 53.65
N1A FAD PA . 68.09 34.40 53.24
C2A FAD PA . 67.68 33.12 53.31
N3A FAD PA . 66.59 32.73 53.89
C4A FAD PA . 65.83 33.75 54.39
N1 FAD PA . 52.54 41.94 57.28
C2 FAD PA . 51.22 42.31 57.02
O2 FAD PA . 50.28 41.47 57.12
N3 FAD PA . 50.95 43.60 56.64
C4 FAD PA . 51.91 44.64 56.47
O4 FAD PA . 51.67 45.85 56.12
C4X FAD PA . 53.35 44.20 56.75
N5 FAD PA . 54.30 45.09 56.64
C5X FAD PA . 55.64 44.76 56.99
C6 FAD PA . 56.64 45.77 56.90
C7 FAD PA . 57.98 45.48 57.30
C7M FAD PA . 59.08 46.57 57.19
C8 FAD PA . 58.29 44.13 57.77
C8M FAD PA . 59.66 43.70 58.16
C9 FAD PA . 57.31 43.15 57.84
C9A FAD PA . 56.00 43.39 57.43
N10 FAD PA . 54.94 42.42 57.51
C10 FAD PA . 53.59 42.78 57.20
C1' FAD PA . 55.31 41.08 57.90
C2' FAD PA . 56.00 40.40 56.64
O2' FAD PA . 55.58 40.52 55.22
C3' FAD PA . 56.31 38.95 57.00
O3' FAD PA . 55.08 38.21 56.95
C4' FAD PA . 57.00 38.83 58.37
O4' FAD PA . 58.15 39.71 58.37
C5' FAD PA . 57.46 37.34 58.50
O5' FAD PA . 58.60 37.09 57.63
P FAD PA . 58.92 35.70 56.91
O1P FAD PA . 57.75 35.06 56.17
O2P FAD PA . 60.15 36.08 56.21
O3P FAD PA . 59.23 34.68 58.06
S DMS QA . 54.26 14.86 36.38
O DMS QA . 53.45 14.80 37.56
C1 DMS QA . 53.26 15.26 34.92
C2 DMS QA . 55.34 16.29 36.39
C01 0VJ RA . 57.62 10.16 43.00
C02 0VJ RA . 58.26 10.81 44.32
C03 0VJ RA . 58.07 10.31 45.59
C04 0VJ RA . 57.20 9.07 45.64
C05 0VJ RA . 56.61 8.47 44.49
C06 0VJ RA . 56.83 9.03 43.14
C07 0VJ RA . 56.92 8.42 47.04
C08 0VJ RA . 56.05 7.17 47.12
C09 0VJ RA . 55.56 6.66 45.92
C10 0VJ RA . 55.77 7.25 44.55
C11 0VJ RA . 54.66 5.41 45.95
C12 0VJ RA . 55.49 4.27 45.96
C13 0VJ RA . 54.64 3.27 46.42
C14 0VJ RA . 55.13 1.93 46.56
C15 0VJ RA . 56.49 1.56 46.19
C16 0VJ RA . 57.41 2.58 45.72
C17 0VJ RA . 56.97 3.97 45.59
O01 0VJ RA . 56.88 0.08 46.35
O02 0VJ RA . 55.26 6.71 43.52
O03 0VJ RA . 57.38 8.87 47.97
O 0VJ RA . 55.77 6.56 48.37
C 0VJ RA . 56.08 -0.89 47.07
PA FAD SA . 48.75 23.57 59.97
O1A FAD SA . 49.21 24.85 59.38
O2A FAD SA . 47.42 23.02 59.48
O5B FAD SA . 49.76 22.28 59.72
C5B FAD SA . 51.02 22.29 59.01
C4B FAD SA . 50.97 21.13 58.01
O4B FAD SA . 50.70 19.80 58.63
C3B FAD SA . 49.88 21.38 56.97
O3B FAD SA . 50.41 21.42 55.65
C2B FAD SA . 49.07 20.14 57.05
O2B FAD SA . 48.33 19.77 55.90
C1B FAD SA . 49.93 19.06 57.68
N9A FAD SA . 48.92 18.23 58.32
C8A FAD SA . 48.12 18.54 59.43
N7A FAD SA . 47.27 17.52 59.67
C5A FAD SA . 47.53 16.58 58.73
C6A FAD SA . 46.98 15.28 58.47
N6A FAD SA . 46.03 14.79 59.26
N1A FAD SA . 47.43 14.50 57.39
C2A FAD SA . 48.44 15.06 56.67
N3A FAD SA . 49.03 16.29 56.84
C4A FAD SA . 48.55 16.99 57.87
N1 FAD SA . 48.75 25.83 71.02
C2 FAD SA . 49.46 26.41 72.06
O2 FAD SA . 50.45 27.18 71.81
N3 FAD SA . 49.00 26.17 73.38
C4 FAD SA . 47.95 25.33 73.77
O4 FAD SA . 47.60 25.16 74.97
C4X FAD SA . 47.24 24.65 72.59
N5 FAD SA . 46.23 23.80 72.76
C5X FAD SA . 45.58 23.23 71.62
C6 FAD SA . 44.52 22.30 71.84
C7 FAD SA . 43.84 21.65 70.74
C7M FAD SA . 42.76 20.67 71.10
C8 FAD SA . 44.22 21.97 69.34
C8M FAD SA . 43.61 21.39 68.07
C9 FAD SA . 45.27 22.94 69.18
C9A FAD SA . 45.96 23.56 70.28
N10 FAD SA . 47.03 24.45 70.11
C10 FAD SA . 47.72 25.02 71.20
C1' FAD SA . 47.44 24.78 68.75
C2' FAD SA . 48.11 23.49 68.14
O2' FAD SA . 49.08 22.85 69.02
C3' FAD SA . 48.60 23.83 66.73
O3' FAD SA . 49.36 25.10 66.81
C4' FAD SA . 47.37 23.89 65.75
O4' FAD SA . 46.62 22.57 65.68
C5' FAD SA . 48.01 24.31 64.38
O5' FAD SA . 48.19 23.07 63.70
P FAD SA . 49.37 22.69 62.69
O1P FAD SA . 50.69 23.07 63.37
O2P FAD SA . 49.00 21.23 62.29
O3P FAD SA . 48.93 23.74 61.55
C01 0VJ TA . 47.36 29.46 72.32
C02 0VJ TA . 47.43 29.57 70.70
C03 0VJ TA . 46.56 28.86 69.87
C04 0VJ TA . 45.54 27.96 70.57
C05 0VJ TA . 45.44 27.83 72.01
C06 0VJ TA . 46.38 28.63 72.89
C07 0VJ TA . 44.53 27.14 69.71
C08 0VJ TA . 43.51 26.24 70.39
C09 0VJ TA . 43.47 26.19 71.76
C10 0VJ TA . 44.39 26.93 72.70
C11 0VJ TA . 42.40 25.28 72.42
C12 0VJ TA . 41.12 25.96 72.64
C13 0VJ TA . 40.22 24.94 72.54
C14 0VJ TA . 38.81 25.23 72.74
C15 0VJ TA . 38.25 26.54 73.07
C16 0VJ TA . 39.17 27.69 73.18
C17 0VJ TA . 40.63 27.42 72.97
O01 0VJ TA . 36.72 26.60 73.24
O02 0VJ TA . 44.21 26.80 73.96
O03 0VJ TA . 44.56 27.20 68.56
O 0VJ TA . 42.58 25.44 69.58
C 0VJ TA . 35.84 25.49 73.53
C01 0VJ UA . 73.81 17.68 47.83
C02 0VJ UA . 72.29 18.21 47.60
C03 0VJ UA . 72.01 19.44 47.03
C04 0VJ UA . 73.24 20.24 46.61
C05 0VJ UA . 74.58 19.84 46.76
C06 0VJ UA . 74.87 18.50 47.38
C07 0VJ UA . 73.03 21.68 45.98
C08 0VJ UA . 74.23 22.52 45.54
C09 0VJ UA . 75.49 22.02 45.74
C10 0VJ UA . 75.77 20.70 46.34
C11 0VJ UA . 76.75 22.84 45.31
C12 0VJ UA . 77.04 22.53 43.99
C13 0VJ UA . 77.72 23.60 43.55
C14 0VJ UA . 78.19 23.60 42.17
C15 0VJ UA . 78.01 22.51 41.25
C16 0VJ UA . 77.28 21.37 41.69
C17 0VJ UA . 76.78 21.33 43.07
O01 0VJ UA . 78.57 22.65 39.79
O02 0VJ UA . 77.01 20.39 46.41
O03 0VJ UA . 71.95 22.06 45.91
O 0VJ UA . 74.09 23.83 44.92
C 0VJ UA . 79.48 23.70 39.48
PA FAD VA . 56.21 15.52 55.71
O1A FAD VA . 57.12 16.71 55.67
O2A FAD VA . 56.55 14.30 56.43
O5B FAD VA . 54.73 16.04 56.19
C5B FAD VA . 54.38 17.45 56.02
C4B FAD VA . 53.92 18.09 57.34
O4B FAD VA . 52.62 17.49 57.64
C3B FAD VA . 54.76 17.78 58.57
O3B FAD VA . 54.72 18.91 59.43
C2B FAD VA . 54.09 16.60 59.27
O2B FAD VA . 54.48 16.41 60.65
C1B FAD VA . 52.62 16.93 58.98
N9A FAD VA . 51.77 15.72 58.97
C8A FAD VA . 51.84 14.67 58.09
N7A FAD VA . 50.97 13.74 58.40
C5A FAD VA . 50.31 14.24 59.52
C6A FAD VA . 49.22 13.77 60.38
N6A FAD VA . 48.59 12.58 60.20
N1A FAD VA . 48.79 14.53 61.41
C2A FAD VA . 49.40 15.72 61.64
N3A FAD VA . 50.42 16.26 60.91
C4A FAD VA . 50.81 15.48 59.88
N1 FAD VA . 54.64 12.04 45.11
C2 FAD VA . 54.69 12.29 43.75
O2 FAD VA . 55.21 13.29 43.35
N3 FAD VA . 54.22 11.36 42.82
C4 FAD VA . 53.57 10.13 43.15
O4 FAD VA . 53.12 9.23 42.36
C4X FAD VA . 53.44 9.91 44.65
N5 FAD VA . 52.85 8.84 45.04
C5X FAD VA . 52.77 8.58 46.41
C6 FAD VA . 52.11 7.41 46.79
C7 FAD VA . 52.03 7.06 48.15
C7M FAD VA . 51.29 5.79 48.55
C8 FAD VA . 52.59 7.92 49.13
C8M FAD VA . 52.52 7.59 50.59
C9 FAD VA . 53.24 9.08 48.75
C9A FAD VA . 53.36 9.45 47.39
N10 FAD VA . 54.02 10.65 46.93
C10 FAD VA . 54.08 10.95 45.58
C1' FAD VA . 54.61 11.56 47.92
C2' FAD VA . 53.54 12.37 48.71
O2' FAD VA . 52.59 12.87 47.74
C3' FAD VA . 54.27 13.46 49.58
O3' FAD VA . 55.00 14.34 48.65
C4' FAD VA . 55.37 12.84 50.50
O4' FAD VA . 55.13 11.46 50.91
C5' FAD VA . 55.79 13.73 51.69
O5' FAD VA . 54.64 13.82 52.51
P FAD VA . 54.40 15.18 53.36
O1P FAD VA . 54.33 16.41 52.43
O2P FAD VA . 53.25 14.96 54.29
O3P FAD VA . 55.76 15.15 54.23
S DMS WA . 76.28 13.95 55.67
O DMS WA . 76.89 12.93 56.47
C1 DMS WA . 76.90 15.59 56.16
C2 DMS WA . 76.81 13.76 53.97
C01 0VJ XA . 50.48 42.87 60.48
C02 0VJ XA . 51.35 41.59 60.99
C03 0VJ XA . 52.71 41.63 61.19
C04 0VJ XA . 53.33 42.99 60.89
C05 0VJ XA . 52.60 44.16 60.44
C06 0VJ XA . 51.11 44.07 60.22
C07 0VJ XA . 54.88 43.12 61.10
C08 0VJ XA . 55.51 44.49 60.81
C09 0VJ XA . 54.73 45.56 60.38
C10 0VJ XA . 53.24 45.51 60.15
C11 0VJ XA . 55.38 46.96 60.09
C12 0VJ XA . 55.50 47.68 61.32
C13 0VJ XA . 56.45 48.67 61.12
C14 0VJ XA . 56.80 49.62 62.22
C15 0VJ XA . 56.18 49.55 63.55
C16 0VJ XA . 55.18 48.53 63.81
C17 0VJ XA . 54.81 47.57 62.73
O01 0VJ XA . 56.59 50.54 64.63
O02 0VJ XA . 52.63 46.57 59.72
O03 0VJ XA . 55.54 42.18 61.47
O 0VJ XA . 56.93 44.60 60.98
C 0VJ XA . 57.68 51.50 64.56
PA FAD YA . -62.65 -27.42 -53.77
O1A FAD YA . -61.79 -26.80 -52.70
O2A FAD YA . -61.95 -27.76 -55.07
O5B FAD YA . -63.37 -28.71 -53.18
C5B FAD YA . -63.73 -28.78 -51.79
C4B FAD YA . -63.59 -30.21 -51.29
O4B FAD YA . -64.41 -31.08 -52.10
C3B FAD YA . -62.14 -30.73 -51.33
O3B FAD YA . -61.79 -31.35 -50.06
C2B FAD YA . -62.16 -31.65 -52.54
O2B FAD YA . -61.19 -32.68 -52.61
C1B FAD YA . -63.57 -32.19 -52.50
N9A FAD YA . -63.91 -32.80 -53.76
C8A FAD YA . -64.22 -32.18 -54.93
N7A FAD YA . -64.44 -33.04 -55.91
C5A FAD YA . -64.27 -34.25 -55.32
C6A FAD YA . -64.37 -35.56 -55.78
N6A FAD YA . -64.74 -35.87 -57.08
N1A FAD YA . -64.15 -36.58 -54.88
C2A FAD YA . -63.82 -36.34 -53.60
N3A FAD YA . -63.66 -35.15 -53.09
C4A FAD YA . -63.91 -34.13 -53.97
N1 FAD YA . -69.92 -20.25 -58.80
C2 FAD YA . -70.83 -19.19 -58.72
O2 FAD YA . -70.84 -18.43 -57.73
N3 FAD YA . -71.70 -18.99 -59.77
C4 FAD YA . -71.80 -19.79 -60.94
O4 FAD YA . -72.61 -19.61 -61.93
C4X FAD YA . -70.80 -20.95 -61.00
N5 FAD YA . -70.80 -21.73 -62.04
C5X FAD YA . -69.82 -22.76 -62.17
C6 FAD YA . -69.83 -23.55 -63.35
C7 FAD YA . -68.83 -24.55 -63.54
C7M FAD YA . -68.84 -25.44 -64.83
C8 FAD YA . -67.84 -24.75 -62.49
C8M FAD YA . -66.78 -25.80 -62.55
C9 FAD YA . -67.85 -24.00 -61.33
C9A FAD YA . -68.83 -23.02 -61.10
N10 FAD YA . -68.88 -22.17 -59.95
C10 FAD YA . -69.84 -21.11 -59.84
C1' FAD YA . -67.94 -22.45 -58.89
C2' FAD YA . -68.46 -23.75 -58.13
O2' FAD YA . -69.87 -24.05 -57.77
C3' FAD YA . -67.53 -24.00 -56.95
O3' FAD YA . -67.83 -23.05 -55.92
C4' FAD YA . -66.05 -23.95 -57.36
O4' FAD YA . -65.86 -24.85 -58.49
C5' FAD YA . -65.23 -24.46 -56.13
O5' FAD YA . -65.40 -25.91 -55.97
P FAD YA . -65.38 -26.69 -54.59
O1P FAD YA . -66.26 -26.11 -53.50
O2P FAD YA . -65.58 -28.05 -55.08
O3P FAD YA . -63.94 -26.52 -54.01
S DMS ZA . -47.39 -13.30 -51.85
O DMS ZA . -46.11 -13.81 -51.50
C1 DMS ZA . -48.27 -14.48 -52.87
C2 DMS ZA . -48.40 -13.35 -50.39
C01 0VJ AB . -55.45 -10.20 -49.61
C02 0VJ AB . -56.73 -11.09 -49.18
C03 0VJ AB . -57.53 -10.79 -48.07
C04 0VJ AB . -57.08 -9.56 -47.29
C05 0VJ AB . -55.94 -8.75 -47.63
C06 0VJ AB . -55.11 -9.08 -48.85
C07 0VJ AB . -57.88 -9.15 -45.98
C08 0VJ AB . -57.42 -7.92 -45.13
C09 0VJ AB . -56.32 -7.23 -45.57
C10 0VJ AB . -55.51 -7.55 -46.81
C11 0VJ AB . -55.86 -6.00 -44.69
C12 0VJ AB . -56.43 -4.74 -45.02
C13 0VJ AB . -56.49 -4.10 -43.82
C14 0VJ AB . -57.02 -2.73 -43.81
C15 0VJ AB . -57.49 -2.04 -45.00
C16 0VJ AB . -57.44 -2.69 -46.27
C17 0VJ AB . -56.91 -4.07 -46.33
O01 0VJ AB . -58.00 -0.63 -44.84
O02 0VJ AB . -54.52 -6.81 -47.12
O03 0VJ AB . -58.79 -9.80 -45.70
O 0VJ AB . -58.08 -7.50 -43.89
C 0VJ AB . -57.94 0.13 -43.62
PA FAD BB . -60.81 -27.05 -34.79
O1A FAD BB . -60.62 -28.07 -35.90
O2A FAD BB . -59.76 -26.73 -33.71
O5B FAD BB . -60.89 -25.53 -35.41
C5B FAD BB . -61.51 -25.30 -36.70
C4B FAD BB . -60.98 -23.96 -37.15
O4B FAD BB . -61.25 -22.84 -36.17
C3B FAD BB . -59.47 -24.01 -37.45
O3B FAD BB . -59.13 -23.25 -38.68
C2B FAD BB . -59.02 -23.24 -36.21
O2B FAD BB . -57.65 -22.92 -36.23
C1B FAD BB . -60.01 -22.07 -36.12
N9A FAD BB . -59.92 -21.39 -34.86
C8A FAD BB . -60.26 -21.98 -33.68
N7A FAD BB . -60.12 -21.16 -32.66
C5A FAD BB . -59.64 -20.01 -33.18
C6A FAD BB . -59.28 -18.78 -32.59
N6A FAD BB . -59.39 -18.65 -31.26
N1A FAD BB . -58.83 -17.69 -33.31
C2A FAD BB . -58.72 -17.91 -34.64
N3A FAD BB . -59.05 -19.07 -35.31
C4A FAD BB . -59.50 -20.10 -34.55
N1 FAD BB . -68.69 -31.39 -28.11
C2 FAD BB . -69.89 -32.07 -28.08
O2 FAD BB . -70.29 -32.70 -29.09
N3 FAD BB . -70.56 -32.14 -26.84
C4 FAD BB . -70.20 -31.47 -25.65
O4 FAD BB . -70.83 -31.56 -24.54
C4X FAD BB . -68.94 -30.60 -25.80
N5 FAD BB . -68.46 -29.88 -24.80
C5X FAD BB . -67.20 -29.20 -24.95
C6 FAD BB . -66.72 -28.43 -23.86
C7 FAD BB . -65.45 -27.72 -23.94
C7M FAD BB . -65.01 -26.96 -22.72
C8 FAD BB . -64.66 -27.80 -25.17
C8M FAD BB . -63.34 -27.14 -25.34
C9 FAD BB . -65.17 -28.58 -26.23
C9A FAD BB . -66.42 -29.26 -26.17
N10 FAD BB . -66.95 -30.02 -27.23
C10 FAD BB . -68.19 -30.69 -27.11
C1' FAD BB . -66.22 -30.12 -28.49
C2' FAD BB . -66.54 -28.84 -29.30
O2' FAD BB . -67.93 -28.49 -29.36
C3' FAD BB . -65.95 -28.96 -30.70
O3' FAD BB . -66.49 -30.16 -31.31
C4' FAD BB . -64.42 -29.05 -30.53
O4' FAD BB . -63.84 -28.04 -29.59
C5' FAD BB . -63.83 -29.06 -31.95
O5' FAD BB . -62.98 -27.97 -32.21
P FAD BB . -63.40 -26.79 -33.23
O1P FAD BB . -64.82 -27.16 -33.73
O2P FAD BB . -63.05 -25.40 -32.69
O3P FAD BB . -62.33 -27.30 -34.30
C01 0VJ CB . -68.46 -35.35 -27.13
C02 0VJ CB . -67.28 -35.02 -28.18
C03 0VJ CB . -66.20 -34.19 -27.89
C04 0VJ CB . -66.21 -33.62 -26.47
C05 0VJ CB . -67.22 -33.89 -25.50
C06 0VJ CB . -68.37 -34.79 -25.87
C07 0VJ CB . -65.04 -32.67 -26.04
C08 0VJ CB . -64.98 -32.06 -24.59
C09 0VJ CB . -66.02 -32.40 -23.73
C10 0VJ CB . -67.20 -33.31 -24.09
C11 0VJ CB . -66.00 -31.82 -22.28
C12 0VJ CB . -65.16 -32.56 -21.36
C13 0VJ CB . -64.51 -31.61 -20.62
C14 0VJ CB . -63.59 -32.03 -19.57
C15 0VJ CB . -63.32 -33.41 -19.22
C16 0VJ CB . -63.97 -34.49 -19.96
C17 0VJ CB . -64.91 -34.11 -21.06
O01 0VJ CB . -62.34 -33.64 -18.08
O02 0VJ CB . -68.07 -33.56 -23.21
O03 0VJ CB . -64.25 -32.46 -26.84
O 0VJ CB . -63.90 -31.17 -24.11
C 0VJ CB . -62.09 -32.77 -16.96
C01 0VJ DB . -68.51 -16.79 -60.00
C02 0VJ DB . -67.27 -17.36 -59.09
C03 0VJ DB . -66.52 -18.46 -59.47
C04 0VJ DB . -66.95 -19.08 -60.81
C05 0VJ DB . -68.02 -18.59 -61.63
C06 0VJ DB . -68.83 -17.40 -61.22
C07 0VJ DB . -66.20 -20.34 -61.34
C08 0VJ DB . -66.59 -20.99 -62.69
C09 0VJ DB . -67.63 -20.44 -63.37
C10 0VJ DB . -68.41 -19.24 -62.93
C11 0VJ DB . -68.07 -21.07 -64.74
C12 0VJ DB . -67.27 -20.48 -65.77
C13 0VJ DB . -67.33 -21.39 -66.76
C14 0VJ DB . -66.58 -21.13 -67.99
C15 0VJ DB . -65.83 -19.95 -68.24
C16 0VJ DB . -65.73 -18.90 -67.21
C17 0VJ DB . -66.42 -19.14 -65.95
O01 0VJ DB . -65.17 -19.86 -69.61
O02 0VJ DB . -69.35 -18.84 -63.67
O03 0VJ DB . -65.32 -20.72 -60.70
O 0VJ DB . -65.91 -22.13 -63.26
C 0VJ DB . -65.37 -20.83 -70.63
PA FAD EB . -63.18 -17.53 -41.36
O1A FAD EB . -64.03 -18.38 -42.23
O2A FAD EB . -63.67 -16.33 -40.55
O5B FAD EB . -62.48 -18.49 -40.23
C5B FAD EB . -62.28 -19.87 -40.51
C4B FAD EB . -62.70 -20.72 -39.28
O4B FAD EB . -62.02 -20.18 -38.10
C3B FAD EB . -64.16 -20.65 -38.92
O3B FAD EB . -64.52 -21.93 -38.41
C2B FAD EB . -64.28 -19.61 -37.79
O2B FAD EB . -65.53 -19.69 -37.03
C1B FAD EB . -62.98 -19.93 -37.02
N9A FAD EB . -62.61 -18.80 -36.20
C8A FAD EB . -62.20 -17.55 -36.61
N7A FAD EB . -61.98 -16.74 -35.61
C5A FAD EB . -62.25 -17.52 -34.46
C6A FAD EB . -62.21 -17.27 -33.03
N6A FAD EB . -61.85 -16.04 -32.48
N1A FAD EB . -62.53 -18.29 -32.18
C2A FAD EB . -62.89 -19.49 -32.73
N3A FAD EB . -62.98 -19.84 -34.04
C4A FAD EB . -62.64 -18.81 -34.84
N1 FAD EB . -54.42 -12.32 -46.41
C2 FAD EB . -53.38 -12.25 -47.33
O2 FAD EB . -53.23 -13.09 -48.22
N3 FAD EB . -52.52 -11.19 -47.26
C4 FAD EB . -52.52 -10.17 -46.33
O4 FAD EB . -51.71 -9.22 -46.28
C4X FAD EB . -53.59 -10.31 -45.32
N5 FAD EB . -53.66 -9.42 -44.39
C5X FAD EB . -54.66 -9.46 -43.42
C6 FAD EB . -54.62 -8.43 -42.46
C7 FAD EB . -55.62 -8.38 -41.47
C7M FAD EB . -55.57 -7.24 -40.46
C8 FAD EB . -56.62 -9.39 -41.44
C8M FAD EB . -57.70 -9.41 -40.40
C9 FAD EB . -56.64 -10.41 -42.40
C9A FAD EB . -55.67 -10.47 -43.42
N10 FAD EB . -55.60 -11.47 -44.45
C10 FAD EB . -54.58 -11.44 -45.43
C1' FAD EB . -56.59 -12.53 -44.53
C2' FAD EB . -56.45 -13.57 -43.41
O2' FAD EB . -55.05 -13.91 -43.12
C3' FAD EB . -57.50 -14.70 -43.76
O3' FAD EB . -57.22 -15.26 -45.11
C4' FAD EB . -59.00 -14.18 -43.72
O4' FAD EB . -59.24 -13.07 -42.88
C5' FAD EB . -60.08 -15.23 -43.42
O5' FAD EB . -59.93 -15.60 -42.08
P FAD EB . -60.28 -17.11 -41.53
O1P FAD EB . -59.42 -18.30 -42.02
O2P FAD EB . -60.26 -16.85 -40.04
O3P FAD EB . -61.78 -17.21 -42.07
S DMS FB . -76.08 -14.81 -56.58
O DMS FB . -76.26 -13.68 -55.71
C1 DMS FB . -77.61 -15.76 -56.56
C2 DMS FB . -76.20 -14.15 -58.22
PA FAD GB . -66.47 -35.75 -46.37
O1A FAD GB . -66.83 -34.75 -45.31
O2A FAD GB . -67.55 -36.73 -46.77
O5B FAD GB . -65.91 -34.98 -47.65
C5B FAD GB . -65.20 -33.73 -47.51
C4B FAD GB . -65.51 -32.84 -48.70
O4B FAD GB . -65.14 -33.51 -49.90
C3B FAD GB . -66.98 -32.43 -48.77
O3B FAD GB . -67.11 -30.98 -48.99
C2B FAD GB . -67.50 -33.30 -49.90
O2B FAD GB . -68.66 -32.87 -50.61
C1B FAD GB . -66.28 -33.40 -50.80
N9A FAD GB . -66.45 -34.47 -51.74
C8A FAD GB . -66.34 -35.82 -51.51
N7A FAD GB . -66.59 -36.54 -52.59
C5A FAD GB . -66.85 -35.61 -53.54
C6A FAD GB . -67.16 -35.68 -54.90
N6A FAD GB . -67.26 -36.89 -55.57
N1A FAD GB . -67.36 -34.51 -55.58
C2A FAD GB . -67.26 -33.30 -54.99
N3A FAD GB . -67.02 -33.13 -53.73
C4A FAD GB . -66.79 -34.30 -53.04
N1 FAD GB . -59.47 -44.01 -42.82
C2 FAD GB . -58.37 -44.42 -42.08
O2 FAD GB . -57.92 -43.70 -41.14
N3 FAD GB . -57.79 -45.63 -42.36
C4 FAD GB . -58.19 -46.53 -43.38
O4 FAD GB . -57.66 -47.66 -43.67
C4X FAD GB . -59.39 -46.04 -44.21
N5 FAD GB . -59.85 -46.80 -45.16
C5X FAD GB . -61.02 -46.43 -45.89
C6 FAD GB . -61.52 -47.31 -46.89
C7 FAD GB . -62.73 -47.00 -47.58
C7M FAD GB . -63.26 -47.95 -48.69
C8 FAD GB . -63.40 -45.74 -47.25
C8M FAD GB . -64.64 -45.29 -47.95
C9 FAD GB . -62.91 -44.89 -46.30
C9A FAD GB . -61.72 -45.15 -45.60
N10 FAD GB . -61.18 -44.32 -44.58
C10 FAD GB . -60.02 -44.72 -43.83
C1' FAD GB . -61.83 -43.05 -44.35
C2' FAD GB . -61.40 -42.08 -45.53
O2' FAD GB . -60.06 -41.95 -46.13
C3' FAD GB . -62.02 -40.71 -45.25
O3' FAD GB . -61.24 -40.08 -44.23
C4' FAD GB . -63.50 -40.80 -44.88
O4' FAD GB . -64.18 -41.56 -45.91
C5' FAD GB . -64.04 -39.33 -44.86
O5' FAD GB . -64.17 -38.81 -46.21
P FAD GB . -63.97 -37.29 -46.64
O1P FAD GB . -62.72 -36.62 -46.10
O2P FAD GB . -64.21 -37.41 -48.07
O3P FAD GB . -65.13 -36.49 -45.95
C01 0VJ HB . -60.37 -45.88 -39.65
C02 0VJ HB . -61.35 -44.58 -39.72
C03 0VJ HB . -62.41 -44.52 -40.60
C04 0VJ HB . -62.55 -45.74 -41.49
C05 0VJ HB . -61.68 -46.89 -41.47
C06 0VJ HB . -60.55 -46.96 -40.51
C07 0VJ HB . -63.71 -45.74 -42.54
C08 0VJ HB . -63.87 -46.96 -43.45
C09 0VJ HB . -62.99 -48.04 -43.36
C10 0VJ HB . -61.83 -48.09 -42.39
C11 0VJ HB . -63.14 -49.30 -44.30
C12 0VJ HB . -64.09 -50.27 -43.82
C13 0VJ HB . -64.35 -51.08 -44.85
C14 0VJ HB . -65.31 -52.19 -44.66
C15 0VJ HB . -65.97 -52.45 -43.39
C16 0VJ HB . -65.75 -51.62 -42.25
C17 0VJ HB . -64.79 -50.51 -42.45
O01 0VJ HB . -66.90 -53.64 -43.32
O02 0VJ HB . -61.05 -49.09 -42.40
O03 0VJ HB . -64.41 -44.80 -42.59
O 0VJ HB . -64.95 -46.98 -44.41
C 0VJ HB . -66.87 -54.70 -44.29
S DMS IB . -77.48 -34.85 -29.27
O DMS IB . -76.60 -35.96 -29.11
C1 DMS IB . -79.16 -35.39 -28.81
C2 DMS IB . -77.08 -33.64 -27.98
#